data_7TIT
#
_entry.id   7TIT
#
loop_
_entity.id
_entity.type
_entity.pdbx_description
1 polymer 'cardiac actin'
2 polymer 'Myosin-binding protein C, cardiac-type'
3 polymer 'tropomyosin model'
#
loop_
_entity_poly.entity_id
_entity_poly.type
_entity_poly.pdbx_seq_one_letter_code
_entity_poly.pdbx_strand_id
1 'polypeptide(L)'
;DDEETTALVCDNGSGLVKAGFAGDDAPRAVFPSIVGRPRHQGVMVGMGQKDSYVGDEAQSKRGILTLKYPIEHGIITNWD
DMEKIWHHTFYNELRVAPEEHPTLLTEAPLNPKANREKMTQIMFETFNVPAMYVAIQAVLSLYASGRTTGIVLDSGDGVT
HNVPIYEGYALPHAIMRLDLAGRDLTDYLMKILTERGYSFVTTAEREIVRDIKEKLCYVALDFENEMATAASSSSLEKSY
ELPDGQVITIGNERFRCPETLFQPSFIGMESAGIHETTYNSIMKCDIDIRKDLYANNVLSGGTTMYPGIADRMQKEITAL
APSTMKIKIIAPPERKYSVWIGGSILASLSTFQQMWISKQEYDEAGPSIVHRKCF
;
A,B,C,D,E,F
2 'polypeptide(L)'
;DDPIGLFVMRPQDGEVTVGGSITFSARVAGASLLKPPVVKWFKGKWVDLSSKVGQHLQLHDSYDRASKVYLFELHITDAQ
PAFTGSYRCEVSTKDKFDCSNFNLTVHEAMGTGDLDLLSAFRRTSLAGGGRRISDSHEDTGILDFSSLLKKRDSFRTPRD
SKLEAPAEEDVWEILRQAPPSEYERIAFQYGVTDLRGMLKRLKGMRRDEKKSTAFQKKLE
;
G,H,I,J,K,L
3 'polypeptide(L)'
;(UNK)(UNK)(UNK)(UNK)(UNK)(UNK)(UNK)(UNK)(UNK)(UNK)(UNK)(UNK)(UNK)(UNK)(UNK)(UNK)
(UNK)(UNK)(UNK)(UNK)(UNK)(UNK)(UNK)(UNK)(UNK)(UNK)(UNK)(UNK)(UNK)(UNK)(UNK)(UNK)
(UNK)(UNK)(UNK)(UNK)(UNK)(UNK)(UNK)(UNK)(UNK)(UNK)(UNK)(UNK)(UNK)(UNK)(UNK)(UNK)
(UNK)(UNK)(UNK)(UNK)(UNK)(UNK)(UNK)(UNK)(UNK)(UNK)(UNK)(UNK)(UNK)(UNK)(UNK)(UNK)
(UNK)(UNK)(UNK)(UNK)(UNK)(UNK)(UNK)(UNK)(UNK)(UNK)(UNK)(UNK)(UNK)(UNK)(UNK)(UNK)
(UNK)(UNK)(UNK)(UNK)(UNK)(UNK)(UNK)(UNK)(UNK)(UNK)(UNK)(UNK)(UNK)(UNK)(UNK)(UNK)
(UNK)(UNK)(UNK)(UNK)(UNK)(UNK)(UNK)(UNK)(UNK)(UNK)(UNK)(UNK)(UNK)(UNK)(UNK)(UNK)
(UNK)(UNK)(UNK)(UNK)(UNK)(UNK)(UNK)(UNK)(UNK)(UNK)(UNK)(UNK)(UNK)(UNK)(UNK)(UNK)
(UNK)(UNK)(UNK)(UNK)(UNK)(UNK)(UNK)
;
M,N,O,P
#
# COMPACT_ATOMS: atom_id res chain seq x y z
N ASP A 1 44.79 33.18 61.70
CA ASP A 1 43.85 33.56 62.76
C ASP A 1 44.06 32.67 63.99
N ASP A 2 45.29 32.28 64.24
CA ASP A 2 45.62 31.41 65.36
C ASP A 2 47.09 31.60 65.71
N GLU A 3 47.65 30.66 66.46
CA GLU A 3 49.05 30.75 66.88
C GLU A 3 49.98 30.36 65.76
N GLU A 4 51.26 30.13 66.08
CA GLU A 4 52.33 30.11 65.09
C GLU A 4 51.96 29.39 63.80
N THR A 5 51.72 28.08 63.87
CA THR A 5 51.31 27.32 62.69
C THR A 5 51.14 25.86 63.08
N THR A 6 50.56 25.11 62.15
CA THR A 6 50.60 23.66 62.18
C THR A 6 51.29 23.19 60.91
N ALA A 7 52.36 22.44 61.09
CA ALA A 7 52.98 21.83 59.93
C ALA A 7 51.93 21.08 59.15
N LEU A 8 52.25 20.81 57.91
CA LEU A 8 51.26 20.31 56.97
C LEU A 8 51.64 18.87 56.65
N VAL A 9 51.08 17.93 57.39
CA VAL A 9 51.43 16.54 57.19
C VAL A 9 50.71 16.06 55.94
N CYS A 10 51.37 16.24 54.81
CA CYS A 10 50.82 15.92 53.49
C CYS A 10 51.47 14.64 53.00
N ASP A 11 50.65 13.65 52.66
CA ASP A 11 51.15 12.32 52.35
C ASP A 11 50.51 11.82 51.06
N ASN A 12 51.31 11.75 50.02
CA ASN A 12 50.86 11.22 48.73
C ASN A 12 50.88 9.70 48.71
N GLY A 13 50.10 9.07 49.60
CA GLY A 13 50.10 7.62 49.66
C GLY A 13 50.15 7.05 48.28
N SER A 14 51.10 6.14 48.05
CA SER A 14 51.55 5.84 46.70
C SER A 14 50.39 5.80 45.72
N GLY A 15 49.23 5.37 46.18
CA GLY A 15 48.03 5.43 45.35
C GLY A 15 47.24 6.69 45.55
N LEU A 16 47.10 7.14 46.79
CA LEU A 16 46.33 8.34 47.09
C LEU A 16 47.22 9.33 47.83
N VAL A 17 47.05 10.57 47.53
CA VAL A 17 47.67 11.61 48.34
C VAL A 17 46.78 11.84 49.54
N LYS A 18 47.40 11.99 50.70
CA LYS A 18 46.67 12.08 51.95
C LYS A 18 47.42 13.01 52.91
N ALA A 19 46.69 13.54 53.88
CA ALA A 19 47.36 14.50 54.74
C ALA A 19 46.46 14.93 55.88
N GLY A 20 47.09 15.43 56.93
CA GLY A 20 46.43 16.14 57.99
C GLY A 20 47.27 17.34 58.38
N PHE A 21 47.57 17.41 59.67
CA PHE A 21 48.54 18.35 60.19
C PHE A 21 49.49 17.66 61.15
N ALA A 22 50.51 18.41 61.56
CA ALA A 22 51.30 18.00 62.71
C ALA A 22 50.38 17.78 63.90
N GLY A 23 50.68 16.76 64.69
CA GLY A 23 49.82 16.41 65.80
C GLY A 23 48.44 15.95 65.41
N ASP A 24 48.09 16.02 64.13
CA ASP A 24 46.79 15.51 63.71
C ASP A 24 46.70 14.02 64.03
N ASP A 25 45.51 13.49 63.84
CA ASP A 25 45.25 12.10 64.15
C ASP A 25 44.70 11.33 62.96
N ALA A 26 44.18 12.03 61.95
CA ALA A 26 43.62 11.39 60.80
C ALA A 26 43.95 12.25 59.60
N PRO A 27 44.60 11.71 58.60
CA PRO A 27 44.85 12.48 57.41
C PRO A 27 43.53 12.92 56.84
N ARG A 28 43.24 14.20 56.99
CA ARG A 28 42.00 14.73 56.46
C ARG A 28 41.96 14.69 54.94
N ALA A 29 43.09 14.46 54.29
CA ALA A 29 43.15 14.32 52.84
C ALA A 29 43.39 12.85 52.51
N VAL A 30 42.56 12.30 51.64
CA VAL A 30 42.77 10.96 51.10
C VAL A 30 42.08 10.87 49.74
N PHE A 31 42.83 10.57 48.69
CA PHE A 31 42.13 10.41 47.42
C PHE A 31 43.04 10.05 46.26
N PRO A 32 42.47 9.64 45.13
CA PRO A 32 43.26 8.99 44.09
C PRO A 32 44.31 9.91 43.48
N SER A 33 45.42 9.29 43.07
CA SER A 33 46.53 10.00 42.44
C SER A 33 46.45 9.94 40.92
N ILE A 34 45.28 10.23 40.39
CA ILE A 34 45.01 10.07 38.97
C ILE A 34 44.59 11.38 38.34
N VAL A 35 44.71 11.42 37.02
CA VAL A 35 44.18 12.49 36.20
C VAL A 35 43.26 11.87 35.18
N GLY A 36 42.26 12.64 34.73
CA GLY A 36 41.19 12.06 33.96
C GLY A 36 40.82 12.83 32.72
N ARG A 37 40.75 12.15 31.59
CA ARG A 37 40.40 12.78 30.33
C ARG A 37 39.11 12.19 29.78
N PRO A 38 38.10 13.01 29.53
CA PRO A 38 36.95 12.53 28.77
C PRO A 38 37.37 12.39 27.32
N ARG A 39 36.52 11.74 26.52
CA ARG A 39 36.86 11.62 25.11
C ARG A 39 35.98 12.50 24.24
N HIS A 40 34.68 12.29 24.30
CA HIS A 40 33.82 12.60 23.18
C HIS A 40 33.45 14.06 23.07
N GLN A 41 33.13 14.72 24.18
CA GLN A 41 32.55 16.05 24.12
C GLN A 41 31.26 16.06 23.31
N GLY A 42 30.26 15.41 23.84
CA GLY A 42 28.92 15.73 23.44
C GLY A 42 28.87 17.23 23.60
N VAL A 43 28.43 17.94 22.56
CA VAL A 43 28.32 19.38 22.69
C VAL A 43 27.31 19.69 23.79
N MET A 44 27.81 20.18 24.91
CA MET A 44 27.00 20.31 26.10
C MET A 44 26.88 21.78 26.43
N VAL A 45 25.64 22.23 26.62
CA VAL A 45 25.46 23.61 27.01
C VAL A 45 26.30 23.88 28.23
N GLY A 46 26.56 25.15 28.45
CA GLY A 46 27.20 25.56 29.68
C GLY A 46 28.53 24.86 29.92
N MET A 47 28.98 24.95 31.15
CA MET A 47 30.31 24.49 31.50
C MET A 47 30.27 23.91 32.92
N GLY A 48 31.42 23.85 33.56
CA GLY A 48 31.60 23.07 34.77
C GLY A 48 32.10 21.69 34.50
N GLN A 49 32.42 21.38 33.26
CA GLN A 49 32.82 20.03 32.88
C GLN A 49 34.34 20.02 32.78
N LYS A 50 34.98 19.95 33.93
CA LYS A 50 36.43 20.06 33.97
C LYS A 50 37.08 18.93 33.21
N ASP A 51 38.15 19.28 32.51
CA ASP A 51 39.03 18.25 31.99
C ASP A 51 39.62 17.41 33.12
N SER A 52 40.10 18.06 34.17
CA SER A 52 41.04 17.41 35.07
C SER A 52 40.78 17.75 36.54
N TYR A 53 39.56 17.57 37.02
CA TYR A 53 39.31 17.65 38.46
C TYR A 53 39.47 16.33 39.17
N VAL A 54 40.39 15.47 38.73
CA VAL A 54 40.38 14.10 39.25
C VAL A 54 40.30 14.12 40.76
N GLY A 55 41.36 14.59 41.41
CA GLY A 55 41.32 14.73 42.85
C GLY A 55 40.56 13.57 43.43
N ASP A 56 39.43 13.90 44.04
CA ASP A 56 38.50 12.89 44.52
C ASP A 56 37.15 12.95 43.81
N GLU A 57 36.97 13.84 42.85
CA GLU A 57 35.68 13.84 42.16
C GLU A 57 35.73 12.96 40.92
N ALA A 58 36.85 13.01 40.20
CA ALA A 58 36.87 12.50 38.84
C ALA A 58 36.36 11.08 38.78
N GLN A 59 36.68 10.27 39.78
CA GLN A 59 36.15 8.92 39.73
C GLN A 59 34.64 8.97 39.59
N SER A 60 34.03 10.03 40.11
CA SER A 60 32.66 10.31 39.69
C SER A 60 32.62 10.41 38.18
N LYS A 61 33.65 11.02 37.60
CA LYS A 61 33.70 11.14 36.15
C LYS A 61 34.40 9.94 35.53
N ARG A 62 34.44 8.83 36.24
CA ARG A 62 35.19 7.73 35.68
C ARG A 62 34.56 7.36 34.34
N GLY A 63 35.29 6.56 33.57
CA GLY A 63 34.90 6.18 32.24
C GLY A 63 35.28 7.22 31.21
N ILE A 64 34.47 8.27 31.09
CA ILE A 64 34.80 9.31 30.14
C ILE A 64 36.16 9.90 30.45
N LEU A 65 36.39 10.24 31.70
CA LEU A 65 37.69 10.73 32.13
C LEU A 65 38.61 9.54 32.30
N THR A 66 39.82 9.62 31.76
CA THR A 66 40.78 8.55 31.88
C THR A 66 41.58 8.70 33.18
N LEU A 67 42.70 8.00 33.28
CA LEU A 67 43.45 7.91 34.53
C LEU A 67 44.88 8.37 34.32
N LYS A 68 45.41 9.12 35.28
CA LYS A 68 46.81 9.52 35.23
C LYS A 68 47.38 9.69 36.63
N TYR A 69 48.28 8.79 37.01
CA TYR A 69 49.21 9.05 38.09
C TYR A 69 50.35 9.90 37.56
N PRO A 70 50.84 10.89 38.29
CA PRO A 70 52.14 11.49 37.93
C PRO A 70 53.32 10.71 38.46
N ILE A 71 53.16 10.02 39.59
CA ILE A 71 54.22 9.33 40.31
C ILE A 71 54.15 7.86 39.92
N GLU A 72 53.61 7.63 38.73
CA GLU A 72 52.98 6.39 38.30
C GLU A 72 53.66 5.20 38.94
N HIS A 73 54.97 5.12 38.79
CA HIS A 73 55.80 4.08 39.37
C HIS A 73 56.41 4.56 40.68
N GLY A 74 55.64 5.29 41.47
CA GLY A 74 56.28 6.01 42.54
C GLY A 74 57.28 6.89 41.86
N ILE A 75 56.89 7.37 40.68
CA ILE A 75 57.77 8.11 39.79
C ILE A 75 56.95 9.23 39.19
N ILE A 76 57.16 10.45 39.66
CA ILE A 76 56.38 11.54 39.11
C ILE A 76 56.85 11.81 37.69
N THR A 77 56.09 11.32 36.73
CA THR A 77 56.36 11.66 35.35
C THR A 77 55.98 13.10 35.06
N ASN A 78 54.94 13.60 35.72
CA ASN A 78 54.54 14.97 35.52
C ASN A 78 54.10 15.61 36.82
N TRP A 79 54.11 16.93 36.84
CA TRP A 79 54.08 17.67 38.10
C TRP A 79 52.92 18.64 38.15
N ASP A 80 52.76 19.46 37.12
CA ASP A 80 51.63 20.37 37.06
C ASP A 80 50.36 19.60 37.35
N ASP A 81 50.23 18.43 36.73
CA ASP A 81 49.26 17.47 37.21
C ASP A 81 49.29 17.42 38.72
N MET A 82 50.42 16.97 39.28
CA MET A 82 50.54 16.87 40.71
C MET A 82 50.48 18.24 41.35
N GLU A 83 50.87 19.26 40.61
CA GLU A 83 50.82 20.62 41.12
C GLU A 83 49.40 20.98 41.52
N LYS A 84 48.52 21.06 40.54
CA LYS A 84 47.12 21.31 40.83
C LYS A 84 46.56 20.22 41.71
N ILE A 85 47.18 19.05 41.70
CA ILE A 85 46.80 18.05 42.69
C ILE A 85 46.93 18.64 44.07
N TRP A 86 48.10 19.21 44.34
CA TRP A 86 48.32 19.86 45.60
C TRP A 86 47.30 20.96 45.80
N HIS A 87 47.20 21.86 44.83
CA HIS A 87 46.29 22.97 45.00
C HIS A 87 44.89 22.49 45.35
N HIS A 88 44.36 21.57 44.54
CA HIS A 88 43.17 20.86 44.95
C HIS A 88 43.22 20.56 46.42
N THR A 89 44.30 19.94 46.86
CA THR A 89 44.40 19.56 48.25
C THR A 89 44.19 20.77 49.12
N PHE A 90 45.11 21.72 48.99
CA PHE A 90 45.33 22.85 49.86
C PHE A 90 44.20 23.84 49.80
N TYR A 91 43.30 23.68 48.84
CA TYR A 91 42.35 24.71 48.54
C TYR A 91 40.94 24.20 48.41
N ASN A 92 40.76 22.90 48.41
CA ASN A 92 39.46 22.27 48.37
C ASN A 92 39.26 21.36 49.57
N GLU A 93 40.22 20.49 49.83
CA GLU A 93 40.16 19.61 50.98
C GLU A 93 41.13 20.08 52.04
N LEU A 94 42.34 20.47 51.65
CA LEU A 94 43.09 21.31 52.56
C LEU A 94 42.53 22.71 52.57
N ARG A 95 42.02 23.18 51.44
CA ARG A 95 41.38 24.49 51.35
C ARG A 95 42.11 25.48 52.24
N VAL A 96 43.43 25.43 52.20
CA VAL A 96 44.29 26.10 53.17
C VAL A 96 45.49 26.67 52.45
N ALA A 97 45.97 27.81 52.93
CA ALA A 97 47.14 28.42 52.35
C ALA A 97 48.39 27.65 52.75
N PRO A 98 49.20 27.21 51.79
CA PRO A 98 50.49 26.64 52.16
C PRO A 98 51.36 27.63 52.91
N GLU A 99 51.26 28.90 52.55
CA GLU A 99 52.30 29.86 52.87
C GLU A 99 52.55 29.97 54.37
N GLU A 100 51.57 29.60 55.18
CA GLU A 100 51.64 29.85 56.61
C GLU A 100 51.69 28.59 57.44
N HIS A 101 51.61 27.41 56.83
CA HIS A 101 51.71 26.17 57.57
C HIS A 101 52.87 25.33 57.06
N PRO A 102 53.77 24.92 57.94
CA PRO A 102 54.92 24.14 57.50
C PRO A 102 54.42 22.80 57.01
N THR A 103 55.28 22.08 56.32
CA THR A 103 54.94 20.73 55.92
C THR A 103 56.19 19.88 55.81
N LEU A 104 56.07 18.63 56.24
CA LEU A 104 57.07 17.61 55.96
C LEU A 104 56.66 16.92 54.67
N LEU A 105 57.64 16.39 53.95
CA LEU A 105 57.40 15.80 52.65
C LEU A 105 57.65 14.31 52.68
N THR A 106 56.71 13.57 52.10
CA THR A 106 56.72 12.11 52.08
C THR A 106 57.37 11.64 50.79
N GLU A 107 58.37 10.77 50.90
CA GLU A 107 59.05 10.28 49.71
C GLU A 107 59.60 8.88 49.94
N ALA A 108 59.57 8.09 48.90
CA ALA A 108 60.30 6.85 48.98
C ALA A 108 61.69 7.04 48.41
N PRO A 109 62.63 6.19 48.80
CA PRO A 109 63.96 6.25 48.21
C PRO A 109 63.89 6.00 46.71
N LEU A 110 65.07 6.03 46.09
CA LEU A 110 65.26 5.71 44.69
C LEU A 110 64.93 6.90 43.79
N ASN A 111 64.66 8.07 44.35
CA ASN A 111 64.27 9.19 43.53
C ASN A 111 65.48 9.99 43.07
N PRO A 112 65.69 10.15 41.77
CA PRO A 112 66.65 11.14 41.30
C PRO A 112 66.31 12.51 41.87
N LYS A 113 67.36 13.22 42.25
CA LYS A 113 67.22 14.31 43.20
C LYS A 113 66.30 15.39 42.68
N ALA A 114 66.45 15.74 41.40
CA ALA A 114 65.75 16.90 40.87
C ALA A 114 64.26 16.79 41.10
N ASN A 115 63.73 15.57 41.14
CA ASN A 115 62.34 15.44 41.53
C ASN A 115 62.06 16.28 42.75
N ARG A 116 62.76 15.98 43.83
CA ARG A 116 62.57 16.78 45.03
C ARG A 116 63.02 18.20 44.83
N GLU A 117 64.15 18.41 44.16
CA GLU A 117 64.56 19.79 43.90
C GLU A 117 63.36 20.62 43.46
N LYS A 118 62.80 20.25 42.32
CA LYS A 118 61.69 20.97 41.72
C LYS A 118 60.51 21.03 42.66
N MET A 119 60.08 19.87 43.18
CA MET A 119 58.94 19.91 44.07
C MET A 119 59.16 20.94 45.15
N THR A 120 60.36 20.96 45.71
CA THR A 120 60.70 21.87 46.78
C THR A 120 60.51 23.31 46.36
N GLN A 121 61.28 23.76 45.36
CA GLN A 121 61.22 25.18 45.10
C GLN A 121 59.79 25.55 44.80
N ILE A 122 59.17 24.81 43.89
CA ILE A 122 57.83 25.18 43.45
C ILE A 122 56.89 25.21 44.63
N MET A 123 57.11 24.34 45.60
CA MET A 123 56.31 24.39 46.80
C MET A 123 56.50 25.71 47.51
N PHE A 124 57.74 26.18 47.58
CA PHE A 124 57.94 27.53 48.11
C PHE A 124 57.20 28.57 47.28
N GLU A 125 57.36 28.55 45.96
CA GLU A 125 56.90 29.71 45.20
C GLU A 125 55.40 29.67 45.05
N THR A 126 54.90 28.62 44.41
CA THR A 126 53.47 28.43 44.31
C THR A 126 52.86 28.42 45.70
N PHE A 127 53.64 28.09 46.71
CA PHE A 127 53.08 27.75 48.01
C PHE A 127 53.55 28.65 49.14
N ASN A 128 54.79 29.09 49.11
CA ASN A 128 55.27 30.02 50.12
C ASN A 128 54.92 29.55 51.52
N VAL A 129 54.75 28.25 51.69
CA VAL A 129 54.54 27.69 53.00
C VAL A 129 55.57 28.33 53.91
N PRO A 130 55.33 28.39 55.21
CA PRO A 130 56.36 28.98 56.07
C PRO A 130 57.69 28.30 55.87
N ALA A 131 57.69 26.98 55.71
CA ALA A 131 58.85 26.21 55.31
C ALA A 131 58.37 24.78 55.13
N MET A 132 59.07 24.07 54.26
CA MET A 132 58.73 22.69 54.01
C MET A 132 59.78 21.80 54.63
N TYR A 133 59.63 20.50 54.38
CA TYR A 133 60.68 19.55 54.72
C TYR A 133 60.26 18.20 54.18
N VAL A 134 61.18 17.46 53.59
CA VAL A 134 60.82 16.19 53.01
C VAL A 134 61.26 15.09 53.96
N ALA A 135 60.73 13.89 53.74
CA ALA A 135 61.09 12.75 54.55
C ALA A 135 60.68 11.48 53.81
N ILE A 136 61.58 10.50 53.82
CA ILE A 136 61.25 9.24 53.16
C ILE A 136 60.01 8.64 53.78
N GLN A 137 58.97 8.55 52.96
CA GLN A 137 57.85 7.68 53.29
C GLN A 137 58.31 6.45 54.05
N ALA A 138 59.36 5.80 53.56
CA ALA A 138 59.87 4.64 54.27
C ALA A 138 60.22 5.00 55.70
N VAL A 139 61.08 5.99 55.88
CA VAL A 139 61.48 6.41 57.20
C VAL A 139 60.27 6.86 58.01
N LEU A 140 59.34 7.51 57.33
CA LEU A 140 58.18 8.06 57.99
C LEU A 140 57.39 6.96 58.69
N SER A 141 57.03 5.93 57.92
CA SER A 141 56.53 4.72 58.54
C SER A 141 57.45 4.24 59.64
N LEU A 142 58.75 4.30 59.38
CA LEU A 142 59.71 3.76 60.34
C LEU A 142 59.44 4.31 61.72
N TYR A 143 59.57 5.62 61.89
CA TYR A 143 59.17 6.18 63.15
C TYR A 143 57.75 5.82 63.44
N ALA A 144 56.89 5.90 62.42
CA ALA A 144 55.56 5.36 62.52
C ALA A 144 55.58 3.95 63.07
N SER A 145 56.72 3.27 63.00
CA SER A 145 56.88 2.00 63.68
C SER A 145 57.21 2.20 65.15
N GLY A 146 58.15 3.10 65.43
CA GLY A 146 58.58 3.31 66.79
C GLY A 146 59.38 2.16 67.36
N ARG A 147 59.42 1.02 66.69
CA ARG A 147 60.37 -0.02 67.05
C ARG A 147 61.68 0.31 66.35
N THR A 148 62.40 1.29 66.91
CA THR A 148 63.54 1.87 66.23
C THR A 148 64.54 0.83 65.75
N THR A 149 64.43 -0.41 66.22
CA THR A 149 65.27 -1.49 65.74
C THR A 149 64.43 -2.48 64.97
N GLY A 150 65.03 -3.11 63.96
CA GLY A 150 64.31 -4.05 63.11
C GLY A 150 63.96 -3.49 61.75
N ILE A 151 63.78 -4.36 60.78
CA ILE A 151 63.31 -3.97 59.46
C ILE A 151 61.82 -3.71 59.51
N VAL A 152 61.33 -2.97 58.52
CA VAL A 152 59.90 -2.91 58.26
C VAL A 152 59.66 -3.29 56.80
N LEU A 153 58.62 -4.06 56.56
CA LEU A 153 58.23 -4.42 55.20
C LEU A 153 57.18 -3.43 54.74
N ASP A 154 57.59 -2.52 53.86
CA ASP A 154 56.70 -1.46 53.38
C ASP A 154 56.16 -1.86 52.01
N SER A 155 55.03 -2.56 52.01
CA SER A 155 54.30 -2.85 50.79
C SER A 155 52.94 -2.18 50.96
N GLY A 156 52.89 -0.90 50.62
CA GLY A 156 51.80 -0.08 51.10
C GLY A 156 50.78 0.34 50.07
N ASP A 157 50.59 1.65 49.96
CA ASP A 157 49.61 2.16 49.02
C ASP A 157 49.78 1.49 47.67
N GLY A 158 50.98 1.60 47.11
CA GLY A 158 51.38 0.82 45.96
C GLY A 158 52.87 0.51 45.97
N VAL A 159 53.50 0.61 47.14
CA VAL A 159 54.95 0.66 47.25
C VAL A 159 55.46 -0.66 47.81
N THR A 160 56.78 -0.82 47.85
CA THR A 160 57.39 -1.99 48.47
C THR A 160 58.86 -1.76 48.72
N HIS A 161 59.25 -1.81 49.99
CA HIS A 161 60.64 -1.85 50.37
C HIS A 161 60.78 -2.76 51.59
N ASN A 162 62.01 -3.13 51.87
CA ASN A 162 62.40 -3.65 53.17
C ASN A 162 63.18 -2.57 53.89
N VAL A 163 62.89 -2.38 55.18
CA VAL A 163 63.50 -1.28 55.90
C VAL A 163 64.19 -1.77 57.15
N PRO A 164 65.33 -2.45 57.02
CA PRO A 164 66.06 -2.89 58.20
C PRO A 164 66.38 -1.68 59.07
N ILE A 165 66.17 -1.83 60.37
CA ILE A 165 66.35 -0.70 61.27
C ILE A 165 66.74 -1.23 62.64
N TYR A 166 67.32 -0.35 63.45
CA TYR A 166 67.97 -0.80 64.68
C TYR A 166 68.07 0.42 65.57
N GLU A 167 67.17 0.55 66.53
CA GLU A 167 66.98 1.78 67.30
C GLU A 167 67.18 2.99 66.40
N GLY A 168 66.41 3.04 65.32
CA GLY A 168 66.57 4.07 64.33
C GLY A 168 67.62 3.76 63.31
N TYR A 169 68.39 2.70 63.52
CA TYR A 169 69.56 2.41 62.70
C TYR A 169 69.18 1.43 61.60
N ALA A 170 69.24 1.90 60.36
CA ALA A 170 68.87 1.14 59.18
C ALA A 170 70.06 1.05 58.23
N LEU A 171 70.18 -0.08 57.55
CA LEU A 171 71.25 -0.22 56.57
C LEU A 171 70.70 -0.06 55.17
N PRO A 172 70.95 1.06 54.51
CA PRO A 172 70.47 1.21 53.13
C PRO A 172 71.01 0.11 52.26
N HIS A 173 72.25 -0.30 52.48
CA HIS A 173 72.81 -1.38 51.69
C HIS A 173 71.88 -2.57 51.69
N ALA A 174 71.45 -3.01 52.86
CA ALA A 174 70.51 -4.10 52.95
C ALA A 174 69.10 -3.71 52.52
N ILE A 175 68.83 -2.43 52.32
CA ILE A 175 67.48 -1.95 52.06
C ILE A 175 67.16 -2.11 50.58
N MET A 176 65.88 -2.38 50.29
CA MET A 176 65.45 -2.78 48.95
C MET A 176 64.03 -2.34 48.66
N ARG A 177 63.66 -2.39 47.39
CA ARG A 177 62.30 -2.19 46.91
C ARG A 177 61.82 -3.43 46.19
N LEU A 178 60.52 -3.66 46.22
CA LEU A 178 59.87 -4.60 45.32
C LEU A 178 58.90 -3.85 44.44
N ASP A 179 59.22 -3.77 43.15
CA ASP A 179 58.42 -2.97 42.25
C ASP A 179 56.94 -3.26 42.40
N LEU A 180 56.58 -4.39 42.99
CA LEU A 180 55.19 -4.77 43.07
C LEU A 180 54.36 -3.62 43.63
N ALA A 181 53.19 -3.43 43.04
CA ALA A 181 52.19 -2.51 43.55
C ALA A 181 50.84 -3.21 43.46
N GLY A 182 50.01 -2.98 44.47
CA GLY A 182 48.66 -3.51 44.42
C GLY A 182 48.05 -3.29 43.05
N ARG A 183 48.40 -2.18 42.41
CA ARG A 183 48.19 -2.04 40.98
C ARG A 183 48.70 -3.25 40.21
N ASP A 184 49.88 -3.73 40.55
CA ASP A 184 50.42 -4.87 39.80
C ASP A 184 49.50 -6.07 39.94
N LEU A 185 49.09 -6.35 41.17
CA LEU A 185 48.19 -7.45 41.41
C LEU A 185 46.92 -7.25 40.63
N THR A 186 46.35 -6.05 40.76
CA THR A 186 45.33 -5.56 39.85
C THR A 186 45.56 -6.10 38.46
N ASP A 187 46.76 -5.90 37.97
CA ASP A 187 47.08 -6.31 36.62
C ASP A 187 46.78 -7.78 36.46
N TYR A 188 47.53 -8.61 37.15
CA TYR A 188 47.37 -10.02 36.91
C TYR A 188 45.92 -10.45 37.05
N LEU A 189 45.22 -9.79 37.97
CA LEU A 189 43.79 -10.03 38.11
C LEU A 189 43.07 -9.78 36.80
N MET A 190 43.31 -8.64 36.20
CA MET A 190 42.67 -8.37 34.93
C MET A 190 43.01 -9.49 33.98
N LYS A 191 44.30 -9.77 33.87
CA LYS A 191 44.77 -10.87 33.04
C LYS A 191 43.85 -12.07 33.20
N ILE A 192 43.80 -12.58 34.41
CA ILE A 192 43.13 -13.83 34.68
C ILE A 192 41.64 -13.72 34.41
N LEU A 193 40.96 -12.88 35.18
CA LEU A 193 39.50 -12.84 35.08
C LEU A 193 39.07 -12.63 33.65
N THR A 194 39.68 -11.67 32.96
CA THR A 194 39.31 -11.40 31.58
C THR A 194 39.49 -12.67 30.76
N GLU A 195 40.72 -13.18 30.68
CA GLU A 195 40.93 -14.39 29.88
C GLU A 195 39.99 -15.50 30.34
N ARG A 196 39.70 -15.54 31.63
CA ARG A 196 38.81 -16.52 32.22
C ARG A 196 37.36 -16.29 31.91
N GLY A 197 37.05 -15.40 30.99
CA GLY A 197 35.65 -15.25 30.62
C GLY A 197 35.18 -13.83 30.81
N TYR A 198 36.12 -12.88 30.80
CA TYR A 198 35.74 -11.53 31.17
C TYR A 198 36.46 -10.57 30.24
N SER A 199 35.90 -9.37 30.12
CA SER A 199 36.44 -8.35 29.21
C SER A 199 36.69 -7.09 30.01
N PHE A 200 37.82 -7.03 30.71
CA PHE A 200 37.96 -6.10 31.82
C PHE A 200 39.26 -5.33 31.67
N VAL A 201 39.18 -4.16 31.05
CA VAL A 201 40.37 -3.41 30.71
C VAL A 201 40.24 -1.95 31.14
N THR A 202 39.03 -1.50 31.33
CA THR A 202 38.82 -0.06 31.34
C THR A 202 39.30 0.54 32.64
N THR A 203 39.67 1.82 32.56
CA THR A 203 40.29 2.48 33.71
C THR A 203 39.54 2.19 34.99
N ALA A 204 38.31 2.67 35.07
CA ALA A 204 37.50 2.35 36.24
C ALA A 204 37.20 0.86 36.30
N GLU A 205 37.36 0.15 35.17
CA GLU A 205 37.31 -1.30 35.27
C GLU A 205 38.42 -1.77 36.18
N ARG A 206 39.60 -1.21 35.98
CA ARG A 206 40.68 -1.37 36.94
C ARG A 206 40.24 -0.88 38.31
N GLU A 207 39.41 0.16 38.34
CA GLU A 207 38.92 0.63 39.63
C GLU A 207 38.19 -0.48 40.35
N ILE A 208 37.23 -1.07 39.68
CA ILE A 208 36.44 -2.13 40.28
C ILE A 208 37.34 -3.25 40.72
N VAL A 209 38.29 -3.62 39.88
CA VAL A 209 39.12 -4.78 40.21
C VAL A 209 39.95 -4.50 41.45
N ARG A 210 40.53 -3.30 41.55
CA ARG A 210 41.29 -2.98 42.75
C ARG A 210 40.38 -3.00 43.96
N ASP A 211 39.18 -2.48 43.80
CA ASP A 211 38.21 -2.61 44.87
C ASP A 211 38.04 -4.06 45.24
N ILE A 212 37.97 -4.91 44.22
CA ILE A 212 37.74 -6.33 44.42
C ILE A 212 38.83 -6.90 45.29
N LYS A 213 40.07 -6.62 44.92
CA LYS A 213 41.17 -7.12 45.72
C LYS A 213 41.04 -6.62 47.15
N GLU A 214 40.90 -5.31 47.31
CA GLU A 214 40.99 -4.74 48.64
C GLU A 214 39.79 -5.08 49.48
N LYS A 215 38.74 -5.65 48.89
CA LYS A 215 37.60 -6.09 49.67
C LYS A 215 37.53 -7.59 49.86
N LEU A 216 37.90 -8.35 48.88
CA LEU A 216 37.67 -9.79 48.91
C LEU A 216 38.91 -10.59 48.63
N CYS A 217 39.75 -10.16 47.71
CA CYS A 217 40.91 -10.94 47.35
C CYS A 217 41.83 -11.08 48.55
N TYR A 218 42.38 -12.29 48.71
CA TYR A 218 43.11 -12.67 49.90
C TYR A 218 44.28 -13.51 49.46
N VAL A 219 44.84 -14.26 50.42
CA VAL A 219 45.72 -15.37 50.14
C VAL A 219 45.59 -16.41 51.23
N ALA A 220 45.70 -17.68 50.85
CA ALA A 220 45.85 -18.76 51.81
C ALA A 220 47.32 -19.04 52.04
N LEU A 221 47.65 -19.25 53.32
CA LEU A 221 49.01 -19.58 53.71
C LEU A 221 49.67 -20.51 52.69
N ASP A 222 49.11 -21.69 52.53
CA ASP A 222 49.65 -22.67 51.61
C ASP A 222 49.10 -22.46 50.22
N PHE A 223 49.70 -23.15 49.27
CA PHE A 223 49.28 -23.15 47.89
C PHE A 223 48.82 -24.52 47.40
N GLU A 224 49.73 -25.49 47.42
CA GLU A 224 49.53 -26.68 46.61
C GLU A 224 48.42 -27.55 47.18
N ASN A 225 48.50 -27.87 48.46
CA ASN A 225 47.32 -28.40 49.13
C ASN A 225 46.22 -27.35 49.10
N GLU A 226 46.58 -26.10 49.31
CA GLU A 226 45.64 -25.03 49.08
C GLU A 226 45.11 -25.08 47.66
N MET A 227 45.99 -25.44 46.71
CA MET A 227 45.55 -25.65 45.34
C MET A 227 44.49 -26.72 45.23
N ALA A 228 44.72 -27.87 45.85
CA ALA A 228 43.71 -28.91 45.79
C ALA A 228 42.42 -28.41 46.39
N THR A 229 42.51 -27.76 47.55
CA THR A 229 41.37 -27.08 48.12
C THR A 229 40.64 -26.30 47.05
N ALA A 230 41.36 -25.43 46.36
CA ALA A 230 40.79 -24.69 45.24
C ALA A 230 40.15 -25.64 44.24
N ALA A 231 40.70 -26.84 44.11
CA ALA A 231 40.26 -27.75 43.06
C ALA A 231 38.76 -27.98 43.13
N SER A 232 38.18 -27.98 44.33
CA SER A 232 36.73 -28.10 44.45
C SER A 232 36.13 -27.23 45.54
N SER A 233 36.92 -26.50 46.31
CA SER A 233 36.39 -25.83 47.50
C SER A 233 35.32 -24.85 47.06
N SER A 234 34.07 -25.18 47.34
CA SER A 234 32.96 -24.34 46.89
C SER A 234 32.85 -23.06 47.69
N SER A 235 33.27 -23.05 48.94
CA SER A 235 33.11 -21.87 49.78
C SER A 235 33.70 -20.64 49.11
N LEU A 236 34.96 -20.73 48.70
CA LEU A 236 35.56 -19.65 47.92
C LEU A 236 34.78 -19.34 46.67
N GLU A 237 34.08 -20.33 46.12
CA GLU A 237 33.47 -20.23 44.80
C GLU A 237 32.29 -19.26 44.85
N LYS A 238 32.63 -18.00 45.09
CA LYS A 238 31.66 -16.96 45.37
C LYS A 238 31.74 -15.85 44.33
N SER A 239 30.58 -15.50 43.78
CA SER A 239 30.46 -14.42 42.84
C SER A 239 30.17 -13.12 43.57
N TYR A 240 30.87 -12.07 43.21
CA TYR A 240 30.59 -10.77 43.79
C TYR A 240 29.93 -9.84 42.78
N GLU A 241 28.93 -9.12 43.27
CA GLU A 241 28.23 -8.14 42.48
C GLU A 241 29.22 -7.24 41.76
N LEU A 242 29.25 -7.35 40.46
CA LEU A 242 29.99 -6.39 39.67
C LEU A 242 29.29 -5.04 39.75
N PRO A 243 30.01 -3.95 40.04
CA PRO A 243 29.32 -2.70 40.32
C PRO A 243 28.54 -2.14 39.15
N ASP A 244 28.66 -2.74 37.97
CA ASP A 244 27.60 -2.52 36.98
C ASP A 244 26.28 -2.95 37.57
N GLY A 245 26.32 -3.89 38.52
CA GLY A 245 25.16 -4.65 38.95
C GLY A 245 25.33 -6.14 38.73
N GLN A 246 26.14 -6.52 37.75
CA GLN A 246 26.56 -7.90 37.64
C GLN A 246 27.11 -8.35 38.99
N VAL A 247 27.13 -9.66 39.20
CA VAL A 247 27.79 -10.24 40.37
C VAL A 247 28.96 -11.06 39.88
N ILE A 248 30.12 -10.41 39.79
CA ILE A 248 31.31 -11.09 39.32
C ILE A 248 31.51 -12.32 40.19
N THR A 249 31.66 -13.48 39.56
CA THR A 249 31.93 -14.68 40.32
C THR A 249 33.41 -14.79 40.64
N ILE A 250 33.72 -15.40 41.77
CA ILE A 250 35.10 -15.44 42.23
C ILE A 250 35.43 -16.81 42.79
N GLY A 251 36.61 -17.30 42.45
CA GLY A 251 37.19 -18.48 43.03
C GLY A 251 38.65 -18.30 43.37
N ASN A 252 39.49 -19.13 42.76
CA ASN A 252 40.89 -19.24 43.16
C ASN A 252 41.62 -17.92 43.07
N GLU A 253 41.17 -17.02 42.21
CA GLU A 253 41.84 -15.75 42.06
C GLU A 253 42.01 -15.04 43.39
N ARG A 254 40.93 -14.93 44.17
CA ARG A 254 40.84 -14.03 45.31
C ARG A 254 42.13 -14.04 46.10
N PHE A 255 42.78 -15.18 46.06
CA PHE A 255 44.10 -15.38 46.60
C PHE A 255 45.19 -15.51 45.56
N ARG A 256 44.91 -16.11 44.41
CA ARG A 256 45.96 -16.23 43.43
C ARG A 256 46.34 -14.90 42.83
N CYS A 257 45.69 -13.83 43.23
CA CYS A 257 46.22 -12.51 42.85
C CYS A 257 47.45 -12.17 43.67
N PRO A 258 47.36 -11.95 44.96
CA PRO A 258 48.47 -11.30 45.66
C PRO A 258 49.67 -12.21 45.81
N GLU A 259 49.41 -13.46 46.15
CA GLU A 259 50.46 -14.37 46.58
C GLU A 259 51.72 -14.29 45.72
N THR A 260 51.57 -13.95 44.44
CA THR A 260 52.75 -13.95 43.58
C THR A 260 53.80 -12.97 44.07
N LEU A 261 53.45 -12.02 44.95
CA LEU A 261 54.48 -11.21 45.59
C LEU A 261 55.60 -12.06 46.12
N PHE A 262 55.35 -13.34 46.34
CA PHE A 262 56.40 -14.26 46.73
C PHE A 262 56.93 -15.03 45.53
N GLN A 263 56.25 -14.95 44.42
CA GLN A 263 56.63 -15.66 43.18
C GLN A 263 56.24 -14.81 41.98
N PRO A 264 57.10 -13.89 41.57
CA PRO A 264 56.82 -13.04 40.41
C PRO A 264 56.68 -13.82 39.13
N SER A 265 57.10 -15.08 39.13
CA SER A 265 56.76 -15.97 38.04
C SER A 265 55.38 -15.64 37.51
N PHE A 266 54.43 -15.46 38.41
CA PHE A 266 53.08 -15.14 37.97
C PHE A 266 53.03 -13.78 37.31
N ILE A 267 53.78 -12.83 37.85
CA ILE A 267 53.99 -11.55 37.18
C ILE A 267 55.15 -11.76 36.25
N GLY A 268 55.67 -12.98 36.23
CA GLY A 268 56.83 -13.33 35.45
C GLY A 268 58.06 -12.58 35.87
N MET A 269 57.97 -11.79 36.93
CA MET A 269 59.09 -10.95 37.30
C MET A 269 60.30 -11.81 37.69
N GLU A 270 61.47 -11.38 37.25
CA GLU A 270 62.71 -12.03 37.65
C GLU A 270 62.91 -11.98 39.16
N SER A 271 62.19 -11.10 39.84
CA SER A 271 62.45 -10.83 41.24
C SER A 271 62.09 -12.04 42.08
N ALA A 272 62.18 -11.86 43.40
CA ALA A 272 61.87 -12.90 44.37
C ALA A 272 60.86 -12.37 45.40
N GLY A 273 60.18 -13.32 46.05
CA GLY A 273 59.13 -12.97 46.99
C GLY A 273 59.59 -11.97 48.03
N ILE A 274 58.60 -11.34 48.64
CA ILE A 274 58.88 -10.32 49.64
C ILE A 274 59.64 -10.94 50.80
N HIS A 275 59.20 -12.11 51.22
CA HIS A 275 59.75 -12.78 52.39
C HIS A 275 61.26 -12.92 52.29
N GLU A 276 61.76 -13.51 51.20
CA GLU A 276 63.18 -13.76 51.15
C GLU A 276 63.96 -12.52 50.84
N THR A 277 63.33 -11.51 50.27
CA THR A 277 63.91 -10.18 50.33
C THR A 277 64.18 -9.83 51.78
N THR A 278 63.18 -9.99 52.62
CA THR A 278 63.38 -9.80 54.05
C THR A 278 64.58 -10.61 54.52
N TYR A 279 64.63 -11.86 54.12
CA TYR A 279 65.59 -12.78 54.72
C TYR A 279 67.01 -12.51 54.26
N ASN A 280 67.20 -12.25 52.98
CA ASN A 280 68.52 -11.90 52.52
C ASN A 280 68.95 -10.57 53.09
N SER A 281 68.00 -9.64 53.25
CA SER A 281 68.32 -8.43 53.97
C SER A 281 68.87 -8.76 55.35
N ILE A 282 68.11 -9.55 56.10
CA ILE A 282 68.45 -9.82 57.48
C ILE A 282 69.81 -10.50 57.55
N MET A 283 70.00 -11.52 56.73
CA MET A 283 71.32 -12.13 56.65
C MET A 283 72.38 -11.10 56.37
N LYS A 284 72.10 -10.13 55.49
CA LYS A 284 73.00 -8.99 55.39
C LYS A 284 73.17 -8.29 56.72
N CYS A 285 72.11 -8.26 57.52
CA CYS A 285 72.22 -7.60 58.80
C CYS A 285 73.28 -8.28 59.66
N ASP A 286 73.65 -7.64 60.77
CA ASP A 286 74.79 -8.17 61.51
C ASP A 286 74.37 -9.53 62.05
N ILE A 287 75.28 -10.19 62.74
CA ILE A 287 75.06 -11.58 63.09
C ILE A 287 73.78 -11.74 63.91
N ASP A 288 73.60 -10.88 64.90
CA ASP A 288 72.55 -11.10 65.88
C ASP A 288 71.51 -10.00 65.90
N ILE A 289 71.62 -8.99 65.04
CA ILE A 289 70.43 -8.23 64.69
C ILE A 289 69.28 -9.16 64.38
N ARG A 290 69.57 -10.31 63.78
CA ARG A 290 68.52 -11.10 63.18
C ARG A 290 67.38 -11.36 64.16
N LYS A 291 67.69 -11.70 65.41
CA LYS A 291 66.64 -11.80 66.41
C LYS A 291 65.93 -10.48 66.60
N ASP A 292 66.69 -9.38 66.51
CA ASP A 292 66.06 -8.06 66.55
C ASP A 292 64.98 -7.99 65.50
N LEU A 293 65.35 -8.31 64.26
CA LEU A 293 64.38 -8.41 63.19
C LEU A 293 63.20 -9.23 63.66
N TYR A 294 63.49 -10.43 64.13
CA TYR A 294 62.46 -11.40 64.45
C TYR A 294 61.43 -10.80 65.37
N ALA A 295 61.88 -9.98 66.30
CA ALA A 295 60.93 -9.25 67.11
C ALA A 295 60.41 -8.00 66.40
N ASN A 296 61.03 -7.60 65.30
CA ASN A 296 60.84 -6.31 64.67
C ASN A 296 60.46 -6.46 63.22
N ASN A 297 59.91 -7.63 62.88
CA ASN A 297 59.66 -7.99 61.50
C ASN A 297 58.44 -7.18 61.08
N VAL A 298 58.58 -5.86 61.08
CA VAL A 298 57.45 -4.97 60.92
C VAL A 298 57.03 -4.96 59.47
N LEU A 299 55.86 -5.52 59.18
CA LEU A 299 55.26 -5.22 57.90
C LEU A 299 54.75 -3.79 57.87
N SER A 300 54.63 -3.27 56.66
CA SER A 300 53.97 -2.00 56.43
C SER A 300 53.37 -2.03 55.04
N GLY A 301 52.18 -1.42 54.91
CA GLY A 301 51.48 -1.35 53.65
C GLY A 301 50.09 -1.95 53.62
N GLY A 302 49.07 -1.09 53.57
CA GLY A 302 47.72 -1.56 53.74
C GLY A 302 47.25 -2.48 52.63
N THR A 303 47.55 -2.15 51.38
CA THR A 303 47.14 -3.02 50.30
C THR A 303 47.50 -4.47 50.60
N THR A 304 48.57 -4.69 51.35
CA THR A 304 48.99 -5.98 51.88
C THR A 304 48.16 -6.43 52.99
N MET A 305 47.06 -5.74 53.21
CA MET A 305 46.19 -5.99 54.34
C MET A 305 45.59 -7.38 54.32
N TYR A 306 45.95 -8.18 53.33
CA TYR A 306 45.20 -9.39 53.07
C TYR A 306 45.34 -10.37 54.21
N PRO A 307 44.69 -11.53 54.10
CA PRO A 307 44.83 -12.53 55.17
C PRO A 307 46.27 -13.00 55.26
N GLY A 308 46.54 -13.72 56.34
CA GLY A 308 47.72 -14.55 56.43
C GLY A 308 49.01 -13.82 56.21
N ILE A 309 48.93 -12.52 55.97
CA ILE A 309 50.08 -11.78 55.48
C ILE A 309 51.30 -12.20 56.28
N ALA A 310 51.25 -11.94 57.58
CA ALA A 310 52.25 -12.50 58.48
C ALA A 310 52.21 -14.01 58.43
N ASP A 311 51.02 -14.60 58.47
CA ASP A 311 50.95 -16.06 58.45
C ASP A 311 52.05 -16.64 57.59
N ARG A 312 52.03 -16.36 56.29
CA ARG A 312 53.21 -16.70 55.52
C ARG A 312 54.45 -16.07 56.11
N MET A 313 54.45 -14.75 56.29
CA MET A 313 55.69 -14.09 56.66
C MET A 313 56.51 -14.98 57.57
N GLN A 314 55.94 -15.28 58.72
CA GLN A 314 56.52 -16.22 59.68
C GLN A 314 56.74 -17.59 59.07
N LYS A 315 55.76 -18.17 58.37
CA LYS A 315 55.97 -19.58 58.08
C LYS A 315 57.23 -19.74 57.24
N GLU A 316 57.34 -18.97 56.17
CA GLU A 316 58.53 -19.09 55.32
C GLU A 316 59.79 -18.66 56.06
N ILE A 317 59.75 -17.56 56.82
CA ILE A 317 60.97 -17.19 57.50
C ILE A 317 61.44 -18.36 58.34
N THR A 318 60.52 -18.91 59.14
CA THR A 318 60.72 -20.23 59.72
C THR A 318 61.41 -21.15 58.73
N ALA A 319 60.76 -21.40 57.61
CA ALA A 319 61.28 -22.31 56.61
C ALA A 319 62.72 -21.98 56.27
N LEU A 320 63.14 -20.76 56.60
CA LEU A 320 64.47 -20.28 56.29
C LEU A 320 65.22 -19.96 57.56
N ALA A 321 64.54 -19.34 58.53
CA ALA A 321 65.20 -18.92 59.75
C ALA A 321 65.55 -20.12 60.61
N PRO A 322 66.61 -20.02 61.41
CA PRO A 322 66.86 -21.03 62.44
C PRO A 322 65.81 -20.95 63.54
N SER A 323 65.15 -22.08 63.79
CA SER A 323 64.16 -22.13 64.86
C SER A 323 64.79 -21.72 66.18
N THR A 324 66.10 -21.87 66.29
CA THR A 324 66.83 -21.22 67.37
C THR A 324 66.21 -19.87 67.69
N MET A 325 66.13 -19.02 66.69
CA MET A 325 65.61 -17.68 66.89
C MET A 325 64.09 -17.70 66.80
N LYS A 326 63.47 -16.75 67.49
CA LYS A 326 62.03 -16.62 67.49
C LYS A 326 61.65 -15.39 66.69
N ILE A 327 60.78 -15.58 65.70
CA ILE A 327 60.44 -14.53 64.75
C ILE A 327 59.20 -13.80 65.26
N LYS A 328 59.04 -12.56 64.82
CA LYS A 328 57.74 -11.91 64.97
C LYS A 328 57.69 -10.76 63.99
N ILE A 329 56.95 -10.95 62.93
CA ILE A 329 56.59 -9.85 62.03
C ILE A 329 55.65 -8.90 62.73
N ILE A 330 55.73 -7.64 62.35
CA ILE A 330 54.96 -6.57 62.97
C ILE A 330 54.20 -5.83 61.88
N ALA A 331 52.88 -5.77 62.02
CA ALA A 331 52.02 -5.08 61.06
C ALA A 331 50.75 -4.63 61.77
N PRO A 332 50.63 -3.34 62.05
CA PRO A 332 49.37 -2.82 62.55
C PRO A 332 48.33 -2.90 61.46
N PRO A 333 47.05 -2.97 61.82
CA PRO A 333 46.03 -2.80 60.80
C PRO A 333 46.17 -1.49 60.07
N GLU A 334 46.62 -0.44 60.74
CA GLU A 334 46.45 0.93 60.29
C GLU A 334 47.67 1.40 59.52
N ARG A 335 48.13 0.55 58.61
CA ARG A 335 49.47 0.75 58.07
C ARG A 335 49.47 1.91 57.08
N LYS A 336 48.36 2.11 56.36
CA LYS A 336 48.25 3.31 55.56
C LYS A 336 48.60 4.54 56.36
N TYR A 337 47.94 4.71 57.49
CA TYR A 337 48.01 5.96 58.22
C TYR A 337 49.30 6.02 59.00
N SER A 338 49.77 4.84 59.43
CA SER A 338 51.03 4.73 60.13
C SER A 338 52.06 5.66 59.56
N VAL A 339 52.32 5.56 58.26
CA VAL A 339 53.30 6.45 57.66
C VAL A 339 52.88 7.89 57.91
N TRP A 340 51.62 8.20 57.62
CA TRP A 340 51.13 9.53 57.96
C TRP A 340 51.33 9.80 59.43
N ILE A 341 51.06 8.81 60.26
CA ILE A 341 51.09 9.05 61.69
C ILE A 341 52.48 9.47 62.13
N GLY A 342 53.47 8.67 61.77
CA GLY A 342 54.85 8.97 62.15
C GLY A 342 55.32 10.27 61.55
N GLY A 343 54.87 10.60 60.34
CA GLY A 343 55.20 11.90 59.80
C GLY A 343 54.58 13.02 60.62
N SER A 344 53.30 12.88 60.96
CA SER A 344 52.68 13.81 61.87
C SER A 344 53.50 13.93 63.14
N ILE A 345 54.13 12.84 63.54
CA ILE A 345 54.92 12.86 64.75
C ILE A 345 56.16 13.70 64.53
N LEU A 346 57.02 13.23 63.63
CA LEU A 346 58.28 13.91 63.36
C LEU A 346 58.05 15.39 63.14
N ALA A 347 57.29 15.71 62.10
CA ALA A 347 57.01 17.12 61.86
C ALA A 347 56.48 17.76 63.12
N SER A 348 55.45 17.17 63.72
CA SER A 348 54.95 17.59 64.99
C SER A 348 56.01 17.54 66.07
N LEU A 349 57.14 16.91 65.80
CA LEU A 349 58.19 16.85 66.82
C LEU A 349 58.80 18.24 67.00
N SER A 350 58.28 18.97 68.00
CA SER A 350 58.67 20.36 68.21
C SER A 350 60.18 20.49 68.32
N THR A 351 60.81 19.53 68.94
CA THR A 351 62.24 19.67 69.20
C THR A 351 62.99 19.61 67.88
N PHE A 352 62.26 19.68 66.76
CA PHE A 352 62.84 19.31 65.48
C PHE A 352 62.59 20.34 64.38
N GLN A 353 61.98 21.48 64.69
CA GLN A 353 61.65 22.39 63.60
C GLN A 353 62.88 22.90 62.89
N GLN A 354 64.06 22.74 63.49
CA GLN A 354 65.27 23.18 62.82
C GLN A 354 65.41 22.59 61.42
N MET A 355 64.88 21.40 61.18
CA MET A 355 65.11 20.74 59.90
C MET A 355 64.32 21.35 58.76
N TRP A 356 63.11 21.86 59.00
CA TRP A 356 62.26 22.26 57.88
C TRP A 356 62.97 23.14 56.86
N ILE A 357 62.56 22.95 55.62
CA ILE A 357 63.10 23.58 54.44
C ILE A 357 62.63 25.03 54.47
N SER A 358 63.53 25.94 54.81
CA SER A 358 63.13 27.34 54.82
C SER A 358 63.23 27.92 53.43
N LYS A 359 62.27 28.78 53.08
CA LYS A 359 62.39 29.54 51.85
C LYS A 359 63.81 30.02 51.65
N GLN A 360 64.33 30.78 52.61
CA GLN A 360 65.65 31.37 52.47
C GLN A 360 66.70 30.31 52.17
N GLU A 361 66.87 29.36 53.07
CA GLU A 361 67.90 28.35 52.90
C GLU A 361 67.97 27.90 51.45
N TYR A 362 66.85 27.46 50.91
CA TYR A 362 66.77 27.26 49.47
C TYR A 362 67.33 28.46 48.74
N ASP A 363 66.83 29.64 49.07
CA ASP A 363 67.08 30.82 48.27
C ASP A 363 68.57 31.00 48.06
N GLU A 364 69.29 31.03 49.17
CA GLU A 364 70.75 31.16 49.11
C GLU A 364 71.36 30.00 48.35
N ALA A 365 70.91 28.78 48.64
CA ALA A 365 71.49 27.61 48.01
C ALA A 365 70.59 27.03 46.93
N GLY A 366 69.62 27.80 46.45
CA GLY A 366 68.68 27.28 45.50
C GLY A 366 68.12 25.98 46.01
N PRO A 367 67.69 25.11 45.10
CA PRO A 367 67.19 23.81 45.54
C PRO A 367 68.30 22.87 45.94
N SER A 368 69.39 22.85 45.16
CA SER A 368 70.50 21.96 45.46
C SER A 368 70.82 21.93 46.95
N ILE A 369 70.58 23.05 47.64
CA ILE A 369 70.71 23.06 49.09
C ILE A 369 70.15 21.78 49.68
N VAL A 370 68.95 21.43 49.27
CA VAL A 370 68.15 20.38 49.89
C VAL A 370 68.99 19.15 50.19
N HIS A 371 70.04 18.95 49.41
CA HIS A 371 70.57 17.60 49.32
C HIS A 371 71.49 17.30 50.50
N ARG A 372 72.63 17.97 50.56
CA ARG A 372 73.56 17.66 51.61
C ARG A 372 73.04 18.13 52.95
N LYS A 373 73.24 17.31 53.97
CA LYS A 373 72.97 17.67 55.36
C LYS A 373 71.53 18.11 55.51
N CYS A 374 70.70 17.82 54.52
CA CYS A 374 69.30 18.16 54.60
C CYS A 374 68.55 17.34 53.57
N PHE A 375 67.27 17.12 53.85
CA PHE A 375 66.27 16.64 52.91
C PHE A 375 64.89 16.94 53.52
N ASP B 1 41.56 -46.17 3.52
CA ASP B 1 42.04 -46.81 2.30
C ASP B 1 43.44 -46.34 1.94
N ASP B 2 44.24 -46.07 2.97
CA ASP B 2 45.60 -45.56 2.77
C ASP B 2 46.41 -45.89 4.03
N GLU B 3 47.55 -45.23 4.19
CA GLU B 3 48.44 -45.47 5.32
C GLU B 3 47.90 -44.79 6.57
N GLU B 4 48.73 -44.69 7.61
CA GLU B 4 48.27 -44.42 8.97
C GLU B 4 47.20 -43.34 9.04
N THR B 5 47.53 -42.10 8.68
CA THR B 5 46.55 -41.03 8.66
C THR B 5 47.23 -39.73 8.24
N THR B 6 46.41 -38.74 7.97
CA THR B 6 46.85 -37.36 7.88
C THR B 6 46.13 -36.56 8.94
N ALA B 7 46.91 -35.91 9.80
CA ALA B 7 46.30 -35.01 10.74
C ALA B 7 45.43 -34.02 9.99
N LEU B 8 44.51 -33.42 10.73
CA LEU B 8 43.46 -32.64 10.12
C LEU B 8 43.72 -31.18 10.46
N VAL B 9 44.43 -30.49 9.57
CA VAL B 9 44.77 -29.11 9.86
C VAL B 9 43.53 -28.27 9.60
N CYS B 10 42.73 -28.12 10.65
CA CYS B 10 41.46 -27.42 10.59
C CYS B 10 41.62 -26.07 11.27
N ASP B 11 41.29 -25.01 10.54
CA ASP B 11 41.59 -23.65 11.00
C ASP B 11 40.34 -22.78 10.85
N ASN B 12 39.74 -22.43 11.96
CA ASN B 12 38.59 -21.53 11.98
C ASN B 12 39.01 -20.08 11.87
N GLY B 13 39.67 -19.70 10.77
CA GLY B 13 40.13 -18.34 10.61
C GLY B 13 39.10 -17.38 11.13
N SER B 14 39.50 -16.48 12.01
CA SER B 14 38.56 -15.81 12.89
C SER B 14 37.27 -15.45 12.18
N GLY B 15 37.36 -15.14 10.89
CA GLY B 15 36.16 -14.93 10.09
C GLY B 15 35.67 -16.18 9.40
N LEU B 16 36.59 -16.97 8.84
CA LEU B 16 36.23 -18.18 8.14
C LEU B 16 36.94 -19.37 8.77
N VAL B 17 36.27 -20.46 8.84
CA VAL B 17 36.92 -21.70 9.21
C VAL B 17 37.58 -22.26 7.95
N LYS B 18 38.80 -22.76 8.11
CA LYS B 18 39.59 -23.19 6.99
C LYS B 18 40.46 -24.37 7.40
N ALA B 19 40.90 -25.16 6.43
CA ALA B 19 41.64 -26.34 6.82
C ALA B 19 42.19 -27.06 5.59
N GLY B 20 43.21 -27.87 5.83
CA GLY B 20 43.69 -28.84 4.89
C GLY B 20 44.03 -30.11 5.63
N PHE B 21 45.25 -30.57 5.44
CA PHE B 21 45.81 -31.65 6.24
C PHE B 21 47.21 -31.29 6.69
N ALA B 22 47.75 -32.16 7.55
CA ALA B 22 49.18 -32.11 7.82
C ALA B 22 49.93 -32.23 6.51
N GLY B 23 51.04 -31.50 6.40
CA GLY B 23 51.79 -31.47 5.17
C GLY B 23 51.05 -30.88 4.00
N ASP B 24 49.77 -30.56 4.15
CA ASP B 24 49.05 -29.92 3.05
C ASP B 24 49.71 -28.60 2.72
N ASP B 25 49.25 -27.99 1.64
CA ASP B 25 49.81 -26.75 1.17
C ASP B 25 48.77 -25.66 1.03
N ALA B 26 47.48 -26.01 0.99
CA ALA B 26 46.43 -25.04 0.84
C ALA B 26 45.26 -25.53 1.66
N PRO B 27 44.78 -24.73 2.59
CA PRO B 27 43.60 -25.12 3.32
C PRO B 27 42.48 -25.35 2.35
N ARG B 28 42.15 -26.61 2.13
CA ARG B 28 41.05 -26.94 1.24
C ARG B 28 39.71 -26.44 1.76
N ALA B 29 39.63 -26.05 3.03
CA ALA B 29 38.42 -25.50 3.60
C ALA B 29 38.63 -24.01 3.81
N VAL B 30 37.69 -23.21 3.32
CA VAL B 30 37.67 -21.77 3.59
C VAL B 30 36.25 -21.26 3.45
N PHE B 31 35.68 -20.69 4.52
CA PHE B 31 34.35 -20.15 4.32
C PHE B 31 33.77 -19.48 5.56
N PRO B 32 32.68 -18.75 5.41
CA PRO B 32 32.24 -17.84 6.47
C PRO B 32 31.85 -18.57 7.75
N SER B 33 32.07 -17.89 8.87
CA SER B 33 31.74 -18.41 10.19
C SER B 33 30.39 -17.90 10.68
N ILE B 34 29.39 -17.99 9.82
CA ILE B 34 28.08 -17.43 10.07
C ILE B 34 27.01 -18.48 10.04
N VAL B 35 25.87 -18.13 10.64
CA VAL B 35 24.65 -18.91 10.55
C VAL B 35 23.57 -17.98 10.00
N GLY B 36 22.58 -18.55 9.32
CA GLY B 36 21.66 -17.75 8.56
C GLY B 36 20.21 -18.12 8.75
N ARG B 37 19.38 -17.14 9.05
CA ARG B 37 17.95 -17.37 9.24
C ARG B 37 17.15 -16.60 8.20
N PRO B 38 16.31 -17.29 7.43
CA PRO B 38 15.33 -16.58 6.60
C PRO B 38 14.26 -16.03 7.51
N ARG B 39 13.42 -15.16 6.97
CA ARG B 39 12.34 -14.63 7.79
C ARG B 39 10.99 -15.20 7.38
N HIS B 40 10.61 -14.98 6.14
CA HIS B 40 9.20 -14.92 5.78
C HIS B 40 8.56 -16.29 5.60
N GLN B 41 9.24 -17.24 4.97
CA GLN B 41 8.59 -18.47 4.56
C GLN B 41 7.38 -18.20 3.68
N GLY B 42 7.67 -17.71 2.49
CA GLY B 42 6.70 -17.87 1.43
C GLY B 42 6.40 -19.35 1.47
N VAL B 43 5.13 -19.72 1.50
CA VAL B 43 4.79 -21.13 1.48
C VAL B 43 5.29 -21.71 0.17
N MET B 44 6.33 -22.53 0.26
CA MET B 44 7.03 -22.98 -0.93
C MET B 44 6.86 -24.48 -1.03
N VAL B 45 6.43 -24.92 -2.21
CA VAL B 45 6.32 -26.36 -2.39
C VAL B 45 7.65 -27.00 -2.03
N GLY B 46 7.59 -28.28 -1.76
CA GLY B 46 8.79 -29.06 -1.59
C GLY B 46 9.70 -28.49 -0.52
N MET B 47 10.95 -28.94 -0.55
CA MET B 47 11.88 -28.64 0.51
C MET B 47 13.28 -28.51 -0.09
N GLY B 48 14.30 -28.66 0.73
CA GLY B 48 15.64 -28.28 0.37
C GLY B 48 15.99 -26.89 0.81
N GLN B 49 15.10 -26.24 1.54
CA GLN B 49 15.30 -24.84 1.93
C GLN B 49 15.78 -24.84 3.38
N LYS B 50 17.07 -25.14 3.53
CA LYS B 50 17.61 -25.29 4.87
C LYS B 50 17.51 -24.00 5.66
N ASP B 51 17.21 -24.16 6.93
CA ASP B 51 17.36 -23.04 7.85
C ASP B 51 18.82 -22.58 7.90
N SER B 52 19.75 -23.52 8.02
CA SER B 52 21.09 -23.20 8.49
C SER B 52 22.18 -23.95 7.74
N TYR B 53 22.20 -23.87 6.42
CA TYR B 53 23.34 -24.38 5.66
C TYR B 53 24.40 -23.33 5.43
N VAL B 54 24.60 -22.39 6.36
CA VAL B 54 25.44 -21.24 6.04
C VAL B 54 26.75 -21.69 5.41
N GLY B 55 27.58 -22.36 6.20
CA GLY B 55 28.79 -22.92 5.64
C GLY B 55 29.35 -21.96 4.62
N ASP B 56 29.37 -22.42 3.37
CA ASP B 56 29.72 -21.58 2.25
C ASP B 56 28.57 -21.38 1.27
N GLU B 57 27.40 -21.96 1.53
CA GLU B 57 26.30 -21.72 0.60
C GLU B 57 25.48 -20.52 1.02
N ALA B 58 25.24 -20.38 2.32
CA ALA B 58 24.20 -19.49 2.81
C ALA B 58 24.35 -18.11 2.23
N GLN B 59 25.58 -17.63 2.09
CA GLN B 59 25.72 -16.32 1.50
C GLN B 59 25.01 -16.29 0.16
N SER B 60 24.93 -17.44 -0.52
CA SER B 60 23.97 -17.54 -1.59
C SER B 60 22.59 -17.21 -1.06
N LYS B 61 22.29 -17.64 0.15
CA LYS B 61 20.99 -17.33 0.75
C LYS B 61 21.06 -16.02 1.51
N ARG B 62 22.02 -15.16 1.19
CA ARG B 62 22.12 -13.97 2.00
C ARG B 62 20.80 -13.21 1.88
N GLY B 63 20.62 -12.24 2.76
CA GLY B 63 19.41 -11.47 2.87
C GLY B 63 18.35 -12.18 3.68
N ILE B 64 17.65 -13.13 3.07
CA ILE B 64 16.64 -13.85 3.83
C ILE B 64 17.26 -14.54 5.03
N LEU B 65 18.35 -15.23 4.81
CA LEU B 65 19.08 -15.87 5.89
C LEU B 65 19.92 -14.80 6.56
N THR B 66 19.88 -14.75 7.89
CA THR B 66 20.66 -13.78 8.65
C THR B 66 22.06 -14.33 8.91
N LEU B 67 22.78 -13.71 9.85
CA LEU B 67 24.19 -14.01 10.08
C LEU B 67 24.41 -14.43 11.53
N LYS B 68 25.26 -15.45 11.72
CA LYS B 68 25.63 -15.85 13.07
C LYS B 68 27.03 -16.43 13.08
N TYR B 69 27.95 -15.70 13.70
CA TYR B 69 29.18 -16.30 14.18
C TYR B 69 28.91 -16.98 15.51
N PRO B 70 29.47 -18.16 15.79
CA PRO B 70 29.47 -18.65 17.18
C PRO B 70 30.61 -18.09 18.00
N ILE B 71 31.74 -17.77 17.38
CA ILE B 71 32.97 -17.34 18.02
C ILE B 71 33.00 -15.82 17.97
N GLU B 72 31.81 -15.24 17.89
CA GLU B 72 31.55 -13.91 17.37
C GLU B 72 32.71 -12.98 17.65
N HIS B 73 33.09 -12.90 18.91
CA HIS B 73 34.21 -12.09 19.37
C HIS B 73 35.46 -12.95 19.49
N GLY B 74 35.66 -13.86 18.56
CA GLY B 74 36.65 -14.88 18.81
C GLY B 74 36.18 -15.54 20.08
N ILE B 75 34.85 -15.64 20.20
CA ILE B 75 34.20 -16.12 21.39
C ILE B 75 33.04 -16.98 20.96
N ILE B 76 33.19 -18.30 21.09
CA ILE B 76 32.11 -19.16 20.68
C ILE B 76 30.96 -19.01 21.64
N THR B 77 29.96 -18.23 21.26
CA THR B 77 28.75 -18.17 22.06
C THR B 77 27.95 -19.46 21.93
N ASN B 78 28.00 -20.10 20.78
CA ASN B 78 27.28 -21.34 20.60
C ASN B 78 28.09 -22.32 19.77
N TRP B 79 27.74 -23.58 19.89
CA TRP B 79 28.62 -24.65 19.46
C TRP B 79 27.95 -25.58 18.45
N ASP B 80 26.75 -26.05 18.76
CA ASP B 80 26.02 -26.87 17.81
C ASP B 80 26.01 -26.19 16.47
N ASP B 81 25.75 -24.89 16.47
CA ASP B 81 26.06 -24.09 15.31
C ASP B 81 27.44 -24.48 14.78
N MET B 82 28.47 -24.24 15.57
CA MET B 82 29.81 -24.57 15.15
C MET B 82 29.98 -26.07 14.98
N GLU B 83 29.17 -26.83 15.71
CA GLU B 83 29.22 -28.28 15.59
C GLU B 83 28.94 -28.71 14.16
N LYS B 84 27.71 -28.47 13.72
CA LYS B 84 27.37 -28.76 12.35
C LYS B 84 28.24 -27.96 11.40
N ILE B 85 28.79 -26.86 11.86
CA ILE B 85 29.80 -26.18 11.06
C ILE B 85 30.91 -27.15 10.73
N TRP B 86 31.42 -27.80 11.75
CA TRP B 86 32.45 -28.80 11.56
C TRP B 86 31.92 -29.88 10.64
N HIS B 87 30.78 -30.46 10.98
CA HIS B 87 30.26 -31.56 10.17
C HIS B 87 30.17 -31.16 8.70
N HIS B 88 29.52 -30.03 8.43
CA HIS B 88 29.63 -29.43 7.12
C HIS B 88 31.03 -29.59 6.60
N THR B 89 32.00 -29.15 7.38
CA THR B 89 33.37 -29.19 6.92
C THR B 89 33.72 -30.62 6.51
N PHE B 90 33.70 -31.49 7.49
CA PHE B 90 34.23 -32.83 7.48
C PHE B 90 33.46 -33.73 6.54
N TYR B 91 32.33 -33.28 6.06
CA TYR B 91 31.41 -34.16 5.37
C TYR B 91 30.90 -33.59 4.07
N ASN B 92 31.20 -32.34 3.80
CA ASN B 92 30.85 -31.69 2.55
C ASN B 92 32.08 -31.18 1.84
N GLU B 93 32.91 -30.44 2.55
CA GLU B 93 34.15 -29.94 1.99
C GLU B 93 35.34 -30.72 2.54
N LEU B 94 35.34 -31.00 3.84
CA LEU B 94 36.18 -32.10 4.26
C LEU B 94 35.59 -33.43 3.88
N ARG B 95 34.26 -33.54 3.86
CA ARG B 95 33.58 -34.74 3.42
C ARG B 95 34.35 -35.96 3.85
N VAL B 96 34.85 -35.93 5.09
CA VAL B 96 35.83 -36.88 5.58
C VAL B 96 35.50 -37.25 7.02
N ALA B 97 35.78 -38.49 7.37
CA ALA B 97 35.54 -38.94 8.73
C ALA B 97 36.58 -38.35 9.67
N PRO B 98 36.17 -37.67 10.73
CA PRO B 98 37.15 -37.26 11.75
C PRO B 98 37.85 -38.44 12.35
N GLU B 99 37.15 -39.56 12.51
CA GLU B 99 37.56 -40.60 13.43
C GLU B 99 38.93 -41.14 13.12
N GLU B 100 39.39 -41.00 11.89
CA GLU B 100 40.60 -41.67 11.45
C GLU B 100 41.71 -40.70 11.07
N HIS B 101 41.47 -39.40 11.12
CA HIS B 101 42.51 -38.42 10.82
C HIS B 101 42.74 -37.52 12.01
N PRO B 102 43.98 -37.39 12.48
CA PRO B 102 44.23 -36.55 13.63
C PRO B 102 43.99 -35.11 13.24
N THR B 103 43.90 -34.24 14.23
CA THR B 103 43.81 -32.83 13.93
C THR B 103 44.43 -32.02 15.06
N LEU B 104 45.10 -30.95 14.69
CA LEU B 104 45.51 -29.92 15.62
C LEU B 104 44.42 -28.87 15.66
N LEU B 105 44.32 -28.17 16.78
CA LEU B 105 43.24 -27.23 16.99
C LEU B 105 43.79 -25.81 17.07
N THR B 106 43.12 -24.91 16.35
CA THR B 106 43.51 -23.51 16.24
C THR B 106 42.75 -22.71 17.28
N GLU B 107 43.47 -21.92 18.08
CA GLU B 107 42.83 -21.12 19.11
C GLU B 107 43.62 -19.86 19.40
N ALA B 108 42.92 -18.82 19.68
CA ALA B 108 43.61 -17.67 20.23
C ALA B 108 43.59 -17.71 21.75
N PRO B 109 44.52 -17.04 22.39
CA PRO B 109 44.49 -16.96 23.85
C PRO B 109 43.21 -16.28 24.32
N LEU B 110 43.11 -16.15 25.64
CA LEU B 110 42.03 -15.45 26.29
C LEU B 110 40.77 -16.31 26.43
N ASN B 111 40.84 -17.57 26.08
CA ASN B 111 39.65 -18.40 26.12
C ASN B 111 39.49 -19.06 27.48
N PRO B 112 38.38 -18.84 28.16
CA PRO B 112 38.05 -19.67 29.32
C PRO B 112 38.04 -21.14 28.91
N LYS B 113 38.57 -21.96 29.81
CA LYS B 113 39.06 -23.28 29.43
C LYS B 113 37.94 -24.14 28.87
N ALA B 114 36.77 -24.10 29.51
CA ALA B 114 35.71 -25.02 29.16
C ALA B 114 35.37 -24.95 27.69
N ASN B 115 35.55 -23.79 27.07
CA ASN B 115 35.40 -23.74 25.63
C ASN B 115 36.14 -24.89 24.99
N ARG B 116 37.44 -24.94 25.22
CA ARG B 116 38.21 -26.06 24.66
C ARG B 116 37.80 -27.37 25.28
N GLU B 117 37.57 -27.40 26.59
CA GLU B 117 37.12 -28.65 27.19
C GLU B 117 36.04 -29.29 26.33
N LYS B 118 34.93 -28.58 26.19
CA LYS B 118 33.78 -29.07 25.45
C LYS B 118 34.14 -29.37 24.01
N MET B 119 34.76 -28.41 23.33
CA MET B 119 35.10 -28.67 21.94
C MET B 119 35.85 -29.98 21.85
N THR B 120 36.80 -30.19 22.75
CA THR B 120 37.61 -31.39 22.74
C THR B 120 36.76 -32.64 22.86
N GLN B 121 36.05 -32.79 23.98
CA GLN B 121 35.39 -34.07 24.14
C GLN B 121 34.49 -34.30 22.95
N ILE B 122 33.66 -33.30 22.66
CA ILE B 122 32.66 -33.50 21.62
C ILE B 122 33.34 -33.85 20.32
N MET B 123 34.53 -33.30 20.08
CA MET B 123 35.25 -33.69 18.90
C MET B 123 35.59 -35.16 18.94
N PHE B 124 35.99 -35.66 20.10
CA PHE B 124 36.15 -37.12 20.20
C PHE B 124 34.84 -37.84 19.92
N GLU B 125 33.75 -37.44 20.55
CA GLU B 125 32.57 -38.32 20.52
C GLU B 125 31.89 -38.20 19.18
N THR B 126 31.43 -36.99 18.86
CA THR B 126 30.85 -36.75 17.55
C THR B 126 31.85 -37.12 16.47
N PHE B 127 33.13 -37.13 16.79
CA PHE B 127 34.15 -37.18 15.77
C PHE B 127 35.08 -38.37 15.86
N ASN B 128 35.40 -38.82 17.05
CA ASN B 128 36.21 -40.01 17.21
C ASN B 128 37.44 -39.97 16.33
N VAL B 129 37.89 -38.77 15.99
CA VAL B 129 39.13 -38.61 15.26
C VAL B 129 40.14 -39.51 15.94
N PRO B 130 41.18 -39.95 15.24
CA PRO B 130 42.17 -40.78 15.93
C PRO B 130 42.69 -40.12 17.19
N ALA B 131 42.91 -38.81 17.12
CA ALA B 131 43.21 -37.99 18.26
C ALA B 131 43.28 -36.56 17.77
N MET B 132 42.98 -35.64 18.66
CA MET B 132 43.02 -34.23 18.32
C MET B 132 44.21 -33.59 19.00
N TYR B 133 44.30 -32.28 18.83
CA TYR B 133 45.26 -31.50 19.59
C TYR B 133 45.00 -30.03 19.28
N VAL B 134 45.03 -29.19 20.29
CA VAL B 134 44.75 -27.78 20.06
C VAL B 134 46.06 -27.02 20.00
N ALA B 135 45.99 -25.81 19.49
CA ALA B 135 47.17 -24.95 19.43
C ALA B 135 46.72 -23.52 19.21
N ILE B 136 47.34 -22.60 19.94
CA ILE B 136 46.99 -21.20 19.78
C ILE B 136 47.24 -20.78 18.35
N GLN B 137 46.14 -20.43 17.67
CA GLN B 137 46.24 -19.66 16.45
C GLN B 137 47.43 -18.72 16.48
N ALA B 138 47.60 -17.99 17.57
CA ALA B 138 48.74 -17.09 17.68
C ALA B 138 50.03 -17.87 17.50
N VAL B 139 50.23 -18.88 18.33
CA VAL B 139 51.44 -19.69 18.24
C VAL B 139 51.55 -20.31 16.87
N LEU B 140 50.41 -20.72 16.31
CA LEU B 140 50.41 -21.41 15.05
C LEU B 140 51.03 -20.54 13.97
N SER B 141 50.52 -19.32 13.82
CA SER B 141 51.21 -18.33 13.01
C SER B 141 52.66 -18.22 13.42
N LEU B 142 52.91 -18.24 14.73
CA LEU B 142 54.27 -18.03 15.20
C LEU B 142 55.23 -18.96 14.50
N TYR B 143 55.06 -20.25 14.67
CA TYR B 143 55.87 -21.16 13.89
C TYR B 143 55.69 -20.85 12.42
N ALA B 144 54.44 -20.62 12.02
CA ALA B 144 54.17 -20.08 10.70
C ALA B 144 55.07 -18.91 10.39
N SER B 145 55.62 -18.26 11.42
CA SER B 145 56.64 -17.25 11.19
C SER B 145 58.00 -17.89 10.98
N GLY B 146 58.36 -18.85 11.82
CA GLY B 146 59.66 -19.45 11.74
C GLY B 146 60.79 -18.56 12.17
N ARG B 147 60.53 -17.27 12.34
CA ARG B 147 61.49 -16.40 13.00
C ARG B 147 61.28 -16.55 14.51
N THR B 148 61.77 -17.67 15.05
CA THR B 148 61.45 -18.05 16.41
C THR B 148 61.70 -16.94 17.42
N THR B 149 62.41 -15.89 17.03
CA THR B 149 62.62 -14.74 17.90
C THR B 149 61.89 -13.54 17.31
N GLY B 150 61.41 -12.65 18.18
CA GLY B 150 60.65 -11.49 17.75
C GLY B 150 59.16 -11.63 17.98
N ILE B 151 58.48 -10.49 18.09
CA ILE B 151 57.03 -10.47 18.19
C ILE B 151 56.44 -10.70 16.80
N VAL B 152 55.18 -11.10 16.77
CA VAL B 152 54.38 -11.05 15.56
C VAL B 152 53.12 -10.26 15.85
N LEU B 153 52.72 -9.42 14.91
CA LEU B 153 51.48 -8.67 15.01
C LEU B 153 50.40 -9.46 14.30
N ASP B 154 49.52 -10.07 15.08
CA ASP B 154 48.45 -10.92 14.54
C ASP B 154 47.17 -10.12 14.50
N SER B 155 46.93 -9.43 13.40
CA SER B 155 45.66 -8.78 13.14
C SER B 155 45.10 -9.43 11.89
N GLY B 156 44.42 -10.55 12.08
CA GLY B 156 44.20 -11.44 10.97
C GLY B 156 42.79 -11.52 10.44
N ASP B 157 42.25 -12.74 10.43
CA ASP B 157 40.91 -12.93 9.90
C ASP B 157 39.97 -11.89 10.51
N GLY B 158 39.90 -11.86 11.83
CA GLY B 158 39.26 -10.78 12.55
C GLY B 158 39.92 -10.54 13.91
N VAL B 159 41.16 -10.99 14.07
CA VAL B 159 41.80 -11.10 15.38
C VAL B 159 42.85 -10.02 15.51
N THR B 160 43.43 -9.92 16.71
CA THR B 160 44.53 -9.00 16.94
C THR B 160 45.25 -9.32 18.23
N HIS B 161 46.53 -9.65 18.12
CA HIS B 161 47.42 -9.76 19.26
C HIS B 161 48.79 -9.26 18.86
N ASN B 162 49.61 -9.01 19.86
CA ASN B 162 51.05 -8.91 19.68
C ASN B 162 51.68 -10.18 20.24
N VAL B 163 52.65 -10.72 19.51
CA VAL B 163 53.21 -12.01 19.91
C VAL B 163 54.73 -11.92 20.04
N PRO B 164 55.22 -11.26 21.08
CA PRO B 164 56.66 -11.21 21.28
C PRO B 164 57.21 -12.62 21.36
N ILE B 165 58.31 -12.86 20.68
CA ILE B 165 58.86 -14.21 20.61
C ILE B 165 60.36 -14.11 20.42
N TYR B 166 61.06 -15.20 20.73
CA TYR B 166 62.52 -15.15 20.83
C TYR B 166 63.00 -16.59 20.71
N GLU B 167 63.46 -16.96 19.53
CA GLU B 167 63.72 -18.35 19.18
C GLU B 167 62.66 -19.25 19.81
N GLY B 168 61.41 -18.97 19.50
CA GLY B 168 60.31 -19.67 20.10
C GLY B 168 59.89 -19.09 21.43
N TYR B 169 60.67 -18.17 21.97
CA TYR B 169 60.47 -17.68 23.33
C TYR B 169 59.63 -16.41 23.29
N ALA B 170 58.43 -16.50 23.85
CA ALA B 170 57.46 -15.42 23.87
C ALA B 170 57.10 -15.08 25.32
N LEU B 171 56.86 -13.81 25.59
CA LEU B 171 56.45 -13.41 26.92
C LEU B 171 54.96 -13.14 26.94
N PRO B 172 54.15 -14.02 27.53
CA PRO B 172 52.72 -13.75 27.60
C PRO B 172 52.46 -12.46 28.32
N HIS B 173 53.24 -12.16 29.35
CA HIS B 173 53.06 -10.91 30.07
C HIS B 173 53.03 -9.74 29.11
N ALA B 174 54.03 -9.66 28.23
CA ALA B 174 54.05 -8.61 27.23
C ALA B 174 53.03 -8.83 26.12
N ILE B 175 52.39 -9.99 26.07
CA ILE B 175 51.52 -10.34 24.95
C ILE B 175 50.14 -9.76 25.18
N MET B 176 49.47 -9.36 24.09
CA MET B 176 48.25 -8.59 24.15
C MET B 176 47.33 -8.88 22.97
N ARG B 177 46.08 -8.44 23.11
CA ARG B 177 45.08 -8.47 22.04
C ARG B 177 44.62 -7.05 21.75
N LEU B 178 44.21 -6.82 20.52
CA LEU B 178 43.44 -5.63 20.16
C LEU B 178 42.08 -6.07 19.66
N ASP B 179 41.04 -5.78 20.44
CA ASP B 179 39.72 -6.25 20.10
C ASP B 179 39.37 -5.99 18.65
N LEU B 180 40.07 -5.07 18.01
CA LEU B 180 39.73 -4.70 16.65
C LEU B 180 39.58 -5.94 15.78
N ALA B 181 38.56 -5.92 14.93
CA ALA B 181 38.37 -6.92 13.90
C ALA B 181 37.99 -6.20 12.63
N GLY B 182 38.50 -6.69 11.50
CA GLY B 182 38.08 -6.14 10.22
C GLY B 182 36.58 -5.92 10.19
N ARG B 183 35.84 -6.80 10.85
CA ARG B 183 34.46 -6.52 11.19
C ARG B 183 34.31 -5.16 11.85
N ASP B 184 35.20 -4.81 12.76
CA ASP B 184 35.06 -3.53 13.43
C ASP B 184 35.17 -2.39 12.44
N LEU B 185 36.18 -2.49 11.57
CA LEU B 185 36.37 -1.48 10.56
C LEU B 185 35.13 -1.41 9.69
N THR B 186 34.70 -2.58 9.22
CA THR B 186 33.37 -2.75 8.65
C THR B 186 32.38 -1.83 9.33
N ASP B 187 32.35 -1.90 10.64
CA ASP B 187 31.40 -1.13 11.39
C ASP B 187 31.55 0.33 11.04
N TYR B 188 32.68 0.90 11.42
CA TYR B 188 32.79 2.33 11.23
C TYR B 188 32.50 2.72 9.80
N LEU B 189 32.85 1.85 8.87
CA LEU B 189 32.50 2.08 7.49
C LEU B 189 31.02 2.24 7.32
N MET B 190 30.26 1.31 7.86
CA MET B 190 28.81 1.45 7.75
C MET B 190 28.41 2.78 8.33
N LYS B 191 28.89 3.06 9.54
CA LYS B 191 28.65 4.34 10.18
C LYS B 191 28.77 5.45 9.17
N ILE B 192 29.96 5.59 8.62
CA ILE B 192 30.29 6.73 7.79
C ILE B 192 29.45 6.73 6.53
N LEU B 193 29.64 5.72 5.68
CA LEU B 193 29.00 5.74 4.38
C LEU B 193 27.51 5.99 4.52
N THR B 194 26.86 5.25 5.42
CA THR B 194 25.42 5.41 5.63
C THR B 194 25.13 6.86 5.98
N GLU B 195 25.66 7.33 7.10
CA GLU B 195 25.39 8.72 7.48
C GLU B 195 25.74 9.68 6.35
N ARG B 196 26.78 9.35 5.60
CA ARG B 196 27.25 10.13 4.47
C ARG B 196 26.35 10.05 3.25
N GLY B 197 25.17 9.47 3.39
CA GLY B 197 24.28 9.45 2.25
C GLY B 197 23.87 8.06 1.88
N TYR B 198 23.94 7.14 2.83
CA TYR B 198 23.76 5.75 2.47
C TYR B 198 22.94 5.08 3.55
N SER B 199 22.29 3.97 3.19
CA SER B 199 21.40 3.26 4.12
C SER B 199 21.84 1.81 4.16
N PHE B 200 22.86 1.52 4.95
CA PHE B 200 23.65 0.31 4.75
C PHE B 200 23.80 -0.42 6.09
N VAL B 201 22.88 -1.35 6.34
CA VAL B 201 22.82 -2.01 7.64
C VAL B 201 22.74 -3.51 7.49
N THR B 202 22.33 -3.98 6.33
CA THR B 202 21.85 -5.35 6.27
C THR B 202 23.01 -6.32 6.28
N THR B 203 22.72 -7.52 6.76
CA THR B 203 23.78 -8.50 6.98
C THR B 203 24.70 -8.59 5.79
N ALA B 204 24.18 -9.03 4.65
CA ALA B 204 25.00 -9.05 3.44
C ALA B 204 25.35 -7.64 3.01
N GLU B 205 24.62 -6.65 3.52
CA GLU B 205 25.09 -5.28 3.31
C GLU B 205 26.44 -5.13 3.95
N ARG B 206 26.56 -5.63 5.17
CA ARG B 206 27.86 -5.79 5.80
C ARG B 206 28.77 -6.65 4.93
N GLU B 207 28.19 -7.62 4.24
CA GLU B 207 29.00 -8.44 3.36
C GLU B 207 29.68 -7.58 2.32
N ILE B 208 28.88 -6.79 1.62
CA ILE B 208 29.40 -5.93 0.57
C ILE B 208 30.46 -5.02 1.15
N VAL B 209 30.19 -4.44 2.31
CA VAL B 209 31.11 -3.45 2.84
C VAL B 209 32.44 -4.09 3.18
N ARG B 210 32.41 -5.27 3.79
CA ARG B 210 33.66 -5.96 4.07
C ARG B 210 34.39 -6.28 2.78
N ASP B 211 33.65 -6.69 1.77
CA ASP B 211 34.25 -6.86 0.48
C ASP B 211 34.92 -5.58 0.05
N ILE B 212 34.24 -4.46 0.29
CA ILE B 212 34.73 -3.16 -0.11
C ILE B 212 36.07 -2.91 0.51
N LYS B 213 36.14 -3.10 1.81
CA LYS B 213 37.40 -2.88 2.50
C LYS B 213 38.47 -3.77 1.90
N GLU B 214 38.19 -5.06 1.82
CA GLU B 214 39.24 -6.00 1.47
C GLU B 214 39.62 -5.89 0.01
N LYS B 215 38.86 -5.15 -0.79
CA LYS B 215 39.25 -4.93 -2.17
C LYS B 215 39.79 -3.55 -2.44
N LEU B 216 39.30 -2.54 -1.81
CA LEU B 216 39.64 -1.18 -2.16
C LEU B 216 40.09 -0.35 -0.98
N CYS B 217 39.46 -0.52 0.18
CA CYS B 217 39.82 0.31 1.32
C CYS B 217 41.26 0.07 1.71
N TYR B 218 41.95 1.15 2.05
CA TYR B 218 43.38 1.15 2.26
C TYR B 218 43.68 2.07 3.43
N VAL B 219 44.94 2.47 3.52
CA VAL B 219 45.34 3.60 4.35
C VAL B 219 46.55 4.28 3.71
N ALA B 220 46.61 5.60 3.86
CA ALA B 220 47.81 6.34 3.54
C ALA B 220 48.66 6.50 4.79
N LEU B 221 49.97 6.32 4.61
CA LEU B 221 50.92 6.50 5.69
C LEU B 221 50.53 7.66 6.59
N ASP B 222 50.51 8.85 6.03
CA ASP B 222 50.18 10.06 6.78
C ASP B 222 48.68 10.26 6.80
N PHE B 223 48.26 11.19 7.65
CA PHE B 223 46.89 11.61 7.77
C PHE B 223 46.67 13.07 7.42
N GLU B 224 47.31 13.96 8.15
CA GLU B 224 46.85 15.34 8.16
C GLU B 224 47.16 16.04 6.85
N ASN B 225 48.42 15.97 6.42
CA ASN B 225 48.70 16.30 5.04
C ASN B 225 47.98 15.35 4.12
N GLU B 226 47.95 14.07 4.49
CA GLU B 226 47.08 13.14 3.79
C GLU B 226 45.64 13.63 3.83
N MET B 227 45.25 14.22 4.95
CA MET B 227 43.93 14.83 5.05
C MET B 227 43.73 15.92 4.01
N ALA B 228 44.69 16.83 3.89
CA ALA B 228 44.54 17.87 2.89
C ALA B 228 44.44 17.24 1.51
N THR B 229 45.31 16.28 1.24
CA THR B 229 45.19 15.49 0.02
C THR B 229 43.75 15.09 -0.19
N ALA B 230 43.17 14.44 0.82
CA ALA B 230 41.77 14.07 0.76
C ALA B 230 40.91 15.29 0.45
N ALA B 231 41.33 16.46 0.91
CA ALA B 231 40.50 17.65 0.80
C ALA B 231 40.05 17.89 -0.62
N SER B 232 40.89 17.54 -1.61
CA SER B 232 40.48 17.66 -3.00
C SER B 232 40.97 16.53 -3.89
N SER B 233 41.74 15.59 -3.38
CA SER B 233 42.40 14.61 -4.24
C SER B 233 41.33 13.82 -4.98
N SER B 234 41.20 14.09 -6.27
CA SER B 234 40.16 13.45 -7.06
C SER B 234 40.44 11.99 -7.34
N SER B 235 41.73 11.61 -7.41
CA SER B 235 42.07 10.24 -7.77
C SER B 235 41.35 9.25 -6.86
N LEU B 236 41.48 9.42 -5.55
CA LEU B 236 40.73 8.61 -4.62
C LEU B 236 39.24 8.70 -4.85
N GLU B 237 38.78 9.82 -5.39
CA GLU B 237 37.35 10.12 -5.45
C GLU B 237 36.68 9.21 -6.48
N LYS B 238 36.65 7.93 -6.13
CA LYS B 238 36.25 6.87 -7.05
C LYS B 238 35.06 6.11 -6.49
N SER B 239 34.03 5.97 -7.33
CA SER B 239 32.84 5.21 -7.00
C SER B 239 33.02 3.78 -7.43
N TYR B 240 32.67 2.86 -6.54
CA TYR B 240 32.70 1.45 -6.89
C TYR B 240 31.32 0.87 -7.06
N GLU B 241 31.16 0.07 -8.10
CA GLU B 241 29.92 -0.62 -8.36
C GLU B 241 29.40 -1.30 -7.10
N LEU B 242 28.30 -0.81 -6.60
CA LEU B 242 27.63 -1.51 -5.53
C LEU B 242 27.05 -2.81 -6.10
N PRO B 243 27.27 -3.95 -5.45
CA PRO B 243 26.90 -5.22 -6.07
C PRO B 243 25.43 -5.38 -6.31
N ASP B 244 24.59 -4.48 -5.82
CA ASP B 244 23.27 -4.37 -6.42
C ASP B 244 23.40 -4.09 -7.90
N GLY B 245 24.51 -3.47 -8.29
CA GLY B 245 24.68 -2.85 -9.59
C GLY B 245 24.96 -1.37 -9.49
N GLN B 246 24.52 -0.74 -8.41
CA GLN B 246 24.95 0.61 -8.10
C GLN B 246 26.48 0.63 -8.13
N VAL B 247 27.04 1.82 -8.30
CA VAL B 247 28.48 2.01 -8.19
C VAL B 247 28.72 2.91 -6.99
N ILE B 248 28.89 2.30 -5.83
CA ILE B 248 29.14 3.05 -4.61
C ILE B 248 30.32 3.97 -4.86
N THR B 249 30.15 5.25 -4.58
CA THR B 249 31.27 6.18 -4.73
C THR B 249 32.13 6.14 -3.48
N ILE B 250 33.42 6.38 -3.67
CA ILE B 250 34.36 6.26 -2.56
C ILE B 250 35.36 7.39 -2.59
N GLY B 251 35.65 7.92 -1.41
CA GLY B 251 36.71 8.87 -1.20
C GLY B 251 37.51 8.55 0.05
N ASN B 252 37.53 9.51 0.96
CA ASN B 252 38.43 9.47 2.10
C ASN B 252 38.26 8.22 2.94
N GLU B 253 37.08 7.62 2.91
CA GLU B 253 36.84 6.42 3.70
C GLU B 253 37.89 5.36 3.43
N ARG B 254 38.14 5.06 2.16
CA ARG B 254 38.84 3.85 1.73
C ARG B 254 40.05 3.61 2.64
N PHE B 255 40.58 4.69 3.14
CA PHE B 255 41.61 4.69 4.14
C PHE B 255 41.14 5.09 5.53
N ARG B 256 40.19 6.02 5.64
CA ARG B 256 39.75 6.39 6.96
C ARG B 256 38.99 5.28 7.66
N CYS B 257 38.80 4.14 7.00
CA CYS B 257 38.30 2.98 7.75
C CYS B 257 39.39 2.40 8.62
N PRO B 258 40.43 1.80 8.08
CA PRO B 258 41.29 0.95 8.89
C PRO B 258 42.13 1.74 9.88
N GLU B 259 42.69 2.86 9.40
CA GLU B 259 43.72 3.57 10.13
C GLU B 259 43.41 3.71 11.61
N THR B 260 42.14 3.77 11.99
CA THR B 260 41.82 3.98 13.39
C THR B 260 42.37 2.88 14.27
N LEU B 261 42.76 1.74 13.70
CA LEU B 261 43.47 0.73 14.49
C LEU B 261 44.61 1.36 15.26
N PHE B 262 45.08 2.53 14.83
CA PHE B 262 46.06 3.27 15.58
C PHE B 262 45.43 4.35 16.44
N GLN B 263 44.16 4.62 16.23
CA GLN B 263 43.43 5.64 16.98
C GLN B 263 41.97 5.20 17.13
N PRO B 264 41.69 4.41 18.17
CA PRO B 264 40.32 3.94 18.40
C PRO B 264 39.35 5.06 18.69
N SER B 265 39.87 6.25 18.96
CA SER B 265 39.02 7.44 18.96
C SER B 265 37.94 7.31 17.92
N PHE B 266 38.32 6.90 16.72
CA PHE B 266 37.34 6.76 15.66
C PHE B 266 36.35 5.65 15.98
N ILE B 267 36.84 4.57 16.56
CA ILE B 267 35.97 3.54 17.11
C ILE B 267 35.65 3.98 18.52
N GLY B 268 36.18 5.14 18.90
CA GLY B 268 36.03 5.68 20.23
C GLY B 268 36.67 4.81 21.28
N MET B 269 37.33 3.73 20.87
CA MET B 269 37.85 2.80 21.85
C MET B 269 38.89 3.48 22.74
N GLU B 270 38.84 3.16 24.03
CA GLU B 270 39.84 3.64 24.96
C GLU B 270 41.22 3.14 24.60
N SER B 271 41.30 2.12 23.76
CA SER B 271 42.56 1.44 23.50
C SER B 271 43.51 2.37 22.76
N ALA B 272 44.65 1.81 22.37
CA ALA B 272 45.68 2.52 21.63
C ALA B 272 46.06 1.75 20.37
N GLY B 273 46.64 2.47 19.41
CA GLY B 273 46.98 1.89 18.13
C GLY B 273 47.78 0.61 18.25
N ILE B 274 47.77 -0.14 17.16
CA ILE B 274 48.48 -1.42 17.15
C ILE B 274 49.96 -1.19 17.36
N HIS B 275 50.50 -0.18 16.69
CA HIS B 275 51.93 0.11 16.72
C HIS B 275 52.45 0.24 18.14
N GLU B 276 51.84 1.10 18.94
CA GLU B 276 52.40 1.33 20.26
C GLU B 276 52.08 0.20 21.21
N THR B 277 51.05 -0.57 20.92
CA THR B 277 50.95 -1.87 21.55
C THR B 277 52.24 -2.65 21.30
N THR B 278 52.64 -2.71 20.04
CA THR B 278 53.91 -3.32 19.73
C THR B 278 55.02 -2.72 20.58
N TYR B 279 55.04 -1.40 20.68
CA TYR B 279 56.19 -0.72 21.26
C TYR B 279 56.24 -0.89 22.77
N ASN B 280 55.11 -0.76 23.43
CA ASN B 280 55.11 -0.98 24.86
C ASN B 280 55.40 -2.44 25.16
N SER B 281 54.93 -3.35 24.31
CA SER B 281 55.35 -4.73 24.45
C SER B 281 56.86 -4.82 24.41
N ILE B 282 57.45 -4.28 23.36
CA ILE B 282 58.88 -4.44 23.15
C ILE B 282 59.65 -3.84 24.31
N MET B 283 59.28 -2.62 24.71
CA MET B 283 59.87 -2.04 25.90
C MET B 283 59.74 -2.99 27.08
N LYS B 284 58.59 -3.65 27.22
CA LYS B 284 58.52 -4.72 28.20
C LYS B 284 59.56 -5.79 27.92
N CYS B 285 59.87 -6.03 26.67
CA CYS B 285 60.85 -7.04 26.34
C CYS B 285 62.20 -6.66 26.94
N ASP B 286 63.14 -7.60 26.93
CA ASP B 286 64.37 -7.36 27.66
C ASP B 286 65.06 -6.20 26.96
N ILE B 287 66.21 -5.79 27.49
CA ILE B 287 66.83 -4.56 27.03
C ILE B 287 67.10 -4.63 25.53
N ASP B 288 67.68 -5.73 25.07
CA ASP B 288 68.20 -5.79 23.72
C ASP B 288 67.50 -6.80 22.84
N ILE B 289 66.51 -7.51 23.36
CA ILE B 289 65.55 -8.12 22.45
C ILE B 289 65.09 -7.10 21.42
N ARG B 290 65.00 -5.84 21.81
CA ARG B 290 64.29 -4.88 20.98
C ARG B 290 64.79 -4.89 19.55
N LYS B 291 66.10 -4.94 19.34
CA LYS B 291 66.62 -5.10 17.99
C LYS B 291 66.15 -6.42 17.38
N ASP B 292 66.05 -7.45 18.22
CA ASP B 292 65.47 -8.71 17.74
C ASP B 292 64.11 -8.44 17.13
N LEU B 293 63.25 -7.80 17.90
CA LEU B 293 61.98 -7.35 17.39
C LEU B 293 62.16 -6.68 16.05
N TYR B 294 63.03 -5.67 16.04
CA TYR B 294 63.18 -4.81 14.89
C TYR B 294 63.45 -5.64 13.65
N ALA B 295 64.21 -6.70 13.79
CA ALA B 295 64.35 -7.62 12.68
C ALA B 295 63.18 -8.58 12.56
N ASN B 296 62.34 -8.66 13.59
CA ASN B 296 61.34 -9.70 13.76
C ASN B 296 59.96 -9.11 13.92
N ASN B 297 59.79 -7.89 13.45
CA ASN B 297 58.57 -7.14 13.69
C ASN B 297 57.51 -7.76 12.78
N VAL B 298 57.20 -9.03 13.04
CA VAL B 298 56.38 -9.80 12.13
C VAL B 298 54.93 -9.36 12.28
N LEU B 299 54.40 -8.72 11.25
CA LEU B 299 52.95 -8.62 11.20
C LEU B 299 52.33 -9.97 10.86
N SER B 300 51.08 -10.10 11.25
CA SER B 300 50.26 -11.23 10.83
C SER B 300 48.81 -10.79 10.78
N GLY B 301 48.09 -11.30 9.79
CA GLY B 301 46.68 -10.97 9.62
C GLY B 301 46.31 -10.35 8.29
N GLY B 302 45.63 -11.13 7.44
CA GLY B 302 45.39 -10.70 6.08
C GLY B 302 44.50 -9.49 5.98
N THR B 303 43.42 -9.44 6.75
CA THR B 303 42.55 -8.29 6.69
C THR B 303 43.36 -7.00 6.78
N THR B 304 44.50 -7.03 7.48
CA THR B 304 45.47 -5.96 7.56
C THR B 304 46.28 -5.84 6.34
N MET B 305 45.85 -6.54 5.30
CA MET B 305 46.59 -6.61 4.04
C MET B 305 46.73 -5.25 3.38
N TYR B 306 46.22 -4.21 4.01
CA TYR B 306 46.05 -2.96 3.30
C TYR B 306 47.39 -2.35 2.92
N PRO B 307 47.38 -1.21 2.26
CA PRO B 307 48.63 -0.57 1.91
C PRO B 307 49.40 -0.18 3.16
N GLY B 308 50.65 0.19 2.96
CA GLY B 308 51.41 0.93 3.94
C GLY B 308 51.51 0.26 5.27
N ILE B 309 50.90 -0.92 5.40
CA ILE B 309 50.69 -1.50 6.72
C ILE B 309 51.98 -1.37 7.51
N ALA B 310 53.03 -2.01 7.01
CA ALA B 310 54.36 -1.76 7.56
C ALA B 310 54.73 -0.30 7.40
N ASP B 311 54.47 0.29 6.23
CA ASP B 311 54.85 1.69 6.05
C ASP B 311 54.67 2.47 7.33
N ARG B 312 53.44 2.58 7.82
CA ARG B 312 53.30 3.10 9.16
C ARG B 312 54.11 2.30 10.14
N MET B 313 53.90 0.98 10.20
CA MET B 313 54.51 0.21 11.27
C MET B 313 55.87 0.78 11.61
N GLN B 314 56.77 0.73 10.63
CA GLN B 314 58.08 1.34 10.74
C GLN B 314 58.02 2.83 11.04
N LYS B 315 57.19 3.61 10.33
CA LYS B 315 57.41 5.04 10.51
C LYS B 315 57.19 5.40 11.97
N GLU B 316 56.07 4.98 12.55
CA GLU B 316 55.82 5.31 13.94
C GLU B 316 56.83 4.65 14.87
N ILE B 317 57.16 3.37 14.64
CA ILE B 317 58.13 2.80 15.57
C ILE B 317 59.38 3.65 15.58
N THR B 318 59.87 3.97 14.39
CA THR B 318 60.83 5.06 14.24
C THR B 318 60.49 6.21 15.16
N ALA B 319 59.32 6.80 14.95
CA ALA B 319 58.88 7.95 15.73
C ALA B 319 59.05 7.69 17.21
N LEU B 320 59.16 6.42 17.59
CA LEU B 320 59.25 6.01 18.97
C LEU B 320 60.57 5.31 19.23
N ALA B 321 60.99 4.47 18.30
CA ALA B 321 62.19 3.69 18.49
C ALA B 321 63.43 4.57 18.39
N PRO B 322 64.50 4.20 19.09
CA PRO B 322 65.79 4.86 18.84
C PRO B 322 66.34 4.49 17.47
N SER B 323 66.63 5.52 16.67
CA SER B 323 67.21 5.27 15.36
C SER B 323 68.49 4.48 15.48
N THR B 324 69.13 4.55 16.64
CA THR B 324 70.18 3.60 16.98
C THR B 324 69.85 2.24 16.41
N MET B 325 68.69 1.72 16.78
CA MET B 325 68.30 0.40 16.34
C MET B 325 67.65 0.48 14.97
N LYS B 326 67.76 -0.62 14.23
CA LYS B 326 67.18 -0.71 12.89
C LYS B 326 65.98 -1.64 12.95
N ILE B 327 64.83 -1.15 12.50
CA ILE B 327 63.57 -1.86 12.62
C ILE B 327 63.35 -2.68 11.37
N LYS B 328 62.55 -3.73 11.48
CA LYS B 328 62.01 -4.37 10.29
C LYS B 328 60.80 -5.17 10.70
N ILE B 329 59.64 -4.66 10.39
CA ILE B 329 58.41 -5.43 10.49
C ILE B 329 58.40 -6.53 9.44
N ILE B 330 57.73 -7.62 9.77
CA ILE B 330 57.68 -8.81 8.92
C ILE B 330 56.23 -9.18 8.69
N ALA B 331 55.83 -9.24 7.42
CA ALA B 331 54.47 -9.60 7.05
C ALA B 331 54.48 -10.20 5.65
N PRO B 332 54.33 -11.52 5.55
CA PRO B 332 54.14 -12.13 4.25
C PRO B 332 52.81 -11.69 3.67
N PRO B 333 52.67 -11.71 2.36
CA PRO B 333 51.32 -11.55 1.80
C PRO B 333 50.37 -12.59 2.31
N GLU B 334 50.85 -13.80 2.58
CA GLU B 334 50.00 -14.98 2.71
C GLU B 334 49.64 -15.22 4.16
N ARG B 335 49.27 -14.16 4.85
CA ARG B 335 49.23 -14.23 6.30
C ARG B 335 48.03 -15.05 6.78
N LYS B 336 46.93 -14.99 6.03
CA LYS B 336 45.83 -15.90 6.33
C LYS B 336 46.33 -17.33 6.47
N TYR B 337 47.04 -17.81 5.46
CA TYR B 337 47.36 -19.21 5.37
C TYR B 337 48.50 -19.53 6.28
N SER B 338 49.40 -18.55 6.44
CA SER B 338 50.52 -18.67 7.35
C SER B 338 50.14 -19.42 8.60
N VAL B 339 49.13 -18.94 9.31
CA VAL B 339 48.72 -19.66 10.51
C VAL B 339 48.38 -21.09 10.16
N TRP B 340 47.56 -21.28 9.13
CA TRP B 340 47.29 -22.63 8.67
C TRP B 340 48.60 -23.33 8.34
N ILE B 341 49.52 -22.61 7.69
CA ILE B 341 50.71 -23.26 7.20
C ILE B 341 51.51 -23.83 8.37
N GLY B 342 51.79 -22.98 9.35
CA GLY B 342 52.56 -23.41 10.51
C GLY B 342 51.85 -24.50 11.28
N GLY B 343 50.52 -24.44 11.34
CA GLY B 343 49.80 -25.54 11.95
C GLY B 343 49.98 -26.83 11.19
N SER B 344 49.83 -26.75 9.87
CA SER B 344 50.14 -27.90 9.03
C SER B 344 51.52 -28.41 9.34
N ILE B 345 52.43 -27.50 9.67
CA ILE B 345 53.79 -27.89 9.97
C ILE B 345 53.83 -28.67 11.26
N LEU B 346 53.50 -27.98 12.35
CA LEU B 346 53.55 -28.58 13.67
C LEU B 346 52.85 -29.91 13.67
N ALA B 347 51.55 -29.91 13.38
CA ALA B 347 50.84 -31.17 13.34
C ALA B 347 51.58 -32.14 12.44
N SER B 348 51.86 -31.72 11.21
CA SER B 348 52.69 -32.50 10.32
C SER B 348 54.05 -32.79 10.90
N LEU B 349 54.43 -32.14 11.98
CA LEU B 349 55.73 -32.41 12.57
C LEU B 349 55.74 -33.79 13.19
N SER B 350 56.22 -34.77 12.41
CA SER B 350 56.16 -36.17 12.82
C SER B 350 56.79 -36.37 14.17
N THR B 351 57.86 -35.65 14.45
CA THR B 351 58.58 -35.90 15.68
C THR B 351 57.72 -35.47 16.88
N PHE B 352 56.44 -35.18 16.61
CA PHE B 352 55.62 -34.48 17.59
C PHE B 352 54.27 -35.13 17.85
N GLN B 353 54.00 -36.30 17.28
CA GLN B 353 52.66 -36.85 17.46
C GLN B 353 52.36 -37.14 18.91
N GLN B 354 53.38 -37.20 19.76
CA GLN B 354 53.12 -37.45 21.16
C GLN B 354 52.11 -36.48 21.76
N MET B 355 52.02 -35.27 21.25
CA MET B 355 51.16 -34.26 21.87
C MET B 355 49.68 -34.50 21.62
N TRP B 356 49.30 -35.02 20.46
CA TRP B 356 47.88 -35.05 20.14
C TRP B 356 47.01 -35.62 21.23
N ILE B 357 45.82 -35.05 21.30
CA ILE B 357 44.79 -35.33 22.29
C ILE B 357 44.24 -36.71 21.97
N SER B 358 44.61 -37.71 22.76
CA SER B 358 44.09 -39.03 22.50
C SER B 358 42.73 -39.18 23.18
N LYS B 359 41.83 -39.87 22.49
CA LYS B 359 40.57 -40.24 23.12
C LYS B 359 40.80 -40.68 24.55
N GLN B 360 41.63 -41.70 24.74
CA GLN B 360 41.84 -42.26 26.06
C GLN B 360 42.27 -41.18 27.05
N GLU B 361 43.40 -40.55 26.79
CA GLU B 361 43.92 -39.56 27.72
C GLU B 361 42.79 -38.71 28.28
N TYR B 362 42.01 -38.10 27.40
CA TYR B 362 40.77 -37.48 27.84
C TYR B 362 40.00 -38.42 28.74
N ASP B 363 39.78 -39.64 28.26
CA ASP B 363 38.83 -40.54 28.89
C ASP B 363 39.16 -40.69 30.36
N GLU B 364 40.41 -41.06 30.63
CA GLU B 364 40.86 -41.20 32.00
C GLU B 364 40.77 -39.88 32.75
N ALA B 365 41.19 -38.80 32.12
CA ALA B 365 41.18 -37.50 32.78
C ALA B 365 40.05 -36.61 32.30
N GLY B 366 39.04 -37.18 31.65
CA GLY B 366 37.99 -36.38 31.08
C GLY B 366 38.60 -35.28 30.26
N PRO B 367 37.87 -34.16 30.12
CA PRO B 367 38.44 -33.03 29.38
C PRO B 367 39.48 -32.29 30.19
N SER B 368 39.22 -32.07 31.46
CA SER B 368 40.14 -31.33 32.30
C SER B 368 41.58 -31.76 32.05
N ILE B 369 41.79 -33.02 31.68
CA ILE B 369 43.12 -33.45 31.25
C ILE B 369 43.77 -32.40 30.41
N VAL B 370 43.06 -31.89 29.42
CA VAL B 370 43.60 -31.06 28.36
C VAL B 370 44.52 -29.99 28.91
N HIS B 371 44.29 -29.59 30.15
CA HIS B 371 44.80 -28.30 30.56
C HIS B 371 46.26 -28.38 30.94
N ARG B 372 46.56 -29.06 32.03
CA ARG B 372 47.93 -29.11 32.48
C ARG B 372 48.78 -29.93 31.54
N LYS B 373 50.00 -29.45 31.28
CA LYS B 373 51.01 -30.19 30.55
C LYS B 373 50.47 -30.63 29.20
N CYS B 374 49.37 -30.03 28.78
CA CYS B 374 48.81 -30.35 27.48
C CYS B 374 47.85 -29.25 27.10
N PHE B 375 47.67 -29.09 25.79
CA PHE B 375 46.59 -28.33 25.16
C PHE B 375 46.53 -28.76 23.70
N ASP C 1 11.30 46.81 14.99
CA ASP C 1 10.58 47.77 15.83
C ASP C 1 10.67 47.38 17.29
N ASP C 2 11.79 46.80 17.68
CA ASP C 2 12.00 46.35 19.05
C ASP C 2 13.50 46.26 19.30
N GLU C 3 13.89 45.56 20.37
CA GLU C 3 15.29 45.44 20.73
C GLU C 3 16.01 44.44 19.84
N GLU C 4 17.21 44.02 20.23
CA GLU C 4 18.16 43.36 19.33
C GLU C 4 17.51 42.35 18.41
N THR C 5 16.97 41.26 18.96
CA THR C 5 16.28 40.26 18.16
C THR C 5 15.81 39.13 19.05
N THR C 6 14.98 38.28 18.49
CA THR C 6 14.67 36.97 19.05
C THR C 6 15.12 35.92 18.07
N ALA C 7 15.98 35.03 18.52
CA ALA C 7 16.33 33.92 17.68
C ALA C 7 15.06 33.21 17.24
N LEU C 8 15.19 32.43 16.19
CA LEU C 8 14.03 31.89 15.50
C LEU C 8 14.03 30.40 15.75
N VAL C 9 13.33 29.98 16.79
CA VAL C 9 13.32 28.56 17.13
C VAL C 9 12.39 27.87 16.14
N CYS C 10 12.96 27.44 15.04
CA CYS C 10 12.24 26.82 13.94
C CYS C 10 12.51 25.32 13.96
N ASP C 11 11.46 24.53 14.03
CA ASP C 11 11.59 23.09 14.24
C ASP C 11 10.72 22.34 13.23
N ASN C 12 11.39 21.68 12.29
CA ASN C 12 10.72 20.85 11.30
C ASN C 12 10.37 19.49 11.86
N GLY C 13 9.55 19.44 12.91
CA GLY C 13 9.19 18.17 13.52
C GLY C 13 8.99 17.13 12.45
N SER C 14 9.67 15.99 12.58
CA SER C 14 9.91 15.12 11.44
C SER C 14 8.68 15.02 10.55
N GLY C 15 7.49 15.10 11.13
CA GLY C 15 6.28 15.16 10.34
C GLY C 15 5.84 16.58 10.03
N LEU C 16 5.91 17.46 11.02
CA LEU C 16 5.50 18.84 10.84
C LEU C 16 6.65 19.76 11.15
N VAL C 17 6.76 20.81 10.40
CA VAL C 17 7.69 21.88 10.77
C VAL C 17 6.99 22.76 11.79
N LYS C 18 7.73 23.16 12.81
CA LYS C 18 7.16 23.88 13.92
C LYS C 18 8.19 24.87 14.46
N ALA C 19 7.71 25.89 15.17
CA ALA C 19 8.67 26.89 15.61
C ALA C 19 8.00 27.92 16.50
N GLY C 20 8.83 28.59 17.27
CA GLY C 20 8.45 29.79 17.99
C GLY C 20 9.58 30.78 17.91
N PHE C 21 10.01 31.24 19.07
CA PHE C 21 11.23 32.02 19.21
C PHE C 21 12.07 31.51 20.37
N ALA C 22 13.27 32.07 20.47
CA ALA C 22 14.04 31.92 21.68
C ALA C 22 13.20 32.40 22.87
N GLY C 23 13.32 31.70 23.98
CA GLY C 23 12.51 32.02 25.14
C GLY C 23 11.03 31.82 24.94
N ASP C 24 10.58 31.50 23.73
CA ASP C 24 9.17 31.22 23.54
C ASP C 24 8.75 30.04 24.38
N ASP C 25 7.45 29.79 24.40
CA ASP C 25 6.90 28.73 25.21
C ASP C 25 6.08 27.75 24.39
N ALA C 26 5.64 28.13 23.19
CA ALA C 26 4.85 27.28 22.36
C ALA C 26 5.27 27.54 20.92
N PRO C 27 5.68 26.51 20.21
CA PRO C 27 5.99 26.70 18.82
C PRO C 27 4.77 27.23 18.12
N ARG C 28 4.81 28.50 17.77
CA ARG C 28 3.69 29.10 17.07
C ARG C 28 3.51 28.52 15.68
N ALA C 29 4.49 27.78 15.17
CA ALA C 29 4.39 27.11 13.89
C ALA C 29 4.23 25.61 14.13
N VAL C 30 3.21 25.02 13.53
CA VAL C 30 3.04 23.57 13.53
C VAL C 30 2.23 23.16 12.31
N PHE C 31 2.79 22.32 11.45
CA PHE C 31 1.96 21.89 10.33
C PHE C 31 2.66 20.90 9.40
N PRO C 32 1.89 20.27 8.51
CA PRO C 32 2.41 19.10 7.79
C PRO C 32 3.60 19.44 6.90
N SER C 33 4.47 18.45 6.74
CA SER C 33 5.66 18.57 5.90
C SER C 33 5.44 17.98 4.51
N ILE C 34 4.32 18.34 3.91
CA ILE C 34 3.89 17.76 2.65
C ILE C 34 3.75 18.81 1.58
N VAL C 35 3.76 18.32 0.34
CA VAL C 35 3.42 19.11 -0.83
C VAL C 35 2.29 18.42 -1.55
N GLY C 36 1.47 19.20 -2.25
CA GLY C 36 0.22 18.67 -2.75
C GLY C 36 -0.06 19.01 -4.19
N ARG C 37 -0.40 18.00 -5.00
CA ARG C 37 -0.69 18.20 -6.40
C ARG C 37 -2.13 17.80 -6.69
N PRO C 38 -2.94 18.70 -7.24
CA PRO C 38 -4.23 18.29 -7.78
C PRO C 38 -3.99 17.53 -9.07
N ARG C 39 -5.03 16.87 -9.56
CA ARG C 39 -4.87 16.15 -10.82
C ARG C 39 -5.58 16.85 -11.97
N HIS C 40 -6.89 17.01 -11.84
CA HIS C 40 -7.75 17.10 -13.01
C HIS C 40 -7.77 18.47 -13.65
N GLN C 41 -7.81 19.55 -12.87
CA GLN C 41 -8.06 20.86 -13.44
C GLN C 41 -9.38 20.89 -14.21
N GLY C 42 -10.45 20.77 -13.47
CA GLY C 42 -11.71 21.25 -13.97
C GLY C 42 -11.38 22.67 -14.39
N VAL C 43 -11.73 23.04 -15.62
CA VAL C 43 -11.47 24.40 -16.05
C VAL C 43 -12.27 25.34 -15.15
N MET C 44 -11.57 26.06 -14.30
CA MET C 44 -12.23 26.83 -13.24
C MET C 44 -11.96 28.29 -13.50
N VAL C 45 -13.03 29.07 -13.50
CA VAL C 45 -12.84 30.49 -13.66
C VAL C 45 -11.84 30.96 -12.63
N GLY C 46 -11.26 32.12 -12.89
CA GLY C 46 -10.44 32.78 -11.91
C GLY C 46 -9.31 31.90 -11.42
N MET C 47 -8.74 32.32 -10.30
CA MET C 47 -7.53 31.69 -9.80
C MET C 47 -7.58 31.71 -8.27
N GLY C 48 -6.41 31.58 -7.65
CA GLY C 48 -6.33 31.29 -6.24
C GLY C 48 -6.19 29.83 -5.95
N GLN C 49 -6.08 29.01 -6.98
CA GLN C 49 -6.04 27.57 -6.83
C GLN C 49 -4.59 27.12 -6.91
N LYS C 50 -3.89 27.32 -5.81
CA LYS C 50 -2.45 27.06 -5.81
C LYS C 50 -2.16 25.61 -6.08
N ASP C 51 -1.11 25.39 -6.85
CA ASP C 51 -0.56 24.05 -6.94
C ASP C 51 -0.08 23.56 -5.57
N SER C 52 0.63 24.40 -4.84
CA SER C 52 1.47 23.91 -3.75
C SER C 52 1.44 24.82 -2.52
N TYR C 53 0.25 25.15 -2.02
CA TYR C 53 0.16 25.81 -0.71
C TYR C 53 0.06 24.84 0.44
N VAL C 54 0.70 23.68 0.36
CA VAL C 54 0.41 22.66 1.36
C VAL C 54 0.48 23.24 2.76
N GLY C 55 1.68 23.63 3.18
CA GLY C 55 1.80 24.29 4.46
C GLY C 55 0.85 23.66 5.44
N ASP C 56 -0.11 24.47 5.87
CA ASP C 56 -1.21 23.98 6.69
C ASP C 56 -2.57 24.11 6.00
N GLU C 57 -2.62 24.62 4.78
CA GLU C 57 -3.92 24.69 4.12
C GLU C 57 -4.21 23.44 3.31
N ALA C 58 -3.18 22.93 2.62
CA ALA C 58 -3.40 21.97 1.56
C ALA C 58 -4.23 20.80 2.04
N GLN C 59 -4.03 20.36 3.27
CA GLN C 59 -4.87 19.27 3.73
C GLN C 59 -6.32 19.66 3.58
N SER C 60 -6.62 20.95 3.65
CA SER C 60 -7.92 21.40 3.15
C SER C 60 -8.07 20.95 1.71
N LYS C 61 -6.98 21.01 0.94
CA LYS C 61 -7.04 20.57 -0.44
C LYS C 61 -6.70 19.10 -0.56
N ARG C 62 -6.87 18.36 0.53
CA ARG C 62 -6.45 16.97 0.42
C ARG C 62 -7.27 16.32 -0.68
N GLY C 63 -6.83 15.13 -1.08
CA GLY C 63 -7.42 14.40 -2.18
C GLY C 63 -6.90 14.86 -3.52
N ILE C 64 -7.44 15.97 -4.03
CA ILE C 64 -6.95 16.46 -5.31
C ILE C 64 -5.47 16.76 -5.23
N LEU C 65 -5.05 17.45 -4.20
CA LEU C 65 -3.64 17.72 -3.98
C LEU C 65 -3.02 16.47 -3.36
N THR C 66 -1.89 16.04 -3.89
CA THR C 66 -1.20 14.88 -3.36
C THR C 66 -0.28 15.29 -2.21
N LEU C 67 0.64 14.41 -1.84
CA LEU C 67 1.47 14.60 -0.65
C LEU C 67 2.94 14.56 -1.01
N LYS C 68 3.72 15.45 -0.40
CA LYS C 68 5.16 15.43 -0.59
C LYS C 68 5.88 15.94 0.65
N TYR C 69 6.57 15.05 1.34
CA TYR C 69 7.63 15.44 2.25
C TYR C 69 8.88 15.71 1.45
N PRO C 70 9.67 16.75 1.75
CA PRO C 70 11.04 16.81 1.20
C PRO C 70 12.04 16.00 2.00
N ILE C 71 11.82 15.85 3.30
CA ILE C 71 12.73 15.21 4.24
C ILE C 71 12.28 13.78 4.43
N GLU C 72 11.59 13.28 3.42
CA GLU C 72 10.66 12.17 3.47
C GLU C 72 11.09 11.17 4.53
N HIS C 73 12.32 10.70 4.42
CA HIS C 73 12.92 9.79 5.36
C HIS C 73 13.75 10.52 6.40
N GLY C 74 13.25 11.67 6.84
CA GLY C 74 14.13 12.54 7.57
C GLY C 74 15.26 12.81 6.60
N ILE C 75 14.89 12.92 5.33
CA ILE C 75 15.83 13.02 4.24
C ILE C 75 15.25 14.02 3.25
N ILE C 76 15.79 15.23 3.23
CA ILE C 76 15.26 16.21 2.30
C ILE C 76 15.64 15.81 0.90
N THR C 77 14.70 15.21 0.18
CA THR C 77 14.92 14.94 -1.23
C THR C 77 14.87 16.23 -2.03
N ASN C 78 14.05 17.18 -1.62
CA ASN C 78 13.98 18.43 -2.34
C ASN C 78 13.82 19.58 -1.35
N TRP C 79 14.15 20.78 -1.84
CA TRP C 79 14.41 21.91 -0.96
C TRP C 79 13.52 23.09 -1.28
N ASP C 80 13.47 23.49 -2.55
CA ASP C 80 12.59 24.57 -2.95
C ASP C 80 11.21 24.31 -2.40
N ASP C 81 10.75 23.08 -2.54
CA ASP C 81 9.62 22.64 -1.74
C ASP C 81 9.78 23.14 -0.32
N MET C 82 10.81 22.65 0.37
CA MET C 82 11.04 23.06 1.75
C MET C 82 11.36 24.53 1.82
N GLU C 83 11.92 25.07 0.74
CA GLU C 83 12.24 26.49 0.70
C GLU C 83 10.99 27.33 0.93
N LYS C 84 10.07 27.25 -0.02
CA LYS C 84 8.80 27.95 0.14
C LYS C 84 8.08 27.44 1.37
N ILE C 85 8.39 26.23 1.81
CA ILE C 85 7.88 25.80 3.10
C ILE C 85 8.28 26.79 4.16
N TRP C 86 9.57 27.10 4.20
CA TRP C 86 10.05 28.09 5.12
C TRP C 86 9.35 29.40 4.90
N HIS C 87 9.37 29.88 3.66
CA HIS C 87 8.77 31.18 3.38
C HIS C 87 7.34 31.23 3.87
N HIS C 88 6.53 30.25 3.47
CA HIS C 88 5.25 30.06 4.10
C HIS C 88 5.35 30.33 5.59
N THR C 89 6.30 29.66 6.23
CA THR C 89 6.42 29.79 7.66
C THR C 89 6.59 31.26 8.02
N PHE C 90 7.70 31.81 7.55
CA PHE C 90 8.26 33.09 7.92
C PHE C 90 7.40 34.24 7.48
N TYR C 91 6.42 33.98 6.65
CA TYR C 91 5.71 35.04 5.98
C TYR C 91 4.21 34.89 6.04
N ASN C 92 3.72 33.76 6.53
CA ASN C 92 2.32 33.52 6.73
C ASN C 92 2.01 33.21 8.17
N GLU C 93 2.75 32.28 8.75
CA GLU C 93 2.59 31.92 10.15
C GLU C 93 3.73 32.49 10.96
N LEU C 94 4.97 32.39 10.46
CA LEU C 94 5.97 33.28 10.99
C LEU C 94 5.77 34.67 10.47
N ARG C 95 5.29 34.81 9.23
CA ARG C 95 4.97 36.11 8.66
C ARG C 95 5.99 37.14 9.11
N VAL C 96 7.26 36.73 9.11
CA VAL C 96 8.33 37.48 9.75
C VAL C 96 9.58 37.41 8.88
N ALA C 97 10.34 38.48 8.90
CA ALA C 97 11.57 38.53 8.13
C ALA C 97 12.63 37.66 8.80
N PRO C 98 13.22 36.71 8.09
CA PRO C 98 14.37 36.00 8.66
C PRO C 98 15.51 36.93 8.98
N GLU C 99 15.70 37.96 8.17
CA GLU C 99 16.95 38.68 8.11
C GLU C 99 17.35 39.26 9.46
N GLU C 100 16.40 39.47 10.35
CA GLU C 100 16.65 40.20 11.57
C GLU C 100 16.47 39.36 12.82
N HIS C 101 16.06 38.11 12.70
CA HIS C 101 15.92 37.24 13.85
C HIS C 101 16.80 36.02 13.71
N PRO C 102 17.64 35.74 14.68
CA PRO C 102 18.53 34.58 14.57
C PRO C 102 17.69 33.33 14.62
N THR C 103 18.28 32.22 14.25
CA THR C 103 17.59 30.94 14.40
C THR C 103 18.60 29.83 14.63
N LEU C 104 18.22 28.90 15.49
CA LEU C 104 18.91 27.63 15.62
C LEU C 104 18.23 26.65 14.69
N LEU C 105 18.98 25.66 14.23
CA LEU C 105 18.49 24.71 13.25
C LEU C 105 18.37 23.32 13.84
N THR C 106 17.24 22.69 13.57
CA THR C 106 16.90 21.38 14.10
C THR C 106 17.29 20.32 13.09
N GLU C 107 18.06 19.32 13.53
CA GLU C 107 18.49 18.27 12.62
C GLU C 107 18.70 16.96 13.36
N ALA C 108 18.40 15.89 12.70
CA ALA C 108 18.81 14.62 13.24
C ALA C 108 20.14 14.22 12.66
N PRO C 109 20.88 13.36 13.34
CA PRO C 109 22.13 12.85 12.78
C PRO C 109 21.87 12.10 11.48
N LEU C 110 22.96 11.60 10.91
CA LEU C 110 22.94 10.76 9.73
C LEU C 110 22.82 11.57 8.45
N ASN C 111 22.90 12.89 8.53
CA ASN C 111 22.71 13.70 7.33
C ASN C 111 24.03 13.93 6.62
N PRO C 112 24.15 13.54 5.36
CA PRO C 112 25.28 14.01 4.57
C PRO C 112 25.33 15.53 4.57
N LYS C 113 26.55 16.04 4.65
CA LYS C 113 26.77 17.39 5.12
C LYS C 113 26.09 18.41 4.22
N ALA C 114 26.20 18.21 2.91
CA ALA C 114 25.75 19.24 1.98
C ALA C 114 24.30 19.60 2.22
N ASN C 115 23.51 18.67 2.71
CA ASN C 115 22.17 19.04 3.11
C ASN C 115 22.20 20.31 3.93
N ARG C 116 22.91 20.27 5.05
CA ARG C 116 23.02 21.46 5.86
C ARG C 116 23.79 22.55 5.14
N GLU C 117 24.86 22.21 4.44
CA GLU C 117 25.57 23.24 3.69
C GLU C 117 24.57 24.13 2.96
N LYS C 118 23.84 23.52 2.04
CA LYS C 118 22.88 24.23 1.20
C LYS C 118 21.84 24.93 2.04
N MET C 119 21.20 24.20 2.96
CA MET C 119 20.18 24.85 3.76
C MET C 119 20.75 26.11 4.37
N THR C 120 21.96 26.02 4.89
CA THR C 120 22.60 27.15 5.54
C THR C 120 22.73 28.33 4.60
N GLN C 121 23.48 28.16 3.52
CA GLN C 121 23.74 29.35 2.73
C GLN C 121 22.42 29.94 2.32
N ILE C 122 21.56 29.11 1.74
CA ILE C 122 20.32 29.62 1.19
C ILE C 122 19.54 30.32 2.27
N MET C 123 19.63 29.83 3.50
CA MET C 123 18.96 30.53 4.58
C MET C 123 19.53 31.92 4.74
N PHE C 124 20.86 32.05 4.64
CA PHE C 124 21.41 33.40 4.62
C PHE C 124 20.87 34.21 3.45
N GLU C 125 20.91 33.67 2.23
CA GLU C 125 20.67 34.55 1.09
C GLU C 125 19.19 34.84 0.96
N THR C 126 18.40 33.80 0.76
CA THR C 126 16.97 33.95 0.73
C THR C 126 16.49 34.61 2.02
N PHE C 127 17.27 34.49 3.08
CA PHE C 127 16.76 34.81 4.41
C PHE C 127 17.53 35.90 5.12
N ASN C 128 18.83 35.97 4.94
CA ASN C 128 19.61 37.05 5.53
C ASN C 128 19.29 37.23 7.00
N VAL C 129 18.82 36.16 7.64
CA VAL C 129 18.61 36.21 9.07
C VAL C 129 19.84 36.85 9.67
N PRO C 130 19.74 37.44 10.85
CA PRO C 130 20.96 38.01 11.44
C PRO C 130 22.08 36.99 11.51
N ALA C 131 21.73 35.76 11.86
CA ALA C 131 22.63 34.63 11.79
C ALA C 131 21.82 33.40 12.16
N MET C 132 22.22 32.27 11.64
CA MET C 132 21.55 31.02 11.92
C MET C 132 22.42 30.18 12.83
N TYR C 133 21.93 28.98 13.08
CA TYR C 133 22.75 27.98 13.78
C TYR C 133 21.97 26.69 13.76
N VAL C 134 22.63 25.56 13.51
CA VAL C 134 21.92 24.31 13.45
C VAL C 134 22.17 23.57 14.75
N ALA C 135 21.34 22.55 15.00
CA ALA C 135 21.49 21.73 16.18
C ALA C 135 20.73 20.43 15.97
N ILE C 136 21.36 19.32 16.36
CA ILE C 136 20.68 18.04 16.22
C ILE C 136 19.40 18.06 17.01
N GLN C 137 18.29 17.94 16.28
CA GLN C 137 17.04 17.56 16.90
C GLN C 137 17.25 16.62 18.07
N ALA C 138 18.08 15.59 17.88
CA ALA C 138 18.34 14.69 18.97
C ALA C 138 18.89 15.45 20.16
N VAL C 139 19.98 16.17 19.95
CA VAL C 139 20.59 16.93 21.03
C VAL C 139 19.60 17.93 21.60
N LEU C 140 18.80 18.51 20.71
CA LEU C 140 17.86 19.55 21.11
C LEU C 140 16.91 19.01 22.17
N SER C 141 16.25 17.91 21.85
CA SER C 141 15.51 17.18 22.88
C SER C 141 16.39 16.92 24.08
N LEU C 142 17.65 16.55 23.82
CA LEU C 142 18.52 16.17 24.93
C LEU C 142 18.52 17.24 25.99
N TYR C 143 18.98 18.43 25.65
CA TYR C 143 18.85 19.50 26.61
C TYR C 143 17.40 19.64 27.01
N ALA C 144 16.51 19.57 26.02
CA ALA C 144 15.10 19.46 26.31
C ALA C 144 14.83 18.39 27.36
N SER C 145 15.77 17.47 27.55
CA SER C 145 15.66 16.54 28.67
C SER C 145 16.17 17.17 29.95
N GLY C 146 17.32 17.84 29.88
CA GLY C 146 17.91 18.41 31.06
C GLY C 146 18.46 17.39 32.03
N ARG C 147 18.16 16.12 31.84
CA ARG C 147 18.87 15.07 32.56
C ARG C 147 20.15 14.78 31.80
N THR C 148 21.13 15.67 31.96
CA THR C 148 22.32 15.64 31.11
C THR C 148 22.98 14.28 31.08
N THR C 149 22.62 13.37 31.97
CA THR C 149 23.14 12.02 31.95
C THR C 149 22.01 11.06 31.59
N GLY C 150 22.34 9.98 30.91
CA GLY C 150 21.36 9.01 30.46
C GLY C 150 21.02 9.11 28.99
N ILE C 151 20.56 8.01 28.42
CA ILE C 151 20.08 8.00 27.04
C ILE C 151 18.70 8.64 26.98
N VAL C 152 18.31 9.07 25.79
CA VAL C 152 16.92 9.38 25.51
C VAL C 152 16.48 8.58 24.32
N LEU C 153 15.25 8.07 24.36
CA LEU C 153 14.67 7.34 23.25
C LEU C 153 13.85 8.34 22.43
N ASP C 154 14.38 8.72 21.27
CA ASP C 154 13.74 9.72 20.42
C ASP C 154 13.00 9.00 19.31
N SER C 155 11.73 8.66 19.57
CA SER C 155 10.84 8.14 18.54
C SER C 155 9.71 9.15 18.44
N GLY C 156 9.94 10.19 17.64
CA GLY C 156 9.12 11.38 17.76
C GLY C 156 8.14 11.63 16.65
N ASP C 157 8.27 12.82 16.04
CA ASP C 157 7.35 13.19 14.98
C ASP C 157 7.24 12.05 13.98
N GLY C 158 8.37 11.62 13.43
CA GLY C 158 8.47 10.40 12.66
C GLY C 158 9.84 9.75 12.79
N VAL C 159 10.57 10.10 13.85
CA VAL C 159 12.00 9.82 13.94
C VAL C 159 12.22 8.72 14.96
N THR C 160 13.46 8.25 15.07
CA THR C 160 13.82 7.27 16.08
C THR C 160 15.33 7.18 16.24
N HIS C 161 15.81 7.51 17.44
CA HIS C 161 17.19 7.26 17.82
C HIS C 161 17.21 6.85 19.28
N ASN C 162 18.33 6.31 19.69
CA ASN C 162 18.70 6.22 21.10
C ASN C 162 19.77 7.25 21.36
N VAL C 163 19.66 7.96 22.48
CA VAL C 163 20.58 9.06 22.74
C VAL C 163 21.25 8.89 24.10
N PRO C 164 22.17 7.96 24.23
CA PRO C 164 22.87 7.81 25.50
C PRO C 164 23.55 9.11 25.84
N ILE C 165 23.44 9.52 27.10
CA ILE C 165 23.96 10.82 27.51
C ILE C 165 24.34 10.74 28.98
N TYR C 166 25.18 11.67 29.40
CA TYR C 166 25.81 11.56 30.72
C TYR C 166 26.29 12.96 31.09
N GLU C 167 25.53 13.65 31.92
CA GLU C 167 25.70 15.07 32.16
C GLU C 167 26.11 15.78 30.87
N GLY C 168 25.28 15.63 29.86
CA GLY C 168 25.60 16.14 28.54
C GLY C 168 26.45 15.22 27.73
N TYR C 169 26.96 14.15 28.32
CA TYR C 169 27.94 13.30 27.69
C TYR C 169 27.23 12.12 27.04
N ALA C 170 27.30 12.05 25.72
CA ALA C 170 26.65 11.05 24.90
C ALA C 170 27.69 10.32 24.07
N LEU C 171 27.48 9.02 23.85
CA LEU C 171 28.39 8.26 23.01
C LEU C 171 27.77 8.04 21.65
N PRO C 172 28.22 8.73 20.62
CA PRO C 172 27.66 8.48 19.29
C PRO C 172 27.84 7.04 18.89
N HIS C 173 28.96 6.44 19.26
CA HIS C 173 29.17 5.04 18.94
C HIS C 173 27.99 4.20 19.37
N ALA C 174 27.57 4.36 20.63
CA ALA C 174 26.41 3.65 21.12
C ALA C 174 25.10 4.21 20.56
N ILE C 175 25.13 5.35 19.89
CA ILE C 175 23.91 6.03 19.46
C ILE C 175 23.43 5.44 18.15
N MET C 176 22.11 5.40 17.97
CA MET C 176 21.48 4.67 16.89
C MET C 176 20.18 5.33 16.44
N ARG C 177 19.69 4.90 15.28
CA ARG C 177 18.39 5.25 14.75
C ARG C 177 17.56 4.00 14.55
N LEU C 178 16.25 4.15 14.66
CA LEU C 178 15.31 3.14 14.17
C LEU C 178 14.48 3.75 13.06
N ASP C 179 14.70 3.26 11.84
CA ASP C 179 14.02 3.84 10.70
C ASP C 179 12.54 4.03 10.93
N LEU C 180 11.97 3.31 11.90
CA LEU C 180 10.54 3.37 12.12
C LEU C 180 10.06 4.82 12.20
N ALA C 181 8.93 5.07 11.57
CA ALA C 181 8.23 6.34 11.69
C ALA C 181 6.76 6.02 11.87
N GLY C 182 6.09 6.82 12.71
CA GLY C 182 4.66 6.67 12.84
C GLY C 182 4.00 6.52 11.50
N ARG C 183 4.54 7.17 10.48
CA ARG C 183 4.24 6.84 9.11
C ARG C 183 4.38 5.35 8.84
N ASP C 184 5.43 4.73 9.36
CA ASP C 184 5.61 3.31 9.10
C ASP C 184 4.45 2.52 9.67
N LEU C 185 4.10 2.84 10.90
CA LEU C 185 2.99 2.16 11.55
C LEU C 185 1.73 2.38 10.74
N THR C 186 1.48 3.64 10.40
CA THR C 186 0.53 4.01 9.37
C THR C 186 0.50 2.96 8.29
N ASP C 187 1.67 2.65 7.76
CA ASP C 187 1.76 1.71 6.68
C ASP C 187 1.09 0.42 7.07
N TYR C 188 1.69 -0.27 8.03
CA TYR C 188 1.17 -1.59 8.34
C TYR C 188 -0.32 -1.53 8.63
N LEU C 189 -0.76 -0.43 9.22
CA LEU C 189 -2.18 -0.24 9.42
C LEU C 189 -2.94 -0.30 8.12
N MET C 190 -2.49 0.45 7.14
CA MET C 190 -3.16 0.38 5.86
C MET C 190 -3.19 -1.06 5.40
N LYS C 191 -2.01 -1.68 5.41
CA LYS C 191 -1.90 -3.09 5.07
C LYS C 191 -3.06 -3.86 5.65
N ILE C 192 -3.13 -3.87 6.97
CA ILE C 192 -4.05 -4.71 7.69
C ILE C 192 -5.48 -4.33 7.38
N LEU C 193 -5.87 -3.12 7.77
CA LEU C 193 -7.28 -2.74 7.66
C LEU C 193 -7.78 -2.97 6.25
N THR C 194 -7.03 -2.52 5.26
CA THR C 194 -7.43 -2.69 3.87
C THR C 194 -7.65 -4.18 3.59
N GLU C 195 -6.58 -4.97 3.71
CA GLU C 195 -6.74 -6.40 3.44
C GLU C 195 -7.88 -6.99 4.26
N ARG C 196 -8.06 -6.48 5.48
CA ARG C 196 -9.09 -6.91 6.40
C ARG C 196 -10.47 -6.45 6.01
N GLY C 197 -10.64 -5.91 4.82
CA GLY C 197 -11.99 -5.55 4.42
C GLY C 197 -12.08 -4.09 4.04
N TYR C 198 -10.95 -3.49 3.69
CA TYR C 198 -10.95 -2.04 3.52
C TYR C 198 -10.12 -1.70 2.30
N SER C 199 -10.37 -0.53 1.74
CA SER C 199 -9.69 -0.10 0.51
C SER C 199 -9.07 1.26 0.77
N PHE C 200 -7.91 1.28 1.40
CA PHE C 200 -7.45 2.47 2.09
C PHE C 200 -6.02 2.79 1.67
N VAL C 201 -5.87 3.62 0.65
CA VAL C 201 -4.57 3.86 0.06
C VAL C 201 -4.31 5.35 -0.10
N THR C 202 -5.36 6.14 -0.09
CA THR C 202 -5.21 7.48 -0.64
C THR C 202 -4.48 8.38 0.35
N THR C 203 -3.83 9.40 -0.21
CA THR C 203 -2.96 10.25 0.61
C THR C 203 -3.64 10.65 1.89
N ALA C 204 -4.72 11.42 1.79
CA ALA C 204 -5.47 11.78 2.99
C ALA C 204 -6.11 10.54 3.60
N GLU C 205 -6.22 9.46 2.83
CA GLU C 205 -6.61 8.20 3.46
C GLU C 205 -5.57 7.84 4.50
N ARG C 206 -4.32 7.96 4.11
CA ARG C 206 -3.22 7.89 5.06
C ARG C 206 -3.40 8.94 6.14
N GLU C 207 -3.94 10.10 5.78
CA GLU C 207 -4.20 11.11 6.78
C GLU C 207 -5.10 10.58 7.88
N ILE C 208 -6.23 10.05 7.46
CA ILE C 208 -7.20 9.53 8.41
C ILE C 208 -6.55 8.45 9.25
N VAL C 209 -5.79 7.57 8.61
CA VAL C 209 -5.25 6.45 9.36
C VAL C 209 -4.27 6.93 10.42
N ARG C 210 -3.41 7.88 10.05
CA ARG C 210 -2.50 8.42 11.05
C ARG C 210 -3.27 9.08 12.17
N ASP C 211 -4.32 9.79 11.83
CA ASP C 211 -5.18 10.32 12.84
C ASP C 211 -5.66 9.19 13.74
N ILE C 212 -6.03 8.09 13.12
CA ILE C 212 -6.57 6.94 13.83
C ILE C 212 -5.58 6.48 14.86
N LYS C 213 -4.35 6.28 14.44
CA LYS C 213 -3.32 5.84 15.37
C LYS C 213 -3.20 6.84 16.50
N GLU C 214 -3.02 8.11 16.16
CA GLU C 214 -2.67 9.08 17.17
C GLU C 214 -3.84 9.40 18.07
N LYS C 215 -5.04 8.93 17.73
CA LYS C 215 -6.17 9.12 18.61
C LYS C 215 -6.59 7.86 19.35
N LEU C 216 -6.50 6.73 18.73
CA LEU C 216 -7.07 5.52 19.30
C LEU C 216 -6.08 4.38 19.36
N CYS C 217 -5.25 4.22 18.34
CA CYS C 217 -4.35 3.08 18.32
C CYS C 217 -3.39 3.16 19.49
N TYR C 218 -3.13 2.00 20.09
CA TYR C 218 -2.41 1.91 21.34
C TYR C 218 -1.51 0.68 21.27
N VAL C 219 -1.07 0.24 22.43
CA VAL C 219 -0.51 -1.10 22.60
C VAL C 219 -0.79 -1.59 24.01
N ALA C 220 -1.02 -2.90 24.13
CA ALA C 220 -1.05 -3.55 25.42
C ALA C 220 0.33 -4.09 25.76
N LEU C 221 0.71 -3.89 27.02
CA LEU C 221 1.98 -4.40 27.51
C LEU C 221 2.30 -5.76 26.93
N ASP C 222 1.47 -6.75 27.22
CA ASP C 222 1.67 -8.10 26.74
C ASP C 222 1.06 -8.27 25.37
N PHE C 223 1.40 -9.39 24.76
CA PHE C 223 0.86 -9.80 23.48
C PHE C 223 0.05 -11.08 23.54
N GLU C 224 0.68 -12.17 23.93
CA GLU C 224 0.14 -13.48 23.62
C GLU C 224 -1.09 -13.76 24.46
N ASN C 225 -0.98 -13.61 25.78
CA ASN C 225 -2.18 -13.53 26.59
C ASN C 225 -3.00 -12.33 26.17
N GLU C 226 -2.33 -11.21 25.89
CA GLU C 226 -3.01 -10.10 25.27
C GLU C 226 -3.65 -10.54 23.95
N MET C 227 -2.98 -11.43 23.23
CA MET C 227 -3.57 -12.00 22.03
C MET C 227 -4.87 -12.72 22.33
N ALA C 228 -4.86 -13.59 23.33
CA ALA C 228 -6.09 -14.29 23.67
C ALA C 228 -7.17 -13.27 24.02
N THR C 229 -6.82 -12.30 24.85
CA THR C 229 -7.72 -11.19 25.12
C THR C 229 -8.33 -10.70 23.83
N ALA C 230 -7.48 -10.36 22.86
CA ALA C 230 -7.96 -9.96 21.55
C ALA C 230 -8.90 -11.01 20.97
N ALA C 231 -8.66 -12.28 21.30
CA ALA C 231 -9.40 -13.36 20.68
C ALA C 231 -10.90 -13.16 20.82
N SER C 232 -11.35 -12.56 21.92
CA SER C 232 -12.77 -12.26 22.07
C SER C 232 -13.05 -10.92 22.75
N SER C 233 -12.04 -10.19 23.19
CA SER C 233 -12.28 -9.03 24.04
C SER C 233 -13.12 -8.03 23.25
N SER C 234 -14.38 -7.90 23.63
CA SER C 234 -15.29 -7.03 22.89
C SER C 234 -15.02 -5.57 23.13
N SER C 235 -14.49 -5.21 24.32
CA SER C 235 -14.29 -3.80 24.64
C SER C 235 -13.49 -3.10 23.55
N LEU C 236 -12.33 -3.66 23.21
CA LEU C 236 -11.56 -3.13 22.09
C LEU C 236 -12.35 -3.11 20.81
N GLU C 237 -13.32 -4.02 20.67
CA GLU C 237 -14.00 -4.25 19.41
C GLU C 237 -14.91 -3.06 19.09
N LYS C 238 -14.25 -1.94 18.83
CA LYS C 238 -14.91 -0.65 18.69
C LYS C 238 -14.66 -0.06 17.31
N SER C 239 -15.75 0.35 16.67
CA SER C 239 -15.69 1.00 15.38
C SER C 239 -15.61 2.50 15.57
N TYR C 240 -14.71 3.13 14.84
CA TYR C 240 -14.60 4.58 14.87
C TYR C 240 -15.10 5.21 13.60
N GLU C 241 -15.87 6.28 13.77
CA GLU C 241 -16.38 7.06 12.66
C GLU C 241 -15.27 7.34 11.66
N LEU C 242 -15.38 6.76 10.49
CA LEU C 242 -14.50 7.13 9.42
C LEU C 242 -14.85 8.55 8.98
N PRO C 243 -13.87 9.44 8.83
CA PRO C 243 -14.20 10.85 8.61
C PRO C 243 -14.93 11.12 7.32
N ASP C 244 -15.07 10.13 6.44
CA ASP C 244 -16.13 10.23 5.46
C ASP C 244 -17.47 10.40 6.15
N GLY C 245 -17.56 9.90 7.38
CA GLY C 245 -18.82 9.68 8.06
C GLY C 245 -19.04 8.22 8.42
N GLN C 246 -18.43 7.32 7.67
CA GLN C 246 -18.37 5.93 8.08
C GLN C 246 -17.82 5.88 9.50
N VAL C 247 -18.10 4.78 10.19
CA VAL C 247 -17.50 4.52 11.49
C VAL C 247 -16.60 3.31 11.36
N ILE C 248 -15.34 3.56 11.03
CA ILE C 248 -14.39 2.47 10.87
C ILE C 248 -14.42 1.63 12.15
N THR C 249 -14.61 0.33 11.99
CA THR C 249 -14.57 -0.54 13.16
C THR C 249 -13.13 -0.90 13.50
N ILE C 250 -12.86 -1.10 14.78
CA ILE C 250 -11.51 -1.33 15.23
C ILE C 250 -11.47 -2.44 16.27
N GLY C 251 -10.47 -3.29 16.14
CA GLY C 251 -10.14 -4.29 17.14
C GLY C 251 -8.66 -4.37 17.39
N ASN C 252 -8.11 -5.56 17.15
CA ASN C 252 -6.75 -5.88 17.57
C ASN C 252 -5.73 -4.92 16.98
N GLU C 253 -6.03 -4.31 15.85
CA GLU C 253 -5.09 -3.39 15.23
C GLU C 253 -4.63 -2.31 16.19
N ARG C 254 -5.57 -1.67 16.87
CA ARG C 254 -5.35 -0.40 17.59
C ARG C 254 -4.03 -0.47 18.34
N PHE C 255 -3.68 -1.66 18.74
CA PHE C 255 -2.40 -1.99 19.32
C PHE C 255 -1.47 -2.76 18.41
N ARG C 256 -1.99 -3.65 17.57
CA ARG C 256 -1.09 -4.39 16.71
C ARG C 256 -0.45 -3.51 15.65
N CYS C 257 -0.79 -2.23 15.61
CA CYS C 257 0.00 -1.33 14.78
C CYS C 257 1.35 -1.05 15.41
N PRO C 258 1.43 -0.35 16.51
CA PRO C 258 2.71 0.20 16.95
C PRO C 258 3.68 -0.86 17.42
N GLU C 259 3.16 -1.80 18.21
CA GLU C 259 3.99 -2.72 18.97
C GLU C 259 5.14 -3.28 18.14
N THR C 260 4.97 -3.41 16.83
CA THR C 260 6.03 -4.02 16.03
C THR C 260 7.33 -3.24 16.13
N LEU C 261 7.29 -1.98 16.59
CA LEU C 261 8.54 -1.28 16.87
C LEU C 261 9.47 -2.14 17.70
N PHE C 262 8.94 -3.14 18.38
CA PHE C 262 9.77 -4.09 19.09
C PHE C 262 9.99 -5.35 18.28
N GLN C 263 9.25 -5.51 17.21
CA GLN C 263 9.33 -6.69 16.34
C GLN C 263 9.04 -6.29 14.90
N PRO C 264 10.07 -5.82 14.17
CA PRO C 264 9.89 -5.42 12.79
C PRO C 264 9.46 -6.55 11.88
N SER C 265 9.56 -7.78 12.38
CA SER C 265 8.91 -8.89 11.69
C SER C 265 7.61 -8.43 11.06
N PHE C 266 6.81 -7.69 11.82
CA PHE C 266 5.55 -7.23 11.30
C PHE C 266 5.77 -6.25 10.17
N ILE C 267 6.78 -5.38 10.31
CA ILE C 267 7.22 -4.54 9.21
C ILE C 267 8.21 -5.38 8.43
N GLY C 268 8.42 -6.60 8.88
CA GLY C 268 9.38 -7.50 8.30
C GLY C 268 10.79 -6.99 8.42
N MET C 269 10.99 -5.87 9.10
CA MET C 269 12.31 -5.27 9.14
C MET C 269 13.30 -6.20 9.82
N GLU C 270 14.51 -6.28 9.27
CA GLU C 270 15.58 -7.04 9.89
C GLU C 270 15.92 -6.49 11.26
N SER C 271 15.50 -5.27 11.56
CA SER C 271 15.94 -4.58 12.75
C SER C 271 15.38 -5.27 14.00
N ALA C 272 15.63 -4.65 15.14
CA ALA C 272 15.17 -5.13 16.44
C ALA C 272 14.41 -4.03 17.18
N GLY C 273 13.59 -4.47 18.13
CA GLY C 273 12.74 -3.55 18.87
C GLY C 273 13.52 -2.38 19.46
N ILE C 274 12.77 -1.33 19.78
CA ILE C 274 13.38 -0.13 20.32
C ILE C 274 14.07 -0.46 21.64
N HIS C 275 13.39 -1.24 22.47
CA HIS C 275 13.88 -1.55 23.80
C HIS C 275 15.29 -2.11 23.78
N GLU C 276 15.53 -3.15 23.00
CA GLU C 276 16.84 -3.76 23.04
C GLU C 276 17.87 -2.96 22.29
N THR C 277 17.44 -2.11 21.37
CA THR C 277 18.34 -1.05 20.94
C THR C 277 18.81 -0.27 22.15
N THR C 278 17.88 0.15 22.99
CA THR C 278 18.25 0.79 24.23
C THR C 278 19.26 -0.06 24.99
N TYR C 279 18.97 -1.35 25.09
CA TYR C 279 19.73 -2.21 26.00
C TYR C 279 21.13 -2.49 25.48
N ASN C 280 21.26 -2.78 24.19
CA ASN C 280 22.58 -2.98 23.64
C ASN C 280 23.36 -1.68 23.68
N SER C 281 22.68 -0.55 23.47
CA SER C 281 23.36 0.72 23.68
C SER C 281 23.92 0.79 25.09
N ILE C 282 23.06 0.55 26.07
CA ILE C 282 23.46 0.73 27.46
C ILE C 282 24.62 -0.20 27.79
N MET C 283 24.49 -1.47 27.41
CA MET C 283 25.60 -2.38 27.58
C MET C 283 26.85 -1.82 26.94
N LYS C 284 26.73 -1.21 25.76
CA LYS C 284 27.86 -0.47 25.23
C LYS C 284 28.31 0.60 26.21
N CYS C 285 27.39 1.19 26.93
CA CYS C 285 27.75 2.24 27.86
C CYS C 285 28.70 1.67 28.92
N ASP C 286 29.30 2.54 29.72
CA ASP C 286 30.34 2.06 30.61
C ASP C 286 29.67 1.14 31.61
N ILE C 287 30.45 0.57 32.51
CA ILE C 287 29.93 -0.49 33.37
C ILE C 287 28.74 0.00 34.17
N ASP C 288 28.86 1.18 34.77
CA ASP C 288 27.88 1.61 35.74
C ASP C 288 27.13 2.86 35.34
N ILE C 289 27.41 3.42 34.17
CA ILE C 289 26.41 4.28 33.55
C ILE C 289 25.04 3.64 33.60
N ARG C 290 25.00 2.31 33.50
CA ARG C 290 23.73 1.65 33.23
C ARG C 290 22.66 2.08 34.21
N LYS C 291 22.99 2.15 35.51
CA LYS C 291 22.04 2.69 36.46
C LYS C 291 21.70 4.13 36.13
N ASP C 292 22.68 4.88 35.64
CA ASP C 292 22.39 6.23 35.17
C ASP C 292 21.27 6.19 34.17
N LEU C 293 21.44 5.37 33.15
CA LEU C 293 20.38 5.12 32.18
C LEU C 293 19.08 4.87 32.92
N TYR C 294 19.12 3.89 33.82
CA TYR C 294 17.92 3.40 34.47
C TYR C 294 17.16 4.54 35.09
N ALA C 295 17.87 5.50 35.65
CA ALA C 295 17.20 6.70 36.10
C ALA C 295 16.93 7.68 34.98
N ASN C 296 17.53 7.48 33.81
CA ASN C 296 17.59 8.45 32.73
C ASN C 296 17.06 7.87 31.45
N ASN C 297 16.23 6.86 31.58
CA ASN C 297 15.76 6.10 30.43
C ASN C 297 14.74 6.98 29.73
N VAL C 298 15.21 8.11 29.24
CA VAL C 298 14.30 9.15 28.74
C VAL C 298 13.77 8.73 27.38
N LEU C 299 12.48 8.43 27.33
CA LEU C 299 11.85 8.38 26.02
C LEU C 299 11.70 9.78 25.45
N SER C 300 11.60 9.83 24.13
CA SER C 300 11.25 11.05 23.44
C SER C 300 10.52 10.67 22.16
N GLY C 301 9.52 11.47 21.81
CA GLY C 301 8.74 11.26 20.60
C GLY C 301 7.26 11.06 20.80
N GLY C 302 6.47 12.07 20.41
CA GLY C 302 5.06 12.06 20.74
C GLY C 302 4.29 10.96 20.06
N THR C 303 4.55 10.72 18.78
CA THR C 303 3.84 9.65 18.10
C THR C 303 3.87 8.37 18.93
N THR C 304 4.91 8.18 19.72
CA THR C 304 5.06 7.10 20.69
C THR C 304 4.25 7.32 21.89
N MET C 305 3.37 8.30 21.82
CA MET C 305 2.57 8.72 22.96
C MET C 305 1.65 7.61 23.46
N TYR C 306 1.72 6.44 22.85
CA TYR C 306 0.69 5.46 23.05
C TYR C 306 0.69 4.96 24.49
N PRO C 307 -0.22 4.06 24.83
CA PRO C 307 -0.23 3.52 26.18
C PRO C 307 1.05 2.76 26.46
N GLY C 308 1.24 2.43 27.73
CA GLY C 308 2.18 1.42 28.13
C GLY C 308 3.60 1.67 27.66
N ILE C 309 3.80 2.78 26.95
CA ILE C 309 5.05 2.95 26.23
C ILE C 309 6.20 2.56 27.13
N ALA C 310 6.33 3.28 28.23
CA ALA C 310 7.25 2.86 29.28
C ALA C 310 6.84 1.49 29.81
N ASP C 311 5.55 1.29 30.06
CA ASP C 311 5.13 0.00 30.59
C ASP C 311 5.98 -1.13 30.02
N ARG C 312 5.91 -1.34 28.71
CA ARG C 312 6.90 -2.23 28.15
C ARG C 312 8.30 -1.78 28.45
N MET C 313 8.63 -0.53 28.12
CA MET C 313 10.03 -0.11 28.22
C MET C 313 10.69 -0.79 29.40
N GLN C 314 10.17 -0.48 30.59
CA GLN C 314 10.59 -1.12 31.82
C GLN C 314 10.42 -2.64 31.78
N LYS C 315 9.27 -3.16 31.34
CA LYS C 315 9.12 -4.58 31.61
C LYS C 315 10.21 -5.35 30.90
N GLU C 316 10.41 -5.08 29.62
CA GLU C 316 11.46 -5.80 28.90
C GLU C 316 12.84 -5.47 29.42
N ILE C 317 13.13 -4.20 29.71
CA ILE C 317 14.47 -3.94 30.20
C ILE C 317 14.71 -4.80 31.43
N THR C 318 13.76 -4.77 32.36
CA THR C 318 13.69 -5.77 33.40
C THR C 318 14.04 -7.14 32.85
N ALA C 319 13.25 -7.62 31.89
CA ALA C 319 13.45 -8.93 31.31
C ALA C 319 14.89 -9.12 30.88
N LEU C 320 15.62 -8.03 30.74
CA LEU C 320 16.99 -8.04 30.27
C LEU C 320 17.91 -7.48 31.34
N ALA C 321 17.49 -6.41 31.99
CA ALA C 321 18.33 -5.75 32.97
C ALA C 321 18.46 -6.60 34.22
N PRO C 322 19.59 -6.48 34.93
CA PRO C 322 19.68 -7.07 36.27
C PRO C 322 18.78 -6.33 37.25
N SER C 323 17.89 -7.08 37.91
CA SER C 323 17.03 -6.48 38.91
C SER C 323 17.85 -5.79 39.98
N THR C 324 19.09 -6.22 40.14
CA THR C 324 20.05 -5.43 40.91
C THR C 324 19.80 -3.96 40.69
N MET C 325 19.84 -3.54 39.44
CA MET C 325 19.68 -2.13 39.12
C MET C 325 18.21 -1.79 39.04
N LYS C 326 17.89 -0.53 39.31
CA LYS C 326 16.52 -0.04 39.25
C LYS C 326 16.38 0.87 38.04
N ILE C 327 15.41 0.56 37.20
CA ILE C 327 15.25 1.24 35.92
C ILE C 327 14.27 2.39 36.11
N LYS C 328 14.37 3.38 35.24
CA LYS C 328 13.29 4.35 35.11
C LYS C 328 13.42 5.02 33.76
N ILE C 329 12.56 4.67 32.85
CA ILE C 329 12.40 5.40 31.61
C ILE C 329 11.78 6.76 31.89
N ILE C 330 12.12 7.72 31.05
CA ILE C 330 11.70 9.11 31.22
C ILE C 330 11.04 9.57 29.93
N ALA C 331 9.79 10.00 30.03
CA ALA C 331 9.04 10.50 28.88
C ALA C 331 7.99 11.49 29.35
N PRO C 332 8.21 12.77 29.12
CA PRO C 332 7.16 13.74 29.38
C PRO C 332 6.03 13.53 28.40
N PRO C 333 4.81 13.94 28.75
CA PRO C 333 3.77 13.97 27.73
C PRO C 333 4.16 14.84 26.56
N GLU C 334 4.91 15.91 26.80
CA GLU C 334 5.03 17.01 25.86
C GLU C 334 6.24 16.84 24.98
N ARG C 335 6.41 15.63 24.47
CA ARG C 335 7.70 15.27 23.89
C ARG C 335 7.90 15.95 22.53
N LYS C 336 6.80 16.14 21.79
CA LYS C 336 6.91 16.95 20.58
C LYS C 336 7.62 18.26 20.88
N TYR C 337 7.13 18.99 21.84
CA TYR C 337 7.56 20.35 22.06
C TYR C 337 8.89 20.37 22.76
N SER C 338 9.10 19.36 23.61
CA SER C 338 10.35 19.18 24.30
C SER C 338 11.52 19.54 23.42
N VAL C 339 11.64 18.90 22.27
CA VAL C 339 12.74 19.23 21.38
C VAL C 339 12.70 20.72 21.07
N TRP C 340 11.54 21.23 20.67
CA TRP C 340 11.41 22.65 20.48
C TRP C 340 11.80 23.39 21.74
N ILE C 341 11.39 22.87 22.89
CA ILE C 341 11.59 23.61 24.12
C ILE C 341 13.08 23.78 24.38
N GLY C 342 13.82 22.68 24.35
CA GLY C 342 15.24 22.73 24.60
C GLY C 342 15.97 23.56 23.56
N GLY C 343 15.50 23.52 22.31
CA GLY C 343 16.08 24.41 21.32
C GLY C 343 15.82 25.86 21.66
N SER C 344 14.59 26.19 22.02
CA SER C 344 14.28 27.52 22.51
C SER C 344 15.23 27.88 23.63
N ILE C 345 15.59 26.88 24.43
CA ILE C 345 16.49 27.14 25.54
C ILE C 345 17.86 27.50 25.03
N LEU C 346 18.50 26.54 24.38
CA LEU C 346 19.85 26.72 23.88
C LEU C 346 19.97 28.01 23.11
N ALA C 347 19.22 28.12 22.03
CA ALA C 347 19.26 29.37 21.27
C ALA C 347 19.03 30.54 22.20
N SER C 348 17.94 30.48 22.96
CA SER C 348 17.67 31.47 23.98
C SER C 348 18.79 31.54 25.01
N LEU C 349 19.70 30.59 25.01
CA LEU C 349 20.79 30.64 25.97
C LEU C 349 21.74 31.78 25.63
N SER C 350 21.50 32.94 26.27
CA SER C 350 22.22 34.15 25.94
C SER C 350 23.72 33.93 26.00
N THR C 351 24.17 33.14 26.95
CA THR C 351 25.60 32.99 27.14
C THR C 351 26.19 32.26 25.95
N PHE C 352 25.40 32.10 24.88
CA PHE C 352 25.75 31.16 23.83
C PHE C 352 25.66 31.73 22.43
N GLN C 353 25.37 33.03 22.28
CA GLN C 353 25.18 33.53 20.93
C GLN C 353 26.42 33.40 20.08
N GLN C 354 27.57 33.18 20.70
CA GLN C 354 28.79 33.01 19.94
C GLN C 354 28.66 31.95 18.86
N MET C 355 27.84 30.92 19.08
CA MET C 355 27.78 29.81 18.14
C MET C 355 27.06 30.13 16.85
N TRP C 356 26.04 30.99 16.88
CA TRP C 356 25.21 31.16 15.68
C TRP C 356 26.02 31.40 14.42
N ILE C 357 25.47 30.86 13.34
CA ILE C 357 26.03 30.86 12.01
C ILE C 357 25.93 32.29 11.48
N SER C 358 27.04 33.00 11.45
CA SER C 358 26.99 34.36 10.94
C SER C 358 27.11 34.34 9.43
N LYS C 359 26.35 35.23 8.79
CA LYS C 359 26.54 35.43 7.36
C LYS C 359 28.01 35.41 7.01
N GLN C 360 28.78 36.32 7.61
CA GLN C 360 30.18 36.45 7.26
C GLN C 360 30.91 35.13 7.39
N GLU C 361 30.93 34.56 8.59
CA GLU C 361 31.68 33.33 8.82
C GLU C 361 31.50 32.39 7.64
N TYR C 362 30.26 32.08 7.30
CA TYR C 362 30.00 31.39 6.05
C TYR C 362 30.78 32.05 4.92
N ASP C 363 30.60 33.35 4.77
CA ASP C 363 31.05 34.05 3.58
C ASP C 363 32.51 33.76 3.33
N GLU C 364 33.32 34.00 4.35
CA GLU C 364 34.75 33.72 4.26
C GLU C 364 35.00 32.25 4.00
N ALA C 365 34.30 31.38 4.73
CA ALA C 365 34.52 29.95 4.59
C ALA C 365 33.41 29.27 3.80
N GLY C 366 32.63 30.04 3.06
CA GLY C 366 31.50 29.46 2.36
C GLY C 366 30.69 28.63 3.33
N PRO C 367 30.00 27.63 2.81
CA PRO C 367 29.22 26.75 3.71
C PRO C 367 30.12 25.78 4.45
N SER C 368 31.09 25.19 3.74
CA SER C 368 31.97 24.23 4.36
C SER C 368 32.42 24.67 5.74
N ILE C 369 32.52 25.97 5.96
CA ILE C 369 32.77 26.48 7.31
C ILE C 369 31.98 25.70 8.32
N VAL C 370 30.69 25.54 8.07
CA VAL C 370 29.73 25.03 9.03
C VAL C 370 30.27 23.84 9.77
N HIS C 371 31.16 23.10 9.14
CA HIS C 371 31.34 21.72 9.58
C HIS C 371 32.27 21.64 10.79
N ARG C 372 33.53 21.97 10.59
CA ARG C 372 34.46 21.85 11.69
C ARG C 372 34.19 22.90 12.75
N LYS C 373 34.28 22.47 14.01
CA LYS C 373 34.23 23.38 15.15
C LYS C 373 32.96 24.20 15.12
N CYS C 374 32.00 23.78 14.30
CA CYS C 374 30.74 24.48 14.25
C CYS C 374 29.72 23.57 13.59
N PHE C 375 28.46 23.80 13.92
CA PHE C 375 27.28 23.29 13.23
C PHE C 375 26.09 24.13 13.67
N ASP D 1 -16.16 -44.64 -8.99
CA ASP D 1 -15.96 -45.79 -9.87
C ASP D 1 -14.52 -45.86 -10.36
N ASP D 2 -13.59 -45.44 -9.51
CA ASP D 2 -12.17 -45.42 -9.87
C ASP D 2 -11.36 -45.45 -8.58
N GLU D 3 -10.08 -45.10 -8.69
CA GLU D 3 -9.18 -45.12 -7.54
C GLU D 3 -9.42 -43.92 -6.63
N GLU D 4 -8.51 -43.67 -5.70
CA GLU D 4 -8.76 -42.80 -4.55
C GLU D 4 -9.53 -41.53 -4.90
N THR D 5 -8.94 -40.65 -5.70
CA THR D 5 -9.64 -39.45 -6.13
C THR D 5 -8.70 -38.63 -7.00
N THR D 6 -9.28 -37.62 -7.63
CA THR D 6 -8.53 -36.53 -8.24
C THR D 6 -8.93 -35.24 -7.56
N ALA D 7 -7.96 -34.55 -7.00
CA ALA D 7 -8.25 -33.24 -6.47
C ALA D 7 -8.93 -32.41 -7.54
N LEU D 8 -9.59 -31.37 -7.10
CA LEU D 8 -10.47 -30.62 -7.96
C LEU D 8 -9.84 -29.25 -8.20
N VAL D 9 -9.07 -29.14 -9.27
CA VAL D 9 -8.38 -27.88 -9.53
C VAL D 9 -9.40 -26.91 -10.09
N CYS D 10 -10.06 -26.19 -9.18
CA CYS D 10 -11.11 -25.26 -9.50
C CYS D 10 -10.57 -23.85 -9.39
N ASP D 11 -10.69 -23.08 -10.47
CA ASP D 11 -10.05 -21.76 -10.55
C ASP D 11 -11.05 -20.73 -11.03
N ASN D 12 -11.46 -19.85 -10.13
CA ASN D 12 -12.34 -18.75 -10.46
C ASN D 12 -11.60 -17.60 -11.11
N GLY D 13 -10.98 -17.84 -12.27
CA GLY D 13 -10.22 -16.80 -12.92
C GLY D 13 -10.95 -15.49 -12.82
N SER D 14 -10.24 -14.45 -12.34
CA SER D 14 -10.92 -13.29 -11.78
C SER D 14 -12.14 -12.90 -12.58
N GLY D 15 -12.11 -13.12 -13.89
CA GLY D 15 -13.27 -12.91 -14.72
C GLY D 15 -14.11 -14.16 -14.89
N LEU D 16 -13.47 -15.30 -15.11
CA LEU D 16 -14.17 -16.56 -15.30
C LEU D 16 -13.71 -17.56 -14.26
N VAL D 17 -14.62 -18.35 -13.79
CA VAL D 17 -14.25 -19.49 -12.98
C VAL D 17 -13.87 -20.62 -13.92
N LYS D 18 -12.80 -21.32 -13.58
CA LYS D 18 -12.22 -22.33 -14.45
C LYS D 18 -11.64 -23.45 -13.61
N ALA D 19 -11.49 -24.61 -14.22
CA ALA D 19 -11.02 -25.73 -13.41
C ALA D 19 -10.78 -26.95 -14.27
N GLY D 20 -9.96 -27.85 -13.73
CA GLY D 20 -9.81 -29.19 -14.24
C GLY D 20 -9.73 -30.14 -13.07
N PHE D 21 -8.67 -30.94 -13.07
CA PHE D 21 -8.31 -31.75 -11.92
C PHE D 21 -6.83 -31.64 -11.62
N ALA D 22 -6.44 -32.23 -10.49
CA ALA D 22 -5.03 -32.46 -10.25
C ALA D 22 -4.44 -33.23 -11.41
N GLY D 23 -3.21 -32.91 -11.78
CA GLY D 23 -2.59 -33.52 -12.93
C GLY D 23 -3.28 -33.23 -14.24
N ASP D 24 -4.42 -32.55 -14.24
CA ASP D 24 -5.05 -32.20 -15.50
C ASP D 24 -4.13 -31.31 -16.30
N ASP D 25 -4.53 -31.05 -17.53
CA ASP D 25 -3.73 -30.26 -18.43
C ASP D 25 -4.49 -29.06 -18.98
N ALA D 26 -5.82 -29.06 -18.90
CA ALA D 26 -6.62 -27.98 -19.40
C ALA D 26 -7.80 -27.81 -18.47
N PRO D 27 -7.99 -26.64 -17.92
CA PRO D 27 -9.15 -26.43 -17.09
C PRO D 27 -10.38 -26.69 -17.91
N ARG D 28 -11.03 -27.81 -17.64
CA ARG D 28 -12.23 -28.14 -18.35
C ARG D 28 -13.36 -27.18 -18.07
N ALA D 29 -13.23 -26.35 -17.04
CA ALA D 29 -14.22 -25.33 -16.72
C ALA D 29 -13.64 -23.96 -17.08
N VAL D 30 -14.40 -23.19 -17.87
CA VAL D 30 -14.05 -21.80 -18.15
C VAL D 30 -15.32 -21.03 -18.48
N PHE D 31 -15.63 -20.00 -17.71
CA PHE D 31 -16.81 -19.24 -18.11
C PHE D 31 -17.09 -18.03 -17.22
N PRO D 32 -17.99 -17.15 -17.64
CA PRO D 32 -18.10 -15.84 -17.00
C PRO D 32 -18.53 -15.92 -15.55
N SER D 33 -18.06 -14.96 -14.76
CA SER D 33 -18.37 -14.85 -13.34
C SER D 33 -19.52 -13.87 -13.10
N ILE D 34 -20.58 -14.02 -13.87
CA ILE D 34 -21.69 -13.09 -13.85
C ILE D 34 -22.99 -13.77 -13.49
N VAL D 35 -23.94 -12.94 -13.08
CA VAL D 35 -25.32 -13.35 -12.87
C VAL D 35 -26.19 -12.44 -13.73
N GLY D 36 -27.34 -12.95 -14.15
CA GLY D 36 -28.11 -12.27 -15.17
C GLY D 36 -29.58 -12.17 -14.87
N ARG D 37 -30.13 -10.96 -14.97
CA ARG D 37 -31.54 -10.73 -14.71
C ARG D 37 -32.22 -10.23 -15.97
N PRO D 38 -33.27 -10.90 -16.43
CA PRO D 38 -34.12 -10.32 -17.47
C PRO D 38 -34.95 -9.22 -16.83
N ARG D 39 -35.59 -8.42 -17.67
CA ARG D 39 -36.45 -7.38 -17.12
C ARG D 39 -37.92 -7.69 -17.30
N HIS D 40 -38.35 -7.85 -18.53
CA HIS D 40 -39.73 -7.57 -18.90
C HIS D 40 -40.69 -8.68 -18.55
N GLN D 41 -40.32 -9.94 -18.77
CA GLN D 41 -41.28 -11.03 -18.69
C GLN D 41 -42.47 -10.80 -19.62
N GLY D 42 -42.19 -10.87 -20.90
CA GLY D 42 -43.25 -11.16 -21.83
C GLY D 42 -43.89 -12.38 -21.24
N VAL D 43 -45.20 -12.38 -21.08
CA VAL D 43 -45.87 -13.56 -20.57
C VAL D 43 -45.64 -14.69 -21.55
N MET D 44 -44.83 -15.65 -21.16
CA MET D 44 -44.37 -16.68 -22.08
C MET D 44 -44.90 -18.01 -21.61
N VAL D 45 -45.53 -18.74 -22.53
CA VAL D 45 -45.99 -20.05 -22.17
C VAL D 45 -44.83 -20.83 -21.58
N GLY D 46 -45.17 -21.87 -20.85
CA GLY D 46 -44.18 -22.80 -20.39
C GLY D 46 -43.07 -22.14 -19.60
N MET D 47 -41.98 -22.87 -19.46
CA MET D 47 -40.90 -22.46 -18.58
C MET D 47 -39.59 -22.92 -19.18
N GLY D 48 -38.56 -23.02 -18.35
CA GLY D 48 -37.20 -23.15 -18.82
C GLY D 48 -36.48 -21.83 -18.93
N GLN D 49 -37.12 -20.75 -18.52
CA GLN D 49 -36.57 -19.42 -18.67
C GLN D 49 -35.96 -19.02 -17.33
N LYS D 50 -34.78 -19.55 -17.08
CA LYS D 50 -34.17 -19.33 -15.78
C LYS D 50 -33.89 -17.87 -15.53
N ASP D 51 -34.10 -17.46 -14.29
CA ASP D 51 -33.60 -16.17 -13.86
C ASP D 51 -32.08 -16.11 -13.98
N SER D 52 -31.39 -17.15 -13.51
CA SER D 52 -29.97 -17.03 -13.18
C SER D 52 -29.16 -18.25 -13.58
N TYR D 53 -29.26 -18.68 -14.84
CA TYR D 53 -28.34 -19.69 -15.34
C TYR D 53 -27.08 -19.11 -15.95
N VAL D 54 -26.58 -17.99 -15.44
CA VAL D 54 -25.52 -17.29 -16.16
C VAL D 54 -24.43 -18.26 -16.56
N GLY D 55 -23.71 -18.78 -15.57
CA GLY D 55 -22.72 -19.80 -15.88
C GLY D 55 -22.04 -19.46 -17.18
N ASP D 56 -22.25 -20.34 -18.16
CA ASP D 56 -21.81 -20.08 -19.52
C ASP D 56 -22.96 -19.97 -20.50
N GLU D 57 -24.22 -20.09 -20.05
CA GLU D 57 -25.30 -19.94 -21.01
C GLU D 57 -25.77 -18.50 -21.08
N ALA D 58 -25.85 -17.84 -19.93
CA ALA D 58 -26.59 -16.59 -19.82
C ALA D 58 -26.17 -15.60 -20.87
N GLN D 59 -24.88 -15.55 -21.18
CA GLN D 59 -24.48 -14.63 -22.23
C GLN D 59 -25.29 -14.91 -23.48
N SER D 60 -25.70 -16.16 -23.67
CA SER D 60 -26.75 -16.40 -24.63
C SER D 60 -27.95 -15.55 -24.28
N LYS D 61 -28.24 -15.41 -22.99
CA LYS D 61 -29.36 -14.59 -22.57
C LYS D 61 -28.92 -13.16 -22.35
N ARG D 62 -27.81 -12.75 -22.97
CA ARG D 62 -27.35 -11.41 -22.67
C ARG D 62 -28.46 -10.44 -23.07
N GLY D 63 -28.32 -9.21 -22.62
CA GLY D 63 -29.29 -8.17 -22.83
C GLY D 63 -30.41 -8.23 -21.82
N ILE D 64 -31.37 -9.12 -22.03
CA ILE D 64 -32.46 -9.23 -21.06
C ILE D 64 -31.92 -9.57 -19.68
N LEU D 65 -31.04 -10.55 -19.61
CA LEU D 65 -30.39 -10.90 -18.38
C LEU D 65 -29.26 -9.92 -18.15
N THR D 66 -29.17 -9.39 -16.93
CA THR D 66 -28.11 -8.43 -16.60
C THR D 66 -26.87 -9.19 -16.14
N LEU D 67 -25.95 -8.48 -15.49
CA LEU D 67 -24.63 -9.03 -15.16
C LEU D 67 -24.38 -8.93 -13.66
N LYS D 68 -23.80 -9.98 -13.09
CA LYS D 68 -23.41 -9.94 -11.69
C LYS D 68 -22.19 -10.81 -11.44
N TYR D 69 -21.07 -10.17 -11.13
CA TYR D 69 -19.98 -10.85 -10.46
C TYR D 69 -20.29 -10.90 -8.97
N PRO D 70 -20.01 -12.00 -8.26
CA PRO D 70 -20.00 -11.93 -6.80
C PRO D 70 -18.69 -11.42 -6.24
N ILE D 71 -17.57 -11.65 -6.93
CA ILE D 71 -16.22 -11.34 -6.48
C ILE D 71 -15.83 -10.01 -7.11
N GLU D 72 -16.85 -9.22 -7.41
CA GLU D 72 -16.83 -8.16 -8.39
C GLU D 72 -15.46 -7.52 -8.48
N HIS D 73 -14.96 -7.08 -7.34
CA HIS D 73 -13.64 -6.48 -7.21
C HIS D 73 -12.63 -7.51 -6.76
N GLY D 74 -12.73 -8.73 -7.28
CA GLY D 74 -12.00 -9.80 -6.66
C GLY D 74 -12.51 -9.81 -5.24
N ILE D 75 -13.79 -9.52 -5.10
CA ILE D 75 -14.43 -9.33 -3.82
C ILE D 75 -15.80 -9.97 -3.89
N ILE D 76 -15.95 -11.13 -3.28
CA ILE D 76 -17.26 -11.78 -3.35
C ILE D 76 -18.23 -10.99 -2.51
N THR D 77 -19.05 -10.19 -3.17
CA THR D 77 -20.14 -9.53 -2.46
C THR D 77 -21.23 -10.52 -2.10
N ASN D 78 -21.44 -11.52 -2.93
CA ASN D 78 -22.45 -12.52 -2.63
C ASN D 78 -21.97 -13.90 -3.02
N TRP D 79 -22.61 -14.91 -2.44
CA TRP D 79 -22.06 -16.25 -2.42
C TRP D 79 -23.01 -17.27 -3.02
N ASP D 80 -24.25 -17.27 -2.56
CA ASP D 80 -25.24 -18.16 -3.13
C ASP D 80 -25.21 -18.05 -4.64
N ASP D 81 -25.15 -16.82 -5.12
CA ASP D 81 -24.76 -16.60 -6.50
C ASP D 81 -23.58 -17.51 -6.84
N MET D 82 -22.45 -17.26 -6.18
CA MET D 82 -21.27 -18.06 -6.44
C MET D 82 -21.49 -19.50 -6.03
N GLU D 83 -22.38 -19.72 -5.08
CA GLU D 83 -22.69 -21.06 -4.64
C GLU D 83 -23.19 -21.90 -5.80
N LYS D 84 -24.37 -21.53 -6.31
CA LYS D 84 -24.89 -22.21 -7.47
C LYS D 84 -23.95 -22.06 -8.64
N ILE D 85 -23.10 -21.04 -8.63
CA ILE D 85 -22.04 -20.99 -9.61
C ILE D 85 -21.24 -22.27 -9.55
N TRP D 86 -20.80 -22.61 -8.35
CA TRP D 86 -20.07 -23.84 -8.15
C TRP D 86 -20.91 -25.01 -8.60
N HIS D 87 -22.13 -25.10 -8.08
CA HIS D 87 -22.96 -26.25 -8.42
C HIS D 87 -23.09 -26.40 -9.92
N HIS D 88 -23.48 -25.33 -10.60
CA HIS D 88 -23.35 -25.30 -12.04
C HIS D 88 -22.07 -25.99 -12.47
N THR D 89 -20.96 -25.56 -11.89
CA THR D 89 -19.69 -26.12 -12.29
C THR D 89 -19.73 -27.63 -12.14
N PHE D 90 -19.87 -28.05 -10.89
CA PHE D 90 -19.68 -29.38 -10.39
C PHE D 90 -20.72 -30.34 -10.93
N TYR D 91 -21.75 -29.82 -11.56
CA TYR D 91 -22.92 -30.62 -11.87
C TYR D 91 -23.38 -30.46 -13.29
N ASN D 92 -22.83 -29.51 -14.01
CA ASN D 92 -23.12 -29.31 -15.41
C ASN D 92 -21.87 -29.43 -16.26
N GLU D 93 -20.82 -28.71 -15.87
CA GLU D 93 -19.55 -28.79 -16.58
C GLU D 93 -18.55 -29.59 -15.75
N LEU D 94 -18.50 -29.37 -14.45
CA LEU D 94 -17.91 -30.41 -13.63
C LEU D 94 -18.83 -31.59 -13.50
N ARG D 95 -20.14 -31.35 -13.49
CA ARG D 95 -21.14 -32.41 -13.44
C ARG D 95 -20.64 -33.54 -12.57
N VAL D 96 -20.04 -33.20 -11.44
CA VAL D 96 -19.28 -34.12 -10.62
C VAL D 96 -19.55 -33.84 -9.15
N ALA D 97 -19.55 -34.89 -8.36
CA ALA D 97 -19.77 -34.73 -6.93
C ALA D 97 -18.54 -34.13 -6.27
N PRO D 98 -18.68 -33.02 -5.55
CA PRO D 98 -17.54 -32.54 -4.76
C PRO D 98 -17.08 -33.56 -3.74
N GLU D 99 -18.02 -34.31 -3.18
CA GLU D 99 -17.79 -35.01 -1.93
C GLU D 99 -16.61 -35.97 -2.01
N GLU D 100 -16.25 -36.41 -3.20
CA GLU D 100 -15.28 -37.47 -3.35
C GLU D 100 -14.01 -37.03 -4.06
N HIS D 101 -13.93 -35.79 -4.51
CA HIS D 101 -12.72 -35.29 -5.14
C HIS D 101 -12.16 -34.10 -4.38
N PRO D 102 -10.91 -34.13 -3.98
CA PRO D 102 -10.34 -33.03 -3.23
C PRO D 102 -10.28 -31.82 -4.14
N THR D 103 -10.06 -30.67 -3.55
CA THR D 103 -9.83 -29.48 -4.35
C THR D 103 -8.94 -28.50 -3.60
N LEU D 104 -8.06 -27.85 -4.36
CA LEU D 104 -7.33 -26.70 -3.88
C LEU D 104 -8.13 -25.47 -4.25
N LEU D 105 -7.96 -24.40 -3.47
CA LEU D 105 -8.77 -23.21 -3.64
C LEU D 105 -7.89 -22.05 -4.09
N THR D 106 -8.38 -21.33 -5.10
CA THR D 106 -7.68 -20.22 -5.73
C THR D 106 -8.12 -18.92 -5.08
N GLU D 107 -7.17 -18.12 -4.64
CA GLU D 107 -7.51 -16.87 -3.99
C GLU D 107 -6.41 -15.84 -4.19
N ALA D 108 -6.81 -14.60 -4.32
CA ALA D 108 -5.81 -13.56 -4.25
C ALA D 108 -5.71 -13.04 -2.83
N PRO D 109 -4.59 -12.44 -2.48
CA PRO D 109 -4.46 -11.82 -1.16
C PRO D 109 -5.50 -10.73 -0.99
N LEU D 110 -5.44 -10.10 0.18
CA LEU D 110 -6.27 -8.95 0.52
C LEU D 110 -7.67 -9.35 0.96
N ASN D 111 -7.94 -10.63 1.12
CA ASN D 111 -9.29 -11.05 1.46
C ASN D 111 -9.47 -11.09 2.97
N PRO D 112 -10.43 -10.36 3.50
CA PRO D 112 -10.84 -10.60 4.88
C PRO D 112 -11.24 -12.05 5.06
N LYS D 113 -10.85 -12.60 6.22
CA LYS D 113 -10.73 -14.04 6.37
C LYS D 113 -12.07 -14.73 6.16
N ALA D 114 -13.13 -14.15 6.73
CA ALA D 114 -14.41 -14.84 6.75
C ALA D 114 -14.85 -15.23 5.35
N ASN D 115 -14.45 -14.46 4.34
CA ASN D 115 -14.71 -14.91 2.99
C ASN D 115 -14.34 -16.36 2.84
N ARG D 116 -13.07 -16.67 3.08
CA ARG D 116 -12.65 -18.05 2.99
C ARG D 116 -13.30 -18.90 4.06
N GLU D 117 -13.41 -18.38 5.28
CA GLU D 117 -14.09 -19.17 6.30
C GLU D 117 -15.36 -19.78 5.73
N LYS D 118 -16.28 -18.90 5.33
CA LYS D 118 -17.58 -19.32 4.82
C LYS D 118 -17.43 -20.21 3.60
N MET D 119 -16.67 -19.77 2.62
CA MET D 119 -16.52 -20.59 1.43
C MET D 119 -16.12 -21.99 1.85
N THR D 120 -15.18 -22.09 2.77
CA THR D 120 -14.68 -23.38 3.22
C THR D 120 -15.79 -24.23 3.79
N GLN D 121 -16.41 -23.78 4.87
CA GLN D 121 -17.34 -24.70 5.51
C GLN D 121 -18.37 -25.10 4.49
N ILE D 122 -18.97 -24.10 3.83
CA ILE D 122 -20.07 -24.41 2.94
C ILE D 122 -19.62 -25.37 1.87
N MET D 123 -18.37 -25.27 1.46
CA MET D 123 -17.86 -26.24 0.50
C MET D 123 -17.89 -27.63 1.09
N PHE D 124 -17.52 -27.76 2.36
CA PHE D 124 -17.70 -29.06 3.01
C PHE D 124 -19.16 -29.47 3.02
N GLU D 125 -20.07 -28.60 3.45
CA GLU D 125 -21.41 -29.10 3.74
C GLU D 125 -22.17 -29.30 2.44
N THR D 126 -22.35 -28.22 1.69
CA THR D 126 -22.97 -28.33 0.39
C THR D 126 -22.19 -29.31 -0.47
N PHE D 127 -20.93 -29.54 -0.15
CA PHE D 127 -20.05 -30.22 -1.09
C PHE D 127 -19.43 -31.50 -0.54
N ASN D 128 -19.12 -31.53 0.74
CA ASN D 128 -18.61 -32.76 1.34
C ASN D 128 -17.48 -33.36 0.51
N VAL D 129 -16.79 -32.51 -0.25
CA VAL D 129 -15.62 -32.97 -0.97
C VAL D 129 -14.81 -33.79 0.00
N PRO D 130 -13.97 -34.69 -0.47
CA PRO D 130 -13.15 -35.44 0.48
C PRO D 130 -12.37 -34.52 1.40
N ALA D 131 -11.85 -33.44 0.84
CA ALA D 131 -11.26 -32.35 1.60
C ALA D 131 -10.89 -31.27 0.60
N MET D 132 -10.89 -30.05 1.08
CA MET D 132 -10.55 -28.92 0.23
C MET D 132 -9.17 -28.41 0.62
N TYR D 133 -8.80 -27.32 -0.02
CA TYR D 133 -7.60 -26.59 0.39
C TYR D 133 -7.54 -25.33 -0.45
N VAL D 134 -7.20 -24.20 0.16
CA VAL D 134 -7.16 -22.97 -0.58
C VAL D 134 -5.72 -22.64 -0.91
N ALA D 135 -5.53 -21.73 -1.85
CA ALA D 135 -4.20 -21.29 -2.22
C ALA D 135 -4.30 -19.96 -2.96
N ILE D 136 -3.42 -19.03 -2.62
CA ILE D 136 -3.43 -17.75 -3.31
C ILE D 136 -3.23 -17.96 -4.79
N GLN D 137 -4.26 -17.61 -5.56
CA GLN D 137 -4.09 -17.40 -6.98
C GLN D 137 -2.71 -16.85 -7.30
N ALA D 138 -2.28 -15.84 -6.56
CA ALA D 138 -0.95 -15.29 -6.79
C ALA D 138 0.08 -16.39 -6.66
N VAL D 139 0.12 -17.05 -5.50
CA VAL D 139 1.08 -18.10 -5.27
C VAL D 139 0.92 -19.20 -6.30
N LEU D 140 -0.33 -19.47 -6.68
CA LEU D 140 -0.61 -20.56 -7.59
C LEU D 140 0.09 -20.33 -8.92
N SER D 141 -0.12 -19.16 -9.51
CA SER D 141 0.71 -18.76 -10.63
C SER D 141 2.18 -18.88 -10.28
N LEU D 142 2.54 -18.48 -9.07
CA LEU D 142 3.94 -18.46 -8.70
C LEU D 142 4.59 -19.79 -8.99
N TYR D 143 4.13 -20.85 -8.33
CA TYR D 143 4.62 -22.15 -8.71
C TYR D 143 4.38 -22.36 -10.19
N ALA D 144 3.20 -21.98 -10.66
CA ALA D 144 2.95 -21.92 -12.09
C ALA D 144 4.07 -21.20 -12.81
N SER D 145 4.85 -20.40 -12.09
CA SER D 145 6.06 -19.84 -12.68
C SER D 145 7.20 -20.84 -12.63
N GLY D 146 7.39 -21.48 -11.49
CA GLY D 146 8.50 -22.39 -11.33
C GLY D 146 9.84 -21.71 -11.27
N ARG D 147 9.92 -20.44 -11.59
CA ARG D 147 11.11 -19.66 -11.29
C ARG D 147 11.02 -19.19 -9.85
N THR D 148 11.27 -20.12 -8.93
CA THR D 148 10.99 -19.87 -7.52
C THR D 148 11.59 -18.58 -7.00
N THR D 149 12.49 -17.96 -7.75
CA THR D 149 13.04 -16.67 -7.39
C THR D 149 12.58 -15.62 -8.39
N GLY D 150 12.40 -14.40 -7.92
CA GLY D 150 11.91 -13.32 -8.76
C GLY D 150 10.46 -12.97 -8.51
N ILE D 151 10.08 -11.74 -8.83
CA ILE D 151 8.69 -11.31 -8.77
C ILE D 151 7.94 -11.88 -9.96
N VAL D 152 6.62 -11.92 -9.84
CA VAL D 152 5.76 -12.11 -11.00
C VAL D 152 4.75 -10.98 -11.03
N LEU D 153 4.48 -10.47 -12.23
CA LEU D 153 3.48 -9.44 -12.42
C LEU D 153 2.18 -10.13 -12.79
N ASP D 154 1.25 -10.17 -11.84
CA ASP D 154 -0.03 -10.85 -12.03
C ASP D 154 -1.09 -9.82 -12.37
N SER D 155 -1.25 -9.55 -13.66
CA SER D 155 -2.35 -8.73 -14.16
C SER D 155 -3.15 -9.63 -15.07
N GLY D 156 -4.06 -10.39 -14.48
CA GLY D 156 -4.60 -11.54 -15.18
C GLY D 156 -6.02 -11.44 -15.63
N ASP D 157 -6.83 -12.39 -15.20
CA ASP D 157 -8.22 -12.41 -15.62
C ASP D 157 -8.83 -11.02 -15.46
N GLY D 158 -8.77 -10.49 -14.24
CA GLY D 158 -9.06 -9.10 -13.98
C GLY D 158 -8.24 -8.55 -12.82
N VAL D 159 -7.14 -9.22 -12.49
CA VAL D 159 -6.43 -9.00 -11.23
C VAL D 159 -5.13 -8.25 -11.51
N THR D 160 -4.44 -7.87 -10.44
CA THR D 160 -3.14 -7.24 -10.56
C THR D 160 -2.41 -7.25 -9.24
N HIS D 161 -1.26 -7.92 -9.21
CA HIS D 161 -0.32 -7.83 -8.10
C HIS D 161 1.09 -7.87 -8.66
N ASN D 162 2.03 -7.50 -7.82
CA ASN D 162 3.43 -7.84 -8.00
C ASN D 162 3.78 -8.93 -7.01
N VAL D 163 4.52 -9.93 -7.47
CA VAL D 163 4.79 -11.07 -6.61
C VAL D 163 6.28 -11.34 -6.52
N PRO D 164 7.02 -10.50 -5.79
CA PRO D 164 8.45 -10.75 -5.63
C PRO D 164 8.64 -12.12 -5.01
N ILE D 165 9.59 -12.87 -5.54
CA ILE D 165 9.79 -14.24 -5.10
C ILE D 165 11.25 -14.61 -5.30
N TYR D 166 11.68 -15.64 -4.59
CA TYR D 166 13.11 -15.95 -4.51
C TYR D 166 13.22 -17.39 -4.08
N GLU D 167 13.47 -18.28 -5.02
CA GLU D 167 13.36 -19.72 -4.82
C GLU D 167 12.18 -20.02 -3.90
N GLY D 168 11.01 -19.56 -4.32
CA GLY D 168 9.83 -19.67 -3.49
C GLY D 168 9.69 -18.57 -2.48
N TYR D 169 10.71 -17.74 -2.33
CA TYR D 169 10.76 -16.76 -1.27
C TYR D 169 10.25 -15.43 -1.78
N ALA D 170 9.12 -14.99 -1.24
CA ALA D 170 8.44 -13.77 -1.63
C ALA D 170 8.31 -12.84 -0.42
N LEU D 171 8.40 -11.55 -0.65
CA LEU D 171 8.22 -10.59 0.43
C LEU D 171 6.84 -9.97 0.34
N PRO D 172 5.91 -10.33 1.21
CA PRO D 172 4.60 -9.69 1.16
C PRO D 172 4.71 -8.20 1.34
N HIS D 173 5.64 -7.76 2.19
CA HIS D 173 5.83 -6.34 2.38
C HIS D 173 6.00 -5.64 1.05
N ALA D 174 6.90 -6.14 0.22
CA ALA D 174 7.09 -5.58 -1.11
C ALA D 174 5.95 -5.92 -2.06
N ILE D 175 5.05 -6.81 -1.68
CA ILE D 175 4.01 -7.31 -2.59
C ILE D 175 2.84 -6.34 -2.60
N MET D 176 2.19 -6.23 -3.76
CA MET D 176 1.20 -5.19 -4.01
C MET D 176 0.13 -5.66 -5.00
N ARG D 177 -0.97 -4.90 -5.05
CA ARG D 177 -2.02 -5.05 -6.03
C ARG D 177 -2.16 -3.76 -6.83
N LEU D 178 -2.61 -3.91 -8.08
CA LEU D 178 -3.10 -2.78 -8.85
C LEU D 178 -4.57 -3.00 -9.15
N ASP D 179 -5.43 -2.19 -8.55
CA ASP D 179 -6.85 -2.40 -8.69
C ASP D 179 -7.26 -2.60 -10.14
N LEU D 180 -6.42 -2.19 -11.07
CA LEU D 180 -6.78 -2.28 -12.48
C LEU D 180 -7.30 -3.67 -12.82
N ALA D 181 -8.36 -3.70 -13.62
CA ALA D 181 -8.87 -4.92 -14.19
C ALA D 181 -9.18 -4.64 -15.65
N GLY D 182 -8.92 -5.62 -16.51
CA GLY D 182 -9.30 -5.49 -17.89
C GLY D 182 -10.70 -4.93 -18.03
N ARG D 183 -11.57 -5.28 -17.08
CA ARG D 183 -12.80 -4.55 -16.89
C ARG D 183 -12.56 -3.05 -16.79
N ASP D 184 -11.54 -2.64 -16.06
CA ASP D 184 -11.30 -1.21 -15.93
C ASP D 184 -11.01 -0.59 -17.29
N LEU D 185 -10.14 -1.24 -18.04
CA LEU D 185 -9.82 -0.76 -19.36
C LEU D 185 -11.06 -0.70 -20.20
N THR D 186 -11.81 -1.80 -20.20
CA THR D 186 -13.19 -1.82 -20.66
C THR D 186 -13.86 -0.50 -20.39
N ASP D 187 -13.79 -0.08 -19.14
CA ASP D 187 -14.45 1.13 -18.74
C ASP D 187 -13.99 2.26 -19.62
N TYR D 188 -12.73 2.62 -19.48
CA TYR D 188 -12.29 3.81 -20.19
C TYR D 188 -12.61 3.71 -21.67
N LEU D 189 -12.56 2.49 -22.21
CA LEU D 189 -12.97 2.28 -23.57
C LEU D 189 -14.38 2.75 -23.80
N MET D 190 -15.30 2.32 -22.95
CA MET D 190 -16.66 2.76 -23.11
C MET D 190 -16.68 4.27 -23.09
N LYS D 191 -16.04 4.84 -22.06
CA LYS D 191 -15.90 6.28 -21.96
C LYS D 191 -15.62 6.88 -23.31
N ILE D 192 -14.48 6.50 -23.87
CA ILE D 192 -13.97 7.12 -25.06
C ILE D 192 -14.88 6.87 -26.24
N LEU D 193 -15.02 5.61 -26.64
CA LEU D 193 -15.76 5.33 -27.85
C LEU D 193 -17.12 5.98 -27.83
N THR D 194 -17.84 5.82 -26.72
CA THR D 194 -19.17 6.40 -26.59
C THR D 194 -19.09 7.90 -26.82
N GLU D 195 -18.35 8.60 -25.96
CA GLU D 195 -18.25 10.05 -26.13
C GLU D 195 -17.78 10.40 -27.54
N ARG D 196 -16.93 9.56 -28.11
CA ARG D 196 -16.39 9.73 -29.44
C ARG D 196 -17.39 9.44 -30.53
N GLY D 197 -18.65 9.27 -30.21
CA GLY D 197 -19.62 9.08 -31.25
C GLY D 197 -20.39 7.80 -31.08
N TYR D 198 -20.45 7.30 -29.85
CA TYR D 198 -21.00 5.97 -29.66
C TYR D 198 -21.85 5.98 -28.41
N SER D 199 -22.78 5.03 -28.33
CA SER D 199 -23.72 4.96 -27.22
C SER D 199 -23.64 3.57 -26.62
N PHE D 200 -22.65 3.33 -25.77
CA PHE D 200 -22.20 1.97 -25.49
C PHE D 200 -22.11 1.76 -23.98
N VAL D 201 -23.19 1.27 -23.41
CA VAL D 201 -23.29 1.17 -21.95
C VAL D 201 -23.75 -0.21 -21.53
N THR D 202 -24.36 -0.94 -22.43
CA THR D 202 -25.16 -2.07 -21.96
C THR D 202 -24.26 -3.23 -21.58
N THR D 203 -24.79 -4.06 -20.69
CA THR D 203 -23.99 -5.12 -20.11
C THR D 203 -23.22 -5.88 -21.18
N ALA D 204 -23.93 -6.56 -22.07
CA ALA D 204 -23.26 -7.22 -23.16
C ALA D 204 -22.62 -6.21 -24.09
N GLU D 205 -23.04 -4.94 -24.01
CA GLU D 205 -22.28 -3.92 -24.71
C GLU D 205 -20.87 -3.90 -24.17
N ARG D 206 -20.77 -3.93 -22.85
CA ARG D 206 -19.49 -4.18 -22.20
C ARG D 206 -18.90 -5.49 -22.67
N GLU D 207 -19.76 -6.48 -22.95
CA GLU D 207 -19.25 -7.74 -23.45
C GLU D 207 -18.49 -7.52 -24.74
N ILE D 208 -19.13 -6.87 -25.68
CA ILE D 208 -18.51 -6.62 -26.97
C ILE D 208 -17.22 -5.86 -26.78
N VAL D 209 -17.25 -4.85 -25.93
CA VAL D 209 -16.07 -4.00 -25.79
C VAL D 209 -14.90 -4.79 -25.24
N ARG D 210 -15.16 -5.62 -24.22
CA ARG D 210 -14.09 -6.45 -23.70
C ARG D 210 -13.58 -7.40 -24.77
N ASP D 211 -14.48 -7.95 -25.55
CA ASP D 211 -14.05 -8.73 -26.68
C ASP D 211 -13.14 -7.91 -27.55
N ILE D 212 -13.51 -6.65 -27.76
CA ILE D 212 -12.77 -5.76 -28.63
C ILE D 212 -11.35 -5.64 -28.13
N LYS D 213 -11.21 -5.35 -26.85
CA LYS D 213 -9.88 -5.23 -26.29
C LYS D 213 -9.11 -6.52 -26.50
N GLU D 214 -9.70 -7.64 -26.09
CA GLU D 214 -8.94 -8.87 -26.05
C GLU D 214 -8.69 -9.41 -27.44
N LYS D 215 -9.31 -8.83 -28.47
CA LYS D 215 -9.01 -9.25 -29.83
C LYS D 215 -8.17 -8.25 -30.60
N LEU D 216 -8.35 -6.99 -30.39
CA LEU D 216 -7.73 -5.99 -31.23
C LEU D 216 -6.98 -4.93 -30.44
N CYS D 217 -7.53 -4.51 -29.31
CA CYS D 217 -6.88 -3.44 -28.57
C CYS D 217 -5.51 -3.87 -28.11
N TYR D 218 -4.56 -2.96 -28.19
CA TYR D 218 -3.15 -3.25 -27.99
C TYR D 218 -2.54 -2.08 -27.25
N VAL D 219 -1.21 -2.01 -27.31
CA VAL D 219 -0.48 -0.80 -26.97
C VAL D 219 0.79 -0.74 -27.79
N ALA D 220 1.18 0.49 -28.16
CA ALA D 220 2.49 0.74 -28.73
C ALA D 220 3.46 1.10 -27.63
N LEU D 221 4.67 0.55 -27.72
CA LEU D 221 5.73 0.86 -26.78
C LEU D 221 5.72 2.32 -26.38
N ASP D 222 5.93 3.19 -27.35
CA ASP D 222 5.97 4.62 -27.11
C ASP D 222 4.57 5.21 -27.18
N PHE D 223 4.47 6.45 -26.75
CA PHE D 223 3.26 7.23 -26.81
C PHE D 223 3.36 8.46 -27.69
N GLU D 224 4.25 9.36 -27.34
CA GLU D 224 4.13 10.71 -27.86
C GLU D 224 4.49 10.77 -29.33
N ASN D 225 5.65 10.24 -29.69
CA ASN D 225 5.89 9.96 -31.10
C ASN D 225 4.87 8.95 -31.59
N GLU D 226 4.57 7.95 -30.76
CA GLU D 226 3.44 7.09 -31.08
C GLU D 226 2.17 7.91 -31.22
N MET D 227 2.03 8.95 -30.41
CA MET D 227 0.92 9.86 -30.56
C MET D 227 0.89 10.51 -31.93
N ALA D 228 2.02 11.03 -32.38
CA ALA D 228 2.04 11.63 -33.70
C ALA D 228 1.67 10.59 -34.75
N THR D 229 2.25 9.41 -34.63
CA THR D 229 1.84 8.30 -35.46
C THR D 229 0.33 8.22 -35.51
N ALA D 230 -0.29 8.16 -34.34
CA ALA D 230 -1.74 8.17 -34.27
C ALA D 230 -2.31 9.37 -35.02
N ALA D 231 -1.58 10.47 -35.02
CA ALA D 231 -2.11 11.71 -35.58
C ALA D 231 -2.61 11.51 -37.00
N SER D 232 -1.97 10.63 -37.77
CA SER D 232 -2.47 10.33 -39.11
C SER D 232 -2.35 8.87 -39.50
N SER D 233 -1.78 8.02 -38.67
CA SER D 233 -1.45 6.66 -39.09
C SER D 233 -2.74 5.96 -39.49
N SER D 234 -2.93 5.75 -40.79
CA SER D 234 -4.16 5.17 -41.28
C SER D 234 -4.25 3.68 -41.00
N SER D 235 -3.12 2.99 -40.91
CA SER D 235 -3.15 1.54 -40.72
C SER D 235 -4.00 1.17 -39.52
N LEU D 236 -3.71 1.77 -38.36
CA LEU D 236 -4.55 1.57 -37.19
C LEU D 236 -5.98 1.96 -37.45
N GLU D 237 -6.21 2.89 -38.37
CA GLU D 237 -7.52 3.50 -38.55
C GLU D 237 -8.48 2.48 -39.17
N LYS D 238 -8.78 1.46 -38.37
CA LYS D 238 -9.51 0.29 -38.81
C LYS D 238 -10.81 0.12 -38.02
N SER D 239 -11.90 -0.06 -38.75
CA SER D 239 -13.20 -0.30 -38.16
C SER D 239 -13.42 -1.80 -38.02
N TYR D 240 -13.89 -2.21 -36.85
CA TYR D 240 -14.23 -3.60 -36.65
C TYR D 240 -15.72 -3.82 -36.59
N GLU D 241 -16.17 -4.88 -37.26
CA GLU D 241 -17.55 -5.28 -37.25
C GLU D 241 -18.10 -5.28 -35.83
N LEU D 242 -19.00 -4.38 -35.56
CA LEU D 242 -19.72 -4.44 -34.31
C LEU D 242 -20.64 -5.66 -34.35
N PRO D 243 -20.64 -6.50 -33.31
CA PRO D 243 -21.36 -7.77 -33.41
C PRO D 243 -22.85 -7.63 -33.58
N ASP D 244 -23.40 -6.42 -33.47
CA ASP D 244 -24.70 -6.21 -34.08
C ASP D 244 -24.65 -6.54 -35.55
N GLY D 245 -23.45 -6.41 -36.14
CA GLY D 245 -23.27 -6.37 -37.59
C GLY D 245 -22.63 -5.08 -38.04
N GLN D 246 -22.81 -4.01 -37.28
CA GLN D 246 -22.03 -2.80 -37.50
C GLN D 246 -20.56 -3.18 -37.53
N VAL D 247 -19.74 -2.33 -38.14
CA VAL D 247 -18.29 -2.49 -38.09
C VAL D 247 -17.74 -1.31 -37.31
N ILE D 248 -17.61 -1.48 -36.00
CA ILE D 248 -17.09 -0.42 -35.16
C ILE D 248 -15.74 0.01 -35.73
N THR D 249 -15.57 1.31 -35.96
CA THR D 249 -14.30 1.79 -36.43
C THR D 249 -13.34 2.00 -35.26
N ILE D 250 -12.06 1.81 -35.52
CA ILE D 250 -11.08 1.87 -34.44
C ILE D 250 -9.84 2.61 -34.89
N GLY D 251 -9.33 3.45 -33.99
CA GLY D 251 -8.06 4.10 -34.16
C GLY D 251 -7.24 4.06 -32.88
N ASN D 252 -6.91 5.26 -32.39
CA ASN D 252 -5.95 5.40 -31.31
C ASN D 252 -6.34 4.63 -30.06
N GLU D 253 -7.63 4.39 -29.87
CA GLU D 253 -8.08 3.67 -28.69
C GLU D 253 -7.35 2.35 -28.52
N ARG D 254 -7.30 1.55 -29.58
CA ARG D 254 -6.93 0.13 -29.53
C ARG D 254 -5.75 -0.06 -28.59
N PHE D 255 -4.93 0.95 -28.52
CA PHE D 255 -3.84 1.06 -27.59
C PHE D 255 -4.07 2.04 -26.46
N ARG D 256 -4.76 3.15 -26.71
CA ARG D 256 -4.98 4.09 -25.63
C ARG D 256 -5.91 3.55 -24.57
N CYS D 257 -6.43 2.35 -24.75
CA CYS D 257 -7.12 1.71 -23.63
C CYS D 257 -6.13 1.21 -22.60
N PRO D 258 -5.32 0.22 -22.87
CA PRO D 258 -4.62 -0.47 -21.78
C PRO D 258 -3.52 0.39 -21.16
N GLU D 259 -2.77 1.07 -22.03
CA GLU D 259 -1.53 1.70 -21.61
C GLU D 259 -1.66 2.45 -20.29
N THR D 260 -2.84 2.98 -19.97
CA THR D 260 -2.97 3.75 -18.76
C THR D 260 -2.62 2.94 -17.52
N LEU D 261 -2.58 1.62 -17.61
CA LEU D 261 -2.05 0.83 -16.51
C LEU D 261 -0.73 1.38 -16.03
N PHE D 262 -0.04 2.15 -16.86
CA PHE D 262 1.16 2.83 -16.44
C PHE D 262 0.89 4.27 -16.05
N GLN D 263 -0.30 4.76 -16.35
CA GLN D 263 -0.69 6.14 -16.05
C GLN D 263 -2.19 6.18 -15.75
N PRO D 264 -2.57 5.93 -14.49
CA PRO D 264 -3.98 5.94 -14.11
C PRO D 264 -4.62 7.30 -14.28
N SER D 265 -3.80 8.33 -14.48
CA SER D 265 -4.34 9.61 -14.93
C SER D 265 -5.51 9.39 -15.84
N PHE D 266 -5.35 8.48 -16.80
CA PHE D 266 -6.43 8.23 -17.73
C PHE D 266 -7.61 7.61 -17.02
N ILE D 267 -7.35 6.72 -16.07
CA ILE D 267 -8.39 6.23 -15.19
C ILE D 267 -8.47 7.22 -14.05
N GLY D 268 -7.64 8.26 -14.13
CA GLY D 268 -7.54 9.26 -13.10
C GLY D 268 -7.04 8.70 -11.80
N MET D 269 -6.69 7.43 -11.77
CA MET D 269 -6.32 6.82 -10.51
C MET D 269 -5.07 7.47 -9.93
N GLU D 270 -5.09 7.69 -8.61
CA GLU D 270 -3.92 8.20 -7.92
C GLU D 270 -2.73 7.27 -8.07
N SER D 271 -2.98 6.02 -8.46
CA SER D 271 -1.95 5.01 -8.43
C SER D 271 -0.87 5.31 -9.47
N ALA D 272 0.06 4.37 -9.61
CA ALA D 272 1.16 4.47 -10.55
C ALA D 272 1.23 3.22 -11.43
N GLY D 273 1.87 3.37 -12.58
CA GLY D 273 1.95 2.30 -13.55
C GLY D 273 2.43 1.00 -12.95
N ILE D 274 2.14 -0.08 -13.67
CA ILE D 274 2.51 -1.41 -13.20
C ILE D 274 4.02 -1.49 -13.08
N HIS D 275 4.72 -0.98 -14.07
CA HIS D 275 6.16 -1.09 -14.15
C HIS D 275 6.84 -0.57 -12.88
N GLU D 276 6.53 0.64 -12.46
CA GLU D 276 7.25 1.18 -11.33
C GLU D 276 6.75 0.61 -10.03
N THR D 277 5.53 0.07 -10.00
CA THR D 277 5.19 -0.84 -8.93
C THR D 277 6.22 -1.95 -8.86
N THR D 278 6.48 -2.57 -10.00
CA THR D 278 7.54 -3.55 -10.05
C THR D 278 8.83 -2.98 -9.48
N TYR D 279 9.18 -1.77 -9.89
CA TYR D 279 10.51 -1.26 -9.60
C TYR D 279 10.65 -0.86 -8.15
N ASN D 280 9.65 -0.21 -7.58
CA ASN D 280 9.72 0.10 -6.18
C ASN D 280 9.68 -1.16 -5.35
N SER D 281 8.94 -2.16 -5.79
CA SER D 281 9.02 -3.46 -5.14
C SER D 281 10.45 -3.94 -5.12
N ILE D 282 11.06 -3.98 -6.30
CA ILE D 282 12.38 -4.56 -6.44
C ILE D 282 13.37 -3.81 -5.57
N MET D 283 13.34 -2.48 -5.66
CA MET D 283 14.17 -1.68 -4.78
C MET D 283 13.92 -2.06 -3.34
N LYS D 284 12.67 -2.30 -2.96
CA LYS D 284 12.42 -2.88 -1.65
C LYS D 284 13.15 -4.21 -1.49
N CYS D 285 13.28 -4.96 -2.57
CA CYS D 285 13.95 -6.24 -2.49
C CYS D 285 15.39 -6.03 -2.05
N ASP D 286 16.09 -7.12 -1.71
CA ASP D 286 17.40 -6.94 -1.12
C ASP D 286 18.29 -6.34 -2.20
N ILE D 287 19.53 -6.08 -1.85
CA ILE D 287 20.39 -5.31 -2.74
C ILE D 287 20.50 -5.98 -4.10
N ASP D 288 20.75 -7.28 -4.11
CA ASP D 288 21.12 -7.96 -5.34
C ASP D 288 20.12 -9.02 -5.77
N ILE D 289 19.04 -9.21 -5.03
CA ILE D 289 17.87 -9.83 -5.64
C ILE D 289 17.58 -9.19 -6.98
N ARG D 290 17.85 -7.89 -7.10
CA ARG D 290 17.31 -7.15 -8.24
C ARG D 290 17.66 -7.82 -9.56
N LYS D 291 18.90 -8.28 -9.72
CA LYS D 291 19.23 -9.05 -10.91
C LYS D 291 18.40 -10.33 -10.97
N ASP D 292 18.14 -10.92 -9.81
CA ASP D 292 17.24 -12.06 -9.79
C ASP D 292 15.94 -11.69 -10.46
N LEU D 293 15.33 -10.62 -10.00
CA LEU D 293 14.14 -10.08 -10.64
C LEU D 293 14.37 -10.01 -12.14
N TYR D 294 15.45 -9.35 -12.52
CA TYR D 294 15.71 -9.04 -13.92
C TYR D 294 15.65 -10.30 -14.75
N ALA D 295 16.15 -11.39 -14.21
CA ALA D 295 15.96 -12.66 -14.89
C ALA D 295 14.58 -13.26 -14.65
N ASN D 296 13.85 -12.74 -13.67
CA ASN D 296 12.64 -13.36 -13.13
C ASN D 296 11.47 -12.41 -13.20
N ASN D 297 11.55 -11.46 -14.10
CA ASN D 297 10.58 -10.38 -14.18
C ASN D 297 9.32 -10.99 -14.79
N VAL D 298 8.75 -11.94 -14.08
CA VAL D 298 7.68 -12.77 -14.64
C VAL D 298 6.40 -11.95 -14.66
N LEU D 299 5.94 -11.61 -15.86
CA LEU D 299 4.56 -11.17 -15.96
C LEU D 299 3.61 -12.34 -15.76
N SER D 300 2.40 -12.00 -15.37
CA SER D 300 1.31 -12.95 -15.33
C SER D 300 0.01 -12.20 -15.56
N GLY D 301 -0.91 -12.83 -16.28
CA GLY D 301 -2.20 -12.25 -16.58
C GLY D 301 -2.54 -12.08 -18.04
N GLY D 302 -3.46 -12.92 -18.54
CA GLY D 302 -3.70 -12.98 -19.96
C GLY D 302 -4.28 -11.69 -20.53
N THR D 303 -5.25 -11.09 -19.83
CA THR D 303 -5.81 -9.85 -20.33
C THR D 303 -4.71 -8.88 -20.73
N THR D 304 -3.57 -8.95 -20.07
CA THR D 304 -2.35 -8.21 -20.39
C THR D 304 -1.66 -8.75 -21.56
N MET D 305 -2.34 -9.65 -22.27
CA MET D 305 -1.75 -10.36 -23.39
C MET D 305 -1.35 -9.43 -24.52
N TYR D 306 -1.53 -8.13 -24.33
CA TYR D 306 -1.47 -7.23 -25.45
C TYR D 306 -0.06 -7.17 -26.02
N PRO D 307 0.14 -6.39 -27.07
CA PRO D 307 1.48 -6.26 -27.63
C PRO D 307 2.43 -5.66 -26.62
N GLY D 308 3.71 -5.72 -26.93
CA GLY D 308 4.71 -4.90 -26.30
C GLY D 308 4.76 -5.03 -24.80
N ILE D 309 3.90 -5.88 -24.24
CA ILE D 309 3.68 -5.87 -22.81
C ILE D 309 5.03 -5.79 -22.12
N ALA D 310 5.85 -6.81 -22.33
CA ALA D 310 7.24 -6.73 -21.91
C ALA D 310 7.94 -5.58 -22.60
N ASP D 311 7.72 -5.42 -23.91
CA ASP D 311 8.40 -4.34 -24.60
C ASP D 311 8.54 -3.11 -23.71
N ARG D 312 7.42 -2.52 -23.31
CA ARG D 312 7.53 -1.52 -22.27
C ARG D 312 8.21 -2.09 -21.04
N MET D 313 7.70 -3.19 -20.50
CA MET D 313 8.19 -3.65 -19.22
C MET D 313 9.68 -3.37 -19.11
N GLN D 314 10.44 -3.99 -19.99
CA GLN D 314 11.87 -3.75 -20.12
C GLN D 314 12.20 -2.30 -20.39
N LYS D 315 11.52 -1.64 -21.34
CA LYS D 315 12.09 -0.35 -21.72
C LYS D 315 12.10 0.57 -20.50
N GLU D 316 10.96 0.68 -19.82
CA GLU D 316 10.93 1.56 -18.65
C GLU D 316 11.83 1.05 -17.54
N ILE D 317 11.82 -0.26 -17.27
CA ILE D 317 12.70 -0.69 -16.18
C ILE D 317 14.12 -0.24 -16.49
N THR D 318 14.57 -0.51 -17.71
CA THR D 318 15.74 0.15 -18.25
C THR D 318 15.77 1.61 -17.83
N ALA D 319 14.76 2.36 -18.26
CA ALA D 319 14.69 3.78 -17.98
C ALA D 319 14.92 4.05 -16.50
N LEU D 320 14.76 3.03 -15.68
CA LEU D 320 14.87 3.15 -14.24
C LEU D 320 16.00 2.27 -13.72
N ALA D 321 16.11 1.07 -14.26
CA ALA D 321 17.11 0.14 -13.79
C ALA D 321 18.51 0.58 -14.21
N PRO D 322 19.52 0.23 -13.42
CA PRO D 322 20.91 0.40 -13.88
C PRO D 322 21.22 -0.58 -15.00
N SER D 323 21.67 -0.03 -16.13
CA SER D 323 22.06 -0.88 -17.25
C SER D 323 23.12 -1.87 -16.84
N THR D 324 23.86 -1.54 -15.78
CA THR D 324 24.68 -2.55 -15.10
C THR D 324 23.97 -3.88 -15.12
N MET D 325 22.77 -3.92 -14.59
CA MET D 325 22.03 -5.16 -14.50
C MET D 325 21.30 -5.42 -15.80
N LYS D 326 21.07 -6.70 -16.08
CA LYS D 326 20.37 -7.12 -17.28
C LYS D 326 18.98 -7.62 -16.88
N ILE D 327 17.96 -7.06 -17.49
CA ILE D 327 16.58 -7.32 -17.11
C ILE D 327 16.06 -8.46 -17.98
N LYS D 328 15.05 -9.15 -17.48
CA LYS D 328 14.26 -10.02 -18.35
C LYS D 328 12.93 -10.27 -17.67
N ILE D 329 11.90 -9.64 -18.17
CA ILE D 329 10.53 -9.98 -17.79
C ILE D 329 10.18 -11.35 -18.34
N ILE D 330 9.29 -12.03 -17.62
CA ILE D 330 8.88 -13.38 -17.96
C ILE D 330 7.37 -13.43 -18.05
N ALA D 331 6.86 -13.84 -19.21
CA ALA D 331 5.43 -13.96 -19.42
C ALA D 331 5.16 -15.01 -20.49
N PRO D 332 4.69 -16.18 -20.09
CA PRO D 332 4.24 -17.16 -21.07
C PRO D 332 3.01 -16.64 -21.78
N PRO D 333 2.74 -17.11 -22.98
CA PRO D 333 1.43 -16.81 -23.57
C PRO D 333 0.30 -17.31 -22.70
N GLU D 334 0.51 -18.41 -22.00
CA GLU D 334 -0.59 -19.21 -21.45
C GLU D 334 -0.85 -18.81 -20.01
N ARG D 335 -0.90 -17.50 -19.77
CA ARG D 335 -0.82 -17.03 -18.40
C ARG D 335 -2.13 -17.28 -17.66
N LYS D 336 -3.26 -17.22 -18.39
CA LYS D 336 -4.50 -17.64 -17.77
C LYS D 336 -4.35 -18.99 -17.10
N TYR D 337 -3.89 -19.97 -17.85
CA TYR D 337 -3.91 -21.34 -17.41
C TYR D 337 -2.80 -21.60 -16.43
N SER D 338 -1.69 -20.88 -16.65
CA SER D 338 -0.54 -20.95 -15.75
C SER D 338 -0.98 -21.07 -14.31
N VAL D 339 -1.77 -20.12 -13.84
CA VAL D 339 -2.23 -20.21 -12.47
C VAL D 339 -2.94 -21.53 -12.25
N TRP D 340 -3.87 -21.86 -13.14
CA TRP D 340 -4.49 -23.17 -13.06
C TRP D 340 -3.43 -24.25 -13.09
N ILE D 341 -2.44 -24.09 -13.96
CA ILE D 341 -1.48 -25.16 -14.15
C ILE D 341 -0.74 -25.44 -12.86
N GLY D 342 -0.18 -24.39 -12.25
CA GLY D 342 0.57 -24.55 -11.03
C GLY D 342 -0.30 -25.06 -9.90
N GLY D 343 -1.57 -24.65 -9.87
CA GLY D 343 -2.48 -25.22 -8.90
C GLY D 343 -2.67 -26.70 -9.12
N SER D 344 -2.92 -27.08 -10.37
CA SER D 344 -2.99 -28.49 -10.72
C SER D 344 -1.73 -29.19 -10.23
N ILE D 345 -0.62 -28.49 -10.27
CA ILE D 345 0.64 -29.08 -9.84
C ILE D 345 0.60 -29.31 -8.34
N LEU D 346 0.55 -28.21 -7.59
CA LEU D 346 0.58 -28.28 -6.14
C LEU D 346 -0.43 -29.29 -5.64
N ALA D 347 -1.70 -29.06 -5.92
CA ALA D 347 -2.69 -30.02 -5.48
C ALA D 347 -2.30 -31.41 -5.94
N SER D 348 -2.03 -31.55 -7.24
CA SER D 348 -1.51 -32.78 -7.78
C SER D 348 -0.19 -33.19 -7.12
N LEU D 349 0.42 -32.30 -6.35
CA LEU D 349 1.66 -32.66 -5.70
C LEU D 349 1.40 -33.67 -4.60
N SER D 350 1.55 -34.95 -4.94
CA SER D 350 1.19 -36.04 -4.05
C SER D 350 1.89 -35.89 -2.71
N THR D 351 3.12 -35.41 -2.72
CA THR D 351 3.86 -35.36 -1.48
C THR D 351 3.23 -34.33 -0.54
N PHE D 352 2.05 -33.84 -0.90
CA PHE D 352 1.51 -32.65 -0.27
C PHE D 352 0.08 -32.79 0.20
N GLN D 353 -0.52 -33.97 0.11
CA GLN D 353 -1.93 -34.06 0.47
C GLN D 353 -2.16 -33.71 1.93
N GLN D 354 -1.11 -33.72 2.75
CA GLN D 354 -1.29 -33.36 4.15
C GLN D 354 -1.98 -32.02 4.32
N MET D 355 -1.82 -31.09 3.39
CA MET D 355 -2.35 -29.75 3.59
C MET D 355 -3.86 -29.66 3.43
N TRP D 356 -4.46 -30.45 2.55
CA TRP D 356 -5.87 -30.24 2.24
C TRP D 356 -6.75 -30.13 3.47
N ILE D 357 -7.76 -29.29 3.32
CA ILE D 357 -8.72 -28.91 4.33
C ILE D 357 -9.62 -30.11 4.55
N SER D 358 -9.43 -30.82 5.66
CA SER D 358 -10.28 -31.97 5.93
C SER D 358 -11.56 -31.50 6.59
N LYS D 359 -12.66 -32.14 6.20
CA LYS D 359 -13.91 -31.92 6.92
C LYS D 359 -13.66 -31.84 8.41
N GLN D 360 -13.09 -32.90 8.99
CA GLN D 360 -12.90 -32.97 10.42
C GLN D 360 -12.13 -31.75 10.93
N GLU D 361 -10.91 -31.57 10.45
CA GLU D 361 -10.09 -30.48 10.95
C GLU D 361 -10.92 -29.23 11.14
N TYR D 362 -11.61 -28.79 10.09
CA TYR D 362 -12.62 -27.77 10.25
C TYR D 362 -13.51 -28.08 11.44
N ASP D 363 -14.07 -29.28 11.45
CA ASP D 363 -15.14 -29.62 12.37
C ASP D 363 -14.72 -29.31 13.79
N GLU D 364 -13.58 -29.85 14.18
CA GLU D 364 -13.05 -29.59 15.51
C GLU D 364 -12.77 -28.11 15.70
N ALA D 365 -12.15 -27.48 14.72
CA ALA D 365 -11.79 -26.08 14.84
C ALA D 365 -12.71 -25.17 14.05
N GLY D 366 -13.88 -25.66 13.66
CA GLY D 366 -14.76 -24.88 12.84
C GLY D 366 -13.98 -24.36 11.65
N PRO D 367 -14.42 -23.22 11.10
CA PRO D 367 -13.68 -22.63 9.99
C PRO D 367 -12.42 -21.94 10.46
N SER D 368 -12.51 -21.19 11.56
CA SER D 368 -11.35 -20.48 12.06
C SER D 368 -10.09 -21.31 12.01
N ILE D 369 -10.22 -22.63 12.13
CA ILE D 369 -9.08 -23.52 11.92
C ILE D 369 -8.26 -23.04 10.73
N VAL D 370 -8.93 -22.79 9.63
CA VAL D 370 -8.30 -22.56 8.34
C VAL D 370 -7.11 -21.65 8.45
N HIS D 371 -7.12 -20.77 9.44
CA HIS D 371 -6.29 -19.59 9.33
C HIS D 371 -4.85 -19.90 9.73
N ARG D 372 -4.63 -20.19 11.00
CA ARG D 372 -3.27 -20.42 11.45
C ARG D 372 -2.73 -21.72 10.89
N LYS D 373 -1.47 -21.69 10.47
CA LYS D 373 -0.73 -22.88 10.08
C LYS D 373 -1.48 -23.63 8.99
N CYS D 374 -2.44 -22.97 8.38
CA CYS D 374 -3.17 -23.59 7.28
C CYS D 374 -3.87 -22.49 6.51
N PHE D 375 -4.13 -22.78 5.24
CA PHE D 375 -5.05 -22.06 4.37
C PHE D 375 -5.35 -22.96 3.18
N ASP E 1 -22.05 50.48 -33.64
CA ASP E 1 -22.43 51.83 -33.23
C ASP E 1 -22.31 52.00 -31.73
N ASP E 2 -21.32 51.34 -31.14
CA ASP E 2 -21.11 51.37 -29.70
C ASP E 2 -19.65 51.02 -29.42
N GLU E 3 -19.35 50.67 -28.17
CA GLU E 3 -17.98 50.34 -27.77
C GLU E 3 -17.62 48.93 -28.23
N GLU E 4 -16.52 48.39 -27.69
CA GLU E 4 -15.85 47.23 -28.28
C GLU E 4 -16.80 46.14 -28.75
N THR E 5 -17.54 45.52 -27.83
CA THR E 5 -18.51 44.51 -28.20
C THR E 5 -19.15 43.95 -26.94
N THR E 6 -20.22 43.19 -27.16
CA THR E 6 -20.77 42.31 -26.15
C THR E 6 -20.69 40.89 -26.66
N ALA E 7 -20.02 40.04 -25.89
CA ALA E 7 -20.03 38.65 -26.24
C ALA E 7 -21.47 38.18 -26.40
N LEU E 8 -21.62 37.07 -27.09
CA LEU E 8 -22.93 36.63 -27.52
C LEU E 8 -23.27 35.38 -26.73
N VAL E 9 -23.96 35.57 -25.60
CA VAL E 9 -24.28 34.42 -24.76
C VAL E 9 -25.43 33.68 -25.41
N CYS E 10 -25.09 32.75 -26.28
CA CYS E 10 -26.03 31.98 -27.06
C CYS E 10 -26.12 30.58 -26.47
N ASP E 11 -27.33 30.16 -26.12
CA ASP E 11 -27.53 28.92 -25.39
C ASP E 11 -28.63 28.10 -26.05
N ASN E 12 -28.24 27.00 -26.66
CA ASN E 12 -29.17 26.06 -27.26
C ASN E 12 -29.78 25.14 -26.23
N GLY E 13 -30.49 25.69 -25.26
CA GLY E 13 -31.09 24.87 -24.22
C GLY E 13 -31.63 23.60 -24.81
N SER E 14 -31.24 22.46 -24.25
CA SER E 14 -31.32 21.20 -24.98
C SER E 14 -32.61 21.08 -25.78
N GLY E 15 -33.68 21.69 -25.28
CA GLY E 15 -34.92 21.75 -26.04
C GLY E 15 -35.03 23.02 -26.87
N LEU E 16 -34.65 24.16 -26.28
CA LEU E 16 -34.74 25.44 -26.97
C LEU E 16 -33.37 26.08 -27.03
N VAL E 17 -33.08 26.71 -28.10
CA VAL E 17 -31.90 27.57 -28.16
C VAL E 17 -32.28 28.90 -27.56
N LYS E 18 -31.37 29.45 -26.76
CA LYS E 18 -31.63 30.65 -26.00
C LYS E 18 -30.36 31.46 -25.88
N ALA E 19 -30.51 32.76 -25.60
CA ALA E 19 -29.31 33.57 -25.57
C ALA E 19 -29.63 34.99 -25.14
N GLY E 20 -28.60 35.66 -24.67
CA GLY E 20 -28.62 37.09 -24.46
C GLY E 20 -27.28 37.65 -24.89
N PHE E 21 -26.66 38.39 -23.99
CA PHE E 21 -25.28 38.83 -24.15
C PHE E 21 -24.48 38.57 -22.89
N ALA E 22 -23.18 38.81 -23.00
CA ALA E 22 -22.36 38.92 -21.80
C ALA E 22 -22.95 39.99 -20.90
N GLY E 23 -22.90 39.75 -19.59
CA GLY E 23 -23.50 40.66 -18.65
C GLY E 23 -25.00 40.79 -18.77
N ASP E 24 -25.62 40.17 -19.77
CA ASP E 24 -27.07 40.22 -19.87
C ASP E 24 -27.67 39.57 -18.63
N ASP E 25 -28.99 39.69 -18.53
CA ASP E 25 -29.70 39.17 -17.38
C ASP E 25 -30.81 38.21 -17.78
N ALA E 26 -31.24 38.23 -19.04
CA ALA E 26 -32.30 37.37 -19.49
C ALA E 26 -31.97 36.96 -20.91
N PRO E 27 -31.88 35.68 -21.18
CA PRO E 27 -31.64 35.26 -22.55
C PRO E 27 -32.76 35.78 -23.40
N ARG E 28 -32.46 36.79 -24.20
CA ARG E 28 -33.46 37.36 -25.09
C ARG E 28 -33.90 36.38 -26.15
N ALA E 29 -33.18 35.27 -26.34
CA ALA E 29 -33.56 34.23 -27.27
C ALA E 29 -34.04 33.02 -26.49
N VAL E 30 -35.23 32.53 -26.83
CA VAL E 30 -35.74 31.28 -26.28
C VAL E 30 -36.72 30.67 -27.25
N PHE E 31 -36.46 29.46 -27.74
CA PHE E 31 -37.46 28.88 -28.62
C PHE E 31 -37.12 27.48 -29.10
N PRO E 32 -38.09 26.78 -29.69
CA PRO E 32 -37.94 25.35 -29.92
C PRO E 32 -36.79 25.01 -30.86
N SER E 33 -36.19 23.85 -30.63
CA SER E 33 -35.10 23.34 -31.44
C SER E 33 -35.58 22.37 -32.50
N ILE E 34 -36.63 22.75 -33.21
CA ILE E 34 -37.30 21.88 -34.15
C ILE E 34 -37.28 22.46 -35.55
N VAL E 35 -37.50 21.57 -36.51
CA VAL E 35 -37.74 21.95 -37.90
C VAL E 35 -39.07 21.35 -38.30
N GLY E 36 -39.74 21.98 -39.26
CA GLY E 36 -41.11 21.65 -39.53
C GLY E 36 -41.43 21.51 -40.99
N ARG E 37 -42.07 20.39 -41.37
CA ARG E 37 -42.44 20.14 -42.74
C ARG E 37 -43.96 20.04 -42.87
N PRO E 38 -44.57 20.85 -43.72
CA PRO E 38 -45.96 20.61 -44.07
C PRO E 38 -46.03 19.40 -44.97
N ARG E 39 -47.23 18.90 -45.19
CA ARG E 39 -47.37 17.76 -46.08
C ARG E 39 -48.00 18.15 -47.41
N HIS E 40 -49.21 18.68 -47.37
CA HIS E 40 -50.12 18.54 -48.48
C HIS E 40 -49.87 19.53 -49.60
N GLN E 41 -49.59 20.80 -49.29
CA GLN E 41 -49.56 21.83 -50.30
C GLN E 41 -50.90 21.91 -51.04
N GLY E 42 -51.90 22.35 -50.31
CA GLY E 42 -53.04 22.92 -50.98
C GLY E 42 -52.43 23.95 -51.90
N VAL E 43 -52.79 23.92 -53.18
CA VAL E 43 -52.25 24.92 -54.08
C VAL E 43 -52.72 26.29 -53.60
N MET E 44 -51.79 27.07 -53.09
CA MET E 44 -52.14 28.31 -52.41
C MET E 44 -51.55 29.46 -53.20
N VAL E 45 -52.40 30.43 -53.50
CA VAL E 45 -51.89 31.59 -54.18
C VAL E 45 -50.71 32.13 -53.40
N GLY E 46 -49.90 32.92 -54.07
CA GLY E 46 -48.86 33.66 -53.41
C GLY E 46 -47.93 32.76 -52.62
N MET E 47 -47.19 33.39 -51.72
CA MET E 47 -46.12 32.71 -51.01
C MET E 47 -46.02 33.29 -49.61
N GLY E 48 -44.87 33.12 -48.98
CA GLY E 48 -44.73 33.35 -47.56
C GLY E 48 -44.93 32.11 -46.74
N GLN E 49 -45.10 30.96 -47.39
CA GLN E 49 -45.40 29.73 -46.70
C GLN E 49 -44.12 28.93 -46.59
N LYS E 50 -43.29 29.34 -45.65
CA LYS E 50 -41.97 28.74 -45.54
C LYS E 50 -42.06 27.26 -45.24
N ASP E 51 -41.16 26.51 -45.86
CA ASP E 51 -40.95 25.14 -45.44
C ASP E 51 -40.49 25.07 -43.99
N SER E 52 -39.52 25.91 -43.62
CA SER E 52 -38.74 25.66 -42.42
C SER E 52 -38.45 26.93 -41.62
N TYR E 53 -39.47 27.71 -41.29
CA TYR E 53 -39.27 28.80 -40.34
C TYR E 53 -39.49 28.40 -38.90
N VAL E 54 -39.17 27.16 -38.53
CA VAL E 54 -39.60 26.68 -37.22
C VAL E 54 -39.26 27.69 -36.14
N GLY E 55 -37.98 27.89 -35.90
CA GLY E 55 -37.58 28.91 -34.96
C GLY E 55 -38.57 28.96 -33.82
N ASP E 56 -39.27 30.08 -33.73
CA ASP E 56 -40.36 30.23 -32.80
C ASP E 56 -41.71 30.44 -33.49
N GLU E 57 -41.75 30.46 -34.82
CA GLU E 57 -43.05 30.62 -35.47
C GLU E 57 -43.69 29.28 -35.74
N ALA E 58 -42.89 28.31 -36.18
CA ALA E 58 -43.43 27.11 -36.80
C ALA E 58 -44.47 26.46 -35.93
N GLN E 59 -44.27 26.47 -34.62
CA GLN E 59 -45.30 25.88 -33.78
C GLN E 59 -46.63 26.54 -34.08
N SER E 60 -46.60 27.80 -34.51
CA SER E 60 -47.78 28.34 -35.15
C SER E 60 -48.18 27.46 -36.31
N LYS E 61 -47.18 26.95 -37.04
CA LYS E 61 -47.46 26.07 -38.16
C LYS E 61 -47.50 24.62 -37.71
N ARG E 62 -47.75 24.40 -36.42
CA ARG E 62 -47.69 23.01 -35.99
C ARG E 62 -48.73 22.23 -36.78
N GLY E 63 -48.63 20.91 -36.70
CA GLY E 63 -49.47 20.01 -37.44
C GLY E 63 -48.99 19.79 -38.85
N ILE E 64 -49.28 20.73 -39.75
CA ILE E 64 -48.81 20.59 -41.12
C ILE E 64 -47.30 20.50 -41.14
N LEU E 65 -46.63 21.39 -40.44
CA LEU E 65 -45.19 21.34 -40.34
C LEU E 65 -44.84 20.31 -39.29
N THR E 66 -43.89 19.44 -39.60
CA THR E 66 -43.46 18.40 -38.67
C THR E 66 -42.36 18.96 -37.75
N LEU E 67 -41.65 18.07 -37.07
CA LEU E 67 -40.70 18.46 -36.04
C LEU E 67 -39.31 17.93 -36.35
N LYS E 68 -38.29 18.75 -36.11
CA LYS E 68 -36.92 18.29 -36.27
C LYS E 68 -36.00 19.02 -35.31
N TYR E 69 -35.48 18.29 -34.32
CA TYR E 69 -34.28 18.71 -33.63
C TYR E 69 -33.07 18.33 -34.47
N PRO E 70 -32.03 19.17 -34.56
CA PRO E 70 -30.76 18.66 -35.09
C PRO E 70 -29.90 17.98 -34.04
N ILE E 71 -30.04 18.38 -32.78
CA ILE E 71 -29.22 17.92 -31.66
C ILE E 71 -29.98 16.82 -30.96
N GLU E 72 -30.85 16.18 -31.71
CA GLU E 72 -32.02 15.45 -31.24
C GLU E 72 -31.76 14.83 -29.88
N HIS E 73 -30.68 14.06 -29.80
CA HIS E 73 -30.24 13.43 -28.58
C HIS E 73 -29.17 14.25 -27.89
N GLY E 74 -29.33 15.57 -27.91
CA GLY E 74 -28.20 16.39 -27.56
C GLY E 74 -27.14 15.99 -28.55
N ILE E 75 -27.59 15.71 -29.77
CA ILE E 75 -26.75 15.17 -30.82
C ILE E 75 -27.16 15.84 -32.11
N ILE E 76 -26.35 16.77 -32.59
CA ILE E 76 -26.72 17.44 -33.82
C ILE E 76 -26.57 16.48 -34.97
N THR E 77 -27.69 15.92 -35.41
CA THR E 77 -27.67 15.11 -36.61
C THR E 77 -27.48 15.97 -37.85
N ASN E 78 -28.01 17.19 -37.82
CA ASN E 78 -27.84 18.07 -38.96
C ASN E 78 -27.63 19.49 -38.49
N TRP E 79 -27.06 20.31 -39.38
CA TRP E 79 -26.47 21.56 -38.99
C TRP E 79 -27.06 22.74 -39.75
N ASP E 80 -27.14 22.63 -41.07
CA ASP E 80 -27.76 23.69 -41.85
C ASP E 80 -29.11 24.01 -41.27
N ASP E 81 -29.87 22.97 -40.92
CA ASP E 81 -30.99 23.17 -40.03
C ASP E 81 -30.58 24.09 -38.90
N MET E 82 -29.64 23.65 -38.07
CA MET E 82 -29.20 24.45 -36.95
C MET E 82 -28.53 25.71 -37.44
N GLU E 83 -27.96 25.66 -38.63
CA GLU E 83 -27.31 26.83 -39.20
C GLU E 83 -28.30 27.98 -39.32
N LYS E 84 -29.29 27.81 -40.17
CA LYS E 84 -30.32 28.81 -40.29
C LYS E 84 -31.03 28.99 -38.97
N ILE E 85 -30.99 28.00 -38.10
CA ILE E 85 -31.47 28.21 -36.74
C ILE E 85 -30.75 29.38 -36.14
N TRP E 86 -29.43 29.35 -36.21
CA TRP E 86 -28.64 30.44 -35.72
C TRP E 86 -29.02 31.71 -36.44
N HIS E 87 -29.00 31.69 -37.77
CA HIS E 87 -29.29 32.89 -38.52
C HIS E 87 -30.62 33.49 -38.09
N HIS E 88 -31.67 32.68 -38.10
CA HIS E 88 -32.90 33.06 -37.44
C HIS E 88 -32.59 33.81 -36.17
N THR E 89 -31.79 33.21 -35.32
CA THR E 89 -31.50 33.83 -34.04
C THR E 89 -30.96 35.23 -34.27
N PHE E 90 -29.80 35.27 -34.90
CA PHE E 90 -28.90 36.40 -35.03
C PHE E 90 -29.51 37.49 -35.87
N TYR E 91 -30.60 37.21 -36.55
CA TYR E 91 -31.09 38.09 -37.59
C TYR E 91 -32.57 38.36 -37.47
N ASN E 92 -33.25 37.67 -36.60
CA ASN E 92 -34.66 37.88 -36.34
C ASN E 92 -34.90 38.21 -34.89
N GLU E 93 -34.36 37.39 -34.00
CA GLU E 93 -34.48 37.64 -32.57
C GLU E 93 -33.15 38.14 -32.01
N LEU E 94 -32.04 37.54 -32.44
CA LEU E 94 -30.81 38.28 -32.28
C LEU E 94 -30.70 39.39 -33.29
N ARG E 95 -31.26 39.19 -34.49
CA ARG E 95 -31.30 40.22 -35.51
C ARG E 95 -30.03 41.04 -35.47
N VAL E 96 -28.90 40.36 -35.31
CA VAL E 96 -27.63 40.97 -34.99
C VAL E 96 -26.51 40.28 -35.76
N ALA E 97 -25.52 41.06 -36.15
CA ALA E 97 -24.39 40.49 -36.87
C ALA E 97 -23.51 39.69 -35.91
N PRO E 98 -23.24 38.42 -36.21
CA PRO E 98 -22.24 37.71 -35.41
C PRO E 98 -20.88 38.36 -35.44
N GLU E 99 -20.53 38.95 -36.59
CA GLU E 99 -19.14 39.24 -36.90
C GLU E 99 -18.51 40.14 -35.87
N GLU E 100 -19.30 40.91 -35.14
CA GLU E 100 -18.76 41.94 -34.28
C GLU E 100 -19.03 41.70 -32.80
N HIS E 101 -19.73 40.64 -32.45
CA HIS E 101 -19.98 40.32 -31.06
C HIS E 101 -19.43 38.95 -30.72
N PRO E 102 -18.59 38.84 -29.70
CA PRO E 102 -18.03 37.54 -29.37
C PRO E 102 -19.14 36.65 -28.85
N THR E 103 -18.86 35.37 -28.77
CA THR E 103 -19.82 34.46 -28.16
C THR E 103 -19.10 33.29 -27.52
N LEU E 104 -19.61 32.88 -26.38
CA LEU E 104 -19.24 31.61 -25.77
C LEU E 104 -20.21 30.55 -26.27
N LEU E 105 -19.77 29.30 -26.31
CA LEU E 105 -20.55 28.24 -26.87
C LEU E 105 -20.95 27.24 -25.79
N THR E 106 -22.22 26.86 -25.82
CA THR E 106 -22.81 25.97 -24.83
C THR E 106 -22.78 24.55 -25.38
N GLU E 107 -22.24 23.63 -24.58
CA GLU E 107 -22.16 22.24 -25.02
C GLU E 107 -22.20 21.28 -23.84
N ALA E 108 -22.82 20.16 -24.05
CA ALA E 108 -22.67 19.13 -23.06
C ALA E 108 -21.53 18.21 -23.45
N PRO E 109 -20.96 17.50 -22.49
CA PRO E 109 -19.92 16.52 -22.81
C PRO E 109 -20.47 15.44 -23.73
N LEU E 110 -19.60 14.50 -24.05
CA LEU E 110 -19.92 13.32 -24.84
C LEU E 110 -19.96 13.61 -26.33
N ASN E 111 -19.56 14.79 -26.75
CA ASN E 111 -19.66 15.14 -28.16
C ASN E 111 -18.38 14.74 -28.89
N PRO E 112 -18.48 13.90 -29.92
CA PRO E 112 -17.35 13.75 -30.83
C PRO E 112 -16.94 15.09 -31.40
N LYS E 113 -15.62 15.27 -31.51
CA LYS E 113 -15.05 16.59 -31.58
C LYS E 113 -15.54 17.34 -32.80
N ALA E 114 -15.59 16.65 -33.94
CA ALA E 114 -15.88 17.34 -35.19
C ALA E 114 -17.17 18.13 -35.11
N ASN E 115 -18.12 17.68 -34.31
CA ASN E 115 -19.28 18.51 -34.09
C ASN E 115 -18.87 19.93 -33.82
N ARG E 116 -18.09 20.13 -32.76
CA ARG E 116 -17.62 21.46 -32.46
C ARG E 116 -16.69 21.97 -33.53
N GLU E 117 -15.79 21.13 -34.04
CA GLU E 117 -14.94 21.60 -35.12
C GLU E 117 -15.75 22.38 -36.14
N LYS E 118 -16.69 21.69 -36.76
CA LYS E 118 -17.52 22.26 -37.81
C LYS E 118 -18.29 23.47 -37.31
N MET E 119 -18.99 23.31 -36.19
CA MET E 119 -19.75 24.44 -35.69
C MET E 119 -18.84 25.65 -35.61
N THR E 120 -17.64 25.45 -35.08
CA THR E 120 -16.70 26.54 -34.89
C THR E 120 -16.37 27.21 -36.21
N GLN E 121 -15.78 26.47 -37.14
CA GLN E 121 -15.32 27.19 -38.32
C GLN E 121 -16.49 27.90 -38.94
N ILE E 122 -17.57 27.17 -39.16
CA ILE E 122 -18.70 27.74 -39.87
C ILE E 122 -19.19 28.96 -39.14
N MET E 123 -19.11 28.95 -37.82
CA MET E 123 -19.49 30.14 -37.09
C MET E 123 -18.59 31.30 -37.46
N PHE E 124 -17.29 31.04 -37.59
CA PHE E 124 -16.43 32.09 -38.12
C PHE E 124 -16.87 32.53 -39.51
N GLU E 125 -17.06 31.60 -40.43
CA GLU E 125 -17.19 32.02 -41.83
C GLU E 125 -18.56 32.62 -42.07
N THR E 126 -19.59 31.81 -41.87
CA THR E 126 -20.94 32.31 -41.96
C THR E 126 -21.13 33.49 -41.02
N PHE E 127 -20.31 33.58 -39.98
CA PHE E 127 -20.61 34.47 -38.88
C PHE E 127 -19.54 35.52 -38.62
N ASN E 128 -18.27 35.17 -38.82
CA ASN E 128 -17.21 36.15 -38.67
C ASN E 128 -17.34 36.94 -37.38
N VAL E 129 -17.99 36.34 -36.38
CA VAL E 129 -18.06 36.96 -35.08
C VAL E 129 -16.66 37.44 -34.76
N PRO E 130 -16.51 38.42 -33.89
CA PRO E 130 -15.14 38.84 -33.54
C PRO E 130 -14.30 37.67 -33.08
N ALA E 131 -14.90 36.77 -32.30
CA ALA E 131 -14.31 35.50 -31.94
C ALA E 131 -15.35 34.76 -31.13
N MET E 132 -15.28 33.44 -31.19
CA MET E 132 -16.20 32.61 -30.46
C MET E 132 -15.48 31.97 -29.29
N TYR E 133 -16.22 31.10 -28.61
CA TYR E 133 -15.60 30.25 -27.59
C TYR E 133 -16.67 29.29 -27.11
N VAL E 134 -16.32 28.04 -26.92
CA VAL E 134 -17.31 27.06 -26.50
C VAL E 134 -17.14 26.82 -25.02
N ALA E 135 -18.15 26.22 -24.42
CA ALA E 135 -18.11 25.87 -23.01
C ALA E 135 -19.17 24.82 -22.71
N ILE E 136 -18.79 23.81 -21.94
CA ILE E 136 -19.76 22.79 -21.58
C ILE E 136 -20.94 23.42 -20.87
N GLN E 137 -22.09 23.33 -21.50
CA GLN E 137 -23.35 23.54 -20.80
C GLN E 137 -23.25 23.08 -19.36
N ALA E 138 -22.72 21.88 -19.15
CA ALA E 138 -22.59 21.40 -17.78
C ALA E 138 -21.76 22.38 -16.97
N VAL E 139 -20.55 22.67 -17.43
CA VAL E 139 -19.68 23.58 -16.70
C VAL E 139 -20.35 24.94 -16.57
N LEU E 140 -21.07 25.33 -17.61
CA LEU E 140 -21.69 26.65 -17.64
C LEU E 140 -22.65 26.81 -16.47
N SER E 141 -23.57 25.87 -16.34
CA SER E 141 -24.37 25.79 -15.13
C SER E 141 -23.47 25.76 -13.91
N LEU E 142 -22.37 25.02 -14.00
CA LEU E 142 -21.52 24.85 -12.83
C LEU E 142 -21.16 26.21 -12.25
N TYR E 143 -20.46 27.03 -13.01
CA TYR E 143 -20.25 28.38 -12.52
C TYR E 143 -21.57 29.02 -12.22
N ALA E 144 -22.54 28.83 -13.12
CA ALA E 144 -23.92 29.19 -12.81
C ALA E 144 -24.33 28.69 -11.44
N SER E 145 -23.63 27.69 -10.90
CA SER E 145 -23.85 27.30 -9.52
C SER E 145 -23.09 28.20 -8.57
N GLY E 146 -21.82 28.47 -8.88
CA GLY E 146 -21.01 29.27 -8.00
C GLY E 146 -20.63 28.58 -6.71
N ARG E 147 -21.25 27.44 -6.41
CA ARG E 147 -20.75 26.58 -5.34
C ARG E 147 -19.65 25.72 -5.93
N THR E 148 -18.48 26.33 -6.12
CA THR E 148 -17.41 25.68 -6.88
C THR E 148 -17.09 24.28 -6.39
N THR E 149 -17.58 23.89 -5.23
CA THR E 149 -17.41 22.53 -4.74
C THR E 149 -18.77 21.84 -4.70
N GLY E 150 -18.76 20.53 -4.93
CA GLY E 150 -19.99 19.76 -4.98
C GLY E 150 -20.42 19.39 -6.39
N ILE E 151 -21.19 18.33 -6.51
CA ILE E 151 -21.79 17.93 -7.77
C ILE E 151 -22.96 18.83 -8.08
N VAL E 152 -23.35 18.88 -9.35
CA VAL E 152 -24.64 19.42 -9.74
C VAL E 152 -25.37 18.37 -10.55
N LEU E 153 -26.66 18.25 -10.31
CA LEU E 153 -27.51 17.35 -11.08
C LEU E 153 -28.13 18.14 -12.22
N ASP E 154 -27.64 17.92 -13.43
CA ASP E 154 -28.10 18.66 -14.60
C ASP E 154 -29.09 17.81 -15.36
N SER E 155 -30.36 17.93 -15.01
CA SER E 155 -31.45 17.31 -15.77
C SER E 155 -32.31 18.47 -16.26
N GLY E 156 -31.91 19.05 -17.38
CA GLY E 156 -32.40 20.36 -17.73
C GLY E 156 -33.39 20.43 -18.86
N ASP E 157 -33.04 21.23 -19.86
CA ASP E 157 -33.93 21.41 -20.99
C ASP E 157 -34.41 20.06 -21.49
N GLY E 158 -33.46 19.19 -21.84
CA GLY E 158 -33.73 17.79 -22.07
C GLY E 158 -32.55 16.91 -21.70
N VAL E 159 -31.65 17.42 -20.86
CA VAL E 159 -30.34 16.83 -20.66
C VAL E 159 -30.30 16.16 -19.29
N THR E 160 -29.20 15.46 -19.01
CA THR E 160 -29.00 14.86 -17.70
C THR E 160 -27.55 14.47 -17.51
N HIS E 161 -26.90 15.07 -16.52
CA HIS E 161 -25.59 14.63 -16.06
C HIS E 161 -25.54 14.80 -14.55
N ASN E 162 -24.53 14.17 -13.95
CA ASN E 162 -24.08 14.51 -12.62
C ASN E 162 -22.77 15.27 -12.76
N VAL E 163 -22.60 16.34 -11.99
CA VAL E 163 -21.43 17.17 -12.16
C VAL E 163 -20.70 17.35 -10.83
N PRO E 164 -20.03 16.32 -10.35
CA PRO E 164 -19.26 16.47 -9.12
C PRO E 164 -18.27 17.60 -9.29
N ILE E 165 -18.16 18.45 -8.27
CA ILE E 165 -17.31 19.63 -8.38
C ILE E 165 -16.82 20.00 -6.99
N TYR E 166 -15.76 20.78 -6.94
CA TYR E 166 -15.05 20.99 -5.68
C TYR E 166 -14.22 22.24 -5.86
N GLU E 167 -14.72 23.37 -5.36
CA GLU E 167 -14.18 24.68 -5.67
C GLU E 167 -13.72 24.74 -7.12
N GLY E 168 -14.67 24.44 -8.02
CA GLY E 168 -14.36 24.35 -9.42
C GLY E 168 -13.83 23.00 -9.82
N TYR E 169 -13.54 22.14 -8.87
CA TYR E 169 -12.86 20.89 -9.13
C TYR E 169 -13.88 19.77 -9.28
N ALA E 170 -13.95 19.22 -10.49
CA ALA E 170 -14.90 18.18 -10.86
C ALA E 170 -14.14 16.96 -11.36
N LEU E 171 -14.68 15.78 -11.06
CA LEU E 171 -14.05 14.55 -11.55
C LEU E 171 -14.83 14.02 -12.74
N PRO E 172 -14.32 14.15 -13.95
CA PRO E 172 -15.04 13.56 -15.09
C PRO E 172 -15.25 12.10 -14.92
N HIS E 173 -14.28 11.40 -14.34
CA HIS E 173 -14.44 9.98 -14.10
C HIS E 173 -15.74 9.69 -13.39
N ALA E 174 -15.99 10.40 -12.30
CA ALA E 174 -17.25 10.24 -11.58
C ALA E 174 -18.43 10.87 -12.32
N ILE E 175 -18.18 11.65 -13.37
CA ILE E 175 -19.23 12.41 -14.03
C ILE E 175 -19.97 11.51 -15.02
N MET E 176 -21.26 11.76 -15.19
CA MET E 176 -22.15 10.87 -15.92
C MET E 176 -23.29 11.63 -16.59
N ARG E 177 -23.96 10.95 -17.51
CA ARG E 177 -25.19 11.40 -18.14
C ARG E 177 -26.31 10.42 -17.86
N LEU E 178 -27.53 10.94 -17.82
CA LEU E 178 -28.72 10.10 -17.90
C LEU E 178 -29.48 10.44 -19.16
N ASP E 179 -29.50 9.50 -20.11
CA ASP E 179 -30.11 9.78 -21.39
C ASP E 179 -31.49 10.41 -21.24
N LEU E 180 -32.11 10.28 -20.08
CA LEU E 180 -33.46 10.77 -19.91
C LEU E 180 -33.57 12.21 -20.39
N ALA E 181 -34.66 12.51 -21.08
CA ALA E 181 -35.02 13.86 -21.45
C ALA E 181 -36.50 14.03 -21.17
N GLY E 182 -36.88 15.21 -20.69
CA GLY E 182 -38.29 15.50 -20.53
C GLY E 182 -39.09 15.03 -21.72
N ARG E 183 -38.49 15.12 -22.91
CA ARG E 183 -39.00 14.39 -24.05
C ARG E 183 -39.24 12.92 -23.74
N ASP E 184 -38.33 12.29 -23.02
CA ASP E 184 -38.52 10.88 -22.73
C ASP E 184 -39.78 10.68 -21.90
N LEU E 185 -39.93 11.49 -20.87
CA LEU E 185 -41.10 11.42 -20.05
C LEU E 185 -42.34 11.65 -20.88
N THR E 186 -42.30 12.71 -21.67
CA THR E 186 -43.23 12.90 -22.77
C THR E 186 -43.62 11.58 -23.38
N ASP E 187 -42.61 10.81 -23.74
CA ASP E 187 -42.85 9.55 -24.39
C ASP E 187 -43.77 8.71 -23.53
N TYR E 188 -43.27 8.30 -22.40
CA TYR E 188 -44.05 7.36 -21.61
C TYR E 188 -45.46 7.89 -21.37
N LEU E 189 -45.56 9.21 -21.24
CA LEU E 189 -46.87 9.83 -21.14
C LEU E 189 -47.74 9.48 -22.32
N MET E 190 -47.21 9.67 -23.52
CA MET E 190 -47.99 9.32 -24.68
C MET E 190 -48.40 7.87 -24.56
N LYS E 191 -47.42 7.01 -24.30
CA LYS E 191 -47.68 5.60 -24.09
C LYS E 191 -48.93 5.42 -23.26
N ILE E 192 -48.87 5.92 -22.05
CA ILE E 192 -49.91 5.66 -21.07
C ILE E 192 -51.23 6.26 -21.51
N LEU E 193 -51.28 7.59 -21.60
CA LEU E 193 -52.55 8.24 -21.85
C LEU E 193 -53.22 7.65 -23.08
N THR E 194 -52.48 7.50 -24.16
CA THR E 194 -53.04 6.93 -25.39
C THR E 194 -53.63 5.56 -25.09
N GLU E 195 -52.78 4.62 -24.67
CA GLU E 195 -53.30 3.29 -24.38
C GLU E 195 -54.47 3.36 -23.40
N ARG E 196 -54.40 4.30 -22.47
CA ARG E 196 -55.43 4.52 -21.47
C ARG E 196 -56.68 5.14 -22.01
N GLY E 197 -56.83 5.23 -23.32
CA GLY E 197 -58.07 5.75 -23.84
C GLY E 197 -57.85 6.94 -24.74
N TYR E 198 -56.65 7.06 -25.28
CA TYR E 198 -56.32 8.29 -25.98
C TYR E 198 -55.54 7.93 -27.23
N SER E 199 -55.55 8.84 -28.20
CA SER E 199 -54.91 8.61 -29.49
C SER E 199 -53.96 9.76 -29.76
N PHE E 200 -52.77 9.72 -29.18
CA PHE E 200 -51.97 10.91 -28.99
C PHE E 200 -50.56 10.67 -29.48
N VAL E 201 -50.31 11.01 -30.74
CA VAL E 201 -49.05 10.67 -31.37
C VAL E 201 -48.44 11.88 -32.07
N THR E 202 -49.27 12.86 -32.38
CA THR E 202 -48.86 13.82 -33.39
C THR E 202 -47.85 14.79 -32.81
N THR E 203 -47.03 15.34 -33.70
CA THR E 203 -45.91 16.16 -33.26
C THR E 203 -46.35 17.18 -32.23
N ALA E 204 -47.22 18.11 -32.62
CA ALA E 204 -47.75 19.05 -31.64
C ALA E 204 -48.60 18.33 -30.63
N GLU E 205 -49.05 17.12 -30.93
CA GLU E 205 -49.66 16.32 -29.88
C GLU E 205 -48.66 16.11 -28.77
N ARG E 206 -47.45 15.75 -29.16
CA ARG E 206 -46.32 15.76 -28.25
C ARG E 206 -46.14 17.15 -27.65
N GLU E 207 -46.42 18.18 -28.42
CA GLU E 207 -46.33 19.52 -27.87
C GLU E 207 -47.23 19.67 -26.67
N ILE E 208 -48.49 19.35 -26.86
CA ILE E 208 -49.47 19.46 -25.80
C ILE E 208 -49.03 18.66 -24.60
N VAL E 209 -48.56 17.43 -24.85
CA VAL E 209 -48.24 16.56 -23.74
C VAL E 209 -47.08 17.13 -22.93
N ARG E 210 -46.05 17.63 -23.62
CA ARG E 210 -44.95 18.25 -22.90
C ARG E 210 -45.43 19.44 -22.11
N ASP E 211 -46.31 20.22 -22.71
CA ASP E 211 -46.93 21.29 -21.97
C ASP E 211 -47.58 20.73 -20.72
N ILE E 212 -48.25 19.60 -20.89
CA ILE E 212 -48.99 18.99 -19.79
C ILE E 212 -48.05 18.70 -18.66
N LYS E 213 -46.94 18.04 -18.98
CA LYS E 213 -45.98 17.73 -17.93
C LYS E 213 -45.52 19.00 -17.26
N GLU E 214 -45.06 19.96 -18.06
CA GLU E 214 -44.40 21.11 -17.48
C GLU E 214 -45.37 22.03 -16.78
N LYS E 215 -46.68 21.80 -16.93
CA LYS E 215 -47.65 22.59 -16.18
C LYS E 215 -48.29 21.83 -15.03
N LEU E 216 -48.52 20.57 -15.16
CA LEU E 216 -49.32 19.85 -14.19
C LEU E 216 -48.62 18.58 -13.70
N CYS E 217 -47.96 17.86 -14.58
CA CYS E 217 -47.36 16.60 -14.17
C CYS E 217 -46.31 16.85 -13.11
N TYR E 218 -46.29 15.97 -12.11
CA TYR E 218 -45.49 16.16 -10.92
C TYR E 218 -44.92 14.81 -10.51
N VAL E 219 -44.50 14.72 -9.27
CA VAL E 219 -44.27 13.44 -8.60
C VAL E 219 -44.53 13.60 -7.11
N ALA E 220 -45.04 12.53 -6.51
CA ALA E 220 -45.12 12.43 -5.07
C ALA E 220 -43.88 11.72 -4.53
N LEU E 221 -43.35 12.25 -3.44
CA LEU E 221 -42.20 11.65 -2.78
C LEU E 221 -42.27 10.14 -2.81
N ASP E 222 -43.29 9.58 -2.18
CA ASP E 222 -43.47 8.15 -2.10
C ASP E 222 -44.22 7.65 -3.33
N PHE E 223 -44.22 6.33 -3.45
CA PHE E 223 -44.95 5.64 -4.49
C PHE E 223 -46.03 4.72 -3.97
N GLU E 224 -45.65 3.73 -3.18
CA GLU E 224 -46.52 2.58 -2.98
C GLU E 224 -47.69 2.95 -2.10
N ASN E 225 -47.42 3.54 -0.93
CA ASN E 225 -48.50 4.22 -0.23
C ASN E 225 -49.05 5.35 -1.08
N GLU E 226 -48.15 6.07 -1.75
CA GLU E 226 -48.59 7.01 -2.75
C GLU E 226 -49.44 6.31 -3.80
N MET E 227 -49.08 5.07 -4.13
CA MET E 227 -49.89 4.27 -5.04
C MET E 227 -51.29 4.07 -4.49
N ALA E 228 -51.40 3.66 -3.24
CA ALA E 228 -52.73 3.48 -2.68
C ALA E 228 -53.50 4.79 -2.73
N THR E 229 -52.85 5.87 -2.33
CA THR E 229 -53.43 7.19 -2.51
C THR E 229 -54.02 7.32 -3.90
N ALA E 230 -53.20 7.05 -4.91
CA ALA E 230 -53.69 7.04 -6.28
C ALA E 230 -54.90 6.14 -6.41
N ALA E 231 -54.95 5.07 -5.63
CA ALA E 231 -55.98 4.06 -5.81
C ALA E 231 -57.36 4.68 -5.77
N SER E 232 -57.56 5.73 -4.97
CA SER E 232 -58.84 6.42 -4.96
C SER E 232 -58.73 7.93 -4.83
N SER E 233 -57.54 8.49 -4.69
CA SER E 233 -57.41 9.91 -4.36
C SER E 233 -58.05 10.72 -5.46
N SER E 234 -59.21 11.30 -5.18
CA SER E 234 -59.94 12.03 -6.18
C SER E 234 -59.31 13.37 -6.51
N SER E 235 -58.61 13.98 -5.55
CA SER E 235 -58.05 15.31 -5.78
C SER E 235 -57.20 15.33 -7.05
N LEU E 236 -56.25 14.42 -7.15
CA LEU E 236 -55.48 14.28 -8.38
C LEU E 236 -56.36 14.03 -9.58
N GLU E 237 -57.53 13.42 -9.37
CA GLU E 237 -58.35 12.91 -10.46
C GLU E 237 -58.96 14.10 -11.21
N LYS E 238 -58.09 14.84 -11.87
CA LYS E 238 -58.44 16.10 -12.49
C LYS E 238 -58.18 16.08 -13.98
N SER E 239 -59.19 16.48 -14.73
CA SER E 239 -59.09 16.57 -16.18
C SER E 239 -58.63 17.97 -16.56
N TYR E 240 -57.67 18.03 -17.48
CA TYR E 240 -57.23 19.31 -17.99
C TYR E 240 -57.67 19.54 -19.41
N GLU E 241 -58.14 20.76 -19.67
CA GLU E 241 -58.55 21.17 -20.99
C GLU E 241 -57.50 20.78 -22.01
N LEU E 242 -57.85 19.86 -22.88
CA LEU E 242 -57.00 19.58 -24.01
C LEU E 242 -57.05 20.77 -24.95
N PRO E 243 -55.90 21.26 -25.41
CA PRO E 243 -55.90 22.53 -26.15
C PRO E 243 -56.66 22.48 -27.45
N ASP E 244 -57.11 21.31 -27.90
CA ASP E 244 -58.20 21.31 -28.86
C ASP E 244 -59.38 22.06 -28.29
N GLY E 245 -59.49 22.08 -26.95
CA GLY E 245 -60.70 22.47 -26.25
C GLY E 245 -61.22 21.34 -25.37
N GLN E 246 -60.92 20.10 -25.73
CA GLN E 246 -61.15 19.00 -24.82
C GLN E 246 -60.52 19.33 -23.48
N VAL E 247 -60.98 18.67 -22.42
CA VAL E 247 -60.34 18.77 -21.12
C VAL E 247 -59.78 17.40 -20.78
N ILE E 248 -58.53 17.17 -21.17
CA ILE E 248 -57.89 15.91 -20.89
C ILE E 248 -58.00 15.63 -19.41
N THR E 249 -58.51 14.46 -19.06
CA THR E 249 -58.57 14.10 -17.65
C THR E 249 -57.24 13.54 -17.19
N ILE E 250 -56.92 13.75 -15.92
CA ILE E 250 -55.62 13.36 -15.41
C ILE E 250 -55.74 12.74 -14.03
N GLY E 251 -55.00 11.68 -13.81
CA GLY E 251 -54.84 11.07 -12.52
C GLY E 251 -53.40 10.70 -12.25
N ASN E 252 -53.18 9.41 -12.02
CA ASN E 252 -51.89 8.93 -11.51
C ASN E 252 -50.74 9.32 -12.40
N GLU E 253 -50.98 9.52 -13.68
CA GLU E 253 -49.91 9.86 -14.59
C GLU E 253 -49.12 11.07 -14.10
N ARG E 254 -49.82 12.14 -13.73
CA ARG E 254 -49.23 13.47 -13.53
C ARG E 254 -47.91 13.35 -12.81
N PHE E 255 -47.82 12.34 -11.99
CA PHE E 255 -46.60 11.94 -11.31
C PHE E 255 -45.98 10.67 -11.86
N ARG E 256 -46.76 9.71 -12.30
CA ARG E 256 -46.15 8.50 -12.82
C ARG E 256 -45.43 8.73 -14.12
N CYS E 257 -45.45 9.94 -14.64
CA CYS E 257 -44.53 10.24 -15.76
C CYS E 257 -43.11 10.38 -15.26
N PRO E 258 -42.77 11.39 -14.50
CA PRO E 258 -41.35 11.71 -14.31
C PRO E 258 -40.62 10.69 -13.45
N GLU E 259 -41.29 10.27 -12.38
CA GLU E 259 -40.63 9.51 -11.32
C GLU E 259 -39.73 8.41 -11.87
N THR E 260 -40.05 7.86 -13.03
CA THR E 260 -39.24 6.75 -13.53
C THR E 260 -37.79 7.15 -13.73
N LEU E 261 -37.49 8.45 -13.77
CA LEU E 261 -36.09 8.86 -13.77
C LEU E 261 -35.31 8.16 -12.68
N PHE E 262 -36.01 7.66 -11.67
CA PHE E 262 -35.37 6.85 -10.65
C PHE E 262 -35.54 5.37 -10.92
N GLN E 263 -36.39 5.02 -11.86
CA GLN E 263 -36.67 3.63 -12.22
C GLN E 263 -36.97 3.54 -13.71
N PRO E 264 -35.95 3.42 -14.54
CA PRO E 264 -36.14 3.32 -15.99
C PRO E 264 -36.91 2.09 -16.39
N SER E 265 -37.07 1.15 -15.47
CA SER E 265 -38.02 0.07 -15.69
C SER E 265 -39.22 0.58 -16.46
N PHE E 266 -39.74 1.72 -16.04
CA PHE E 266 -40.91 2.27 -16.71
C PHE E 266 -40.56 2.68 -18.12
N ILE E 267 -39.37 3.24 -18.31
CA ILE E 267 -38.84 3.48 -19.64
C ILE E 267 -38.14 2.20 -20.05
N GLY E 268 -38.21 1.21 -19.16
CA GLY E 268 -37.54 -0.05 -19.36
C GLY E 268 -36.04 0.08 -19.43
N MET E 269 -35.52 1.29 -19.23
CA MET E 269 -34.10 1.49 -19.41
C MET E 269 -33.30 0.66 -18.41
N GLU E 270 -32.20 0.08 -18.89
CA GLU E 270 -31.29 -0.64 -18.02
C GLU E 270 -30.71 0.26 -16.95
N SER E 271 -30.80 1.56 -17.14
CA SER E 271 -30.10 2.51 -16.29
C SER E 271 -30.69 2.50 -14.89
N ALA E 272 -30.20 3.40 -14.06
CA ALA E 272 -30.64 3.56 -12.68
C ALA E 272 -31.04 5.01 -12.41
N GLY E 273 -31.85 5.19 -11.37
CA GLY E 273 -32.38 6.49 -11.04
C GLY E 273 -31.30 7.55 -10.93
N ILE E 274 -31.74 8.80 -11.03
CA ILE E 274 -30.82 9.91 -10.98
C ILE E 274 -30.11 9.94 -9.63
N HIS E 275 -30.87 9.71 -8.57
CA HIS E 275 -30.36 9.79 -7.22
C HIS E 275 -29.13 8.92 -7.02
N GLU E 276 -29.22 7.64 -7.35
CA GLU E 276 -28.09 6.77 -7.06
C GLU E 276 -26.98 6.95 -8.06
N THR E 277 -27.26 7.49 -9.23
CA THR E 277 -26.19 8.05 -10.02
C THR E 277 -25.42 9.07 -9.20
N THR E 278 -26.16 9.99 -8.59
CA THR E 278 -25.53 10.92 -7.68
C THR E 278 -24.70 10.18 -6.64
N TYR E 279 -25.26 9.13 -6.07
CA TYR E 279 -24.66 8.51 -4.90
C TYR E 279 -23.42 7.71 -5.26
N ASN E 280 -23.49 6.95 -6.34
CA ASN E 280 -22.31 6.23 -6.77
C ASN E 280 -21.24 7.20 -7.22
N SER E 281 -21.64 8.31 -7.85
CA SER E 281 -20.67 9.35 -8.12
C SER E 281 -19.97 9.78 -6.84
N ILE E 282 -20.76 10.14 -5.85
CA ILE E 282 -20.22 10.71 -4.62
C ILE E 282 -19.29 9.70 -3.96
N MET E 283 -19.76 8.46 -3.83
CA MET E 283 -18.89 7.42 -3.33
C MET E 283 -17.60 7.37 -4.13
N LYS E 284 -17.68 7.52 -5.44
CA LYS E 284 -16.45 7.70 -6.21
C LYS E 284 -15.67 8.89 -5.71
N CYS E 285 -16.36 9.93 -5.26
CA CYS E 285 -15.66 11.10 -4.78
C CYS E 285 -14.80 10.74 -3.59
N ASP E 286 -13.94 11.66 -3.17
CA ASP E 286 -12.96 11.29 -2.16
C ASP E 286 -13.75 11.00 -0.89
N ILE E 287 -13.04 10.63 0.16
CA ILE E 287 -13.72 10.12 1.35
C ILE E 287 -14.68 11.17 1.90
N ASP E 288 -14.23 12.41 2.01
CA ASP E 288 -14.99 13.40 2.75
C ASP E 288 -15.44 14.56 1.89
N ILE E 289 -15.15 14.56 0.59
CA ILE E 289 -15.97 15.36 -0.30
C ILE E 289 -17.43 15.15 -0.03
N ARG E 290 -17.80 13.95 0.38
CA ARG E 290 -19.21 13.58 0.37
C ARG E 290 -20.06 14.59 1.12
N LYS E 291 -19.60 15.05 2.29
CA LYS E 291 -20.31 16.13 2.96
C LYS E 291 -20.32 17.38 2.10
N ASP E 292 -19.24 17.62 1.38
CA ASP E 292 -19.23 18.73 0.44
C ASP E 292 -20.41 18.61 -0.49
N LEU E 293 -20.55 17.46 -1.12
CA LEU E 293 -21.71 17.16 -1.93
C LEU E 293 -22.96 17.54 -1.16
N TYR E 294 -23.08 16.98 0.04
CA TYR E 294 -24.30 17.09 0.81
C TYR E 294 -24.70 18.54 0.96
N ALA E 295 -23.73 19.41 1.12
CA ALA E 295 -24.05 20.83 1.09
C ALA E 295 -24.19 21.36 -0.33
N ASN E 296 -23.75 20.60 -1.33
CA ASN E 296 -23.56 21.06 -2.69
C ASN E 296 -24.33 20.21 -3.67
N ASN E 297 -25.37 19.56 -3.17
CA ASN E 297 -26.10 18.58 -3.95
C ASN E 297 -26.94 19.37 -4.95
N VAL E 298 -26.26 20.09 -5.83
CA VAL E 298 -26.94 21.06 -6.67
C VAL E 298 -27.67 20.33 -7.78
N LEU E 299 -28.99 20.36 -7.73
CA LEU E 299 -29.73 20.01 -8.92
C LEU E 299 -29.59 21.09 -9.98
N SER E 300 -29.80 20.68 -11.22
CA SER E 300 -29.91 21.60 -12.33
C SER E 300 -30.81 20.99 -13.38
N GLY E 301 -31.63 21.83 -14.01
CA GLY E 301 -32.54 21.39 -15.05
C GLY E 301 -34.00 21.67 -14.80
N GLY E 302 -34.56 22.64 -15.55
CA GLY E 302 -35.89 23.11 -15.25
C GLY E 302 -36.97 22.07 -15.47
N THR E 303 -36.89 21.31 -16.57
CA THR E 303 -37.89 20.29 -16.79
C THR E 303 -38.10 19.45 -15.54
N THR E 304 -37.06 19.29 -14.73
CA THR E 304 -37.09 18.66 -13.42
C THR E 304 -37.71 19.50 -12.40
N MET E 305 -38.32 20.58 -12.84
CA MET E 305 -38.90 21.57 -11.95
C MET E 305 -40.01 21.00 -11.08
N TYR E 306 -40.28 19.71 -11.20
CA TYR E 306 -41.49 19.17 -10.65
C TYR E 306 -41.48 19.25 -9.13
N PRO E 307 -42.54 18.80 -8.48
CA PRO E 307 -42.56 18.81 -7.02
C PRO E 307 -41.48 17.91 -6.47
N GLY E 308 -41.27 18.03 -5.17
CA GLY E 308 -40.56 17.03 -4.41
C GLY E 308 -39.17 16.72 -4.93
N ILE E 309 -38.78 17.40 -6.01
CA ILE E 309 -37.59 16.97 -6.73
C ILE E 309 -36.49 16.66 -5.74
N ALA E 310 -36.08 17.67 -4.99
CA ALA E 310 -35.21 17.44 -3.86
C ALA E 310 -35.88 16.52 -2.86
N ASP E 311 -37.16 16.76 -2.55
CA ASP E 311 -37.81 15.91 -1.57
C ASP E 311 -37.32 14.48 -1.68
N ARG E 312 -37.56 13.82 -2.81
CA ARG E 312 -36.87 12.56 -2.99
C ARG E 312 -35.39 12.73 -2.86
N MET E 313 -34.79 13.63 -3.64
CA MET E 313 -33.33 13.69 -3.70
C MET E 313 -32.75 13.34 -2.34
N GLN E 314 -33.06 14.18 -1.36
CA GLN E 314 -32.71 13.95 0.03
C GLN E 314 -33.24 12.63 0.56
N LYS E 315 -34.52 12.29 0.34
CA LYS E 315 -34.98 11.17 1.13
C LYS E 315 -34.18 9.93 0.76
N GLU E 316 -34.03 9.65 -0.52
CA GLU E 316 -33.26 8.48 -0.91
C GLU E 316 -31.80 8.60 -0.54
N ILE E 317 -31.19 9.78 -0.75
CA ILE E 317 -29.78 9.85 -0.38
C ILE E 317 -29.65 9.47 1.08
N THR E 318 -30.47 10.08 1.93
CA THR E 318 -30.68 9.58 3.27
C THR E 318 -30.72 8.06 3.26
N ALA E 319 -31.69 7.49 2.56
CA ALA E 319 -31.86 6.05 2.52
C ALA E 319 -30.55 5.35 2.21
N LEU E 320 -29.60 6.09 1.66
CA LEU E 320 -28.33 5.55 1.25
C LEU E 320 -27.19 6.22 2.02
N ALA E 321 -27.29 7.52 2.22
CA ALA E 321 -26.23 8.25 2.89
C ALA E 321 -26.19 7.92 4.37
N PRO E 322 -25.01 8.00 4.98
CA PRO E 322 -24.95 7.93 6.45
C PRO E 322 -25.54 9.19 7.07
N SER E 323 -26.53 8.97 7.95
CA SER E 323 -27.13 10.11 8.65
C SER E 323 -26.07 10.90 9.39
N THR E 324 -24.95 10.26 9.72
CA THR E 324 -23.77 11.00 10.13
C THR E 324 -23.68 12.31 9.37
N MET E 325 -23.65 12.22 8.04
CA MET E 325 -23.50 13.40 7.22
C MET E 325 -24.85 14.05 7.01
N LYS E 326 -24.83 15.35 6.78
CA LYS E 326 -26.04 16.12 6.54
C LYS E 326 -26.07 16.53 5.08
N ILE E 327 -27.15 16.18 4.40
CA ILE E 327 -27.27 16.37 2.96
C ILE E 327 -27.91 17.72 2.70
N LYS E 328 -27.66 18.26 1.52
CA LYS E 328 -28.48 19.36 1.03
C LYS E 328 -28.32 19.44 -0.48
N ILE E 329 -29.32 19.01 -1.19
CA ILE E 329 -29.41 19.25 -2.63
C ILE E 329 -29.66 20.73 -2.88
N ILE E 330 -29.16 21.19 -4.01
CA ILE E 330 -29.24 22.60 -4.38
C ILE E 330 -29.88 22.71 -5.76
N ALA E 331 -30.97 23.45 -5.83
CA ALA E 331 -31.68 23.67 -7.10
C ALA E 331 -32.42 24.99 -7.04
N PRO E 332 -31.92 26.00 -7.73
CA PRO E 332 -32.68 27.23 -7.87
C PRO E 332 -33.91 26.98 -8.70
N PRO E 333 -34.95 27.78 -8.54
CA PRO E 333 -36.05 27.71 -9.51
C PRO E 333 -35.57 27.96 -10.92
N GLU E 334 -34.56 28.81 -11.09
CA GLU E 334 -34.26 29.42 -12.38
C GLU E 334 -33.22 28.63 -13.12
N ARG E 335 -33.39 27.32 -13.14
CA ARG E 335 -32.28 26.45 -13.52
C ARG E 335 -32.06 26.51 -15.03
N LYS E 336 -33.13 26.69 -15.80
CA LYS E 336 -32.95 26.95 -17.22
C LYS E 336 -31.91 28.04 -17.45
N TYR E 337 -32.13 29.18 -16.82
CA TYR E 337 -31.37 30.37 -17.14
C TYR E 337 -30.01 30.30 -16.48
N SER E 338 -29.98 29.64 -15.32
CA SER E 338 -28.75 29.42 -14.59
C SER E 338 -27.61 29.13 -15.54
N VAL E 339 -27.75 28.10 -16.37
CA VAL E 339 -26.70 27.79 -17.31
C VAL E 339 -26.39 29.01 -18.16
N TRP E 340 -27.44 29.62 -18.73
CA TRP E 340 -27.23 30.86 -19.44
C TRP E 340 -26.57 31.88 -18.55
N ILE E 341 -26.99 31.95 -17.29
CA ILE E 341 -26.50 33.00 -16.42
C ILE E 341 -25.00 32.87 -16.24
N GLY E 342 -24.55 31.68 -15.85
CA GLY E 342 -23.14 31.45 -15.63
C GLY E 342 -22.33 31.63 -16.90
N GLY E 343 -22.90 31.26 -18.05
CA GLY E 343 -22.23 31.54 -19.29
C GLY E 343 -22.08 33.02 -19.53
N SER E 344 -23.18 33.76 -19.33
CA SER E 344 -23.11 35.21 -19.39
C SER E 344 -22.01 35.71 -18.47
N ILE E 345 -21.81 35.02 -17.36
CA ILE E 345 -20.79 35.42 -16.42
C ILE E 345 -19.42 35.21 -17.02
N LEU E 346 -19.10 33.93 -17.25
CA LEU E 346 -17.79 33.58 -17.77
C LEU E 346 -17.44 34.42 -18.96
N ALA E 347 -18.24 34.32 -20.01
CA ALA E 347 -17.96 35.14 -21.18
C ALA E 347 -17.82 36.59 -20.77
N SER E 348 -18.82 37.09 -20.06
CA SER E 348 -18.75 38.42 -19.48
C SER E 348 -17.56 38.58 -18.55
N LEU E 349 -16.90 37.48 -18.18
CA LEU E 349 -15.76 37.61 -17.30
C LEU E 349 -14.60 38.26 -18.05
N SER E 350 -14.50 39.58 -17.89
CA SER E 350 -13.53 40.37 -18.65
C SER E 350 -12.13 39.82 -18.50
N THR E 351 -11.80 39.33 -17.31
CA THR E 351 -10.44 38.90 -17.08
C THR E 351 -10.15 37.66 -17.91
N PHE E 352 -11.04 37.33 -18.83
CA PHE E 352 -11.03 36.01 -19.45
C PHE E 352 -11.11 36.04 -20.97
N GLN E 353 -11.09 37.21 -21.59
CA GLN E 353 -11.28 37.22 -23.03
C GLN E 353 -10.18 36.47 -23.77
N GLN E 354 -9.07 36.21 -23.10
CA GLN E 354 -8.00 35.46 -23.74
C GLN E 354 -8.48 34.15 -24.33
N MET E 355 -9.50 33.53 -23.75
CA MET E 355 -9.91 32.21 -24.20
C MET E 355 -10.64 32.21 -25.52
N TRP E 356 -11.42 33.24 -25.83
CA TRP E 356 -12.28 33.16 -26.99
C TRP E 356 -11.57 32.71 -28.26
N ILE E 357 -12.33 31.98 -29.06
CA ILE E 357 -11.90 31.34 -30.29
C ILE E 357 -11.71 32.46 -31.31
N SER E 358 -10.46 32.80 -31.60
CA SER E 358 -10.23 33.84 -32.59
C SER E 358 -10.27 33.23 -33.98
N LYS E 359 -10.83 33.99 -34.91
CA LYS E 359 -10.74 33.60 -36.31
C LYS E 359 -9.35 33.08 -36.62
N GLN E 360 -8.34 33.91 -36.40
CA GLN E 360 -6.98 33.54 -36.77
C GLN E 360 -6.58 32.22 -36.14
N GLU E 361 -6.58 32.15 -34.81
CA GLU E 361 -6.14 30.94 -34.14
C GLU E 361 -6.65 29.71 -34.88
N TYR E 362 -7.96 29.62 -35.08
CA TYR E 362 -8.48 28.62 -35.98
C TYR E 362 -7.68 28.59 -37.26
N ASP E 363 -7.55 29.75 -37.89
CA ASP E 363 -7.05 29.83 -39.26
C ASP E 363 -5.73 29.10 -39.37
N GLU E 364 -4.79 29.48 -38.50
CA GLU E 364 -3.49 28.83 -38.48
C GLU E 364 -3.63 27.36 -38.16
N ALA E 365 -4.45 27.03 -37.17
CA ALA E 365 -4.59 25.64 -36.76
C ALA E 365 -5.90 25.02 -37.24
N GLY E 366 -6.55 25.64 -38.22
CA GLY E 366 -7.83 25.16 -38.65
C GLY E 366 -8.72 24.98 -37.45
N PRO E 367 -9.69 24.08 -37.56
CA PRO E 367 -10.55 23.81 -36.40
C PRO E 367 -9.85 22.99 -35.35
N SER E 368 -9.13 21.95 -35.76
CA SER E 368 -8.45 21.09 -34.83
C SER E 368 -7.79 21.87 -33.71
N ILE E 369 -7.35 23.10 -34.00
CA ILE E 369 -6.87 23.98 -32.95
C ILE E 369 -7.73 23.85 -31.72
N VAL E 370 -9.04 23.95 -31.89
CA VAL E 370 -9.99 24.10 -30.82
C VAL E 370 -9.70 23.16 -29.68
N HIS E 371 -9.07 22.03 -29.98
CA HIS E 371 -9.18 20.91 -29.05
C HIS E 371 -8.20 21.05 -27.90
N ARG E 372 -6.92 20.95 -28.19
CA ARG E 372 -5.95 21.00 -27.12
C ARG E 372 -5.86 22.41 -26.54
N LYS E 373 -5.76 22.46 -25.22
CA LYS E 373 -5.49 23.70 -24.50
C LYS E 373 -6.53 24.75 -24.84
N CYS E 374 -7.63 24.33 -25.45
CA CYS E 374 -8.68 25.25 -25.78
C CYS E 374 -9.94 24.45 -26.04
N PHE E 375 -11.08 25.12 -25.83
CA PHE E 375 -12.40 24.70 -26.29
C PHE E 375 -13.31 25.91 -26.21
N ASP F 1 -72.71 -33.06 -21.53
CA ASP F 1 -72.87 -34.46 -21.91
C ASP F 1 -71.55 -35.07 -22.34
N ASP F 2 -70.46 -34.63 -21.70
CA ASP F 2 -69.12 -35.09 -22.03
C ASP F 2 -68.23 -34.87 -20.82
N GLU F 3 -66.92 -34.91 -21.04
CA GLU F 3 -65.95 -34.74 -19.95
C GLU F 3 -65.81 -33.28 -19.57
N GLU F 4 -64.78 -32.95 -18.80
CA GLU F 4 -64.71 -31.69 -18.06
C GLU F 4 -65.18 -30.49 -18.87
N THR F 5 -64.48 -30.13 -19.94
CA THR F 5 -64.90 -29.03 -20.80
C THR F 5 -63.88 -28.85 -21.91
N THR F 6 -64.25 -28.04 -22.88
CA THR F 6 -63.32 -27.48 -23.84
C THR F 6 -63.34 -25.98 -23.70
N ALA F 7 -62.18 -25.41 -23.45
CA ALA F 7 -62.10 -23.96 -23.45
C ALA F 7 -62.65 -23.44 -24.76
N LEU F 8 -63.00 -22.17 -24.75
CA LEU F 8 -63.76 -21.59 -25.84
C LEU F 8 -62.84 -20.63 -26.55
N VAL F 9 -62.16 -21.11 -27.59
CA VAL F 9 -61.22 -20.26 -28.30
C VAL F 9 -62.02 -19.33 -29.19
N CYS F 10 -62.40 -18.19 -28.63
CA CYS F 10 -63.23 -17.20 -29.28
C CYS F 10 -62.35 -16.03 -29.71
N ASP F 11 -62.38 -15.71 -31.00
CA ASP F 11 -61.46 -14.73 -31.56
C ASP F 11 -62.22 -13.72 -32.40
N ASN F 12 -62.32 -12.50 -31.91
CA ASN F 12 -62.94 -11.41 -32.64
C ASN F 12 -62.00 -10.81 -33.67
N GLY F 13 -61.57 -11.61 -34.64
CA GLY F 13 -60.64 -11.12 -35.64
C GLY F 13 -61.02 -9.71 -36.04
N SER F 14 -60.05 -8.79 -35.98
CA SER F 14 -60.38 -7.38 -35.90
C SER F 14 -61.53 -7.01 -36.80
N GLY F 15 -61.68 -7.69 -37.94
CA GLY F 15 -62.83 -7.50 -38.78
C GLY F 15 -63.95 -8.48 -38.48
N LEU F 16 -63.62 -9.74 -38.24
CA LEU F 16 -64.62 -10.75 -37.96
C LEU F 16 -64.32 -11.39 -36.61
N VAL F 17 -65.34 -11.68 -35.89
CA VAL F 17 -65.19 -12.51 -34.71
C VAL F 17 -65.17 -13.96 -35.15
N LYS F 18 -64.28 -14.73 -34.56
CA LYS F 18 -64.04 -16.10 -34.98
C LYS F 18 -63.68 -16.94 -33.78
N ALA F 19 -63.86 -18.26 -33.90
CA ALA F 19 -63.60 -19.08 -32.73
C ALA F 19 -63.74 -20.55 -33.05
N GLY F 20 -63.13 -21.36 -32.22
CA GLY F 20 -63.35 -22.78 -32.18
C GLY F 20 -63.38 -23.23 -30.74
N PHE F 21 -62.55 -24.20 -30.43
CA PHE F 21 -62.30 -24.61 -29.05
C PHE F 21 -60.81 -24.77 -28.81
N ALA F 22 -60.47 -25.00 -27.54
CA ALA F 22 -59.15 -25.47 -27.22
C ALA F 22 -58.87 -26.74 -28.00
N GLY F 23 -57.63 -26.89 -28.46
CA GLY F 23 -57.29 -28.03 -29.28
C GLY F 23 -57.99 -28.08 -30.62
N ASP F 24 -58.95 -27.18 -30.87
CA ASP F 24 -59.58 -27.16 -32.17
C ASP F 24 -58.56 -26.89 -33.25
N ASP F 25 -58.99 -27.01 -34.49
CA ASP F 25 -58.11 -26.83 -35.61
C ASP F 25 -58.59 -25.76 -36.58
N ALA F 26 -59.88 -25.40 -36.51
CA ALA F 26 -60.43 -24.41 -37.40
C ALA F 26 -61.45 -23.62 -36.61
N PRO F 27 -61.31 -22.32 -36.53
CA PRO F 27 -62.29 -21.52 -35.86
C PRO F 27 -63.63 -21.75 -36.53
N ARG F 28 -64.49 -22.48 -35.86
CA ARG F 28 -65.80 -22.73 -36.40
C ARG F 28 -66.64 -21.47 -36.51
N ALA F 29 -66.22 -20.38 -35.88
CA ALA F 29 -66.90 -19.11 -35.97
C ALA F 29 -66.05 -18.17 -36.81
N VAL F 30 -66.67 -17.57 -37.83
CA VAL F 30 -66.02 -16.52 -38.62
C VAL F 30 -67.09 -15.62 -39.22
N PHE F 31 -67.07 -14.34 -38.91
CA PHE F 31 -68.07 -13.50 -39.57
C PHE F 31 -67.97 -12.03 -39.19
N PRO F 32 -68.66 -11.16 -39.93
CA PRO F 32 -68.40 -9.72 -39.83
C PRO F 32 -68.70 -9.16 -38.46
N SER F 33 -67.94 -8.14 -38.09
CA SER F 33 -68.10 -7.43 -36.81
C SER F 33 -68.94 -6.17 -36.96
N ILE F 34 -70.08 -6.32 -37.62
CA ILE F 34 -70.92 -5.19 -37.98
C ILE F 34 -72.30 -5.33 -37.40
N VAL F 35 -72.99 -4.19 -37.33
CA VAL F 35 -74.40 -4.14 -37.00
C VAL F 35 -75.11 -3.42 -38.14
N GLY F 36 -76.38 -3.73 -38.34
CA GLY F 36 -77.05 -3.29 -39.54
C GLY F 36 -78.42 -2.72 -39.31
N ARG F 37 -78.67 -1.53 -39.87
CA ARG F 37 -79.95 -0.87 -39.73
C ARG F 37 -80.61 -0.71 -41.09
N PRO F 38 -81.83 -1.21 -41.26
CA PRO F 38 -82.60 -0.85 -42.45
C PRO F 38 -83.08 0.58 -42.29
N ARG F 39 -83.59 1.15 -43.36
CA ARG F 39 -84.11 2.51 -43.26
C ARG F 39 -85.63 2.53 -43.31
N HIS F 40 -86.19 2.05 -44.40
CA HIS F 40 -87.49 2.53 -44.85
C HIS F 40 -88.65 1.90 -44.12
N GLN F 41 -88.62 0.60 -43.85
CA GLN F 41 -89.80 -0.10 -43.37
C GLN F 41 -90.99 0.07 -44.31
N GLY F 42 -90.85 -0.53 -45.48
CA GLY F 42 -92.02 -0.86 -46.24
C GLY F 42 -92.88 -1.58 -45.23
N VAL F 43 -94.14 -1.17 -45.09
CA VAL F 43 -95.02 -1.87 -44.18
C VAL F 43 -95.16 -3.30 -44.66
N MET F 44 -94.57 -4.23 -43.93
CA MET F 44 -94.45 -5.60 -44.39
C MET F 44 -95.24 -6.48 -43.46
N VAL F 45 -96.11 -7.30 -44.04
CA VAL F 45 -96.84 -8.23 -43.21
C VAL F 45 -95.86 -9.01 -42.37
N GLY F 46 -96.36 -9.58 -41.30
CA GLY F 46 -95.59 -10.50 -40.52
C GLY F 46 -94.29 -9.90 -40.03
N MET F 47 -93.39 -10.79 -39.62
CA MET F 47 -92.17 -10.37 -38.95
C MET F 47 -91.07 -11.35 -39.33
N GLY F 48 -90.02 -11.40 -38.51
CA GLY F 48 -88.78 -12.03 -38.88
C GLY F 48 -87.78 -11.08 -39.48
N GLN F 49 -88.10 -9.80 -39.50
CA GLN F 49 -87.26 -8.80 -40.15
C GLN F 49 -86.45 -8.10 -39.06
N LYS F 50 -85.42 -8.79 -38.61
CA LYS F 50 -84.65 -8.28 -37.48
C LYS F 50 -84.01 -6.95 -37.81
N ASP F 51 -84.01 -6.08 -36.81
CA ASP F 51 -83.17 -4.90 -36.91
C ASP F 51 -81.70 -5.27 -37.02
N SER F 52 -81.24 -6.21 -36.19
CA SER F 52 -79.81 -6.34 -35.93
C SER F 52 -79.36 -7.79 -35.83
N TYR F 53 -79.67 -8.61 -36.83
CA TYR F 53 -79.07 -9.94 -36.91
C TYR F 53 -77.77 -9.97 -37.68
N VAL F 54 -76.97 -8.90 -37.63
CA VAL F 54 -75.85 -8.82 -38.55
C VAL F 54 -75.05 -10.11 -38.55
N GLY F 55 -74.40 -10.40 -37.44
CA GLY F 55 -73.72 -11.67 -37.33
C GLY F 55 -73.10 -12.02 -38.66
N ASP F 56 -73.59 -13.10 -39.23
CA ASP F 56 -73.23 -13.49 -40.58
C ASP F 56 -74.41 -13.46 -41.54
N GLU F 57 -75.61 -13.08 -41.10
CA GLU F 57 -76.71 -13.01 -42.05
C GLU F 57 -76.82 -11.63 -42.65
N ALA F 58 -76.63 -10.60 -41.84
CA ALA F 58 -77.05 -9.25 -42.20
C ALA F 58 -76.50 -8.86 -43.56
N GLN F 59 -75.26 -9.25 -43.86
CA GLN F 59 -74.75 -8.91 -45.16
C GLN F 59 -75.71 -9.43 -46.23
N SER F 60 -76.43 -10.50 -45.93
CA SER F 60 -77.58 -10.80 -46.75
C SER F 60 -78.51 -9.61 -46.74
N LYS F 61 -78.64 -8.95 -45.60
CA LYS F 61 -79.49 -7.77 -45.53
C LYS F 61 -78.70 -6.51 -45.87
N ARG F 62 -77.59 -6.66 -46.59
CA ARG F 62 -76.79 -5.47 -46.81
C ARG F 62 -77.67 -4.46 -47.55
N GLY F 63 -77.19 -3.23 -47.61
CA GLY F 63 -77.92 -2.13 -48.20
C GLY F 63 -78.91 -1.52 -47.24
N ILE F 64 -80.07 -2.14 -47.10
CA ILE F 64 -81.06 -1.62 -46.18
C ILE F 64 -80.49 -1.56 -44.77
N LEU F 65 -79.87 -2.64 -44.34
CA LEU F 65 -79.22 -2.66 -43.05
C LEU F 65 -77.87 -1.98 -43.20
N THR F 66 -77.54 -1.09 -42.27
CA THR F 66 -76.27 -0.39 -42.32
C THR F 66 -75.19 -1.21 -41.59
N LEU F 67 -74.08 -0.58 -41.26
CA LEU F 67 -72.91 -1.28 -40.74
C LEU F 67 -72.51 -0.71 -39.38
N LYS F 68 -72.15 -1.60 -38.46
CA LYS F 68 -71.64 -1.14 -37.17
C LYS F 68 -70.65 -2.14 -36.61
N TYR F 69 -69.38 -1.75 -36.55
CA TYR F 69 -68.42 -2.39 -35.67
C TYR F 69 -68.60 -1.81 -34.28
N PRO F 70 -68.52 -2.61 -33.21
CA PRO F 70 -68.37 -2.00 -31.87
C PRO F 70 -66.93 -1.68 -31.53
N ILE F 71 -65.97 -2.42 -32.08
CA ILE F 71 -64.55 -2.33 -31.78
C ILE F 71 -63.91 -1.47 -32.85
N GLU F 72 -64.73 -0.61 -33.43
CA GLU F 72 -64.55 -0.02 -34.75
C GLU F 72 -63.07 0.16 -35.06
N HIS F 73 -62.39 0.85 -34.16
CA HIS F 73 -60.95 1.08 -34.26
C HIS F 73 -60.18 0.06 -33.45
N GLY F 74 -60.62 -1.18 -33.48
CA GLY F 74 -60.12 -2.10 -32.49
C GLY F 74 -60.48 -1.45 -31.17
N ILE F 75 -61.64 -0.82 -31.17
CA ILE F 75 -62.10 -0.02 -30.06
C ILE F 75 -63.58 -0.26 -29.89
N ILE F 76 -63.95 -1.04 -28.89
CA ILE F 76 -65.37 -1.32 -28.72
C ILE F 76 -66.05 -0.05 -28.23
N THR F 77 -66.71 0.63 -29.16
CA THR F 77 -67.53 1.76 -28.76
C THR F 77 -68.79 1.29 -28.06
N ASN F 78 -69.31 0.13 -28.45
CA ASN F 78 -70.51 -0.38 -27.80
C ASN F 78 -70.41 -1.89 -27.64
N TRP F 79 -71.21 -2.41 -26.72
CA TRP F 79 -71.00 -3.74 -26.20
C TRP F 79 -72.21 -4.63 -26.38
N ASP F 80 -73.38 -4.14 -25.96
CA ASP F 80 -74.60 -4.90 -26.16
C ASP F 80 -74.68 -5.34 -27.59
N ASP F 81 -74.37 -4.44 -28.51
CA ASP F 81 -74.07 -4.85 -29.86
C ASP F 81 -73.17 -6.08 -29.82
N MET F 82 -71.96 -5.92 -29.30
CA MET F 82 -71.03 -7.03 -29.24
C MET F 82 -71.56 -8.12 -28.31
N GLU F 83 -72.38 -7.72 -27.35
CA GLU F 83 -72.97 -8.69 -26.44
C GLU F 83 -73.76 -9.74 -27.20
N LYS F 84 -74.85 -9.29 -27.83
CA LYS F 84 -75.64 -10.20 -28.65
C LYS F 84 -74.79 -10.74 -29.78
N ILE F 85 -73.72 -10.03 -30.15
CA ILE F 85 -72.77 -10.62 -31.07
C ILE F 85 -72.30 -11.95 -30.52
N TRP F 86 -71.84 -11.92 -29.28
CA TRP F 86 -71.42 -13.14 -28.63
C TRP F 86 -72.55 -14.12 -28.61
N HIS F 87 -73.71 -13.71 -28.10
CA HIS F 87 -74.82 -14.64 -27.99
C HIS F 87 -75.11 -15.30 -29.33
N HIS F 88 -75.29 -14.49 -30.36
CA HIS F 88 -75.29 -15.03 -31.70
C HIS F 88 -74.27 -16.12 -31.83
N THR F 89 -73.04 -15.81 -31.45
CA THR F 89 -71.97 -16.79 -31.60
C THR F 89 -72.36 -18.07 -30.89
N PHE F 90 -72.48 -17.96 -29.58
CA PHE F 90 -72.58 -19.02 -28.60
C PHE F 90 -73.86 -19.80 -28.76
N TYR F 91 -74.79 -19.30 -29.53
CA TYR F 91 -76.14 -19.83 -29.53
C TYR F 91 -76.67 -20.09 -30.92
N ASN F 92 -75.98 -19.66 -31.94
CA ASN F 92 -76.34 -19.90 -33.31
C ASN F 92 -75.24 -20.64 -34.05
N GLU F 93 -74.02 -20.13 -33.95
CA GLU F 93 -72.88 -20.78 -34.56
C GLU F 93 -72.03 -21.46 -33.49
N LEU F 94 -71.80 -20.79 -32.37
CA LEU F 94 -71.40 -21.58 -31.22
C LEU F 94 -72.57 -22.35 -30.65
N ARG F 95 -73.78 -21.79 -30.74
CA ARG F 95 -74.99 -22.46 -30.31
C ARG F 95 -74.70 -23.30 -29.06
N VAL F 96 -73.94 -22.72 -28.15
CA VAL F 96 -73.35 -23.44 -27.03
C VAL F 96 -73.42 -22.58 -25.78
N ALA F 97 -73.59 -23.23 -24.64
CA ALA F 97 -73.64 -22.51 -23.38
C ALA F 97 -72.24 -22.04 -22.99
N PRO F 98 -72.04 -20.76 -22.74
CA PRO F 98 -70.76 -20.32 -22.19
C PRO F 98 -70.46 -20.97 -20.86
N GLU F 99 -71.50 -21.21 -20.07
CA GLU F 99 -71.33 -21.43 -18.63
C GLU F 99 -70.43 -22.62 -18.34
N GLU F 100 -70.30 -23.54 -19.28
CA GLU F 100 -69.63 -24.80 -19.01
C GLU F 100 -68.36 -24.99 -19.82
N HIS F 101 -68.02 -24.05 -20.71
CA HIS F 101 -66.79 -24.17 -21.47
C HIS F 101 -65.90 -22.97 -21.21
N PRO F 102 -64.66 -23.18 -20.82
CA PRO F 102 -63.78 -22.04 -20.54
C PRO F 102 -63.51 -21.32 -21.83
N THR F 103 -62.97 -20.12 -21.72
CA THR F 103 -62.53 -19.42 -22.92
C THR F 103 -61.37 -18.50 -22.59
N LEU F 104 -60.43 -18.42 -23.52
CA LEU F 104 -59.41 -17.40 -23.51
C LEU F 104 -59.92 -16.22 -24.32
N LEU F 105 -59.43 -15.03 -24.00
CA LEU F 105 -59.93 -13.82 -24.62
C LEU F 105 -58.85 -13.17 -25.47
N THR F 106 -59.24 -12.78 -26.68
CA THR F 106 -58.36 -12.20 -27.66
C THR F 106 -58.41 -10.68 -27.56
N GLU F 107 -57.26 -10.04 -27.44
CA GLU F 107 -57.23 -8.60 -27.32
C GLU F 107 -55.94 -8.03 -27.88
N ALA F 108 -56.04 -6.88 -28.47
CA ALA F 108 -54.82 -6.18 -28.80
C ALA F 108 -54.47 -5.22 -27.67
N PRO F 109 -53.21 -4.83 -27.58
CA PRO F 109 -52.82 -3.83 -26.58
C PRO F 109 -53.54 -2.52 -26.84
N LEU F 110 -53.23 -1.55 -26.00
CA LEU F 110 -53.72 -0.18 -26.12
C LEU F 110 -55.13 -0.02 -25.58
N ASN F 111 -55.68 -1.03 -24.95
CA ASN F 111 -57.06 -0.94 -24.48
C ASN F 111 -57.11 -0.37 -23.07
N PRO F 112 -57.82 0.72 -22.85
CA PRO F 112 -58.14 1.11 -21.49
C PRO F 112 -58.87 -0.02 -20.77
N LYS F 113 -58.51 -0.19 -19.50
CA LYS F 113 -58.72 -1.45 -18.82
C LYS F 113 -60.20 -1.79 -18.76
N ALA F 114 -61.03 -0.81 -18.46
CA ALA F 114 -62.44 -1.09 -18.19
C ALA F 114 -63.08 -1.83 -19.34
N ASN F 115 -62.61 -1.61 -20.56
CA ASN F 115 -63.08 -2.44 -21.65
C ASN F 115 -63.09 -3.90 -21.23
N ARG F 116 -61.92 -4.40 -20.89
CA ARG F 116 -61.85 -5.78 -20.44
C ARG F 116 -62.58 -5.98 -19.15
N GLU F 117 -62.46 -5.05 -18.20
CA GLU F 117 -63.21 -5.21 -16.97
C GLU F 117 -64.64 -5.64 -17.27
N LYS F 118 -65.35 -4.76 -17.97
CA LYS F 118 -66.75 -4.99 -18.30
C LYS F 118 -66.94 -6.26 -19.10
N MET F 119 -66.18 -6.43 -20.17
CA MET F 119 -66.35 -7.63 -20.95
C MET F 119 -66.26 -8.84 -20.04
N THR F 120 -65.28 -8.83 -19.15
CA THR F 120 -65.07 -9.94 -18.24
C THR F 120 -66.30 -10.21 -17.39
N GLN F 121 -66.69 -9.24 -16.56
CA GLN F 121 -67.75 -9.59 -15.64
C GLN F 121 -68.94 -10.07 -16.43
N ILE F 122 -69.34 -9.27 -17.42
CA ILE F 122 -70.55 -9.58 -18.15
C ILE F 122 -70.44 -10.95 -18.76
N MET F 123 -69.25 -11.33 -19.19
CA MET F 123 -69.07 -12.68 -19.70
C MET F 123 -69.38 -13.69 -18.62
N PHE F 124 -68.94 -13.44 -17.40
CA PHE F 124 -69.37 -14.32 -16.31
C PHE F 124 -70.88 -14.32 -16.16
N GLU F 125 -71.51 -13.14 -16.09
CA GLU F 125 -72.90 -13.14 -15.64
C GLU F 125 -73.80 -13.61 -16.77
N THR F 126 -73.79 -12.86 -17.87
CA THR F 126 -74.53 -13.29 -19.04
C THR F 126 -74.09 -14.67 -19.46
N PHE F 127 -72.90 -15.08 -19.07
CA PHE F 127 -72.29 -16.26 -19.68
C PHE F 127 -71.96 -17.36 -18.69
N ASN F 128 -71.54 -17.01 -17.49
CA ASN F 128 -71.29 -18.02 -16.47
C ASN F 128 -70.42 -19.14 -16.99
N VAL F 129 -69.62 -18.84 -18.02
CA VAL F 129 -68.66 -19.81 -18.51
C VAL F 129 -67.98 -20.39 -17.29
N PRO F 130 -67.43 -21.59 -17.38
CA PRO F 130 -66.74 -22.13 -16.21
C PRO F 130 -65.68 -21.17 -15.71
N ALA F 131 -64.96 -20.53 -16.63
CA ALA F 131 -64.06 -19.44 -16.33
C ALA F 131 -63.55 -18.94 -17.65
N MET F 132 -63.20 -17.67 -17.68
CA MET F 132 -62.67 -17.07 -18.88
C MET F 132 -61.19 -16.81 -18.70
N TYR F 133 -60.63 -16.16 -19.71
CA TYR F 133 -59.25 -15.66 -19.60
C TYR F 133 -58.97 -14.87 -20.85
N VAL F 134 -58.32 -13.72 -20.71
CA VAL F 134 -58.05 -12.89 -21.86
C VAL F 134 -56.61 -13.09 -22.28
N ALA F 135 -56.29 -12.66 -23.49
CA ALA F 135 -54.93 -12.76 -23.99
C ALA F 135 -54.78 -11.82 -25.18
N ILE F 136 -53.67 -11.08 -25.21
CA ILE F 136 -53.44 -10.19 -26.33
C ILE F 136 -53.43 -10.97 -27.62
N GLN F 137 -54.41 -10.67 -28.47
CA GLN F 137 -54.33 -11.05 -29.87
C GLN F 137 -52.89 -11.03 -30.36
N ALA F 138 -52.16 -9.95 -30.05
CA ALA F 138 -50.77 -9.90 -30.46
C ALA F 138 -50.02 -11.09 -29.92
N VAL F 139 -50.04 -11.27 -28.60
CA VAL F 139 -49.33 -12.38 -27.99
C VAL F 139 -49.85 -13.70 -28.53
N LEU F 140 -51.15 -13.75 -28.78
CA LEU F 140 -51.78 -14.99 -29.23
C LEU F 140 -51.16 -15.45 -30.52
N SER F 141 -51.14 -14.57 -31.52
CA SER F 141 -50.35 -14.82 -32.71
C SER F 141 -48.91 -15.18 -32.33
N LEU F 142 -48.37 -14.47 -31.34
CA LEU F 142 -46.97 -14.69 -31.01
C LEU F 142 -46.69 -16.15 -30.77
N TYR F 143 -47.33 -16.73 -29.77
CA TYR F 143 -47.20 -18.17 -29.63
C TYR F 143 -47.63 -18.84 -30.91
N ALA F 144 -48.72 -18.37 -31.50
CA ALA F 144 -49.08 -18.77 -32.84
C ALA F 144 -47.88 -18.68 -33.77
N SER F 145 -46.87 -17.90 -33.42
CA SER F 145 -45.62 -17.92 -34.17
C SER F 145 -44.75 -19.09 -33.73
N GLY F 146 -44.62 -19.29 -32.42
CA GLY F 146 -43.75 -20.33 -31.92
C GLY F 146 -42.29 -20.05 -32.11
N ARG F 147 -41.93 -19.05 -32.89
CA ARG F 147 -40.56 -18.55 -32.91
C ARG F 147 -40.42 -17.58 -31.76
N THR F 148 -40.31 -18.13 -30.55
CA THR F 148 -40.39 -17.32 -29.33
C THR F 148 -39.45 -16.13 -29.34
N THR F 149 -38.50 -16.09 -30.26
CA THR F 149 -37.63 -14.94 -30.41
C THR F 149 -37.91 -14.26 -31.73
N GLY F 150 -37.75 -12.94 -31.75
CA GLY F 150 -38.04 -12.15 -32.94
C GLY F 150 -39.34 -11.38 -32.86
N ILE F 151 -39.43 -10.30 -33.62
CA ILE F 151 -40.67 -9.54 -33.73
C ILE F 151 -41.64 -10.28 -34.63
N VAL F 152 -42.91 -9.95 -34.51
CA VAL F 152 -43.90 -10.32 -35.52
C VAL F 152 -44.61 -9.05 -35.99
N LEU F 153 -44.85 -8.97 -37.28
CA LEU F 153 -45.60 -7.87 -37.86
C LEU F 153 -47.05 -8.28 -37.94
N ASP F 154 -47.88 -7.72 -37.06
CA ASP F 154 -49.29 -8.08 -36.99
C ASP F 154 -50.11 -7.02 -37.70
N SER F 155 -50.30 -7.20 -38.99
CA SER F 155 -51.21 -6.37 -39.77
C SER F 155 -52.28 -7.30 -40.29
N GLY F 156 -53.29 -7.54 -39.45
CA GLY F 156 -54.15 -8.67 -39.67
C GLY F 156 -55.55 -8.38 -40.15
N ASP F 157 -56.53 -8.87 -39.39
CA ASP F 157 -57.91 -8.68 -39.77
C ASP F 157 -58.14 -7.23 -40.15
N GLY F 158 -57.85 -6.32 -39.23
CA GLY F 158 -57.77 -4.91 -39.52
C GLY F 158 -56.75 -4.20 -38.64
N VAL F 159 -55.80 -4.96 -38.07
CA VAL F 159 -54.96 -4.50 -36.99
C VAL F 159 -53.55 -4.25 -37.51
N THR F 160 -52.69 -3.70 -36.66
CA THR F 160 -51.29 -3.52 -37.01
C THR F 160 -50.47 -3.23 -35.78
N HIS F 161 -49.51 -4.11 -35.49
CA HIS F 161 -48.50 -3.86 -34.49
C HIS F 161 -47.20 -4.47 -34.98
N ASN F 162 -46.11 -4.06 -34.33
CA ASN F 162 -44.86 -4.79 -34.37
C ASN F 162 -44.69 -5.51 -33.04
N VAL F 163 -44.26 -6.75 -33.08
CA VAL F 163 -44.19 -7.54 -31.85
C VAL F 163 -42.80 -8.12 -31.66
N PRO F 164 -41.82 -7.29 -31.30
CA PRO F 164 -40.49 -7.82 -31.04
C PRO F 164 -40.57 -8.86 -29.95
N ILE F 165 -39.88 -9.98 -30.16
CA ILE F 165 -39.98 -11.10 -29.22
C ILE F 165 -38.68 -11.87 -29.26
N TYR F 166 -38.44 -12.66 -28.21
CA TYR F 166 -37.12 -13.24 -28.01
C TYR F 166 -37.33 -14.42 -27.06
N GLU F 167 -37.39 -15.63 -27.61
CA GLU F 167 -37.82 -16.80 -26.87
C GLU F 167 -38.95 -16.44 -25.92
N GLY F 168 -40.01 -15.88 -26.48
CA GLY F 168 -41.10 -15.37 -25.69
C GLY F 168 -40.88 -13.99 -25.17
N TYR F 169 -39.68 -13.45 -25.33
CA TYR F 169 -39.30 -12.19 -24.71
C TYR F 169 -39.52 -11.06 -25.70
N ALA F 170 -40.46 -10.17 -25.37
CA ALA F 170 -40.85 -9.05 -26.20
C ALA F 170 -40.66 -7.75 -25.42
N LEU F 171 -40.27 -6.70 -26.13
CA LEU F 171 -40.12 -5.40 -25.48
C LEU F 171 -41.32 -4.53 -25.82
N PRO F 172 -42.22 -4.30 -24.88
CA PRO F 172 -43.34 -3.40 -25.17
C PRO F 172 -42.86 -2.04 -25.57
N HIS F 173 -41.78 -1.57 -24.94
CA HIS F 173 -41.23 -0.28 -25.30
C HIS F 173 -41.02 -0.18 -26.80
N ALA F 174 -40.35 -1.16 -27.38
CA ALA F 174 -40.15 -1.19 -28.81
C ALA F 174 -41.42 -1.55 -29.58
N ILE F 175 -42.47 -1.98 -28.89
CA ILE F 175 -43.67 -2.49 -29.55
C ILE F 175 -44.57 -1.33 -29.94
N MET F 176 -45.29 -1.49 -31.06
CA MET F 176 -46.01 -0.40 -31.68
C MET F 176 -47.24 -0.90 -32.43
N ARG F 177 -48.13 0.04 -32.77
CA ARG F 177 -49.27 -0.18 -33.63
C ARG F 177 -49.17 0.70 -34.86
N LEU F 178 -49.76 0.24 -35.96
CA LEU F 178 -50.03 1.09 -37.10
C LEU F 178 -51.53 1.15 -37.31
N ASP F 179 -52.11 2.32 -37.06
CA ASP F 179 -53.55 2.45 -37.13
C ASP F 179 -54.12 1.84 -38.40
N LEU F 180 -53.30 1.64 -39.41
CA LEU F 180 -53.80 1.15 -40.68
C LEU F 180 -54.67 -0.08 -40.47
N ALA F 181 -55.77 -0.13 -41.22
CA ALA F 181 -56.60 -1.30 -41.29
C ALA F 181 -56.98 -1.50 -42.75
N GLY F 182 -57.02 -2.77 -43.17
CA GLY F 182 -57.49 -3.06 -44.50
C GLY F 182 -58.72 -2.24 -44.84
N ARG F 183 -59.56 -2.00 -43.84
CA ARG F 183 -60.56 -0.94 -43.95
C ARG F 183 -59.96 0.36 -44.42
N ASP F 184 -58.81 0.74 -43.90
CA ASP F 184 -58.22 2.01 -44.31
C ASP F 184 -57.91 1.99 -45.80
N LEU F 185 -57.29 0.90 -46.25
CA LEU F 185 -56.98 0.78 -47.65
C LEU F 185 -58.26 0.83 -48.45
N THR F 186 -59.24 0.04 -48.05
CA THR F 186 -60.62 0.20 -48.48
C THR F 186 -60.93 1.66 -48.73
N ASP F 187 -60.64 2.47 -47.73
CA ASP F 187 -60.97 3.87 -47.82
C ASP F 187 -60.32 4.45 -49.06
N TYR F 188 -59.00 4.50 -49.05
CA TYR F 188 -58.35 5.19 -50.16
C TYR F 188 -58.82 4.63 -51.49
N LEU F 189 -59.12 3.34 -51.53
CA LEU F 189 -59.68 2.76 -52.72
C LEU F 189 -60.96 3.46 -53.11
N MET F 190 -61.88 3.61 -52.16
CA MET F 190 -63.10 4.31 -52.49
C MET F 190 -62.75 5.68 -53.05
N LYS F 191 -61.90 6.38 -52.31
CA LYS F 191 -61.43 7.68 -52.75
C LYS F 191 -61.12 7.64 -54.23
N ILE F 192 -60.16 6.81 -54.59
CA ILE F 192 -59.62 6.80 -55.93
C ILE F 192 -60.67 6.38 -56.93
N LEU F 193 -61.15 5.15 -56.82
CA LEU F 193 -62.04 4.63 -57.85
C LEU F 193 -63.20 5.57 -58.08
N THR F 194 -63.84 6.01 -57.00
CA THR F 194 -64.98 6.92 -57.11
C THR F 194 -64.55 8.16 -57.88
N GLU F 195 -63.59 8.92 -57.34
CA GLU F 195 -63.16 10.13 -58.05
C GLU F 195 -62.75 9.80 -59.48
N ARG F 196 -62.18 8.62 -59.69
CA ARG F 196 -61.73 8.14 -60.98
C ARG F 196 -62.87 7.74 -61.89
N GLY F 197 -64.11 8.05 -61.53
CA GLY F 197 -65.18 7.73 -62.44
C GLY F 197 -66.21 6.84 -61.80
N TYR F 198 -66.28 6.86 -60.48
CA TYR F 198 -67.12 5.88 -59.81
C TYR F 198 -67.83 6.57 -58.65
N SER F 199 -68.94 6.00 -58.22
CA SER F 199 -69.77 6.58 -57.17
C SER F 199 -69.97 5.52 -56.10
N PHE F 200 -68.99 5.37 -55.22
CA PHE F 200 -68.86 4.15 -54.44
C PHE F 200 -68.68 4.49 -52.96
N VAL F 201 -69.80 4.54 -52.24
CA VAL F 201 -69.78 5.01 -50.87
C VAL F 201 -70.52 4.04 -49.95
N THR F 202 -71.37 3.21 -50.51
CA THR F 202 -72.37 2.59 -49.67
C THR F 202 -71.75 1.46 -48.87
N THR F 203 -72.38 1.17 -47.73
CA THR F 203 -71.80 0.23 -46.79
C THR F 203 -71.33 -1.03 -47.49
N ALA F 204 -72.27 -1.78 -48.06
CA ALA F 204 -71.88 -2.95 -48.83
C ALA F 204 -71.10 -2.55 -50.07
N GLU F 205 -71.20 -1.28 -50.47
CA GLU F 205 -70.28 -0.82 -51.49
C GLU F 205 -68.87 -0.96 -50.99
N ARG F 206 -68.65 -0.53 -49.76
CA ARG F 206 -67.42 -0.84 -49.05
C ARG F 206 -67.21 -2.35 -48.98
N GLU F 207 -68.30 -3.10 -48.87
CA GLU F 207 -68.15 -4.54 -48.87
C GLU F 207 -67.48 -5.02 -50.13
N ILE F 208 -68.03 -4.62 -51.26
CA ILE F 208 -67.49 -5.03 -52.54
C ILE F 208 -66.05 -4.61 -52.64
N VAL F 209 -65.75 -3.38 -52.24
CA VAL F 209 -64.39 -2.88 -52.42
C VAL F 209 -63.41 -3.68 -51.60
N ARG F 210 -63.77 -3.99 -50.35
CA ARG F 210 -62.88 -4.82 -49.54
C ARG F 210 -62.70 -6.18 -50.17
N ASP F 211 -63.79 -6.72 -50.69
CA ASP F 211 -63.66 -7.95 -51.45
C ASP F 211 -62.66 -7.77 -52.56
N ILE F 212 -62.73 -6.62 -53.23
CA ILE F 212 -61.89 -6.34 -54.36
C ILE F 212 -60.44 -6.42 -53.94
N LYS F 213 -60.11 -5.73 -52.86
CA LYS F 213 -58.75 -5.76 -52.38
C LYS F 213 -58.33 -7.18 -52.08
N GLU F 214 -59.14 -7.88 -51.28
CA GLU F 214 -58.70 -9.16 -50.77
C GLU F 214 -58.70 -10.22 -51.86
N LYS F 215 -59.26 -9.92 -53.03
CA LYS F 215 -59.20 -10.86 -54.13
C LYS F 215 -58.22 -10.47 -55.21
N LEU F 216 -58.08 -9.22 -55.50
CA LEU F 216 -57.31 -8.79 -56.65
C LEU F 216 -56.27 -7.75 -56.32
N CYS F 217 -56.58 -6.81 -55.44
CA CYS F 217 -55.64 -5.75 -55.15
C CYS F 217 -54.37 -6.32 -54.54
N TYR F 218 -53.24 -5.77 -54.96
CA TYR F 218 -51.94 -6.33 -54.66
C TYR F 218 -50.99 -5.16 -54.40
N VAL F 219 -49.70 -5.46 -54.48
CA VAL F 219 -48.67 -4.44 -54.62
C VAL F 219 -47.49 -5.01 -55.40
N ALA F 220 -46.86 -4.16 -56.19
CA ALA F 220 -45.58 -4.48 -56.81
C ALA F 220 -44.45 -3.99 -55.92
N LEU F 221 -43.43 -4.84 -55.78
CA LEU F 221 -42.24 -4.49 -55.03
C LEU F 221 -41.87 -3.03 -55.21
N ASP F 222 -41.55 -2.65 -56.44
CA ASP F 222 -41.14 -1.31 -56.75
C ASP F 222 -42.36 -0.44 -57.04
N PHE F 223 -42.12 0.84 -57.11
CA PHE F 223 -43.11 1.83 -57.47
C PHE F 223 -42.80 2.58 -58.74
N GLU F 224 -41.69 3.29 -58.76
CA GLU F 224 -41.52 4.34 -59.75
C GLU F 224 -41.29 3.76 -61.13
N ASN F 225 -40.33 2.86 -61.26
CA ASN F 225 -40.31 2.03 -62.45
C ASN F 225 -41.58 1.21 -62.54
N GLU F 226 -42.03 0.70 -61.41
CA GLU F 226 -43.35 0.10 -61.37
C GLU F 226 -44.40 1.10 -61.82
N MET F 227 -44.21 2.37 -61.47
CA MET F 227 -45.09 3.42 -61.96
C MET F 227 -45.09 3.50 -63.47
N ALA F 228 -43.90 3.51 -64.07
CA ALA F 228 -43.85 3.56 -65.53
C ALA F 228 -44.56 2.34 -66.10
N THR F 229 -44.27 1.17 -65.54
CA THR F 229 -45.01 -0.02 -65.90
C THR F 229 -46.50 0.29 -65.93
N ALA F 230 -47.00 0.81 -64.82
CA ALA F 230 -48.39 1.23 -64.77
C ALA F 230 -48.73 2.17 -65.91
N ALA F 231 -47.75 2.97 -66.34
CA ALA F 231 -48.02 4.01 -67.32
C ALA F 231 -48.67 3.44 -68.56
N SER F 232 -48.34 2.20 -68.94
CA SER F 232 -49.02 1.57 -70.07
C SER F 232 -49.29 0.09 -69.88
N SER F 233 -48.86 -0.51 -68.79
CA SER F 233 -48.92 -1.97 -68.66
C SER F 233 -50.36 -2.40 -68.78
N SER F 234 -50.71 -3.02 -69.90
CA SER F 234 -52.09 -3.40 -70.14
C SER F 234 -52.51 -4.60 -69.31
N SER F 235 -51.57 -5.48 -68.97
CA SER F 235 -51.93 -6.69 -68.24
C SER F 235 -52.74 -6.37 -67.00
N LEU F 236 -52.21 -5.49 -66.15
CA LEU F 236 -52.95 -5.02 -65.00
C LEU F 236 -54.28 -4.40 -65.40
N GLU F 237 -54.37 -3.86 -66.61
CA GLU F 237 -55.50 -3.04 -67.02
C GLU F 237 -56.72 -3.92 -67.20
N LYS F 238 -57.18 -4.47 -66.07
CA LYS F 238 -58.22 -5.49 -66.05
C LYS F 238 -59.43 -5.02 -65.27
N SER F 239 -60.59 -5.17 -65.88
CA SER F 239 -61.86 -4.84 -65.25
C SER F 239 -62.41 -6.06 -64.56
N TYR F 240 -62.86 -5.88 -63.33
CA TYR F 240 -63.51 -6.96 -62.62
C TYR F 240 -64.99 -6.76 -62.49
N GLU F 241 -65.74 -7.83 -62.71
CA GLU F 241 -67.18 -7.84 -62.57
C GLU F 241 -67.57 -7.18 -61.25
N LEU F 242 -68.21 -6.04 -61.34
CA LEU F 242 -68.81 -5.46 -60.17
C LEU F 242 -69.98 -6.33 -59.75
N PRO F 243 -70.09 -6.69 -58.48
CA PRO F 243 -71.10 -7.69 -58.09
C PRO F 243 -72.52 -7.24 -58.31
N ASP F 244 -72.76 -5.98 -58.67
CA ASP F 244 -74.02 -5.67 -59.33
C ASP F 244 -74.18 -6.52 -60.56
N GLY F 245 -73.05 -6.93 -61.15
CA GLY F 245 -72.99 -7.47 -62.50
C GLY F 245 -72.10 -6.64 -63.41
N GLN F 246 -71.95 -5.36 -63.11
CA GLN F 246 -70.93 -4.56 -63.76
C GLN F 246 -69.60 -5.30 -63.63
N VAL F 247 -68.66 -4.96 -64.50
CA VAL F 247 -67.30 -5.45 -64.39
C VAL F 247 -66.40 -4.25 -64.12
N ILE F 248 -66.20 -3.96 -62.85
CA ILE F 248 -65.37 -2.84 -62.46
C ILE F 248 -64.02 -3.01 -63.13
N THR F 249 -63.56 -1.98 -63.84
CA THR F 249 -62.26 -2.05 -64.45
C THR F 249 -61.19 -1.68 -63.44
N ILE F 250 -60.01 -2.28 -63.59
CA ILE F 250 -58.95 -2.08 -62.61
C ILE F 250 -57.61 -1.89 -63.30
N GLY F 251 -56.84 -0.95 -62.77
CA GLY F 251 -55.47 -0.75 -63.16
C GLY F 251 -54.57 -0.52 -61.96
N ASN F 252 -53.92 0.63 -61.95
CA ASN F 252 -52.86 0.92 -61.01
C ASN F 252 -53.31 0.78 -59.56
N GLU F 253 -54.59 0.97 -59.31
CA GLU F 253 -55.09 0.87 -57.94
C GLU F 253 -54.69 -0.44 -57.29
N ARG F 254 -54.93 -1.56 -57.97
CA ARG F 254 -54.91 -2.89 -57.38
C ARG F 254 -53.74 -3.03 -56.43
N PHE F 255 -52.69 -2.30 -56.76
CA PHE F 255 -51.52 -2.14 -55.92
C PHE F 255 -51.42 -0.79 -55.24
N ARG F 256 -51.83 0.29 -55.89
CA ARG F 256 -51.72 1.57 -55.25
C ARG F 256 -52.65 1.71 -54.07
N CYS F 257 -53.46 0.71 -53.79
CA CYS F 257 -54.18 0.72 -52.52
C CYS F 257 -53.24 0.41 -51.37
N PRO F 258 -52.73 -0.79 -51.23
CA PRO F 258 -52.11 -1.19 -49.97
C PRO F 258 -50.79 -0.48 -49.71
N GLU F 259 -49.98 -0.38 -50.75
CA GLU F 259 -48.59 0.03 -50.61
C GLU F 259 -48.42 1.21 -49.66
N THR F 260 -49.41 2.09 -49.57
CA THR F 260 -49.23 3.27 -48.75
C THR F 260 -48.98 2.91 -47.29
N LEU F 261 -49.26 1.68 -46.88
CA LEU F 261 -48.84 1.25 -45.55
C LEU F 261 -47.39 1.58 -45.30
N PHE F 262 -46.62 1.78 -46.36
CA PHE F 262 -45.25 2.24 -46.22
C PHE F 262 -45.14 3.74 -46.40
N GLN F 263 -46.19 4.37 -46.88
CA GLN F 263 -46.22 5.82 -47.13
C GLN F 263 -47.63 6.34 -46.87
N PRO F 264 -47.93 6.67 -45.62
CA PRO F 264 -49.26 7.19 -45.28
C PRO F 264 -49.57 8.51 -45.95
N SER F 265 -48.55 9.15 -46.52
CA SER F 265 -48.79 10.26 -47.41
C SER F 265 -50.07 10.03 -48.19
N PHE F 266 -50.22 8.83 -48.73
CA PHE F 266 -51.40 8.53 -49.51
C PHE F 266 -52.64 8.54 -48.63
N ILE F 267 -52.51 8.03 -47.41
CA ILE F 267 -53.55 8.19 -46.40
C ILE F 267 -53.29 9.52 -45.73
N GLY F 268 -52.25 10.19 -46.20
CA GLY F 268 -51.81 11.45 -45.62
C GLY F 268 -51.34 11.30 -44.20
N MET F 269 -51.31 10.08 -43.69
CA MET F 269 -50.98 9.89 -42.28
C MET F 269 -49.57 10.38 -41.99
N GLU F 270 -49.41 11.05 -40.85
CA GLU F 270 -48.10 11.46 -40.39
C GLU F 270 -47.19 10.27 -40.17
N SER F 271 -47.76 9.08 -40.06
CA SER F 271 -47.01 7.91 -39.64
C SER F 271 -45.99 7.53 -40.71
N ALA F 272 -45.33 6.40 -40.48
CA ALA F 272 -44.32 5.86 -41.39
C ALA F 272 -44.65 4.40 -41.73
N GLY F 273 -44.09 3.95 -42.85
CA GLY F 273 -44.36 2.62 -43.35
C GLY F 273 -44.15 1.55 -42.29
N ILE F 274 -44.76 0.40 -42.55
CA ILE F 274 -44.67 -0.71 -41.61
C ILE F 274 -43.22 -1.14 -41.46
N HIS F 275 -42.51 -1.22 -42.57
CA HIS F 275 -41.15 -1.71 -42.59
C HIS F 275 -40.27 -0.96 -41.60
N GLU F 276 -40.23 0.36 -41.69
CA GLU F 276 -39.30 1.08 -40.83
C GLU F 276 -39.80 1.17 -39.40
N THR F 277 -41.10 1.01 -39.19
CA THR F 277 -41.56 0.67 -37.86
C THR F 277 -40.83 -0.55 -37.37
N THR F 278 -40.82 -1.60 -38.19
CA THR F 278 -40.04 -2.77 -37.86
C THR F 278 -38.61 -2.39 -37.53
N TYR F 279 -38.01 -1.54 -38.37
CA TYR F 279 -36.58 -1.31 -38.29
C TYR F 279 -36.21 -0.47 -37.08
N ASN F 280 -36.98 0.58 -36.81
CA ASN F 280 -36.70 1.36 -35.62
C ASN F 280 -36.97 0.54 -34.39
N SER F 281 -37.98 -0.33 -34.43
CA SER F 281 -38.14 -1.26 -33.34
C SER F 281 -36.87 -2.06 -33.12
N ILE F 282 -36.40 -2.69 -34.19
CA ILE F 282 -35.28 -3.60 -34.09
C ILE F 282 -34.05 -2.86 -33.57
N MET F 283 -33.78 -1.70 -34.16
CA MET F 283 -32.71 -0.88 -33.63
C MET F 283 -32.90 -0.62 -32.15
N LYS F 284 -34.14 -0.37 -31.72
CA LYS F 284 -34.39 -0.36 -30.29
C LYS F 284 -33.99 -1.66 -29.65
N CYS F 285 -34.15 -2.76 -30.36
CA CYS F 285 -33.81 -4.05 -29.79
C CYS F 285 -32.31 -4.07 -29.46
N ASP F 286 -31.88 -5.10 -28.73
CA ASP F 286 -30.51 -5.05 -28.24
C ASP F 286 -29.61 -5.15 -29.46
N ILE F 287 -28.31 -5.11 -29.23
CA ILE F 287 -27.38 -4.96 -30.34
C ILE F 287 -27.55 -6.09 -31.34
N ASP F 288 -27.63 -7.32 -30.86
CA ASP F 288 -27.55 -8.47 -31.73
C ASP F 288 -28.80 -9.32 -31.74
N ILE F 289 -29.83 -8.94 -30.99
CA ILE F 289 -31.16 -9.42 -31.34
C ILE F 289 -31.40 -9.26 -32.82
N ARG F 290 -30.86 -8.22 -33.43
CA ARG F 290 -31.29 -7.84 -34.75
C ARG F 290 -31.24 -9.00 -35.72
N LYS F 291 -30.16 -9.79 -35.69
CA LYS F 291 -30.13 -11.00 -36.50
C LYS F 291 -31.25 -11.95 -36.08
N ASP F 292 -31.55 -12.00 -34.79
CA ASP F 292 -32.69 -12.78 -34.33
C ASP F 292 -33.92 -12.36 -35.10
N LEU F 293 -34.20 -11.07 -35.09
CA LEU F 293 -35.27 -10.53 -35.90
C LEU F 293 -35.17 -11.07 -37.31
N TYR F 294 -34.00 -10.88 -37.90
CA TYR F 294 -33.81 -11.19 -39.31
C TYR F 294 -34.24 -12.60 -39.61
N ALA F 295 -33.98 -13.51 -38.69
CA ALA F 295 -34.53 -14.85 -38.85
C ALA F 295 -35.98 -14.94 -38.39
N ASN F 296 -36.48 -13.93 -37.71
CA ASN F 296 -37.74 -13.98 -36.98
C ASN F 296 -38.65 -12.86 -37.40
N ASN F 297 -38.42 -12.35 -38.61
CA ASN F 297 -39.11 -11.17 -39.09
C ASN F 297 -40.53 -11.61 -39.43
N VAL F 298 -41.25 -12.06 -38.41
CA VAL F 298 -42.53 -12.73 -38.62
C VAL F 298 -43.58 -11.67 -38.96
N LEU F 299 -44.04 -11.70 -40.20
CA LEU F 299 -45.28 -10.99 -40.47
C LEU F 299 -46.46 -11.71 -39.86
N SER F 300 -47.52 -10.95 -39.63
CA SER F 300 -48.80 -11.51 -39.24
C SER F 300 -49.89 -10.59 -39.74
N GLY F 301 -50.99 -11.19 -40.19
CA GLY F 301 -52.13 -10.45 -40.68
C GLY F 301 -52.56 -10.74 -42.11
N GLY F 302 -53.68 -11.44 -42.26
CA GLY F 302 -54.07 -11.94 -43.55
C GLY F 302 -54.37 -10.85 -44.56
N THR F 303 -55.09 -9.82 -44.16
CA THR F 303 -55.39 -8.74 -45.09
C THR F 303 -54.13 -8.30 -45.82
N THR F 304 -52.98 -8.42 -45.17
CA THR F 304 -51.65 -8.18 -45.74
C THR F 304 -51.23 -9.28 -46.61
N MET F 305 -52.16 -10.16 -46.93
CA MET F 305 -51.86 -11.36 -47.70
C MET F 305 -51.35 -11.04 -49.10
N TYR F 306 -51.20 -9.76 -49.41
CA TYR F 306 -51.02 -9.38 -50.79
C TYR F 306 -49.70 -9.91 -51.34
N PRO F 307 -49.41 -9.63 -52.60
CA PRO F 307 -48.14 -10.07 -53.15
C PRO F 307 -46.98 -9.41 -52.43
N GLY F 308 -45.80 -9.91 -52.70
CA GLY F 308 -44.58 -9.19 -52.42
C GLY F 308 -44.42 -8.78 -50.98
N ILE F 309 -45.40 -9.12 -50.16
CA ILE F 309 -45.48 -8.53 -48.83
C ILE F 309 -44.09 -8.54 -48.21
N ALA F 310 -43.56 -9.74 -48.01
CA ALA F 310 -42.17 -9.87 -47.64
C ALA F 310 -41.29 -9.28 -48.72
N ASP F 311 -41.57 -9.56 -49.99
CA ASP F 311 -40.71 -9.02 -51.04
C ASP F 311 -40.22 -7.63 -50.67
N ARG F 312 -41.11 -6.68 -50.53
CA ARG F 312 -40.67 -5.43 -49.93
C ARG F 312 -40.04 -5.66 -48.59
N MET F 313 -40.75 -6.32 -47.68
CA MET F 313 -40.26 -6.38 -46.30
C MET F 313 -38.74 -6.47 -46.30
N GLN F 314 -38.24 -7.55 -46.87
CA GLN F 314 -36.82 -7.74 -47.08
C GLN F 314 -36.18 -6.63 -47.89
N LYS F 315 -36.76 -6.22 -49.01
CA LYS F 315 -35.93 -5.34 -49.83
C LYS F 315 -35.59 -4.09 -49.06
N GLU F 316 -36.60 -3.44 -48.48
CA GLU F 316 -36.32 -2.22 -47.72
C GLU F 316 -35.48 -2.49 -46.50
N ILE F 317 -35.76 -3.57 -45.75
CA ILE F 317 -34.91 -3.78 -44.58
C ILE F 317 -33.47 -3.85 -45.03
N THR F 318 -33.21 -4.66 -46.05
CA THR F 318 -31.96 -4.56 -46.79
C THR F 318 -31.55 -3.11 -46.95
N ALA F 319 -32.39 -2.34 -47.64
CA ALA F 319 -32.08 -0.94 -47.92
C ALA F 319 -31.67 -0.22 -46.65
N LEU F 320 -31.99 -0.80 -45.50
CA LEU F 320 -31.72 -0.19 -44.21
C LEU F 320 -30.80 -1.07 -43.39
N ALA F 321 -31.02 -2.38 -43.45
CA ALA F 321 -30.24 -3.30 -42.65
C ALA F 321 -28.82 -3.42 -43.19
N PRO F 322 -27.85 -3.70 -42.32
CA PRO F 322 -26.52 -4.07 -42.81
C PRO F 322 -26.55 -5.44 -43.47
N SER F 323 -26.08 -5.47 -44.72
CA SER F 323 -26.02 -6.74 -45.44
C SER F 323 -25.19 -7.75 -44.67
N THR F 324 -24.30 -7.26 -43.81
CA THR F 324 -23.69 -8.11 -42.81
C THR F 324 -24.70 -9.14 -42.32
N MET F 325 -25.82 -8.67 -41.82
CA MET F 325 -26.82 -9.55 -41.27
C MET F 325 -27.71 -10.08 -42.38
N LYS F 326 -28.27 -11.26 -42.16
CA LYS F 326 -29.15 -11.90 -43.12
C LYS F 326 -30.57 -11.85 -42.57
N ILE F 327 -31.49 -11.31 -43.35
CA ILE F 327 -32.85 -11.05 -42.91
C ILE F 327 -33.70 -12.25 -43.29
N LYS F 328 -34.80 -12.43 -42.57
CA LYS F 328 -35.85 -13.32 -43.05
C LYS F 328 -37.14 -12.95 -42.34
N ILE F 329 -38.03 -12.30 -43.04
CA ILE F 329 -39.39 -12.12 -42.57
C ILE F 329 -40.12 -13.44 -42.58
N ILE F 330 -41.07 -13.58 -41.67
CA ILE F 330 -41.81 -14.80 -41.46
C ILE F 330 -43.30 -14.49 -41.53
N ALA F 331 -43.99 -15.15 -42.46
CA ALA F 331 -45.44 -14.97 -42.63
C ALA F 331 -46.03 -16.24 -43.22
N PRO F 332 -46.74 -17.01 -42.41
CA PRO F 332 -47.49 -18.13 -42.95
C PRO F 332 -48.62 -17.61 -43.80
N PRO F 333 -49.10 -18.40 -44.75
CA PRO F 333 -50.35 -18.02 -45.42
C PRO F 333 -51.49 -17.85 -44.43
N GLU F 334 -51.50 -18.64 -43.36
CA GLU F 334 -52.69 -18.85 -42.55
C GLU F 334 -52.72 -17.91 -41.38
N ARG F 335 -52.44 -16.64 -41.66
CA ARG F 335 -52.12 -15.73 -40.55
C ARG F 335 -53.37 -15.35 -39.79
N LYS F 336 -54.51 -15.27 -40.49
CA LYS F 336 -55.77 -15.11 -39.77
C LYS F 336 -55.88 -16.12 -38.63
N TYR F 337 -55.73 -17.38 -38.96
CA TYR F 337 -56.05 -18.43 -38.03
C TYR F 337 -54.94 -18.59 -37.03
N SER F 338 -53.72 -18.31 -37.48
CA SER F 338 -52.54 -18.35 -36.63
C SER F 338 -52.86 -17.82 -35.25
N VAL F 339 -53.36 -16.59 -35.18
CA VAL F 339 -53.70 -16.04 -33.87
C VAL F 339 -54.68 -16.97 -33.17
N TRP F 340 -55.74 -17.35 -33.88
CA TRP F 340 -56.65 -18.34 -33.32
C TRP F 340 -55.90 -19.59 -32.94
N ILE F 341 -54.97 -20.00 -33.79
CA ILE F 341 -54.31 -21.28 -33.56
C ILE F 341 -53.55 -21.25 -32.25
N GLY F 342 -52.70 -20.24 -32.08
CA GLY F 342 -51.91 -20.13 -30.88
C GLY F 342 -52.77 -19.94 -29.65
N GLY F 343 -53.89 -19.24 -29.80
CA GLY F 343 -54.81 -19.16 -28.68
C GLY F 343 -55.38 -20.51 -28.33
N SER F 344 -55.83 -21.25 -29.35
CA SER F 344 -56.26 -22.63 -29.13
C SER F 344 -55.17 -23.38 -28.41
N ILE F 345 -53.92 -23.06 -28.70
CA ILE F 345 -52.82 -23.75 -28.07
C ILE F 345 -52.77 -23.39 -26.60
N LEU F 346 -52.49 -22.13 -26.33
CA LEU F 346 -52.35 -21.66 -24.96
C LEU F 346 -53.51 -22.13 -24.11
N ALA F 347 -54.72 -21.70 -24.46
CA ALA F 347 -55.87 -22.15 -23.71
C ALA F 347 -55.86 -23.66 -23.61
N SER F 348 -55.75 -24.33 -24.75
CA SER F 348 -55.59 -25.77 -24.78
C SER F 348 -54.36 -26.22 -24.00
N LEU F 349 -53.48 -25.30 -23.64
CA LEU F 349 -52.31 -25.71 -22.88
C LEU F 349 -52.70 -26.14 -21.48
N SER F 350 -52.90 -27.45 -21.32
CA SER F 350 -53.43 -28.00 -20.08
C SER F 350 -52.60 -27.55 -18.89
N THR F 351 -51.30 -27.45 -19.07
CA THR F 351 -50.45 -27.14 -17.94
C THR F 351 -50.72 -25.72 -17.47
N PHE F 352 -51.79 -25.10 -18.00
CA PHE F 352 -51.96 -23.67 -17.86
C PHE F 352 -53.34 -23.24 -17.37
N GLN F 353 -54.21 -24.18 -17.02
CA GLN F 353 -55.56 -23.76 -16.66
C GLN F 353 -55.57 -22.87 -15.45
N GLN F 354 -54.48 -22.84 -14.68
CA GLN F 354 -54.44 -21.96 -13.52
C GLN F 354 -54.78 -20.53 -13.87
N MET F 355 -54.47 -20.08 -15.09
CA MET F 355 -54.65 -18.67 -15.41
C MET F 355 -56.10 -18.26 -15.60
N TRP F 356 -56.95 -19.14 -16.11
CA TRP F 356 -58.29 -18.70 -16.49
C TRP F 356 -59.00 -17.92 -15.40
N ILE F 357 -59.79 -16.97 -15.88
CA ILE F 357 -60.53 -16.01 -15.08
C ILE F 357 -61.68 -16.78 -14.42
N SER F 358 -61.55 -17.05 -13.14
CA SER F 358 -62.63 -17.76 -12.46
C SER F 358 -63.69 -16.77 -12.03
N LYS F 359 -64.95 -17.20 -12.16
CA LYS F 359 -66.03 -16.42 -11.58
C LYS F 359 -65.65 -15.88 -10.22
N GLN F 360 -65.29 -16.76 -9.30
CA GLN F 360 -64.99 -16.34 -7.93
C GLN F 360 -63.92 -15.27 -7.91
N GLU F 361 -62.74 -15.59 -8.42
CA GLU F 361 -61.64 -14.64 -8.37
C GLU F 361 -62.13 -13.23 -8.67
N TYR F 362 -62.78 -13.06 -9.81
CA TYR F 362 -63.49 -11.82 -10.05
C TYR F 362 -64.32 -11.44 -8.84
N ASP F 363 -65.15 -12.37 -8.39
CA ASP F 363 -66.18 -12.05 -7.41
C ASP F 363 -65.57 -11.36 -6.21
N GLU F 364 -64.56 -12.00 -5.64
CA GLU F 364 -63.87 -11.41 -4.50
C GLU F 364 -63.23 -10.10 -4.87
N ALA F 365 -62.56 -10.06 -6.03
CA ALA F 365 -61.87 -8.85 -6.43
C ALA F 365 -62.61 -8.08 -7.52
N GLY F 366 -63.90 -8.36 -7.70
CA GLY F 366 -64.63 -7.75 -8.77
C GLY F 366 -63.85 -7.91 -10.06
N PRO F 367 -64.07 -6.98 -11.00
CA PRO F 367 -63.30 -7.05 -12.24
C PRO F 367 -61.88 -6.58 -12.07
N SER F 368 -61.69 -5.50 -11.33
CA SER F 368 -60.34 -4.96 -11.11
C SER F 368 -59.33 -6.05 -10.85
N ILE F 369 -59.77 -7.16 -10.24
CA ILE F 369 -58.90 -8.31 -10.10
C ILE F 369 -58.11 -8.53 -11.36
N VAL F 370 -58.79 -8.53 -12.49
CA VAL F 370 -58.24 -8.98 -13.76
C VAL F 370 -56.87 -8.41 -13.99
N HIS F 371 -56.58 -7.27 -13.40
CA HIS F 371 -55.49 -6.46 -13.94
C HIS F 371 -54.14 -6.97 -13.46
N ARG F 372 -53.88 -6.82 -12.16
CA ARG F 372 -52.59 -7.21 -11.66
C ARG F 372 -52.43 -8.72 -11.68
N LYS F 373 -51.24 -9.16 -12.07
CA LYS F 373 -50.85 -10.56 -11.97
C LYS F 373 -51.85 -11.44 -12.71
N CYS F 374 -52.67 -10.83 -13.53
CA CYS F 374 -53.63 -11.59 -14.31
C CYS F 374 -54.12 -10.71 -15.45
N PHE F 375 -54.54 -11.38 -16.53
CA PHE F 375 -55.34 -10.82 -17.61
C PHE F 375 -55.95 -11.98 -18.37
N GLU G 169 52.39 2.09 85.23
CA GLU G 169 53.44 2.14 84.21
C GLU G 169 54.54 3.08 84.63
N ASP G 170 54.14 4.31 84.97
CA ASP G 170 55.05 5.39 85.29
C ASP G 170 55.68 5.94 84.02
N VAL G 171 55.44 5.26 82.91
CA VAL G 171 55.96 5.72 81.63
C VAL G 171 55.50 7.13 81.39
N TRP G 172 54.29 7.46 81.84
CA TRP G 172 53.82 8.83 81.79
C TRP G 172 54.78 9.76 82.53
N GLU G 173 54.93 9.52 83.83
CA GLU G 173 55.76 10.40 84.64
C GLU G 173 57.22 10.28 84.24
N ILE G 174 57.65 9.07 83.90
CA ILE G 174 59.05 8.87 83.54
C ILE G 174 59.38 9.63 82.27
N LEU G 175 58.48 9.57 81.30
CA LEU G 175 58.72 10.23 80.02
C LEU G 175 58.60 11.74 80.17
N ARG G 176 57.61 12.21 80.93
CA ARG G 176 57.56 13.62 81.26
C ARG G 176 58.85 14.04 81.95
N GLN G 177 59.41 13.16 82.77
CA GLN G 177 60.69 13.36 83.42
C GLN G 177 61.80 12.62 82.73
N ALA G 178 61.51 11.95 81.62
CA ALA G 178 62.56 11.40 80.80
C ALA G 178 63.44 12.52 80.28
N PRO G 179 64.69 12.20 79.98
CA PRO G 179 65.52 13.16 79.28
C PRO G 179 64.87 13.57 77.98
N PRO G 180 65.02 14.83 77.62
CA PRO G 180 64.07 15.47 76.69
C PRO G 180 63.82 14.69 75.41
N SER G 181 64.88 14.24 74.76
CA SER G 181 64.74 13.48 73.52
C SER G 181 64.76 11.99 73.74
N GLU G 182 65.31 11.55 74.86
CA GLU G 182 65.58 10.14 75.02
C GLU G 182 64.29 9.52 75.53
N TYR G 183 63.21 10.31 75.53
CA TYR G 183 61.89 9.71 75.62
C TYR G 183 61.91 8.55 74.66
N GLU G 184 62.69 8.68 73.59
CA GLU G 184 63.06 7.53 72.76
C GLU G 184 63.36 6.32 73.62
N ARG G 185 64.43 6.40 74.41
CA ARG G 185 64.85 5.23 75.14
C ARG G 185 63.79 4.79 76.13
N ILE G 186 63.15 5.76 76.80
CA ILE G 186 62.25 5.38 77.88
C ILE G 186 60.96 4.77 77.32
N ALA G 187 60.34 5.44 76.35
CA ALA G 187 59.13 4.92 75.74
C ALA G 187 59.39 3.55 75.13
N PHE G 188 60.39 3.45 74.27
CA PHE G 188 60.63 2.18 73.63
C PHE G 188 61.19 1.15 74.60
N GLN G 189 61.68 1.59 75.76
CA GLN G 189 62.08 0.66 76.80
C GLN G 189 60.88 0.06 77.49
N TYR G 190 59.91 0.90 77.82
CA TYR G 190 58.70 0.47 78.51
C TYR G 190 57.63 0.02 77.54
N GLY G 191 58.04 -0.41 76.35
CA GLY G 191 57.14 -0.98 75.37
C GLY G 191 56.46 0.03 74.48
N VAL G 192 56.77 1.31 74.62
CA VAL G 192 56.01 2.36 73.94
C VAL G 192 56.66 2.60 72.59
N THR G 193 56.43 1.68 71.63
CA THR G 193 56.84 1.92 70.25
C THR G 193 56.20 3.17 69.74
N ASP G 194 55.10 3.54 70.37
CA ASP G 194 54.45 4.82 70.14
C ASP G 194 54.95 5.84 71.14
N LEU G 195 56.27 5.89 71.31
CA LEU G 195 56.86 7.17 71.64
C LEU G 195 56.32 8.13 70.62
N ARG G 196 56.28 7.67 69.38
CA ARG G 196 55.52 8.28 68.33
C ARG G 196 54.20 8.77 68.89
N GLY G 197 53.43 7.84 69.44
CA GLY G 197 52.13 8.21 69.97
C GLY G 197 52.22 8.98 71.26
N MET G 198 53.22 8.65 72.08
CA MET G 198 53.34 9.36 73.34
C MET G 198 53.49 10.84 73.07
N LEU G 199 54.35 11.17 72.13
CA LEU G 199 54.55 12.55 71.74
C LEU G 199 53.38 13.07 70.95
N LYS G 200 52.71 12.24 70.17
CA LYS G 200 51.65 12.78 69.34
C LYS G 200 50.45 13.17 70.19
N ARG G 201 50.19 12.44 71.26
CA ARG G 201 49.20 12.89 72.23
C ARG G 201 49.74 14.08 73.00
N LEU G 202 51.02 14.00 73.39
CA LEU G 202 51.65 15.14 74.04
C LEU G 202 51.63 16.35 73.13
N LYS G 203 51.40 16.13 71.83
CA LYS G 203 51.41 17.19 70.84
C LYS G 203 50.02 17.71 70.55
N GLY G 204 49.05 16.83 70.33
CA GLY G 204 47.68 17.23 70.47
C GLY G 204 47.48 18.08 71.71
N MET G 205 48.33 17.86 72.72
CA MET G 205 48.44 18.77 73.86
C MET G 205 49.33 19.97 73.56
N ARG G 206 50.44 19.75 72.83
CA ARG G 206 51.45 20.76 72.58
C ARG G 206 51.56 21.09 71.09
N ARG G 207 50.56 20.72 70.30
CA ARG G 207 50.60 20.92 68.86
C ARG G 207 49.95 22.24 68.51
N GLU H 169 73.94 -23.52 -1.00
CA GLU H 169 73.43 -23.30 0.35
C GLU H 169 73.95 -24.35 1.31
N ASP H 170 73.75 -25.61 0.92
CA ASP H 170 74.08 -26.76 1.74
C ASP H 170 73.05 -26.92 2.84
N VAL H 171 72.17 -25.94 2.97
CA VAL H 171 71.11 -26.02 3.96
C VAL H 171 70.32 -27.30 3.74
N TRP H 172 70.17 -27.70 2.49
CA TRP H 172 69.55 -28.99 2.21
C TRP H 172 70.32 -30.11 2.90
N GLU H 173 71.58 -30.27 2.53
CA GLU H 173 72.37 -31.36 3.07
C GLU H 173 72.62 -31.17 4.56
N ILE H 174 72.81 -29.93 4.99
CA ILE H 174 73.09 -29.66 6.39
C ILE H 174 71.88 -30.03 7.23
N LEU H 175 70.69 -29.68 6.75
CA LEU H 175 69.48 -29.94 7.50
C LEU H 175 69.13 -31.41 7.48
N ARG H 176 69.30 -32.05 6.32
CA ARG H 176 69.18 -33.50 6.28
C ARG H 176 70.15 -34.15 7.24
N GLN H 177 71.34 -33.55 7.39
CA GLN H 177 72.34 -33.97 8.35
C GLN H 177 72.36 -33.09 9.57
N ALA H 178 71.47 -32.11 9.65
CA ALA H 178 71.29 -31.37 10.87
C ALA H 178 70.86 -32.31 11.98
N PRO H 179 71.15 -31.95 13.22
CA PRO H 179 70.59 -32.69 14.33
C PRO H 179 69.08 -32.69 14.25
N PRO H 180 68.46 -33.78 14.63
CA PRO H 180 67.11 -34.10 14.16
C PRO H 180 66.09 -32.97 14.33
N SER H 181 66.06 -32.37 15.51
CA SER H 181 65.11 -31.29 15.77
C SER H 181 65.74 -29.93 15.57
N GLU H 182 67.06 -29.85 15.63
CA GLU H 182 67.70 -28.55 15.70
C GLU H 182 67.82 -28.08 14.26
N TYR H 183 67.20 -28.80 13.33
CA TYR H 183 66.94 -28.23 12.01
C TYR H 183 66.42 -26.83 12.29
N GLU H 184 65.75 -26.66 13.42
CA GLU H 184 65.48 -25.34 13.96
C GLU H 184 66.68 -24.43 13.82
N ARG H 185 67.76 -24.77 14.52
CA ARG H 185 68.91 -23.87 14.55
C ARG H 185 69.49 -23.72 13.15
N ILE H 186 69.57 -24.82 12.39
CA ILE H 186 70.28 -24.75 11.13
C ILE H 186 69.47 -23.97 10.09
N ALA H 187 68.19 -24.32 9.94
CA ALA H 187 67.34 -23.61 9.00
C ALA H 187 67.28 -22.13 9.33
N PHE H 188 66.93 -21.81 10.58
CA PHE H 188 66.82 -20.41 10.93
C PHE H 188 68.17 -19.73 10.99
N GLN H 189 69.26 -20.49 11.05
CA GLN H 189 70.59 -19.92 10.95
C GLN H 189 70.91 -19.52 9.53
N TYR H 190 70.60 -20.41 8.59
CA TYR H 190 70.87 -20.16 7.18
C TYR H 190 69.73 -19.41 6.51
N GLY H 191 68.95 -18.67 7.29
CA GLY H 191 67.91 -17.82 6.77
C GLY H 191 66.58 -18.50 6.57
N VAL H 192 66.47 -19.77 6.90
CA VAL H 192 65.29 -20.55 6.54
C VAL H 192 64.27 -20.41 7.68
N THR H 193 63.60 -19.24 7.74
CA THR H 193 62.48 -19.07 8.65
C THR H 193 61.43 -20.11 8.36
N ASP H 194 61.46 -20.61 7.13
CA ASP H 194 60.66 -21.75 6.73
C ASP H 194 61.44 -23.03 6.91
N LEU H 195 62.08 -23.17 8.07
CA LEU H 195 62.24 -24.50 8.62
C LEU H 195 60.86 -25.10 8.57
N ARG H 196 59.89 -24.30 8.96
CA ARG H 196 58.49 -24.55 8.71
C ARG H 196 58.34 -25.15 7.32
N GLY H 197 58.80 -24.40 6.32
CA GLY H 197 58.67 -24.88 4.95
C GLY H 197 59.63 -25.99 4.62
N MET H 198 60.82 -25.96 5.22
CA MET H 198 61.78 -27.00 4.92
C MET H 198 61.20 -28.34 5.30
N LEU H 199 60.60 -28.40 6.48
CA LEU H 199 59.95 -29.62 6.92
C LEU H 199 58.64 -29.85 6.19
N LYS H 200 57.94 -28.80 5.77
CA LYS H 200 56.66 -29.05 5.16
C LYS H 200 56.83 -29.65 3.76
N ARG H 201 57.89 -29.26 3.06
CA ARG H 201 58.24 -29.95 1.84
C ARG H 201 58.80 -31.33 2.15
N LEU H 202 59.64 -31.40 3.19
CA LEU H 202 60.14 -32.69 3.62
C LEU H 202 58.98 -33.58 4.06
N LYS H 203 57.82 -32.99 4.29
CA LYS H 203 56.64 -33.71 4.78
C LYS H 203 55.73 -34.08 3.63
N GLY H 204 55.40 -33.15 2.75
CA GLY H 204 54.89 -33.55 1.46
C GLY H 204 55.68 -34.71 0.89
N MET H 205 56.95 -34.82 1.28
CA MET H 205 57.73 -36.03 1.05
C MET H 205 57.49 -37.10 2.10
N ARG H 206 57.32 -36.71 3.36
CA ARG H 206 57.20 -37.64 4.49
C ARG H 206 55.83 -37.51 5.16
N ARG H 207 54.86 -36.90 4.49
CA ARG H 207 53.55 -36.66 5.09
C ARG H 207 52.62 -37.82 4.73
N GLU I 169 13.30 25.69 48.57
CA GLU I 169 14.22 25.09 47.61
C GLU I 169 15.56 25.80 47.66
N ASP I 170 15.50 27.13 47.50
CA ASP I 170 16.67 27.98 47.40
C ASP I 170 17.29 27.84 46.02
N VAL I 171 16.80 26.88 45.25
CA VAL I 171 17.29 26.69 43.89
C VAL I 171 17.16 27.99 43.14
N TRP I 172 16.12 28.76 43.42
CA TRP I 172 15.99 30.08 42.85
C TRP I 172 17.20 30.93 43.19
N GLU I 173 17.40 31.16 44.49
CA GLU I 173 18.49 32.03 44.91
C GLU I 173 19.84 31.40 44.61
N ILE I 174 19.94 30.08 44.74
CA ILE I 174 21.21 29.42 44.50
C ILE I 174 21.59 29.54 43.04
N LEU I 175 20.61 29.38 42.15
CA LEU I 175 20.90 29.44 40.73
C LEU I 175 21.15 30.86 40.28
N ARG I 176 20.38 31.81 40.81
CA ARG I 176 20.70 33.20 40.58
C ARG I 176 22.10 33.52 41.07
N GLN I 177 22.51 32.88 42.16
CA GLN I 177 23.86 32.97 42.71
C GLN I 177 24.70 31.76 42.34
N ALA I 178 24.15 30.84 41.57
CA ALA I 178 24.96 29.78 41.03
C ALA I 178 26.03 30.36 40.13
N PRO I 179 27.14 29.66 39.98
CA PRO I 179 28.10 30.04 38.99
C PRO I 179 27.45 30.10 37.62
N PRO I 180 27.87 31.05 36.80
CA PRO I 180 27.03 31.52 35.69
C PRO I 180 26.48 30.42 34.81
N SER I 181 27.34 29.50 34.38
CA SER I 181 26.90 28.42 33.52
C SER I 181 26.58 27.16 34.28
N GLU I 182 27.11 27.04 35.49
CA GLU I 182 27.05 25.76 36.18
C GLU I 182 25.70 25.72 36.87
N TYR I 183 24.84 26.70 36.56
CA TYR I 183 23.44 26.54 36.86
C TYR I 183 23.08 25.14 36.40
N GLU I 184 23.78 24.67 35.38
CA GLU I 184 23.78 23.25 35.05
C GLU I 184 23.87 22.40 36.30
N ARG I 185 24.98 22.48 37.01
CA ARG I 185 25.18 21.60 38.14
C ARG I 185 24.13 21.84 39.20
N ILE I 186 23.81 23.11 39.46
CA ILE I 186 22.94 23.40 40.60
C ILE I 186 21.51 22.98 40.29
N ALA I 187 20.98 23.39 39.14
CA ALA I 187 19.63 23.00 38.76
C ALA I 187 19.49 21.50 38.71
N PHE I 188 20.36 20.84 37.96
CA PHE I 188 20.23 19.39 37.85
C PHE I 188 20.62 18.69 39.14
N GLN I 189 21.30 19.39 40.05
CA GLN I 189 21.56 18.83 41.37
C GLN I 189 20.30 18.85 42.23
N TYR I 190 19.61 19.98 42.22
CA TYR I 190 18.40 20.15 43.01
C TYR I 190 17.17 19.67 42.27
N GLY I 191 17.35 18.74 41.33
CA GLY I 191 16.26 18.11 40.64
C GLY I 191 15.76 18.86 39.42
N VAL I 192 16.38 19.98 39.07
CA VAL I 192 15.83 20.86 38.05
C VAL I 192 16.40 20.41 36.70
N THR I 193 15.87 19.30 36.17
CA THR I 193 16.20 18.89 34.79
C THR I 193 15.84 20.00 33.84
N ASP I 194 14.91 20.84 34.28
CA ASP I 194 14.57 22.06 33.58
C ASP I 194 15.39 23.21 34.13
N LEU I 195 16.69 22.98 34.28
CA LEU I 195 17.60 24.10 34.11
C LEU I 195 17.21 24.73 32.80
N ARG I 196 16.96 23.86 31.82
CA ARG I 196 16.27 24.22 30.60
C ARG I 196 15.17 25.20 30.93
N GLY I 197 14.24 24.77 31.78
CA GLY I 197 13.12 25.63 32.12
C GLY I 197 13.52 26.77 33.04
N MET I 198 14.48 26.52 33.93
CA MET I 198 14.87 27.58 34.82
C MET I 198 15.35 28.77 34.02
N LEU I 199 16.18 28.50 33.03
CA LEU I 199 16.67 29.54 32.15
C LEU I 199 15.60 30.01 31.21
N LYS I 200 14.67 29.16 30.81
CA LYS I 200 13.71 29.61 29.82
C LYS I 200 12.72 30.59 30.45
N ARG I 201 12.39 30.38 31.72
CA ARG I 201 11.63 31.40 32.43
C ARG I 201 12.51 32.60 32.71
N LEU I 202 13.75 32.35 33.11
CA LEU I 202 14.69 33.44 33.28
C LEU I 202 14.89 34.20 31.98
N LYS I 203 14.50 33.59 30.86
CA LYS I 203 14.67 34.17 29.54
C LYS I 203 13.42 34.89 29.08
N GLY I 204 12.26 34.26 29.19
CA GLY I 204 11.03 35.03 29.15
C GLY I 204 11.17 36.28 29.99
N MET I 205 12.02 36.25 31.01
CA MET I 205 12.45 37.45 31.73
C MET I 205 13.58 38.18 31.00
N ARG I 206 14.53 37.44 30.42
CA ARG I 206 15.72 37.99 29.80
C ARG I 206 15.76 37.70 28.30
N ARG I 207 14.63 37.34 27.71
CA ARG I 207 14.58 36.96 26.30
C ARG I 207 14.22 38.18 25.47
N GLU J 169 20.16 -34.34 -21.47
CA GLU J 169 19.84 -33.52 -20.31
C GLU J 169 20.18 -34.24 -19.02
N ASP J 170 19.65 -35.46 -18.91
CA ASP J 170 19.76 -36.27 -17.71
C ASP J 170 18.82 -35.75 -16.64
N VAL J 171 18.22 -34.60 -16.89
CA VAL J 171 17.27 -34.04 -15.95
C VAL J 171 16.19 -35.06 -15.67
N TRP J 172 15.83 -35.84 -16.68
CA TRP J 172 14.90 -36.93 -16.46
C TRP J 172 15.43 -37.87 -15.40
N GLU J 173 16.58 -38.48 -15.67
CA GLU J 173 17.13 -39.46 -14.75
C GLU J 173 17.55 -38.81 -13.44
N ILE J 174 18.07 -37.58 -13.52
CA ILE J 174 18.52 -36.91 -12.32
C ILE J 174 17.35 -36.62 -11.41
N LEU J 175 16.25 -36.17 -12.00
CA LEU J 175 15.07 -35.82 -11.21
C LEU J 175 14.38 -37.06 -10.68
N ARG J 176 14.29 -38.10 -11.49
CA ARG J 176 13.81 -39.37 -11.00
C ARG J 176 14.70 -39.84 -9.85
N GLN J 177 15.99 -39.57 -9.94
CA GLN J 177 16.95 -39.86 -8.88
C GLN J 177 17.30 -38.62 -8.08
N ALA J 178 16.67 -37.49 -8.38
CA ALA J 178 16.79 -36.33 -7.54
C ALA J 178 16.25 -36.66 -6.15
N PRO J 179 16.74 -35.96 -5.14
CA PRO J 179 16.11 -36.07 -3.84
C PRO J 179 14.64 -35.71 -3.92
N PRO J 180 13.82 -36.39 -3.16
CA PRO J 180 12.38 -36.49 -3.48
C PRO J 180 11.70 -35.16 -3.76
N SER J 181 11.91 -34.19 -2.90
CA SER J 181 11.29 -32.88 -3.06
C SER J 181 12.20 -31.90 -3.76
N GLU J 182 13.50 -32.15 -3.73
CA GLU J 182 14.43 -31.12 -4.15
C GLU J 182 14.55 -31.26 -5.66
N TYR J 183 13.68 -32.08 -6.25
CA TYR J 183 13.45 -31.98 -7.68
C TYR J 183 13.30 -30.50 -7.97
N GLU J 184 12.80 -29.76 -6.98
CA GLU J 184 12.90 -28.32 -6.99
C GLU J 184 14.28 -27.86 -7.45
N ARG J 185 15.30 -28.18 -6.67
CA ARG J 185 16.62 -27.67 -6.98
C ARG J 185 17.09 -28.20 -8.32
N ILE J 186 16.84 -29.47 -8.60
CA ILE J 186 17.44 -30.06 -9.81
C ILE J 186 16.74 -29.54 -11.06
N ALA J 187 15.41 -29.57 -11.08
CA ALA J 187 14.66 -29.07 -12.22
C ALA J 187 14.99 -27.61 -12.47
N PHE J 188 14.84 -26.78 -11.44
CA PHE J 188 15.11 -25.36 -11.65
C PHE J 188 16.58 -25.07 -11.84
N GLN J 189 17.45 -26.02 -11.48
CA GLN J 189 18.87 -25.88 -11.77
C GLN J 189 19.14 -26.13 -13.25
N TYR J 190 18.54 -27.19 -13.79
CA TYR J 190 18.74 -27.55 -15.18
C TYR J 190 17.75 -26.84 -16.10
N GLY J 191 17.25 -25.68 -15.66
CA GLY J 191 16.40 -24.85 -16.47
C GLY J 191 14.94 -25.19 -16.41
N VAL J 192 14.55 -26.18 -15.61
CA VAL J 192 13.19 -26.71 -15.66
C VAL J 192 12.35 -25.90 -14.67
N THR J 193 11.99 -24.66 -15.07
CA THR J 193 11.02 -23.89 -14.29
C THR J 193 9.73 -24.65 -14.17
N ASP J 194 9.53 -25.56 -15.12
CA ASP J 194 8.44 -26.51 -15.06
C ASP J 194 8.92 -27.80 -14.41
N LEU J 195 9.60 -27.66 -13.27
CA LEU J 195 9.48 -28.69 -12.28
C LEU J 195 8.01 -28.90 -12.09
N ARG J 196 7.29 -27.78 -12.04
CA ARG J 196 5.86 -27.75 -12.19
C ARG J 196 5.45 -28.76 -13.25
N GLY J 197 5.97 -28.57 -14.46
CA GLY J 197 5.61 -29.46 -15.55
C GLY J 197 6.24 -30.83 -15.42
N MET J 198 7.46 -30.88 -14.88
CA MET J 198 8.10 -32.16 -14.75
C MET J 198 7.25 -33.08 -13.90
N LEU J 199 6.76 -32.55 -12.79
CA LEU J 199 5.89 -33.30 -11.93
C LEU J 199 4.51 -33.44 -12.53
N LYS J 200 4.05 -32.48 -13.31
CA LYS J 200 2.68 -32.60 -13.80
C LYS J 200 2.59 -33.69 -14.86
N ARG J 201 3.64 -33.86 -15.65
CA ARG J 201 3.69 -35.03 -16.52
C ARG J 201 3.94 -36.29 -15.71
N LEU J 202 4.82 -36.19 -14.72
CA LEU J 202 5.03 -37.31 -13.83
C LEU J 202 3.75 -37.65 -13.09
N LYS J 203 2.79 -36.74 -13.10
CA LYS J 203 1.52 -36.90 -12.39
C LYS J 203 0.44 -37.43 -13.32
N GLY J 204 0.27 -36.82 -14.49
CA GLY J 204 -0.45 -37.53 -15.54
C GLY J 204 -0.01 -38.98 -15.61
N MET J 205 1.23 -39.26 -15.21
CA MET J 205 1.68 -40.62 -14.97
C MET J 205 1.27 -41.14 -13.58
N ARG J 206 1.33 -40.28 -12.56
CA ARG J 206 1.09 -40.66 -11.18
C ARG J 206 -0.14 -39.96 -10.61
N ARG J 207 -0.99 -39.40 -11.46
CA ARG J 207 -2.15 -38.64 -11.01
C ARG J 207 -3.35 -39.56 -10.91
N GLU K 169 -22.16 43.39 5.46
CA GLU K 169 -21.49 42.27 4.81
C GLU K 169 -20.02 42.57 4.58
N ASP K 170 -19.78 43.71 3.94
CA ASP K 170 -18.44 44.13 3.53
C ASP K 170 -18.01 43.35 2.31
N VAL K 171 -18.79 42.33 1.95
CA VAL K 171 -18.48 41.55 0.77
C VAL K 171 -18.35 42.46 -0.41
N TRP K 172 -19.15 43.51 -0.45
CA TRP K 172 -19.01 44.53 -1.48
C TRP K 172 -17.61 45.10 -1.48
N GLU K 173 -17.24 45.73 -0.37
CA GLU K 173 -15.94 46.38 -0.29
C GLU K 173 -14.82 45.37 -0.33
N ILE K 174 -15.03 44.20 0.30
CA ILE K 174 -13.98 43.20 0.33
C ILE K 174 -13.71 42.68 -1.07
N LEU K 175 -14.77 42.46 -1.83
CA LEU K 175 -14.63 41.92 -3.17
C LEU K 175 -14.07 42.96 -4.12
N ARG K 176 -14.54 44.20 -4.00
CA ARG K 176 -13.92 45.29 -4.73
C ARG K 176 -12.44 45.38 -4.38
N GLN K 177 -12.10 45.11 -3.12
CA GLN K 177 -10.73 45.04 -2.66
C GLN K 177 -10.24 43.62 -2.52
N ALA K 178 -11.06 42.64 -2.90
CA ALA K 178 -10.59 41.29 -2.99
C ALA K 178 -9.48 41.21 -4.03
N PRO K 179 -8.61 40.23 -3.90
CA PRO K 179 -7.66 39.97 -4.96
C PRO K 179 -8.40 39.68 -6.26
N PRO K 180 -7.85 40.13 -7.37
CA PRO K 180 -8.64 40.37 -8.58
C PRO K 180 -9.53 39.20 -8.99
N SER K 181 -8.95 38.00 -9.03
CA SER K 181 -9.71 36.82 -9.43
C SER K 181 -10.25 36.06 -8.23
N GLU K 182 -9.66 36.25 -7.06
CA GLU K 182 -9.96 35.38 -5.96
C GLU K 182 -11.21 35.94 -5.31
N TYR K 183 -11.84 36.93 -5.97
CA TYR K 183 -13.21 37.26 -5.64
C TYR K 183 -13.93 35.92 -5.54
N GLU K 184 -13.46 34.95 -6.30
CA GLU K 184 -13.83 33.56 -6.07
C GLU K 184 -13.85 33.24 -4.60
N ARG K 185 -12.68 33.29 -3.97
CA ARG K 185 -12.60 32.86 -2.59
C ARG K 185 -13.45 33.73 -1.69
N ILE K 186 -13.44 35.04 -1.94
CA ILE K 186 -14.11 35.94 -1.00
C ILE K 186 -15.62 35.83 -1.14
N ALA K 187 -16.14 35.90 -2.36
CA ALA K 187 -17.57 35.77 -2.58
C ALA K 187 -18.07 34.43 -2.05
N PHE K 188 -17.45 33.34 -2.49
CA PHE K 188 -17.93 32.04 -2.05
C PHE K 188 -17.62 31.79 -0.58
N GLN K 189 -16.71 32.58 0.00
CA GLN K 189 -16.47 32.49 1.44
C GLN K 189 -17.59 33.15 2.21
N TYR K 190 -18.01 34.33 1.77
CA TYR K 190 -19.06 35.09 2.43
C TYR K 190 -20.44 34.69 1.92
N GLY K 191 -20.56 33.48 1.39
CA GLY K 191 -21.83 32.94 0.98
C GLY K 191 -22.24 33.28 -0.42
N VAL K 192 -21.41 34.01 -1.17
CA VAL K 192 -21.82 34.56 -2.45
C VAL K 192 -21.50 33.52 -3.52
N THR K 193 -22.33 32.46 -3.60
CA THR K 193 -22.22 31.52 -4.72
C THR K 193 -22.40 32.25 -6.02
N ASP K 194 -23.05 33.40 -5.94
CA ASP K 194 -23.15 34.32 -7.05
C ASP K 194 -22.03 35.35 -6.97
N LEU K 195 -20.82 34.86 -6.74
CA LEU K 195 -19.68 35.56 -7.32
C LEU K 195 -20.03 35.74 -8.77
N ARG K 196 -20.57 34.68 -9.34
CA ARG K 196 -21.26 34.72 -10.61
C ARG K 196 -22.06 36.01 -10.68
N GLY K 197 -22.98 36.18 -9.74
CA GLY K 197 -23.83 37.35 -9.75
C GLY K 197 -23.10 38.60 -9.33
N MET K 198 -22.14 38.46 -8.42
CA MET K 198 -21.42 39.64 -7.97
C MET K 198 -20.74 40.29 -9.16
N LEU K 199 -20.10 39.46 -9.97
CA LEU K 199 -19.46 39.96 -11.17
C LEU K 199 -20.47 40.30 -12.24
N LYS K 200 -21.61 39.62 -12.30
CA LYS K 200 -22.53 39.92 -13.38
C LYS K 200 -23.19 41.27 -13.18
N ARG K 201 -23.44 41.64 -11.93
CA ARG K 201 -23.86 43.01 -11.64
C ARG K 201 -22.70 43.96 -11.84
N LEU K 202 -21.51 43.56 -11.38
CA LEU K 202 -20.33 44.36 -11.61
C LEU K 202 -20.08 44.51 -13.11
N LYS K 203 -20.71 43.65 -13.92
CA LYS K 203 -20.52 43.64 -15.36
C LYS K 203 -21.59 44.44 -16.06
N GLY K 204 -22.86 44.21 -15.74
CA GLY K 204 -23.86 45.20 -16.06
C GLY K 204 -23.36 46.61 -15.77
N MET K 205 -22.45 46.73 -14.80
CA MET K 205 -21.68 47.94 -14.60
C MET K 205 -20.47 48.05 -15.52
N ARG K 206 -19.80 46.93 -15.78
CA ARG K 206 -18.56 46.89 -16.55
C ARG K 206 -18.72 46.07 -17.83
N ARG K 207 -19.95 45.83 -18.25
CA ARG K 207 -20.20 44.99 -19.42
C ARG K 207 -20.32 45.87 -20.65
N GLU L 169 -36.28 -37.72 -36.71
CA GLU L 169 -36.29 -36.48 -35.95
C GLU L 169 -36.01 -36.74 -34.48
N ASP L 170 -36.80 -37.66 -33.92
CA ASP L 170 -36.78 -37.98 -32.50
C ASP L 170 -37.46 -36.88 -31.71
N VAL L 171 -37.79 -35.78 -32.39
CA VAL L 171 -38.50 -34.69 -31.73
C VAL L 171 -39.76 -35.22 -31.10
N TRP L 172 -40.38 -36.20 -31.74
CA TRP L 172 -41.53 -36.87 -31.14
C TRP L 172 -41.14 -37.46 -29.79
N GLU L 173 -40.20 -38.39 -29.79
CA GLU L 173 -39.83 -39.07 -28.57
C GLU L 173 -39.15 -38.11 -27.60
N ILE L 174 -38.35 -37.18 -28.13
CA ILE L 174 -37.64 -36.26 -27.27
C ILE L 174 -38.62 -35.35 -26.55
N LEU L 175 -39.64 -34.89 -27.27
CA LEU L 175 -40.62 -33.99 -26.68
C LEU L 175 -41.53 -34.72 -25.72
N ARG L 176 -41.95 -35.93 -26.10
CA ARG L 176 -42.66 -36.77 -25.15
C ARG L 176 -41.82 -37.00 -23.91
N GLN L 177 -40.51 -37.11 -24.08
CA GLN L 177 -39.56 -37.23 -22.99
C GLN L 177 -38.85 -35.91 -22.72
N ALA L 178 -39.22 -34.86 -23.42
CA ALA L 178 -38.74 -33.54 -23.08
C ALA L 178 -39.22 -33.18 -21.68
N PRO L 179 -38.50 -32.32 -21.00
CA PRO L 179 -39.00 -31.77 -19.75
C PRO L 179 -40.34 -31.11 -19.98
N PRO L 180 -41.24 -31.22 -19.02
CA PRO L 180 -42.67 -31.07 -19.29
C PRO L 180 -43.04 -29.81 -20.06
N SER L 181 -42.53 -28.66 -19.61
CA SER L 181 -42.83 -27.41 -20.28
C SER L 181 -41.77 -27.01 -21.29
N GLU L 182 -40.57 -27.56 -21.15
CA GLU L 182 -39.47 -27.04 -21.93
C GLU L 182 -39.53 -27.74 -23.27
N TYR L 183 -40.62 -28.47 -23.51
CA TYR L 183 -40.95 -28.85 -24.88
C TYR L 183 -40.75 -27.59 -25.70
N GLU L 184 -40.97 -26.44 -25.07
CA GLU L 184 -40.53 -25.17 -25.61
C GLU L 184 -39.14 -25.29 -26.21
N ARG L 185 -38.16 -25.56 -25.36
CA ARG L 185 -36.78 -25.55 -25.84
C ARG L 185 -36.57 -26.63 -26.87
N ILE L 186 -37.14 -27.81 -26.65
CA ILE L 186 -36.83 -28.92 -27.53
C ILE L 186 -37.49 -28.74 -28.90
N ALA L 187 -38.78 -28.44 -28.92
CA ALA L 187 -39.48 -28.21 -30.17
C ALA L 187 -38.83 -27.08 -30.94
N PHE L 188 -38.68 -25.92 -30.31
CA PHE L 188 -38.12 -24.80 -31.03
C PHE L 188 -36.63 -24.99 -31.31
N GLN L 189 -35.99 -25.93 -30.62
CA GLN L 189 -34.61 -26.28 -30.93
C GLN L 189 -34.55 -27.11 -32.20
N TYR L 190 -35.42 -28.10 -32.31
CA TYR L 190 -35.45 -28.99 -33.46
C TYR L 190 -36.31 -28.43 -34.58
N GLY L 191 -36.48 -27.11 -34.60
CA GLY L 191 -37.17 -26.45 -35.68
C GLY L 191 -38.66 -26.35 -35.51
N VAL L 192 -39.20 -26.84 -34.40
CA VAL L 192 -40.65 -26.98 -34.25
C VAL L 192 -41.18 -25.68 -33.65
N THR L 193 -41.27 -24.62 -34.49
CA THR L 193 -41.95 -23.40 -34.06
C THR L 193 -43.37 -23.72 -33.68
N ASP L 194 -43.87 -24.82 -34.21
CA ASP L 194 -45.14 -25.37 -33.80
C ASP L 194 -44.94 -26.41 -32.71
N LEU L 195 -44.13 -26.04 -31.71
CA LEU L 195 -44.41 -26.57 -30.39
C LEU L 195 -45.87 -26.31 -30.16
N ARG L 196 -46.28 -25.11 -30.54
CA ARG L 196 -47.67 -24.76 -30.70
C ARG L 196 -48.41 -25.95 -31.31
N GLY L 197 -47.96 -26.37 -32.49
CA GLY L 197 -48.63 -27.46 -33.16
C GLY L 197 -48.33 -28.80 -32.53
N MET L 198 -47.12 -28.96 -32.00
CA MET L 198 -46.79 -30.23 -31.39
C MET L 198 -47.77 -30.52 -30.26
N LEU L 199 -48.01 -29.52 -29.44
CA LEU L 199 -48.96 -29.64 -28.37
C LEU L 199 -50.38 -29.63 -28.87
N LYS L 200 -50.67 -28.94 -29.96
CA LYS L 200 -52.06 -28.89 -30.38
C LYS L 200 -52.51 -30.21 -30.95
N ARG L 201 -51.60 -30.94 -31.61
CA ARG L 201 -51.90 -32.32 -31.98
C ARG L 201 -51.90 -33.20 -30.75
N LEU L 202 -50.92 -32.98 -29.87
CA LEU L 202 -50.91 -33.71 -28.62
C LEU L 202 -52.17 -33.42 -27.81
N LYS L 203 -52.89 -32.34 -28.17
CA LYS L 203 -54.08 -31.92 -27.47
C LYS L 203 -55.33 -32.44 -28.12
N GLY L 204 -55.46 -32.29 -29.45
CA GLY L 204 -56.41 -33.12 -30.15
C GLY L 204 -56.35 -34.55 -29.67
N MET L 205 -55.18 -34.98 -29.18
CA MET L 205 -55.06 -36.22 -28.44
C MET L 205 -55.44 -36.07 -26.97
N ARG L 206 -55.10 -34.95 -26.35
CA ARG L 206 -55.30 -34.72 -24.93
C ARG L 206 -56.26 -33.56 -24.67
N ARG L 207 -57.03 -33.16 -25.67
CA ARG L 207 -57.92 -32.02 -25.55
C ARG L 207 -59.30 -32.51 -25.13
N UNK M 1 -84.82 37.16 -38.00
CA UNK M 1 -83.53 37.71 -37.60
C UNK M 1 -83.57 38.18 -36.15
N UNK M 2 -84.76 38.56 -35.69
CA UNK M 2 -84.92 39.02 -34.31
C UNK M 2 -84.93 37.84 -33.35
N UNK M 3 -85.30 36.68 -33.87
CA UNK M 3 -85.36 35.46 -33.07
C UNK M 3 -83.95 34.95 -32.76
N UNK M 4 -83.06 35.10 -33.73
CA UNK M 4 -81.68 34.67 -33.56
C UNK M 4 -80.94 35.58 -32.60
N UNK M 5 -81.24 36.87 -32.70
CA UNK M 5 -80.65 37.87 -31.82
C UNK M 5 -81.20 37.74 -30.41
N UNK M 6 -82.46 37.32 -30.31
CA UNK M 6 -83.11 37.15 -29.01
C UNK M 6 -82.61 35.88 -28.32
N UNK M 7 -82.43 34.81 -29.08
CA UNK M 7 -81.91 33.56 -28.55
C UNK M 7 -80.44 33.69 -28.18
N UNK M 8 -79.70 34.44 -29.00
CA UNK M 8 -78.30 34.73 -28.73
C UNK M 8 -78.17 35.65 -27.53
N UNK M 9 -79.17 36.49 -27.33
CA UNK M 9 -79.23 37.39 -26.18
C UNK M 9 -79.52 36.60 -24.91
N UNK M 10 -80.39 35.60 -25.03
CA UNK M 10 -80.76 34.76 -23.90
C UNK M 10 -79.60 33.87 -23.46
N UNK M 11 -78.99 33.20 -24.42
CA UNK M 11 -77.84 32.32 -24.13
C UNK M 11 -76.63 33.14 -23.68
N UNK M 12 -76.52 34.36 -24.20
CA UNK M 12 -75.49 35.28 -23.79
C UNK M 12 -75.69 35.71 -22.34
N UNK M 13 -76.95 35.95 -21.96
CA UNK M 13 -77.28 36.39 -20.61
C UNK M 13 -77.07 35.30 -19.58
N UNK M 14 -77.58 34.11 -19.87
CA UNK M 14 -77.42 32.96 -18.98
C UNK M 14 -75.96 32.52 -18.90
N UNK M 15 -75.26 32.68 -20.02
CA UNK M 15 -73.83 32.39 -20.07
C UNK M 15 -73.06 33.39 -19.21
N UNK M 16 -73.51 34.65 -19.23
CA UNK M 16 -72.86 35.71 -18.46
C UNK M 16 -73.07 35.51 -16.97
N UNK M 17 -74.27 35.02 -16.62
CA UNK M 17 -74.56 34.69 -15.22
C UNK M 17 -73.72 33.49 -14.78
N UNK M 18 -73.50 32.56 -15.71
CA UNK M 18 -72.67 31.38 -15.44
C UNK M 18 -71.21 31.76 -15.21
N UNK M 19 -70.72 32.73 -15.99
CA UNK M 19 -69.33 33.16 -15.90
C UNK M 19 -69.06 34.06 -14.70
N UNK M 20 -70.03 34.91 -14.35
CA UNK M 20 -69.91 35.75 -13.17
C UNK M 20 -70.04 34.92 -11.89
N UNK M 21 -70.98 33.98 -11.91
CA UNK M 21 -71.21 33.08 -10.78
C UNK M 21 -70.01 32.16 -10.58
N UNK M 22 -69.45 31.71 -11.69
CA UNK M 22 -68.26 30.87 -11.68
C UNK M 22 -67.06 31.66 -11.20
N UNK M 23 -67.05 32.96 -11.51
CA UNK M 23 -66.00 33.87 -11.09
C UNK M 23 -65.99 34.06 -9.57
N UNK M 24 -67.17 34.33 -9.02
CA UNK M 24 -67.32 34.52 -7.59
C UNK M 24 -67.05 33.22 -6.84
N UNK M 25 -67.43 32.10 -7.44
CA UNK M 25 -67.16 30.78 -6.88
C UNK M 25 -65.65 30.50 -6.81
N UNK M 26 -64.97 30.80 -7.90
CA UNK M 26 -63.53 30.55 -8.03
C UNK M 26 -62.73 31.43 -7.07
N UNK M 27 -63.11 32.70 -6.95
CA UNK M 27 -62.44 33.60 -6.01
C UNK M 27 -62.74 33.18 -4.57
N UNK M 28 -63.95 32.67 -4.36
CA UNK M 28 -64.38 32.18 -3.05
C UNK M 28 -63.58 30.94 -2.64
N UNK M 29 -63.14 30.15 -3.61
CA UNK M 29 -62.24 29.04 -3.31
C UNK M 29 -60.82 29.55 -3.08
N UNK M 30 -60.45 30.58 -3.84
CA UNK M 30 -59.10 31.15 -3.82
C UNK M 30 -58.70 31.74 -2.47
N UNK M 31 -59.62 32.50 -1.87
CA UNK M 31 -59.37 33.08 -0.55
C UNK M 31 -59.23 31.98 0.53
N UNK M 32 -60.11 30.99 0.43
CA UNK M 32 -60.18 29.88 1.38
C UNK M 32 -58.92 29.02 1.33
N UNK M 33 -58.31 28.92 0.16
CA UNK M 33 -57.04 28.21 0.07
C UNK M 33 -55.89 29.08 0.58
N UNK M 34 -55.91 30.37 0.20
CA UNK M 34 -54.83 31.31 0.51
C UNK M 34 -54.63 31.55 2.00
N UNK M 35 -55.73 31.56 2.76
CA UNK M 35 -55.64 31.71 4.21
C UNK M 35 -54.94 30.52 4.89
N UNK M 36 -55.28 29.31 4.45
CA UNK M 36 -54.70 28.08 4.98
C UNK M 36 -53.23 27.98 4.62
N UNK M 37 -52.90 28.40 3.40
CA UNK M 37 -51.51 28.45 2.96
C UNK M 37 -50.71 29.46 3.78
N UNK M 38 -51.36 30.55 4.18
CA UNK M 38 -50.73 31.53 5.06
C UNK M 38 -50.45 30.95 6.45
N UNK M 39 -51.44 30.23 6.99
CA UNK M 39 -51.34 29.64 8.32
C UNK M 39 -50.23 28.58 8.41
N UNK M 40 -50.22 27.67 7.44
CA UNK M 40 -49.20 26.64 7.38
C UNK M 40 -47.84 27.25 7.04
N UNK M 41 -47.89 28.35 6.29
CA UNK M 41 -46.68 29.10 5.93
C UNK M 41 -46.01 29.71 7.16
N UNK M 42 -46.82 30.05 8.16
CA UNK M 42 -46.27 30.49 9.44
C UNK M 42 -45.78 29.31 10.29
N UNK M 43 -46.65 28.31 10.43
CA UNK M 43 -46.43 27.21 11.36
C UNK M 43 -45.25 26.31 11.01
N UNK M 44 -44.97 26.15 9.71
CA UNK M 44 -43.85 25.34 9.26
C UNK M 44 -42.52 26.02 9.62
N UNK M 45 -42.47 27.33 9.45
CA UNK M 45 -41.29 28.12 9.77
C UNK M 45 -41.04 28.13 11.26
N UNK M 46 -42.12 28.22 12.05
CA UNK M 46 -42.00 28.17 13.50
C UNK M 46 -41.53 26.80 14.01
N UNK M 47 -42.08 25.73 13.43
CA UNK M 47 -41.74 24.37 13.80
C UNK M 47 -40.29 24.04 13.44
N UNK M 48 -39.85 24.54 12.29
CA UNK M 48 -38.47 24.36 11.88
C UNK M 48 -37.55 25.22 12.74
N UNK M 49 -38.09 26.34 13.23
CA UNK M 49 -37.34 27.22 14.12
C UNK M 49 -37.11 26.55 15.46
N UNK M 50 -38.03 25.67 15.86
CA UNK M 50 -37.79 24.84 17.03
C UNK M 50 -36.82 23.70 16.68
N UNK M 51 -36.90 23.24 15.43
CA UNK M 51 -36.10 22.10 14.98
C UNK M 51 -34.61 22.39 14.91
N UNK M 52 -34.25 23.62 14.53
CA UNK M 52 -32.85 24.03 14.47
C UNK M 52 -32.24 24.04 15.87
N UNK M 53 -33.03 24.47 16.83
CA UNK M 53 -32.63 24.49 18.23
C UNK M 53 -32.54 23.08 18.78
N UNK M 54 -33.37 22.18 18.24
CA UNK M 54 -33.31 20.77 18.62
C UNK M 54 -32.00 20.13 18.13
N UNK M 55 -31.64 20.45 16.90
CA UNK M 55 -30.42 19.94 16.30
C UNK M 55 -29.17 20.49 17.01
N UNK M 56 -29.21 21.78 17.34
CA UNK M 56 -28.11 22.41 18.07
C UNK M 56 -28.01 21.86 19.48
N UNK M 57 -29.16 21.49 20.05
CA UNK M 57 -29.23 20.89 21.37
C UNK M 57 -28.56 19.51 21.36
N UNK M 58 -28.88 18.72 20.34
CA UNK M 58 -28.28 17.40 20.18
C UNK M 58 -26.78 17.50 19.90
N UNK M 59 -26.38 18.53 19.17
CA UNK M 59 -24.98 18.76 18.85
C UNK M 59 -24.17 19.13 20.09
N UNK M 60 -24.77 19.98 20.92
CA UNK M 60 -24.17 20.40 22.18
C UNK M 60 -24.04 19.22 23.14
N UNK M 61 -25.08 18.38 23.15
CA UNK M 61 -25.09 17.17 23.97
C UNK M 61 -24.04 16.17 23.48
N UNK M 62 -23.79 16.18 22.17
CA UNK M 62 -22.76 15.34 21.57
C UNK M 62 -21.37 15.83 21.96
N UNK M 63 -21.22 17.16 22.03
CA UNK M 63 -19.96 17.77 22.41
C UNK M 63 -19.61 17.46 23.87
N UNK M 64 -20.57 17.69 24.75
CA UNK M 64 -20.39 17.44 26.17
C UNK M 64 -20.21 15.95 26.46
N UNK M 65 -20.92 15.11 25.71
CA UNK M 65 -20.81 13.67 25.82
C UNK M 65 -19.42 13.20 25.38
N UNK M 66 -18.88 13.88 24.38
CA UNK M 66 -17.55 13.58 23.87
C UNK M 66 -16.48 13.98 24.88
N UNK M 67 -16.66 15.13 25.52
CA UNK M 67 -15.72 15.62 26.52
C UNK M 67 -15.72 14.73 27.76
N UNK M 68 -16.92 14.34 28.20
CA UNK M 68 -17.07 13.46 29.35
C UNK M 68 -16.52 12.07 29.05
N UNK M 69 -16.69 11.64 27.80
CA UNK M 69 -16.14 10.38 27.35
C UNK M 69 -14.62 10.39 27.36
N UNK M 70 -14.05 11.52 26.95
CA UNK M 70 -12.59 11.68 26.92
C UNK M 70 -12.01 11.72 28.32
N UNK M 71 -12.72 12.35 29.24
CA UNK M 71 -12.33 12.38 30.64
C UNK M 71 -12.41 10.97 31.25
N UNK M 72 -13.42 10.21 30.80
CA UNK M 72 -13.58 8.83 31.21
C UNK M 72 -12.45 7.95 30.69
N UNK M 73 -11.99 8.27 29.49
CA UNK M 73 -10.87 7.56 28.87
C UNK M 73 -9.57 7.86 29.60
N UNK M 74 -9.40 9.12 29.98
CA UNK M 74 -8.21 9.55 30.72
C UNK M 74 -8.15 8.90 32.10
N UNK M 75 -9.30 8.87 32.78
CA UNK M 75 -9.40 8.23 34.09
C UNK M 75 -9.24 6.72 33.97
N UNK M 76 -9.65 6.18 32.83
CA UNK M 76 -9.48 4.76 32.54
C UNK M 76 -8.00 4.42 32.40
N UNK M 77 -7.28 5.33 31.74
CA UNK M 77 -5.84 5.20 31.56
C UNK M 77 -5.11 5.29 32.90
N UNK M 78 -5.58 6.20 33.74
CA UNK M 78 -5.02 6.36 35.09
C UNK M 78 -5.27 5.13 35.95
N UNK M 79 -6.44 4.52 35.78
CA UNK M 79 -6.80 3.29 36.47
C UNK M 79 -5.91 2.14 36.01
N UNK M 80 -5.59 2.13 34.71
CA UNK M 80 -4.71 1.12 34.14
C UNK M 80 -3.30 1.23 34.72
N UNK M 81 -2.76 2.45 34.71
CA UNK M 81 -1.41 2.71 35.20
C UNK M 81 -1.25 2.42 36.70
N UNK M 82 -2.20 2.90 37.49
CA UNK M 82 -2.19 2.66 38.94
C UNK M 82 -2.41 1.19 39.25
N UNK M 83 -3.19 0.51 38.40
CA UNK M 83 -3.46 -0.91 38.56
C UNK M 83 -2.20 -1.76 38.37
N UNK M 84 -1.55 -1.58 37.23
CA UNK M 84 -0.31 -2.30 36.91
C UNK M 84 0.78 -1.97 37.91
N UNK M 85 0.82 -0.69 38.31
CA UNK M 85 1.77 -0.20 39.31
C UNK M 85 1.63 -0.89 40.66
N UNK M 86 0.41 -0.90 41.20
CA UNK M 86 0.15 -1.48 42.51
C UNK M 86 0.34 -3.00 42.51
N UNK M 87 0.00 -3.64 41.40
CA UNK M 87 0.23 -5.07 41.22
C UNK M 87 1.72 -5.40 41.29
N UNK M 88 2.50 -4.66 40.49
CA UNK M 88 3.95 -4.85 40.41
C UNK M 88 4.66 -4.58 41.74
N UNK M 89 4.31 -3.48 42.38
CA UNK M 89 4.92 -3.08 43.65
C UNK M 89 4.54 -4.04 44.77
N UNK M 90 3.31 -4.55 44.71
CA UNK M 90 2.85 -5.56 45.66
C UNK M 90 3.65 -6.86 45.55
N UNK M 91 3.82 -7.33 44.31
CA UNK M 91 4.58 -8.55 44.03
C UNK M 91 6.05 -8.42 44.44
N UNK M 92 6.63 -7.27 44.10
CA UNK M 92 8.03 -7.00 44.42
C UNK M 92 8.27 -6.89 45.93
N UNK M 93 7.34 -6.20 46.61
CA UNK M 93 7.42 -6.01 48.05
C UNK M 93 7.28 -7.32 48.80
N UNK M 94 6.38 -8.18 48.31
CA UNK M 94 6.21 -9.51 48.89
C UNK M 94 7.45 -10.37 48.63
N UNK M 95 8.09 -10.16 47.48
CA UNK M 95 9.32 -10.88 47.14
C UNK M 95 10.48 -10.53 48.06
N UNK M 96 10.72 -9.22 48.23
CA UNK M 96 11.81 -8.74 49.07
C UNK M 96 11.56 -9.04 50.54
N UNK M 97 10.29 -8.98 50.94
CA UNK M 97 9.90 -9.34 52.30
C UNK M 97 10.10 -10.84 52.54
N UNK M 98 9.94 -11.62 51.47
CA UNK M 98 10.18 -13.06 51.56
C UNK M 98 11.67 -13.36 51.69
N UNK M 99 12.49 -12.64 50.93
CA UNK M 99 13.95 -12.86 50.97
C UNK M 99 14.59 -12.33 52.26
N UNK M 100 13.92 -11.35 52.88
CA UNK M 100 14.43 -10.68 54.07
C UNK M 100 14.55 -11.62 55.28
N UNK M 101 13.59 -12.54 55.40
CA UNK M 101 13.55 -13.47 56.52
C UNK M 101 14.67 -14.50 56.43
N UNK M 102 14.95 -14.95 55.22
CA UNK M 102 16.03 -15.90 54.99
C UNK M 102 17.37 -15.19 55.18
N UNK M 103 17.40 -13.91 54.81
CA UNK M 103 18.60 -13.08 54.98
C UNK M 103 18.95 -12.89 56.46
N UNK M 104 17.94 -12.57 57.26
CA UNK M 104 18.12 -12.41 58.69
C UNK M 104 18.39 -13.75 59.37
N UNK M 105 17.85 -14.82 58.79
CA UNK M 105 18.04 -16.18 59.32
C UNK M 105 19.49 -16.63 59.16
N UNK M 106 20.02 -16.44 57.96
CA UNK M 106 21.41 -16.76 57.67
C UNK M 106 22.34 -15.81 58.42
N UNK M 107 21.86 -14.59 58.67
CA UNK M 107 22.59 -13.62 59.49
C UNK M 107 22.74 -14.11 60.93
N UNK M 108 21.65 -14.67 61.47
CA UNK M 108 21.65 -15.17 62.84
C UNK M 108 22.49 -16.44 62.97
N UNK M 109 22.38 -17.33 61.99
CA UNK M 109 23.15 -18.57 61.96
C UNK M 109 24.65 -18.26 61.85
N UNK M 110 24.97 -17.28 61.02
CA UNK M 110 26.34 -16.83 60.86
C UNK M 110 26.84 -16.14 62.13
N UNK M 111 25.94 -15.49 62.85
CA UNK M 111 26.27 -14.81 64.10
C UNK M 111 26.63 -15.80 65.20
N UNK M 112 25.80 -16.83 65.36
CA UNK M 112 26.03 -17.87 66.36
C UNK M 112 27.26 -18.70 66.01
N UNK M 113 27.47 -18.90 64.70
CA UNK M 113 28.67 -19.58 64.22
C UNK M 113 29.91 -18.75 64.52
N UNK M 114 29.75 -17.44 64.42
CA UNK M 114 30.84 -16.51 64.69
C UNK M 114 31.20 -16.49 66.16
N UNK M 115 30.19 -16.54 67.03
CA UNK M 115 30.43 -16.55 68.47
C UNK M 115 31.02 -17.88 68.90
N UNK M 116 30.63 -18.95 68.21
CA UNK M 116 31.17 -20.28 68.50
C UNK M 116 32.64 -20.35 68.12
N UNK M 117 32.98 -19.78 66.97
CA UNK M 117 34.36 -19.70 66.53
C UNK M 117 35.17 -18.76 67.41
N UNK M 118 34.50 -17.77 67.99
CA UNK M 118 35.14 -16.84 68.91
C UNK M 118 35.50 -17.54 70.21
N UNK M 119 34.59 -18.39 70.68
CA UNK M 119 34.80 -19.18 71.89
C UNK M 119 35.93 -20.18 71.68
N UNK M 120 35.93 -20.81 70.51
CA UNK M 120 36.98 -21.75 70.13
C UNK M 120 38.33 -21.05 70.01
N UNK M 121 38.29 -19.80 69.56
CA UNK M 121 39.49 -18.99 69.41
C UNK M 121 40.06 -18.59 70.77
N UNK M 122 39.18 -18.29 71.72
CA UNK M 122 39.60 -17.93 73.07
C UNK M 122 40.18 -19.14 73.79
N UNK M 123 39.56 -20.29 73.54
CA UNK M 123 40.03 -21.56 74.09
C UNK M 123 41.40 -21.93 73.54
N UNK M 124 41.57 -21.77 72.23
CA UNK M 124 42.83 -22.07 71.55
C UNK M 124 43.91 -21.08 71.97
N UNK M 125 43.49 -19.86 72.29
CA UNK M 125 44.37 -18.83 72.81
C UNK M 125 44.92 -19.25 74.18
N UNK M 126 44.01 -19.73 75.02
CA UNK M 126 44.37 -20.22 76.35
C UNK M 126 45.32 -21.41 76.27
N UNK M 127 45.03 -22.32 75.33
CA UNK M 127 45.86 -23.49 75.11
C UNK M 127 47.24 -23.13 74.57
N UNK M 128 47.29 -22.05 73.79
CA UNK M 128 48.55 -21.54 73.27
C UNK M 128 49.42 -21.01 74.40
N UNK M 129 48.79 -20.25 75.30
CA UNK M 129 49.48 -19.68 76.46
C UNK M 129 50.00 -20.78 77.39
N UNK M 130 49.15 -21.77 77.64
CA UNK M 130 49.49 -22.88 78.52
C UNK M 130 50.60 -23.75 77.95
N UNK M 131 50.51 -24.00 76.64
CA UNK M 131 51.50 -24.84 75.96
C UNK M 131 52.85 -24.15 75.87
N UNK M 132 52.82 -22.84 75.64
CA UNK M 132 54.04 -22.04 75.60
C UNK M 132 54.69 -21.98 76.98
N UNK M 133 53.84 -21.91 78.00
CA UNK M 133 54.31 -21.90 79.38
C UNK M 133 54.91 -23.25 79.78
N UNK M 134 54.38 -24.32 79.20
CA UNK M 134 54.77 -25.67 79.57
C UNK M 134 56.12 -26.10 78.99
N UNK M 135 56.60 -25.37 77.97
CA UNK M 135 57.86 -25.72 77.33
C UNK M 135 59.04 -25.32 78.19
N UNK N 1 -87.58 46.94 -33.37
CA UNK N 1 -87.39 46.13 -32.17
C UNK N 1 -86.11 45.30 -32.27
N UNK N 2 -85.62 45.11 -33.49
CA UNK N 2 -84.43 44.30 -33.73
C UNK N 2 -83.14 45.05 -33.41
N UNK N 3 -83.18 46.38 -33.57
CA UNK N 3 -82.01 47.22 -33.35
C UNK N 3 -81.65 47.30 -31.87
N UNK N 4 -82.68 47.43 -31.02
CA UNK N 4 -82.50 47.48 -29.57
C UNK N 4 -82.02 46.14 -29.04
N UNK N 5 -82.48 45.07 -29.68
CA UNK N 5 -82.04 43.71 -29.33
C UNK N 5 -80.60 43.50 -29.74
N UNK N 6 -80.21 44.12 -30.86
CA UNK N 6 -78.82 44.03 -31.35
C UNK N 6 -77.85 44.78 -30.43
N UNK N 7 -78.25 45.99 -30.02
CA UNK N 7 -77.42 46.78 -29.13
C UNK N 7 -77.33 46.18 -27.73
N UNK N 8 -78.46 45.69 -27.22
CA UNK N 8 -78.52 45.06 -25.90
C UNK N 8 -77.73 43.76 -25.87
N UNK N 9 -77.82 43.01 -26.96
CA UNK N 9 -77.06 41.77 -27.11
C UNK N 9 -75.56 42.08 -27.25
N UNK N 10 -75.26 43.24 -27.82
CA UNK N 10 -73.87 43.68 -27.97
C UNK N 10 -73.25 44.02 -26.62
N UNK N 11 -73.96 44.82 -25.83
CA UNK N 11 -73.49 45.23 -24.52
C UNK N 11 -73.42 44.03 -23.56
N UNK N 12 -74.40 43.14 -23.67
CA UNK N 12 -74.42 41.92 -22.87
C UNK N 12 -73.30 40.98 -23.28
N UNK N 13 -72.95 41.03 -24.57
CA UNK N 13 -71.86 40.22 -25.11
C UNK N 13 -70.52 40.69 -24.56
N UNK N 14 -70.32 42.00 -24.55
CA UNK N 14 -69.11 42.60 -24.00
C UNK N 14 -68.97 42.35 -22.50
N UNK N 15 -70.09 42.45 -21.79
CA UNK N 15 -70.13 42.18 -20.36
C UNK N 15 -69.83 40.70 -20.07
N UNK N 16 -70.29 39.84 -20.98
CA UNK N 16 -70.05 38.40 -20.90
C UNK N 16 -68.57 38.09 -21.08
N UNK N 17 -67.94 38.78 -22.04
CA UNK N 17 -66.52 38.58 -22.32
C UNK N 17 -65.63 39.03 -21.16
N UNK N 18 -65.92 40.23 -20.65
CA UNK N 18 -65.17 40.78 -19.51
C UNK N 18 -65.34 39.91 -18.25
N UNK N 19 -66.56 39.43 -18.06
CA UNK N 19 -66.88 38.52 -16.96
C UNK N 19 -66.12 37.21 -17.11
N UNK N 20 -65.96 36.76 -18.36
CA UNK N 20 -65.25 35.53 -18.66
C UNK N 20 -63.77 35.65 -18.33
N UNK N 21 -63.19 36.79 -18.68
CA UNK N 21 -61.78 37.09 -18.38
C UNK N 21 -61.56 37.14 -16.86
N UNK N 22 -62.53 37.73 -16.17
CA UNK N 22 -62.51 37.80 -14.71
C UNK N 22 -62.52 36.41 -14.07
N UNK N 23 -63.39 35.54 -14.59
CA UNK N 23 -63.51 34.17 -14.11
C UNK N 23 -62.24 33.36 -14.35
N UNK N 24 -61.65 33.53 -15.53
CA UNK N 24 -60.41 32.83 -15.89
C UNK N 24 -59.24 33.25 -15.00
N UNK N 25 -59.15 34.56 -14.73
CA UNK N 25 -58.11 35.08 -13.85
C UNK N 25 -58.27 34.56 -12.42
N UNK N 26 -59.52 34.50 -11.98
CA UNK N 26 -59.87 33.95 -10.67
C UNK N 26 -59.44 32.49 -10.52
N UNK N 27 -59.77 31.68 -11.53
CA UNK N 27 -59.44 30.26 -11.52
C UNK N 27 -57.94 30.01 -11.57
N UNK N 28 -57.23 30.78 -12.39
CA UNK N 28 -55.78 30.64 -12.54
C UNK N 28 -55.05 30.99 -11.25
N UNK N 29 -55.47 32.10 -10.63
CA UNK N 29 -54.89 32.51 -9.36
C UNK N 29 -55.19 31.49 -8.24
N UNK N 30 -56.41 30.97 -8.25
CA UNK N 30 -56.86 29.97 -7.27
C UNK N 30 -56.06 28.67 -7.34
N UNK N 31 -55.88 28.16 -8.56
CA UNK N 31 -55.13 26.93 -8.79
C UNK N 31 -53.65 27.14 -8.48
N UNK N 32 -53.16 28.36 -8.72
CA UNK N 32 -51.78 28.70 -8.35
C UNK N 32 -51.58 28.61 -6.84
N UNK N 33 -52.55 29.15 -6.12
CA UNK N 33 -52.53 29.13 -4.66
C UNK N 33 -52.67 27.71 -4.10
N UNK N 34 -53.46 26.89 -4.78
CA UNK N 34 -53.67 25.50 -4.35
C UNK N 34 -52.42 24.66 -4.59
N UNK N 35 -51.74 24.91 -5.71
CA UNK N 35 -50.50 24.21 -6.02
C UNK N 35 -49.40 24.57 -5.02
N UNK N 36 -49.21 25.88 -4.80
CA UNK N 36 -48.19 26.37 -3.86
C UNK N 36 -48.50 25.94 -2.43
N UNK N 37 -49.79 25.86 -2.12
CA UNK N 37 -50.25 25.41 -0.80
C UNK N 37 -49.96 23.92 -0.61
N UNK N 38 -50.10 23.15 -1.69
CA UNK N 38 -49.84 21.73 -1.66
C UNK N 38 -48.34 21.47 -1.47
N UNK N 39 -47.53 22.28 -2.14
CA UNK N 39 -46.08 22.19 -1.99
C UNK N 39 -45.65 22.57 -0.57
N UNK N 40 -46.31 23.59 -0.02
CA UNK N 40 -46.04 24.06 1.33
C UNK N 40 -46.39 23.00 2.37
N UNK N 41 -47.52 22.33 2.17
CA UNK N 41 -47.95 21.26 3.07
C UNK N 41 -47.01 20.07 2.94
N UNK N 42 -46.49 19.86 1.73
CA UNK N 42 -45.53 18.79 1.47
C UNK N 42 -44.21 19.02 2.21
N UNK N 43 -43.75 20.26 2.19
CA UNK N 43 -42.50 20.61 2.87
C UNK N 43 -42.68 20.63 4.39
N UNK N 44 -43.88 21.01 4.83
CA UNK N 44 -44.20 21.05 6.25
C UNK N 44 -44.25 19.64 6.85
N UNK N 45 -44.97 18.75 6.17
CA UNK N 45 -45.06 17.35 6.58
C UNK N 45 -43.71 16.64 6.39
N UNK N 46 -42.91 17.15 5.46
CA UNK N 46 -41.55 16.67 5.26
C UNK N 46 -40.65 17.02 6.44
N UNK N 47 -40.77 18.25 6.94
CA UNK N 47 -39.89 18.73 7.99
C UNK N 47 -40.37 18.33 9.40
N UNK N 48 -41.63 17.89 9.50
CA UNK N 48 -42.21 17.48 10.79
C UNK N 48 -41.50 16.27 11.41
N UNK N 49 -41.22 15.27 10.57
CA UNK N 49 -40.52 14.07 11.00
C UNK N 49 -39.05 14.36 11.26
N UNK N 50 -38.53 15.39 10.61
CA UNK N 50 -37.18 15.86 10.86
C UNK N 50 -37.09 16.49 12.24
N UNK N 51 -38.14 17.24 12.60
CA UNK N 51 -38.23 17.87 13.91
C UNK N 51 -38.35 16.83 15.03
N UNK N 52 -39.23 15.85 14.81
CA UNK N 52 -39.43 14.76 15.79
C UNK N 52 -38.19 13.89 15.94
N UNK N 53 -37.54 13.57 14.81
CA UNK N 53 -36.34 12.76 14.79
C UNK N 53 -35.17 13.48 15.45
N UNK N 54 -35.11 14.79 15.24
CA UNK N 54 -34.09 15.63 15.87
C UNK N 54 -34.30 15.68 17.38
N UNK N 55 -35.56 15.71 17.79
CA UNK N 55 -35.91 15.68 19.21
C UNK N 55 -35.50 14.35 19.86
N UNK N 56 -35.74 13.27 19.13
CA UNK N 56 -35.41 11.92 19.62
C UNK N 56 -33.90 11.71 19.71
N UNK N 57 -33.17 12.25 18.74
CA UNK N 57 -31.71 12.20 18.76
C UNK N 57 -31.17 13.04 19.92
N UNK N 58 -31.83 14.16 20.21
CA UNK N 58 -31.44 15.03 21.32
C UNK N 58 -31.60 14.36 22.68
N UNK N 59 -32.78 13.78 22.91
CA UNK N 59 -33.07 13.09 24.16
C UNK N 59 -32.20 11.85 24.33
N UNK N 60 -31.97 11.15 23.22
CA UNK N 60 -31.11 9.97 23.20
C UNK N 60 -29.67 10.33 23.56
N UNK N 61 -29.21 11.47 23.05
CA UNK N 61 -27.88 11.98 23.35
C UNK N 61 -27.75 12.38 24.82
N UNK N 62 -28.84 12.94 25.36
CA UNK N 62 -28.88 13.31 26.78
C UNK N 62 -28.76 12.08 27.67
N UNK N 63 -29.45 11.00 27.28
CA UNK N 63 -29.35 9.73 28.01
C UNK N 63 -27.93 9.12 27.92
N UNK N 64 -27.36 9.21 26.72
CA UNK N 64 -26.02 8.70 26.45
C UNK N 64 -24.95 9.42 27.25
N UNK N 65 -25.14 10.72 27.47
CA UNK N 65 -24.23 11.48 28.33
C UNK N 65 -24.46 11.08 29.78
N UNK N 66 -25.75 10.90 30.12
CA UNK N 66 -26.18 10.59 31.48
C UNK N 66 -25.69 9.23 31.98
N UNK N 67 -25.34 8.32 31.08
CA UNK N 67 -24.69 7.08 31.50
C UNK N 67 -23.18 7.27 31.73
N UNK N 68 -22.56 8.03 30.84
CA UNK N 68 -21.10 8.18 30.82
C UNK N 68 -20.56 8.98 32.00
N UNK N 69 -21.34 9.97 32.44
CA UNK N 69 -20.97 10.76 33.61
C UNK N 69 -20.93 9.87 34.87
N UNK N 70 -21.89 8.96 34.94
CA UNK N 70 -21.97 7.99 36.04
C UNK N 70 -20.83 6.99 35.96
N UNK N 71 -20.45 6.61 34.75
CA UNK N 71 -19.33 5.67 34.55
C UNK N 71 -17.99 6.27 35.00
N UNK N 72 -17.74 7.52 34.63
CA UNK N 72 -16.52 8.22 35.04
C UNK N 72 -16.53 8.45 36.56
N UNK N 73 -17.74 8.72 37.07
CA UNK N 73 -17.96 8.87 38.51
C UNK N 73 -17.80 7.53 39.26
N UNK N 74 -17.84 6.41 38.52
CA UNK N 74 -17.55 5.11 39.09
C UNK N 74 -16.07 4.75 39.01
N UNK N 75 -15.37 5.25 37.98
CA UNK N 75 -13.93 5.03 37.86
C UNK N 75 -13.13 5.84 38.89
N UNK N 76 -13.71 6.99 39.23
CA UNK N 76 -13.14 7.91 40.21
C UNK N 76 -12.97 7.27 41.59
N UNK N 77 -13.84 6.32 41.91
CA UNK N 77 -13.68 5.53 43.13
C UNK N 77 -12.54 4.51 42.95
N UNK N 78 -12.40 4.00 41.73
CA UNK N 78 -11.49 2.90 41.46
C UNK N 78 -10.02 3.31 41.42
N UNK N 79 -9.74 4.60 41.26
CA UNK N 79 -8.34 5.05 41.20
C UNK N 79 -7.55 5.02 42.54
N UNK N 80 -8.16 5.61 43.56
CA UNK N 80 -7.46 5.94 44.80
C UNK N 80 -7.06 4.74 45.68
N UNK N 81 -7.78 3.63 45.54
CA UNK N 81 -7.52 2.43 46.33
C UNK N 81 -6.17 1.83 45.93
N UNK N 82 -5.98 1.70 44.63
CA UNK N 82 -4.72 1.22 44.07
C UNK N 82 -3.63 2.25 44.33
N UNK N 83 -3.99 3.53 44.29
CA UNK N 83 -3.04 4.61 44.60
C UNK N 83 -2.42 4.50 46.00
N UNK N 84 -3.29 4.41 47.01
CA UNK N 84 -2.84 4.29 48.39
C UNK N 84 -2.20 2.92 48.66
N UNK N 85 -2.64 1.90 47.95
CA UNK N 85 -2.08 0.56 48.08
C UNK N 85 -0.61 0.50 47.66
N UNK N 86 -0.34 1.00 46.46
CA UNK N 86 1.04 1.11 45.96
C UNK N 86 1.84 2.08 46.81
N UNK N 87 1.17 3.11 47.32
CA UNK N 87 1.77 4.09 48.20
C UNK N 87 2.22 3.48 49.54
N UNK N 88 1.57 2.40 49.95
CA UNK N 88 1.97 1.71 51.18
C UNK N 88 3.06 0.69 50.92
N UNK N 89 2.88 -0.09 49.85
CA UNK N 89 3.84 -1.15 49.51
C UNK N 89 5.20 -0.61 49.11
N UNK N 90 5.23 0.62 48.59
CA UNK N 90 6.48 1.30 48.29
C UNK N 90 7.24 1.64 49.57
N UNK N 91 6.48 1.99 50.61
CA UNK N 91 7.07 2.36 51.90
C UNK N 91 7.65 1.14 52.60
N UNK N 92 6.87 0.06 52.62
CA UNK N 92 7.35 -1.19 53.23
C UNK N 92 8.49 -1.79 52.41
N UNK N 93 8.48 -1.53 51.11
CA UNK N 93 9.55 -1.96 50.23
C UNK N 93 10.84 -1.20 50.53
N UNK N 94 10.70 0.10 50.83
CA UNK N 94 11.84 0.94 51.17
C UNK N 94 12.45 0.54 52.50
N UNK N 95 11.59 0.31 53.50
CA UNK N 95 12.04 -0.09 54.83
C UNK N 95 12.68 -1.48 54.84
N UNK N 96 12.05 -2.41 54.11
CA UNK N 96 12.56 -3.77 53.99
C UNK N 96 13.86 -3.80 53.20
N UNK N 97 13.99 -2.87 52.26
CA UNK N 97 15.21 -2.70 51.48
C UNK N 97 16.35 -2.21 52.38
N UNK N 98 16.02 -1.24 53.25
CA UNK N 98 17.00 -0.68 54.18
C UNK N 98 17.49 -1.73 55.19
N UNK N 99 16.54 -2.47 55.76
CA UNK N 99 16.86 -3.50 56.73
C UNK N 99 17.60 -4.66 56.08
N UNK N 100 17.29 -4.91 54.82
CA UNK N 100 18.00 -5.93 54.04
C UNK N 100 19.44 -5.52 53.81
N UNK N 101 19.64 -4.21 53.57
CA UNK N 101 20.97 -3.66 53.37
C UNK N 101 21.82 -3.74 54.64
N UNK N 102 21.23 -3.33 55.77
CA UNK N 102 21.92 -3.36 57.05
C UNK N 102 22.25 -4.78 57.49
N UNK N 103 21.29 -5.68 57.27
CA UNK N 103 21.47 -7.10 57.58
C UNK N 103 22.56 -7.72 56.71
N UNK N 104 22.64 -7.24 55.47
CA UNK N 104 23.69 -7.67 54.54
C UNK N 104 25.06 -7.22 55.03
N UNK N 105 25.13 -5.97 55.49
CA UNK N 105 26.38 -5.40 55.97
C UNK N 105 26.89 -6.11 57.22
N UNK N 106 26.00 -6.31 58.17
CA UNK N 106 26.35 -7.01 59.42
C UNK N 106 26.69 -8.47 59.16
N UNK N 107 26.01 -9.07 58.19
CA UNK N 107 26.26 -10.46 57.80
C UNK N 107 27.64 -10.62 57.20
N UNK N 108 28.00 -9.67 56.33
CA UNK N 108 29.32 -9.68 55.70
C UNK N 108 30.42 -9.43 56.73
N UNK N 109 30.10 -8.59 57.71
CA UNK N 109 31.01 -8.32 58.82
C UNK N 109 31.27 -9.57 59.64
N UNK N 110 30.21 -10.32 59.90
CA UNK N 110 30.29 -11.55 60.68
C UNK N 110 31.02 -12.64 59.91
N UNK N 111 30.86 -12.64 58.59
CA UNK N 111 31.55 -13.61 57.74
C UNK N 111 33.04 -13.33 57.71
N UNK N 112 33.39 -12.04 57.66
CA UNK N 112 34.78 -11.61 57.70
C UNK N 112 35.44 -11.98 59.02
N UNK N 113 34.70 -11.72 60.11
CA UNK N 113 35.17 -12.03 61.46
C UNK N 113 35.37 -13.53 61.67
N UNK N 114 34.43 -14.32 61.16
CA UNK N 114 34.48 -15.77 61.30
C UNK N 114 35.60 -16.36 60.46
N UNK N 115 35.88 -15.72 59.32
CA UNK N 115 37.00 -16.12 58.48
C UNK N 115 38.32 -15.84 59.21
N UNK N 116 38.36 -14.70 59.90
CA UNK N 116 39.52 -14.33 60.71
C UNK N 116 39.74 -15.30 61.87
N UNK N 117 38.63 -15.76 62.46
CA UNK N 117 38.67 -16.73 63.55
C UNK N 117 39.12 -18.09 63.03
N UNK N 118 38.77 -18.38 61.77
CA UNK N 118 39.21 -19.61 61.12
C UNK N 118 40.72 -19.59 60.91
N UNK N 119 41.23 -18.44 60.47
CA UNK N 119 42.66 -18.27 60.23
C UNK N 119 43.49 -18.34 61.52
N UNK N 120 43.05 -17.59 62.54
CA UNK N 120 43.72 -17.55 63.83
C UNK N 120 43.64 -18.91 64.55
N UNK N 121 42.52 -19.60 64.36
CA UNK N 121 42.34 -20.93 64.89
C UNK N 121 43.29 -21.91 64.21
N UNK N 122 43.50 -21.72 62.90
CA UNK N 122 44.40 -22.56 62.12
C UNK N 122 45.85 -22.40 62.58
N UNK N 123 46.28 -21.16 62.70
CA UNK N 123 47.64 -20.85 63.17
C UNK N 123 47.86 -21.32 64.62
N UNK N 124 46.80 -21.23 65.42
CA UNK N 124 46.83 -21.70 66.79
C UNK N 124 46.98 -23.23 66.85
N UNK N 125 46.36 -23.92 65.89
CA UNK N 125 46.48 -25.36 65.78
C UNK N 125 47.91 -25.76 65.40
N UNK N 126 48.47 -25.00 64.46
CA UNK N 126 49.84 -25.22 63.99
C UNK N 126 50.88 -25.03 65.09
N UNK N 127 50.77 -23.91 65.81
CA UNK N 127 51.66 -23.61 66.92
C UNK N 127 51.45 -24.56 68.09
N UNK N 128 50.23 -25.07 68.23
CA UNK N 128 49.90 -26.07 69.23
C UNK N 128 50.66 -27.37 68.95
N UNK N 129 50.67 -27.79 67.68
CA UNK N 129 51.40 -28.98 67.29
C UNK N 129 52.92 -28.79 67.44
N UNK N 130 53.40 -27.64 66.99
CA UNK N 130 54.83 -27.31 67.03
C UNK N 130 55.37 -27.23 68.44
N UNK N 131 54.56 -26.69 69.36
CA UNK N 131 54.94 -26.63 70.76
C UNK N 131 54.79 -28.00 71.40
N UNK N 132 53.87 -28.80 70.86
CA UNK N 132 53.61 -30.13 71.38
C UNK N 132 54.76 -31.10 71.04
N UNK N 133 55.50 -30.80 69.98
CA UNK N 133 56.60 -31.67 69.56
C UNK N 133 57.84 -31.59 70.47
N UNK N 134 58.17 -30.38 70.92
CA UNK N 134 59.44 -30.16 71.63
C UNK N 134 59.33 -30.40 73.14
N UNK N 135 58.10 -30.49 73.64
CA UNK N 135 57.89 -30.67 75.07
C UNK N 135 58.20 -32.09 75.51
N UNK O 1 -94.46 -16.54 -79.59
CA UNK O 1 -93.81 -17.16 -78.44
C UNK O 1 -92.70 -18.10 -78.88
N UNK O 2 -92.85 -18.67 -80.07
CA UNK O 2 -91.85 -19.59 -80.61
C UNK O 2 -90.63 -18.81 -81.11
N UNK O 3 -90.85 -17.56 -81.48
CA UNK O 3 -89.79 -16.71 -81.99
C UNK O 3 -88.85 -16.29 -80.86
N UNK O 4 -89.42 -16.06 -79.68
CA UNK O 4 -88.64 -15.67 -78.51
C UNK O 4 -87.82 -16.84 -77.99
N UNK O 5 -88.43 -18.03 -78.05
CA UNK O 5 -87.75 -19.25 -77.63
C UNK O 5 -86.67 -19.64 -78.63
N UNK O 6 -86.91 -19.33 -79.90
CA UNK O 6 -85.95 -19.64 -80.95
C UNK O 6 -84.76 -18.68 -80.91
N UNK O 7 -85.03 -17.41 -80.66
CA UNK O 7 -83.97 -16.40 -80.55
C UNK O 7 -83.16 -16.61 -79.27
N UNK O 8 -83.84 -17.01 -78.21
CA UNK O 8 -83.20 -17.33 -76.94
C UNK O 8 -82.38 -18.61 -77.07
N UNK O 9 -82.86 -19.51 -77.94
CA UNK O 9 -82.15 -20.74 -78.23
C UNK O 9 -80.89 -20.47 -79.04
N UNK O 10 -80.99 -19.51 -79.96
CA UNK O 10 -79.86 -19.13 -80.82
C UNK O 10 -78.77 -18.42 -80.02
N UNK O 11 -79.18 -17.43 -79.23
CA UNK O 11 -78.24 -16.68 -78.40
C UNK O 11 -77.67 -17.56 -77.29
N UNK O 12 -78.47 -18.52 -76.84
CA UNK O 12 -78.03 -19.49 -75.85
C UNK O 12 -76.97 -20.42 -76.46
N UNK O 13 -77.16 -20.81 -77.71
CA UNK O 13 -76.24 -21.72 -78.40
C UNK O 13 -74.91 -21.05 -78.71
N UNK O 14 -74.98 -19.84 -79.28
CA UNK O 14 -73.77 -19.08 -79.60
C UNK O 14 -73.04 -18.66 -78.33
N UNK O 15 -73.81 -18.38 -77.28
CA UNK O 15 -73.25 -18.05 -75.98
C UNK O 15 -72.53 -19.25 -75.39
N UNK O 16 -73.11 -20.44 -75.60
CA UNK O 16 -72.55 -21.68 -75.09
C UNK O 16 -71.25 -22.02 -75.81
N UNK O 17 -71.22 -21.74 -77.12
CA UNK O 17 -70.00 -21.92 -77.90
C UNK O 17 -68.92 -20.93 -77.45
N UNK O 18 -69.36 -19.73 -77.08
CA UNK O 18 -68.45 -18.70 -76.57
C UNK O 18 -67.84 -19.09 -75.23
N UNK O 19 -68.65 -19.71 -74.37
CA UNK O 19 -68.22 -20.10 -73.03
C UNK O 19 -67.35 -21.36 -73.04
N UNK O 20 -67.67 -22.29 -73.93
CA UNK O 20 -66.85 -23.50 -74.08
C UNK O 20 -65.52 -23.17 -74.75
N UNK O 21 -65.57 -22.31 -75.76
CA UNK O 21 -64.37 -21.88 -76.48
C UNK O 21 -63.47 -21.06 -75.58
N UNK O 22 -64.10 -20.22 -74.76
CA UNK O 22 -63.40 -19.40 -73.78
C UNK O 22 -62.80 -20.28 -72.70
N UNK O 23 -63.47 -21.38 -72.39
CA UNK O 23 -63.01 -22.35 -71.40
C UNK O 23 -61.74 -23.05 -71.87
N UNK O 24 -61.78 -23.55 -73.11
CA UNK O 24 -60.63 -24.23 -73.69
C UNK O 24 -59.46 -23.27 -73.88
N UNK O 25 -59.77 -22.01 -74.20
CA UNK O 25 -58.75 -20.97 -74.35
C UNK O 25 -58.07 -20.69 -73.01
N UNK O 26 -58.87 -20.56 -71.96
CA UNK O 26 -58.39 -20.25 -70.63
C UNK O 26 -57.53 -21.38 -70.06
N UNK O 27 -57.96 -22.61 -70.25
CA UNK O 27 -57.20 -23.77 -69.81
C UNK O 27 -55.89 -23.89 -70.62
N UNK O 28 -55.99 -23.54 -71.89
CA UNK O 28 -54.86 -23.54 -72.80
C UNK O 28 -53.80 -22.51 -72.38
N UNK O 29 -54.24 -21.41 -71.77
CA UNK O 29 -53.30 -20.45 -71.20
C UNK O 29 -52.75 -20.97 -69.88
N UNK O 30 -53.61 -21.66 -69.12
CA UNK O 30 -53.28 -22.15 -67.78
C UNK O 30 -52.15 -23.16 -67.77
N UNK O 31 -52.19 -24.11 -68.70
CA UNK O 31 -51.13 -25.11 -68.81
C UNK O 31 -49.79 -24.46 -69.20
N UNK O 32 -49.87 -23.53 -70.15
CA UNK O 32 -48.71 -22.83 -70.69
C UNK O 32 -48.03 -21.96 -69.64
N UNK O 33 -48.79 -21.43 -68.70
CA UNK O 33 -48.20 -20.71 -67.59
C UNK O 33 -47.62 -21.66 -66.56
N UNK O 34 -48.36 -22.73 -66.26
CA UNK O 34 -47.99 -23.68 -65.21
C UNK O 34 -46.69 -24.43 -65.47
N UNK O 35 -46.42 -24.74 -66.74
CA UNK O 35 -45.17 -25.39 -67.11
C UNK O 35 -43.94 -24.49 -66.86
N UNK O 36 -44.07 -23.22 -67.23
CA UNK O 36 -43.00 -22.24 -67.06
C UNK O 36 -42.75 -21.97 -65.57
N UNK O 37 -43.84 -21.93 -64.82
CA UNK O 37 -43.74 -21.76 -63.36
C UNK O 37 -43.06 -22.98 -62.72
N UNK O 38 -43.28 -24.16 -63.30
CA UNK O 38 -42.59 -25.36 -62.84
C UNK O 38 -41.09 -25.29 -63.13
N UNK O 39 -40.75 -24.85 -64.34
CA UNK O 39 -39.35 -24.76 -64.77
C UNK O 39 -38.55 -23.77 -63.93
N UNK O 40 -39.09 -22.57 -63.76
CA UNK O 40 -38.45 -21.55 -62.93
C UNK O 40 -38.45 -21.97 -61.47
N UNK O 41 -39.48 -22.74 -61.08
CA UNK O 41 -39.60 -23.27 -59.72
C UNK O 41 -38.47 -24.25 -59.43
N UNK O 42 -37.99 -24.95 -60.45
CA UNK O 42 -36.81 -25.80 -60.28
C UNK O 42 -35.51 -24.98 -60.29
N UNK O 43 -35.39 -24.12 -61.30
CA UNK O 43 -34.14 -23.41 -61.58
C UNK O 43 -33.74 -22.41 -60.50
N UNK O 44 -34.72 -21.79 -59.84
CA UNK O 44 -34.45 -20.85 -58.77
C UNK O 44 -33.88 -21.55 -57.54
N UNK O 45 -34.42 -22.73 -57.25
CA UNK O 45 -33.97 -23.53 -56.13
C UNK O 45 -32.57 -24.06 -56.38
N UNK O 46 -32.30 -24.46 -57.62
CA UNK O 46 -30.97 -24.92 -58.00
C UNK O 46 -29.92 -23.80 -57.94
N UNK O 47 -30.29 -22.62 -58.43
CA UNK O 47 -29.40 -21.46 -58.45
C UNK O 47 -29.09 -20.98 -57.03
N UNK O 48 -30.10 -21.03 -56.17
CA UNK O 48 -29.90 -20.68 -54.77
C UNK O 48 -29.09 -21.75 -54.06
N UNK O 49 -29.20 -22.99 -54.55
CA UNK O 49 -28.45 -24.11 -54.01
C UNK O 49 -26.96 -23.94 -54.34
N UNK O 50 -26.67 -23.29 -55.47
CA UNK O 50 -25.29 -22.92 -55.75
C UNK O 50 -24.89 -21.69 -54.92
N UNK O 51 -25.86 -20.83 -54.65
CA UNK O 51 -25.62 -19.58 -53.94
C UNK O 51 -25.22 -19.78 -52.47
N UNK O 52 -25.81 -20.78 -51.82
CA UNK O 52 -25.49 -21.10 -50.44
C UNK O 52 -24.05 -21.58 -50.33
N UNK O 53 -23.63 -22.36 -51.32
CA UNK O 53 -22.26 -22.86 -51.39
C UNK O 53 -21.29 -21.72 -51.71
N UNK O 54 -21.79 -20.72 -52.44
CA UNK O 54 -20.99 -19.53 -52.74
C UNK O 54 -20.74 -18.72 -51.46
N UNK O 55 -21.79 -18.57 -50.66
CA UNK O 55 -21.71 -17.84 -49.40
C UNK O 55 -20.82 -18.57 -48.39
N UNK O 56 -20.94 -19.89 -48.34
CA UNK O 56 -20.12 -20.70 -47.46
C UNK O 56 -18.66 -20.69 -47.91
N UNK O 57 -18.47 -20.58 -49.22
CA UNK O 57 -17.13 -20.48 -49.81
C UNK O 57 -16.46 -19.17 -49.40
N UNK O 58 -17.23 -18.08 -49.48
CA UNK O 58 -16.73 -16.76 -49.08
C UNK O 58 -16.46 -16.70 -47.58
N UNK O 59 -17.28 -17.41 -46.80
CA UNK O 59 -17.14 -17.46 -45.35
C UNK O 59 -15.88 -18.23 -44.96
N UNK O 60 -15.64 -19.33 -45.66
CA UNK O 60 -14.44 -20.15 -45.44
C UNK O 60 -13.19 -19.37 -45.82
N UNK O 61 -13.28 -18.63 -46.92
CA UNK O 61 -12.18 -17.79 -47.38
C UNK O 61 -11.91 -16.65 -46.41
N UNK O 62 -12.97 -16.19 -45.75
CA UNK O 62 -12.85 -15.16 -44.72
C UNK O 62 -12.17 -15.71 -43.47
N UNK O 63 -12.48 -16.96 -43.15
CA UNK O 63 -11.88 -17.64 -42.00
C UNK O 63 -10.38 -17.85 -42.20
N UNK O 64 -10.04 -18.41 -43.36
CA UNK O 64 -8.64 -18.66 -43.69
C UNK O 64 -7.84 -17.37 -43.86
N UNK O 65 -8.50 -16.35 -44.40
CA UNK O 65 -7.89 -15.04 -44.56
C UNK O 65 -7.63 -14.39 -43.19
N UNK O 66 -8.53 -14.65 -42.25
CA UNK O 66 -8.39 -14.16 -40.89
C UNK O 66 -7.25 -14.85 -40.17
N UNK O 67 -7.13 -16.16 -40.36
CA UNK O 67 -6.06 -16.94 -39.74
C UNK O 67 -4.69 -16.54 -40.28
N UNK O 68 -4.62 -16.38 -41.60
CA UNK O 68 -3.38 -15.96 -42.27
C UNK O 68 -3.01 -14.54 -41.87
N UNK O 69 -4.02 -13.70 -41.68
CA UNK O 69 -3.82 -12.33 -41.22
C UNK O 69 -3.27 -12.31 -39.79
N UNK O 70 -3.77 -13.21 -38.95
CA UNK O 70 -3.34 -13.29 -37.57
C UNK O 70 -1.90 -13.81 -37.47
N UNK O 71 -1.57 -14.75 -38.35
CA UNK O 71 -0.19 -15.25 -38.43
C UNK O 71 0.76 -14.15 -38.93
N UNK O 72 0.24 -13.32 -39.84
CA UNK O 72 0.98 -12.17 -40.34
C UNK O 72 1.21 -11.13 -39.24
N UNK O 73 0.22 -10.99 -38.36
CA UNK O 73 0.32 -10.07 -37.24
C UNK O 73 1.32 -10.58 -36.22
N UNK O 74 1.32 -11.89 -35.99
CA UNK O 74 2.26 -12.51 -35.06
C UNK O 74 3.70 -12.38 -35.56
N UNK O 75 3.88 -12.63 -36.86
CA UNK O 75 5.20 -12.50 -37.47
C UNK O 75 5.64 -11.04 -37.52
N UNK O 76 4.67 -10.14 -37.62
CA UNK O 76 4.93 -8.70 -37.59
C UNK O 76 5.44 -8.30 -36.21
N UNK O 77 4.84 -8.89 -35.18
CA UNK O 77 5.24 -8.65 -33.80
C UNK O 77 6.65 -9.19 -33.54
N UNK O 78 6.94 -10.36 -34.12
CA UNK O 78 8.26 -10.97 -34.02
C UNK O 78 9.32 -10.11 -34.71
N UNK O 79 8.93 -9.53 -35.84
CA UNK O 79 9.80 -8.63 -36.60
C UNK O 79 10.08 -7.36 -35.81
N UNK O 80 9.07 -6.89 -35.08
CA UNK O 80 9.21 -5.72 -34.23
C UNK O 80 10.19 -5.97 -33.09
N UNK O 81 10.00 -7.09 -32.40
CA UNK O 81 10.83 -7.48 -31.25
C UNK O 81 12.28 -7.72 -31.64
N UNK O 82 12.48 -8.49 -32.72
CA UNK O 82 13.83 -8.77 -33.21
C UNK O 82 14.51 -7.50 -33.76
N UNK O 83 13.69 -6.60 -34.31
CA UNK O 83 14.17 -5.33 -34.83
C UNK O 83 14.74 -4.44 -33.73
N UNK O 84 13.92 -4.19 -32.71
CA UNK O 84 14.31 -3.36 -31.57
C UNK O 84 15.48 -3.98 -30.83
N UNK O 85 15.44 -5.31 -30.73
CA UNK O 85 16.49 -6.09 -30.09
C UNK O 85 17.86 -5.93 -30.77
N UNK O 86 17.89 -6.16 -32.09
CA UNK O 86 19.14 -6.07 -32.85
C UNK O 86 19.69 -4.65 -32.91
N UNK O 87 18.78 -3.67 -32.97
CA UNK O 87 19.16 -2.26 -32.92
C UNK O 87 19.86 -1.93 -31.59
N UNK O 88 19.22 -2.32 -30.49
CA UNK O 88 19.74 -2.06 -29.15
C UNK O 88 21.07 -2.76 -28.87
N UNK O 89 21.15 -4.03 -29.23
CA UNK O 89 22.36 -4.83 -29.03
C UNK O 89 23.51 -4.34 -29.90
N UNK O 90 23.17 -3.87 -31.11
CA UNK O 90 24.17 -3.29 -32.01
C UNK O 90 24.76 -2.01 -31.42
N UNK O 91 23.89 -1.13 -30.94
CA UNK O 91 24.31 0.14 -30.33
C UNK O 91 25.16 -0.08 -29.08
N UNK O 92 24.71 -1.01 -28.23
CA UNK O 92 25.41 -1.34 -26.99
C UNK O 92 26.78 -1.97 -27.25
N UNK O 93 26.82 -2.87 -28.23
CA UNK O 93 28.06 -3.56 -28.59
C UNK O 93 29.07 -2.59 -29.18
N UNK O 94 28.60 -1.66 -30.00
CA UNK O 94 29.47 -0.62 -30.54
C UNK O 94 29.96 0.31 -29.44
N UNK O 95 29.12 0.54 -28.43
CA UNK O 95 29.49 1.38 -27.29
C UNK O 95 30.60 0.75 -26.44
N UNK O 96 30.42 -0.52 -26.08
CA UNK O 96 31.40 -1.23 -25.26
C UNK O 96 32.70 -1.47 -26.03
N UNK O 97 32.58 -1.71 -27.34
CA UNK O 97 33.73 -1.87 -28.20
C UNK O 97 34.48 -0.54 -28.32
N UNK O 98 33.74 0.56 -28.25
CA UNK O 98 34.37 1.89 -28.27
C UNK O 98 35.11 2.17 -26.97
N UNK O 99 34.52 1.80 -25.84
CA UNK O 99 35.15 2.01 -24.54
C UNK O 99 36.35 1.09 -24.29
N UNK O 100 36.33 -0.06 -24.96
CA UNK O 100 37.36 -1.09 -24.77
C UNK O 100 38.75 -0.63 -25.20
N UNK O 101 38.79 0.15 -26.28
CA UNK O 101 40.07 0.63 -26.83
C UNK O 101 40.72 1.65 -25.91
N UNK O 102 39.90 2.52 -25.33
CA UNK O 102 40.39 3.52 -24.39
C UNK O 102 40.81 2.82 -23.10
N UNK O 103 40.11 1.76 -22.74
CA UNK O 103 40.43 0.96 -21.56
C UNK O 103 41.78 0.28 -21.68
N UNK O 104 42.01 -0.33 -22.84
CA UNK O 104 43.28 -0.99 -23.12
C UNK O 104 44.40 0.04 -23.29
N UNK O 105 44.04 1.23 -23.78
CA UNK O 105 44.99 2.31 -23.98
C UNK O 105 45.53 2.83 -22.65
N UNK O 106 44.61 3.11 -21.73
CA UNK O 106 44.97 3.55 -20.38
C UNK O 106 45.65 2.42 -19.61
N UNK O 107 45.31 1.18 -19.96
CA UNK O 107 45.99 0.01 -19.40
C UNK O 107 47.45 -0.04 -19.81
N UNK O 108 47.71 0.25 -21.09
CA UNK O 108 49.08 0.25 -21.62
C UNK O 108 49.89 1.41 -21.07
N UNK O 109 49.27 2.58 -20.99
CA UNK O 109 49.93 3.77 -20.45
C UNK O 109 50.27 3.59 -18.98
N UNK O 110 49.36 2.97 -18.25
CA UNK O 110 49.57 2.64 -16.85
C UNK O 110 50.64 1.57 -16.70
N UNK O 111 50.74 0.67 -17.69
CA UNK O 111 51.73 -0.39 -17.67
C UNK O 111 53.15 0.16 -17.85
N UNK O 112 53.31 1.04 -18.84
CA UNK O 112 54.60 1.66 -19.11
C UNK O 112 55.00 2.61 -17.98
N UNK O 113 54.00 3.25 -17.38
CA UNK O 113 54.22 4.11 -16.21
C UNK O 113 54.68 3.26 -15.03
N UNK O 114 54.12 2.06 -14.94
CA UNK O 114 54.44 1.13 -13.86
C UNK O 114 55.86 0.60 -14.01
N UNK O 115 56.27 0.32 -15.25
CA UNK O 115 57.61 -0.17 -15.50
C UNK O 115 58.64 0.94 -15.29
N UNK O 116 58.24 2.18 -15.61
CA UNK O 116 59.09 3.34 -15.40
C UNK O 116 59.33 3.58 -13.91
N UNK O 117 58.26 3.46 -13.14
CA UNK O 117 58.34 3.59 -11.68
C UNK O 117 59.11 2.42 -11.06
N UNK O 118 59.07 1.27 -11.74
CA UNK O 118 59.81 0.10 -11.31
C UNK O 118 61.30 0.31 -11.50
N UNK O 119 61.65 0.90 -12.63
CA UNK O 119 63.04 1.22 -12.95
C UNK O 119 63.58 2.27 -11.99
N UNK O 120 62.75 3.27 -11.71
CA UNK O 120 63.10 4.31 -10.75
C UNK O 120 63.26 3.74 -9.34
N UNK O 121 62.46 2.73 -9.04
CA UNK O 121 62.50 2.07 -7.74
C UNK O 121 63.77 1.24 -7.61
N UNK O 122 64.19 0.58 -8.69
CA UNK O 122 65.41 -0.22 -8.68
C UNK O 122 66.64 0.68 -8.56
N UNK O 123 66.56 1.83 -9.23
CA UNK O 123 67.62 2.83 -9.18
C UNK O 123 67.75 3.42 -7.77
N UNK O 124 66.61 3.75 -7.17
CA UNK O 124 66.56 4.29 -5.81
C UNK O 124 67.00 3.26 -4.78
N UNK O 125 66.74 2.00 -5.10
CA UNK O 125 67.20 0.87 -4.29
C UNK O 125 68.72 0.80 -4.28
N UNK O 126 69.29 0.93 -5.49
CA UNK O 126 70.74 0.94 -5.67
C UNK O 126 71.39 2.10 -4.95
N UNK O 127 70.75 3.26 -5.04
CA UNK O 127 71.22 4.48 -4.38
C UNK O 127 71.15 4.36 -2.86
N UNK O 128 70.14 3.63 -2.39
CA UNK O 128 69.97 3.38 -0.96
C UNK O 128 71.10 2.51 -0.45
N UNK O 129 71.42 1.46 -1.21
CA UNK O 129 72.51 0.55 -0.85
C UNK O 129 73.87 1.25 -0.85
N UNK O 130 74.09 2.07 -1.88
CA UNK O 130 75.34 2.81 -2.03
C UNK O 130 75.51 3.86 -0.93
N UNK O 131 74.42 4.56 -0.62
CA UNK O 131 74.45 5.61 0.38
C UNK O 131 74.64 5.04 1.78
N UNK O 132 74.01 3.89 2.03
CA UNK O 132 74.15 3.19 3.31
C UNK O 132 75.57 2.67 3.46
N UNK O 133 76.16 2.22 2.35
CA UNK O 133 77.53 1.74 2.34
C UNK O 133 78.51 2.89 2.57
N UNK O 134 78.16 4.08 2.07
CA UNK O 134 79.07 5.23 2.12
C UNK O 134 79.17 5.87 3.50
N UNK O 135 78.23 5.57 4.39
CA UNK O 135 78.23 6.16 5.72
C UNK O 135 79.28 5.51 6.62
N UNK P 1 -94.50 -27.40 -82.16
CA UNK P 1 -93.12 -27.06 -82.50
C UNK P 1 -92.49 -26.21 -81.42
N UNK P 2 -93.31 -25.59 -80.58
CA UNK P 2 -92.83 -24.71 -79.53
C UNK P 2 -92.33 -25.49 -78.31
N UNK P 3 -92.91 -26.67 -78.09
CA UNK P 3 -92.55 -27.50 -76.94
C UNK P 3 -91.15 -28.09 -77.08
N UNK P 4 -90.83 -28.54 -78.29
CA UNK P 4 -89.51 -29.09 -78.60
C UNK P 4 -88.44 -28.00 -78.53
N UNK P 5 -88.82 -26.79 -78.92
CA UNK P 5 -87.94 -25.64 -78.84
C UNK P 5 -87.70 -25.24 -77.39
N UNK P 6 -88.73 -25.42 -76.56
CA UNK P 6 -88.64 -25.12 -75.13
C UNK P 6 -87.72 -26.11 -74.41
N UNK P 7 -87.89 -27.39 -74.72
CA UNK P 7 -87.06 -28.44 -74.12
C UNK P 7 -85.61 -28.36 -74.59
N UNK P 8 -85.41 -28.11 -75.89
CA UNK P 8 -84.08 -27.99 -76.47
C UNK P 8 -83.36 -26.76 -75.96
N UNK P 9 -84.10 -25.67 -75.79
CA UNK P 9 -83.56 -24.45 -75.22
C UNK P 9 -83.25 -24.63 -73.73
N UNK P 10 -84.00 -25.51 -73.08
CA UNK P 10 -83.78 -25.82 -71.67
C UNK P 10 -82.47 -26.60 -71.48
N UNK P 11 -82.30 -27.65 -72.29
CA UNK P 11 -81.09 -28.47 -72.22
C UNK P 11 -79.85 -27.69 -72.65
N UNK P 12 -80.02 -26.86 -73.67
CA UNK P 12 -78.94 -26.00 -74.14
C UNK P 12 -78.61 -24.93 -73.10
N UNK P 13 -79.62 -24.51 -72.35
CA UNK P 13 -79.45 -23.54 -71.28
C UNK P 13 -78.62 -24.13 -70.14
N UNK P 14 -78.96 -25.35 -69.75
CA UNK P 14 -78.23 -26.07 -68.70
C UNK P 14 -76.78 -26.35 -69.11
N UNK P 15 -76.60 -26.73 -70.37
CA UNK P 15 -75.27 -26.98 -70.92
C UNK P 15 -74.44 -25.69 -70.96
N UNK P 16 -75.13 -24.58 -71.23
CA UNK P 16 -74.51 -23.26 -71.26
C UNK P 16 -74.05 -22.85 -69.87
N UNK P 17 -74.87 -23.14 -68.87
CA UNK P 17 -74.54 -22.81 -67.48
C UNK P 17 -73.35 -23.62 -66.96
N UNK P 18 -73.39 -24.93 -67.21
CA UNK P 18 -72.29 -25.81 -66.79
C UNK P 18 -70.98 -25.45 -67.50
N UNK P 19 -71.10 -25.12 -68.79
CA UNK P 19 -69.96 -24.66 -69.58
C UNK P 19 -69.40 -23.35 -69.03
N UNK P 20 -70.29 -22.50 -68.54
CA UNK P 20 -69.90 -21.21 -67.96
C UNK P 20 -69.12 -21.40 -66.67
N UNK P 21 -69.59 -22.32 -65.84
CA UNK P 21 -68.89 -22.65 -64.59
C UNK P 21 -67.51 -23.23 -64.86
N UNK P 22 -67.44 -24.06 -65.90
CA UNK P 22 -66.18 -24.64 -66.36
C UNK P 22 -65.18 -23.55 -66.79
N UNK P 23 -65.67 -22.59 -67.56
CA UNK P 23 -64.86 -21.49 -68.05
C UNK P 23 -64.34 -20.60 -66.91
N UNK P 24 -65.22 -20.33 -65.94
CA UNK P 24 -64.87 -19.52 -64.78
C UNK P 24 -63.80 -20.17 -63.92
N UNK P 25 -63.95 -21.49 -63.72
CA UNK P 25 -62.97 -22.26 -62.96
C UNK P 25 -61.61 -22.29 -63.66
N UNK P 26 -61.65 -22.41 -64.98
CA UNK P 26 -60.46 -22.38 -65.82
C UNK P 26 -59.70 -21.05 -65.70
N UNK P 27 -60.45 -19.95 -65.79
CA UNK P 27 -59.87 -18.62 -65.72
C UNK P 27 -59.30 -18.31 -64.33
N UNK P 28 -60.00 -18.72 -63.28
CA UNK P 28 -59.55 -18.49 -61.91
C UNK P 28 -58.27 -19.25 -61.60
N UNK P 29 -58.23 -20.52 -62.01
CA UNK P 29 -57.04 -21.34 -61.84
C UNK P 29 -55.85 -20.78 -62.63
N UNK P 30 -56.13 -20.33 -63.85
CA UNK P 30 -55.12 -19.76 -64.75
C UNK P 30 -54.48 -18.49 -64.17
N UNK P 31 -55.33 -17.58 -63.69
CA UNK P 31 -54.86 -16.33 -63.11
C UNK P 31 -54.12 -16.58 -61.80
N UNK P 32 -54.53 -17.62 -61.07
CA UNK P 32 -53.83 -18.03 -59.86
C UNK P 32 -52.41 -18.46 -60.18
N UNK P 33 -52.29 -19.27 -61.23
CA UNK P 33 -51.00 -19.76 -61.70
C UNK P 33 -50.11 -18.63 -62.23
N UNK P 34 -50.72 -17.64 -62.88
CA UNK P 34 -49.99 -16.50 -63.42
C UNK P 34 -49.47 -15.59 -62.32
N UNK P 35 -50.28 -15.41 -61.27
CA UNK P 35 -49.90 -14.61 -60.12
C UNK P 35 -48.74 -15.27 -59.37
N UNK P 36 -48.89 -16.56 -59.07
CA UNK P 36 -47.86 -17.31 -58.36
C UNK P 36 -46.58 -17.43 -59.17
N UNK P 37 -46.74 -17.50 -60.49
CA UNK P 37 -45.61 -17.56 -61.41
C UNK P 37 -44.88 -16.23 -61.44
N UNK P 38 -45.63 -15.14 -61.34
CA UNK P 38 -45.04 -13.80 -61.33
C UNK P 38 -44.26 -13.58 -60.04
N UNK P 39 -44.80 -14.08 -58.93
CA UNK P 39 -44.12 -14.00 -57.64
C UNK P 39 -42.84 -14.84 -57.65
N UNK P 40 -42.93 -16.01 -58.29
CA UNK P 40 -41.80 -16.92 -58.41
C UNK P 40 -40.67 -16.30 -59.24
N UNK P 41 -41.05 -15.64 -60.33
CA UNK P 41 -40.08 -14.97 -61.19
C UNK P 41 -39.46 -13.78 -60.46
N UNK P 42 -40.27 -13.14 -59.61
CA UNK P 42 -39.81 -12.02 -58.81
C UNK P 42 -38.76 -12.45 -57.78
N UNK P 43 -39.00 -13.60 -57.14
CA UNK P 43 -38.07 -14.12 -56.15
C UNK P 43 -36.81 -14.67 -56.82
N UNK P 44 -36.97 -15.23 -58.02
CA UNK P 44 -35.84 -15.78 -58.78
C UNK P 44 -34.90 -14.68 -59.23
N UNK P 45 -35.47 -13.63 -59.82
CA UNK P 45 -34.71 -12.46 -60.26
C UNK P 45 -34.16 -11.70 -59.05
N UNK P 46 -34.85 -11.81 -57.92
CA UNK P 46 -34.38 -11.25 -56.66
C UNK P 46 -33.12 -11.97 -56.15
N UNK P 47 -33.12 -13.29 -56.23
CA UNK P 47 -32.03 -14.09 -55.70
C UNK P 47 -30.85 -14.23 -56.66
N UNK P 48 -31.07 -13.88 -57.94
CA UNK P 48 -30.02 -13.97 -58.96
C UNK P 48 -28.84 -13.04 -58.69
N UNK P 49 -29.15 -11.80 -58.32
CA UNK P 49 -28.15 -10.80 -57.98
C UNK P 49 -27.47 -11.12 -56.65
N UNK P 50 -28.18 -11.84 -55.80
CA UNK P 50 -27.63 -12.33 -54.54
C UNK P 50 -26.58 -13.40 -54.83
N UNK P 51 -26.89 -14.26 -55.80
CA UNK P 51 -25.97 -15.31 -56.22
C UNK P 51 -24.70 -14.73 -56.85
N UNK P 52 -24.90 -13.77 -57.76
CA UNK P 52 -23.77 -13.11 -58.43
C UNK P 52 -22.91 -12.29 -57.46
N UNK P 53 -23.58 -11.59 -56.55
CA UNK P 53 -22.89 -10.78 -55.54
C UNK P 53 -22.12 -11.66 -54.55
N UNK P 54 -22.70 -12.81 -54.23
CA UNK P 54 -22.05 -13.78 -53.36
C UNK P 54 -20.81 -14.36 -54.03
N UNK P 55 -20.91 -14.58 -55.35
CA UNK P 55 -19.79 -15.06 -56.13
C UNK P 55 -18.65 -14.03 -56.17
N UNK P 56 -19.03 -12.77 -56.34
CA UNK P 56 -18.06 -11.67 -56.39
C UNK P 56 -17.36 -11.45 -55.05
N UNK P 57 -18.12 -11.60 -53.97
CA UNK P 57 -17.56 -11.52 -52.63
C UNK P 57 -16.61 -12.69 -52.36
N UNK P 58 -16.95 -13.86 -52.90
CA UNK P 58 -16.12 -15.05 -52.77
C UNK P 58 -14.77 -14.90 -53.47
N UNK P 59 -14.81 -14.49 -54.73
CA UNK P 59 -13.60 -14.29 -55.52
C UNK P 59 -12.74 -13.16 -54.96
N UNK P 60 -13.41 -12.10 -54.49
CA UNK P 60 -12.75 -10.97 -53.87
C UNK P 60 -12.02 -11.39 -52.58
N UNK P 61 -12.66 -12.27 -51.82
CA UNK P 61 -12.08 -12.81 -50.59
C UNK P 61 -10.88 -13.69 -50.89
N UNK P 62 -10.97 -14.44 -52.00
CA UNK P 62 -9.87 -15.28 -52.45
C UNK P 62 -8.64 -14.44 -52.82
N UNK P 63 -8.89 -13.32 -53.49
CA UNK P 63 -7.82 -12.38 -53.84
C UNK P 63 -7.19 -11.74 -52.58
N UNK P 64 -8.07 -11.39 -51.64
CA UNK P 64 -7.66 -10.77 -50.39
C UNK P 64 -6.79 -11.69 -49.54
N UNK P 65 -7.09 -12.98 -49.59
CA UNK P 65 -6.24 -13.98 -48.91
C UNK P 65 -4.92 -14.12 -49.66
N UNK P 66 -5.04 -14.11 -50.99
CA UNK P 66 -3.91 -14.31 -51.89
C UNK P 66 -2.85 -13.20 -51.81
N UNK P 67 -3.23 -12.02 -51.33
CA UNK P 67 -2.23 -10.99 -51.06
C UNK P 67 -1.54 -11.20 -49.69
N UNK P 68 -2.34 -11.58 -48.70
CA UNK P 68 -1.88 -11.66 -47.32
C UNK P 68 -0.90 -12.82 -47.08
N UNK P 69 -1.11 -13.92 -47.79
CA UNK P 69 -0.19 -15.05 -47.71
C UNK P 69 1.19 -14.67 -48.22
N UNK P 70 1.20 -13.87 -49.29
CA UNK P 70 2.43 -13.36 -49.87
C UNK P 70 3.11 -12.35 -48.94
N UNK P 71 2.30 -11.56 -48.24
CA UNK P 71 2.83 -10.58 -47.29
C UNK P 71 3.53 -11.25 -46.09
N UNK P 72 2.88 -12.28 -45.53
CA UNK P 72 3.48 -13.05 -44.44
C UNK P 72 4.72 -13.80 -44.91
N UNK P 73 4.65 -14.27 -46.15
CA UNK P 73 5.78 -14.91 -46.81
C UNK P 73 6.91 -13.92 -47.11
N UNK P 74 6.62 -12.62 -47.08
CA UNK P 74 7.64 -11.59 -47.21
C UNK P 74 8.22 -11.18 -45.85
N UNK P 75 7.41 -11.27 -44.78
CA UNK P 75 7.89 -10.96 -43.43
C UNK P 75 8.82 -12.06 -42.91
N UNK P 76 8.54 -13.28 -43.38
CA UNK P 76 9.32 -14.47 -43.03
C UNK P 76 10.78 -14.35 -43.41
N UNK P 77 11.06 -13.61 -44.48
CA UNK P 77 12.44 -13.29 -44.85
C UNK P 77 13.02 -12.23 -43.89
N UNK P 78 12.16 -11.33 -43.44
CA UNK P 78 12.60 -10.17 -42.67
C UNK P 78 12.97 -10.49 -41.23
N UNK P 79 12.52 -11.64 -40.72
CA UNK P 79 12.84 -11.99 -39.32
C UNK P 79 14.31 -12.41 -39.03
N UNK P 80 14.79 -13.35 -39.84
CA UNK P 80 16.03 -14.06 -39.55
C UNK P 80 17.31 -13.24 -39.65
N UNK P 81 17.29 -12.18 -40.45
CA UNK P 81 18.46 -11.31 -40.64
C UNK P 81 18.79 -10.57 -39.35
N UNK P 82 17.76 -9.98 -38.76
CA UNK P 82 17.88 -9.30 -37.48
C UNK P 82 18.17 -10.31 -36.39
N UNK P 83 17.59 -11.51 -36.52
CA UNK P 83 17.86 -12.60 -35.57
C UNK P 83 19.34 -12.99 -35.47
N UNK P 84 19.95 -13.28 -36.62
CA UNK P 84 21.36 -13.64 -36.67
C UNK P 84 22.27 -12.43 -36.38
N UNK P 85 21.81 -11.24 -36.72
CA UNK P 85 22.55 -10.01 -36.45
C UNK P 85 22.73 -9.77 -34.94
N UNK P 86 21.62 -9.80 -34.22
CA UNK P 86 21.64 -9.69 -32.77
C UNK P 86 22.38 -10.87 -32.14
N UNK P 87 22.24 -12.04 -32.77
CA UNK P 87 22.93 -13.25 -32.35
C UNK P 87 24.45 -13.13 -32.46
N UNK P 88 24.93 -12.28 -33.37
CA UNK P 88 26.37 -12.05 -33.52
C UNK P 88 26.87 -10.96 -32.56
N UNK P 89 26.11 -9.87 -32.50
CA UNK P 89 26.49 -8.74 -31.67
C UNK P 89 26.46 -9.06 -30.18
N UNK P 90 25.62 -10.02 -29.79
CA UNK P 90 25.60 -10.51 -28.42
C UNK P 90 26.89 -11.26 -28.09
N UNK P 91 27.42 -11.99 -29.07
CA UNK P 91 28.64 -12.76 -28.89
C UNK P 91 29.84 -11.84 -28.77
N UNK P 92 29.93 -10.86 -29.67
CA UNK P 92 31.03 -9.90 -29.63
C UNK P 92 30.93 -9.01 -28.38
N UNK P 93 29.70 -8.79 -27.93
CA UNK P 93 29.44 -8.05 -26.70
C UNK P 93 29.93 -8.84 -25.48
N UNK P 94 29.73 -10.15 -25.52
CA UNK P 94 30.18 -11.02 -24.43
C UNK P 94 31.70 -11.09 -24.36
N UNK P 95 32.33 -11.26 -25.52
CA UNK P 95 33.78 -11.34 -25.59
C UNK P 95 34.46 -10.01 -25.23
N UNK P 96 33.90 -8.91 -25.72
CA UNK P 96 34.41 -7.59 -25.41
C UNK P 96 34.19 -7.24 -23.94
N UNK P 97 33.12 -7.78 -23.38
CA UNK P 97 32.83 -7.62 -21.95
C UNK P 97 33.87 -8.36 -21.11
N UNK P 98 34.20 -9.57 -21.55
CA UNK P 98 35.20 -10.41 -20.86
C UNK P 98 36.58 -9.77 -20.90
N UNK P 99 36.98 -9.29 -22.08
CA UNK P 99 38.28 -8.67 -22.27
C UNK P 99 38.35 -7.33 -21.54
N UNK P 100 37.20 -6.66 -21.45
CA UNK P 100 37.10 -5.41 -20.70
C UNK P 100 37.29 -5.67 -19.21
N UNK P 101 36.75 -6.80 -18.75
CA UNK P 101 36.87 -7.21 -17.36
C UNK P 101 38.32 -7.56 -16.99
N UNK P 102 38.96 -8.35 -17.85
CA UNK P 102 40.35 -8.76 -17.63
C UNK P 102 41.30 -7.57 -17.70
N UNK P 103 41.05 -6.67 -18.65
CA UNK P 103 41.84 -5.45 -18.81
C UNK P 103 41.66 -4.54 -17.60
N UNK P 104 40.46 -4.54 -17.05
CA UNK P 104 40.16 -3.78 -15.83
C UNK P 104 40.93 -4.34 -14.64
N UNK P 105 40.98 -5.66 -14.54
CA UNK P 105 41.66 -6.33 -13.44
C UNK P 105 43.17 -6.08 -13.48
N UNK P 106 43.74 -6.26 -14.66
CA UNK P 106 45.17 -6.03 -14.85
C UNK P 106 45.54 -4.57 -14.67
N UNK P 107 44.64 -3.68 -15.09
CA UNK P 107 44.83 -2.24 -14.95
C UNK P 107 44.84 -1.83 -13.48
N UNK P 108 43.93 -2.40 -12.71
CA UNK P 108 43.85 -2.13 -11.28
C UNK P 108 45.07 -2.69 -10.56
N UNK P 109 45.55 -3.84 -11.04
CA UNK P 109 46.76 -4.46 -10.51
C UNK P 109 47.97 -3.56 -10.74
N UNK P 110 48.05 -2.99 -11.94
CA UNK P 110 49.16 -2.11 -12.30
C UNK P 110 49.10 -0.78 -11.53
N UNK P 111 47.88 -0.32 -11.25
CA UNK P 111 47.68 0.89 -10.49
C UNK P 111 48.11 0.69 -9.03
N UNK P 112 47.79 -0.48 -8.49
CA UNK P 112 48.18 -0.86 -7.14
C UNK P 112 49.70 -0.96 -7.03
N UNK P 113 50.31 -1.61 -8.03
CA UNK P 113 51.76 -1.78 -8.08
C UNK P 113 52.49 -0.45 -8.19
N UNK P 114 51.95 0.44 -9.03
CA UNK P 114 52.56 1.75 -9.25
C UNK P 114 52.40 2.64 -8.02
N UNK P 115 51.31 2.45 -7.29
CA UNK P 115 51.10 3.15 -6.02
C UNK P 115 52.13 2.67 -5.00
N UNK P 116 52.39 1.37 -5.00
CA UNK P 116 53.40 0.78 -4.13
C UNK P 116 54.80 1.28 -4.47
N UNK P 117 55.06 1.46 -5.76
CA UNK P 117 56.34 1.99 -6.23
C UNK P 117 56.48 3.46 -5.85
N UNK P 118 55.35 4.17 -5.81
CA UNK P 118 55.34 5.56 -5.38
C UNK P 118 55.68 5.66 -3.90
N UNK P 119 55.12 4.75 -3.10
CA UNK P 119 55.37 4.72 -1.66
C UNK P 119 56.82 4.36 -1.33
N UNK P 120 57.31 3.29 -1.95
CA UNK P 120 58.68 2.82 -1.75
C UNK P 120 59.72 3.83 -2.27
N UNK P 121 59.36 4.51 -3.35
CA UNK P 121 60.19 5.57 -3.91
C UNK P 121 60.24 6.75 -2.95
N UNK P 122 59.11 7.04 -2.29
CA UNK P 122 59.02 8.13 -1.33
C UNK P 122 59.90 7.87 -0.11
N UNK P 123 59.77 6.66 0.45
CA UNK P 123 60.57 6.26 1.60
C UNK P 123 62.06 6.20 1.26
N UNK P 124 62.36 5.80 0.03
CA UNK P 124 63.72 5.76 -0.46
C UNK P 124 64.31 7.17 -0.58
N UNK P 125 63.46 8.13 -0.95
CA UNK P 125 63.87 9.52 -1.03
C UNK P 125 64.18 10.07 0.36
N UNK P 126 63.32 9.72 1.32
CA UNK P 126 63.47 10.13 2.72
C UNK P 126 64.76 9.59 3.35
N UNK P 127 64.98 8.29 3.18
CA UNK P 127 66.19 7.65 3.70
C UNK P 127 67.45 8.12 2.97
N UNK P 128 67.27 8.51 1.71
CA UNK P 128 68.36 9.08 0.92
C UNK P 128 68.80 10.42 1.51
N UNK P 129 67.83 11.25 1.88
CA UNK P 129 68.13 12.54 2.51
C UNK P 129 68.74 12.36 3.90
N UNK P 130 68.16 11.44 4.67
CA UNK P 130 68.59 11.17 6.04
C UNK P 130 70.01 10.61 6.09
N UNK P 131 70.35 9.77 5.12
CA UNK P 131 71.70 9.22 5.02
C UNK P 131 72.64 10.28 4.46
N UNK P 132 72.09 11.18 3.65
CA UNK P 132 72.88 12.24 3.05
C UNK P 132 73.30 13.30 4.07
N UNK P 133 72.54 13.41 5.15
CA UNK P 133 72.85 14.41 6.17
C UNK P 133 74.06 14.06 7.05
N UNK P 134 74.20 12.78 7.40
CA UNK P 134 75.21 12.37 8.37
C UNK P 134 76.57 12.06 7.75
N UNK P 135 76.59 11.92 6.43
CA UNK P 135 77.83 11.57 5.73
C UNK P 135 78.78 12.77 5.65
#